data_1XO8
#
_entry.id   1XO8
#
_entity_poly.entity_id   1
_entity_poly.type   'polypeptide(L)'
_entity_poly.pdbx_seq_one_letter_code
;MASLLDKAKDFVADKLTAIPKPEGSVTDVDLKDVNRDSVEYLAKVSVTNPYSHSIPICEISFTFHSAGREIGKGKIPDPG
SLKAKDMTALDIPVVVPYSILFNLARDVGVDWDIDYELQIGLTIDLPVVGEFTIPISSKGEIKLPTFKDFF
;
_entity_poly.pdbx_strand_id   A
#
# COMPACT_ATOMS: atom_id res chain seq x y z
N MET A 1 3.02 -11.08 18.98
CA MET A 1 3.30 -11.02 17.53
C MET A 1 2.11 -11.59 16.75
N ALA A 2 1.82 -10.99 15.61
CA ALA A 2 0.64 -11.33 14.82
C ALA A 2 0.67 -12.78 14.32
N SER A 3 1.87 -13.34 14.21
CA SER A 3 2.03 -14.70 13.70
C SER A 3 1.54 -15.74 14.71
N LEU A 4 1.36 -15.34 15.95
CA LEU A 4 0.84 -16.23 16.97
C LEU A 4 -0.56 -15.78 17.38
N LEU A 5 -1.47 -15.81 16.42
CA LEU A 5 -2.83 -15.38 16.65
C LEU A 5 -3.64 -16.53 17.24
N ASP A 6 -3.78 -16.52 18.56
CA ASP A 6 -4.50 -17.55 19.32
C ASP A 6 -3.74 -18.88 19.32
N LYS A 7 -3.59 -19.47 20.49
CA LYS A 7 -2.90 -20.74 20.60
C LYS A 7 -3.88 -21.90 20.43
N ALA A 8 -4.03 -22.34 19.21
CA ALA A 8 -4.88 -23.48 18.91
C ALA A 8 -4.03 -24.69 18.55
N LYS A 9 -4.66 -25.85 18.46
CA LYS A 9 -3.97 -27.07 18.06
C LYS A 9 -4.38 -27.47 16.65
N ASP A 10 -5.39 -28.34 16.56
CA ASP A 10 -5.92 -28.81 15.27
C ASP A 10 -4.84 -29.47 14.40
N PHE A 11 -4.12 -28.65 13.63
CA PHE A 11 -3.12 -29.17 12.71
C PHE A 11 -1.72 -28.88 13.22
N VAL A 12 -1.57 -27.77 13.93
CA VAL A 12 -0.24 -27.25 14.24
C VAL A 12 0.27 -27.70 15.60
N ALA A 13 1.53 -27.38 15.84
CA ALA A 13 2.22 -27.63 17.10
C ALA A 13 3.62 -27.07 17.00
N ASP A 14 4.34 -27.52 15.98
CA ASP A 14 5.62 -26.94 15.59
C ASP A 14 5.62 -26.68 14.09
N LYS A 15 4.62 -27.23 13.41
CA LYS A 15 4.47 -27.06 11.98
C LYS A 15 3.55 -25.90 11.68
N LEU A 16 3.97 -25.04 10.75
CA LEU A 16 3.22 -23.85 10.35
C LEU A 16 3.22 -22.79 11.47
N THR A 17 3.08 -21.54 11.07
CA THR A 17 2.96 -20.44 12.01
C THR A 17 2.21 -19.28 11.35
N ALA A 18 2.75 -18.81 10.23
CA ALA A 18 2.15 -17.73 9.48
C ALA A 18 2.68 -17.69 8.06
N ILE A 19 2.44 -16.59 7.37
CA ILE A 19 2.83 -16.44 5.98
C ILE A 19 4.24 -15.85 5.87
N PRO A 20 4.82 -15.80 4.66
CA PRO A 20 6.16 -15.24 4.45
C PRO A 20 6.23 -13.73 4.72
N LYS A 21 6.01 -12.92 3.67
CA LYS A 21 6.12 -11.45 3.76
C LYS A 21 6.13 -10.80 2.37
N PRO A 22 6.91 -11.34 1.39
CA PRO A 22 6.91 -10.83 0.01
C PRO A 22 5.60 -11.09 -0.73
N GLU A 23 4.52 -10.59 -0.16
CA GLU A 23 3.19 -10.74 -0.68
C GLU A 23 2.63 -9.33 -0.73
N GLY A 24 1.99 -8.97 -1.81
CA GLY A 24 1.87 -7.54 -2.10
C GLY A 24 0.49 -6.95 -1.96
N SER A 25 0.45 -5.68 -2.29
CA SER A 25 -0.76 -4.86 -2.37
C SER A 25 -0.37 -3.55 -3.02
N VAL A 26 0.56 -3.65 -3.94
CA VAL A 26 1.15 -2.51 -4.60
C VAL A 26 1.22 -2.78 -6.10
N THR A 27 1.23 -1.73 -6.91
CA THR A 27 1.55 -1.87 -8.33
C THR A 27 1.61 -0.51 -9.04
N ASP A 28 0.64 0.37 -8.79
CA ASP A 28 0.59 1.66 -9.48
C ASP A 28 -0.11 2.70 -8.61
N VAL A 29 0.21 3.95 -8.81
CA VAL A 29 -0.47 5.04 -8.12
C VAL A 29 -0.65 6.22 -9.07
N ASP A 30 -1.90 6.63 -9.22
CA ASP A 30 -2.27 7.65 -10.20
C ASP A 30 -2.77 8.92 -9.51
N LEU A 31 -1.97 9.96 -9.56
CA LEU A 31 -2.30 11.23 -8.90
C LEU A 31 -3.22 12.07 -9.79
N LYS A 32 -4.20 12.73 -9.17
CA LYS A 32 -5.15 13.55 -9.93
C LYS A 32 -5.48 14.88 -9.25
N ASP A 33 -6.52 14.88 -8.46
CA ASP A 33 -7.29 16.11 -8.22
C ASP A 33 -6.78 16.87 -7.04
N VAL A 34 -7.43 17.98 -6.74
CA VAL A 34 -7.05 18.82 -5.63
C VAL A 34 -8.14 19.83 -5.32
N ASN A 35 -8.77 20.34 -6.38
CA ASN A 35 -9.77 21.38 -6.27
C ASN A 35 -9.09 22.66 -5.79
N ARG A 36 -8.88 22.77 -4.48
CA ARG A 36 -8.03 23.81 -3.90
C ARG A 36 -7.84 23.53 -2.42
N ASP A 37 -8.19 22.32 -2.01
CA ASP A 37 -8.22 21.95 -0.61
C ASP A 37 -7.48 20.64 -0.41
N SER A 38 -7.67 19.72 -1.35
CA SER A 38 -7.07 18.40 -1.21
C SER A 38 -6.80 17.72 -2.54
N VAL A 39 -5.54 17.32 -2.73
CA VAL A 39 -5.14 16.58 -3.92
C VAL A 39 -5.62 15.13 -3.79
N GLU A 40 -5.93 14.47 -4.91
CA GLU A 40 -6.46 13.12 -4.81
C GLU A 40 -5.63 12.15 -5.61
N TYR A 41 -5.44 10.93 -5.09
CA TYR A 41 -4.69 9.92 -5.87
C TYR A 41 -5.39 8.58 -5.90
N LEU A 42 -5.50 8.02 -7.09
CA LEU A 42 -6.09 6.70 -7.23
C LEU A 42 -4.98 5.67 -7.21
N ALA A 43 -4.93 4.87 -6.17
CA ALA A 43 -3.87 3.88 -6.06
C ALA A 43 -4.34 2.53 -6.56
N LYS A 44 -3.68 2.05 -7.59
CA LYS A 44 -3.93 0.72 -8.07
C LYS A 44 -3.11 -0.26 -7.25
N VAL A 45 -3.80 -1.12 -6.55
CA VAL A 45 -3.18 -2.09 -5.68
C VAL A 45 -3.14 -3.45 -6.35
N SER A 46 -2.09 -4.19 -6.09
CA SER A 46 -2.07 -5.57 -6.47
C SER A 46 -1.66 -6.44 -5.29
N VAL A 47 -2.67 -7.04 -4.67
CA VAL A 47 -2.49 -7.84 -3.48
C VAL A 47 -2.08 -9.25 -3.87
N THR A 48 -0.94 -9.68 -3.38
CA THR A 48 -0.47 -11.02 -3.64
C THR A 48 -0.71 -11.87 -2.40
N ASN A 49 -1.62 -12.83 -2.53
CA ASN A 49 -2.00 -13.75 -1.45
C ASN A 49 -1.07 -14.97 -1.45
N PRO A 50 -0.48 -15.31 -0.29
CA PRO A 50 0.49 -16.41 -0.17
C PRO A 50 -0.14 -17.79 0.09
N TYR A 51 -1.44 -17.90 -0.08
CA TYR A 51 -2.13 -19.15 0.20
C TYR A 51 -3.01 -19.52 -0.97
N SER A 52 -3.07 -20.81 -1.27
CA SER A 52 -3.71 -21.30 -2.48
C SER A 52 -5.24 -21.25 -2.40
N HIS A 53 -5.78 -20.28 -1.68
CA HIS A 53 -7.22 -20.12 -1.57
C HIS A 53 -7.61 -18.65 -1.50
N SER A 54 -8.54 -18.26 -2.35
CA SER A 54 -9.20 -16.97 -2.31
C SER A 54 -9.50 -16.51 -0.89
N ILE A 55 -8.82 -15.49 -0.38
CA ILE A 55 -9.03 -15.11 1.00
C ILE A 55 -10.30 -14.31 1.03
N PRO A 56 -10.84 -13.92 2.17
CA PRO A 56 -12.05 -13.12 2.17
C PRO A 56 -11.80 -11.61 2.22
N ILE A 57 -11.19 -11.15 3.29
CA ILE A 57 -11.13 -9.72 3.58
C ILE A 57 -9.71 -9.31 3.98
N CYS A 58 -9.38 -8.04 3.73
CA CYS A 58 -8.05 -7.55 4.01
C CYS A 58 -8.10 -6.13 4.58
N GLU A 59 -6.92 -5.64 4.87
CA GLU A 59 -6.73 -4.30 5.34
C GLU A 59 -5.60 -3.63 4.60
N ILE A 60 -5.94 -2.60 3.85
CA ILE A 60 -4.95 -1.74 3.27
C ILE A 60 -4.75 -0.50 4.12
N SER A 61 -3.57 -0.47 4.74
CA SER A 61 -3.16 0.62 5.59
C SER A 61 -2.01 1.34 4.95
N PHE A 62 -2.28 2.49 4.37
CA PHE A 62 -1.33 3.12 3.49
C PHE A 62 -0.85 4.41 4.10
N THR A 63 0.44 4.58 4.07
CA THR A 63 1.06 5.81 4.48
C THR A 63 1.95 6.29 3.35
N PHE A 64 1.49 7.29 2.64
CA PHE A 64 2.23 7.80 1.52
C PHE A 64 3.07 8.99 1.94
N HIS A 65 4.26 9.08 1.34
CA HIS A 65 5.18 10.20 1.57
C HIS A 65 5.64 10.66 0.20
N SER A 66 5.88 11.93 -0.01
CA SER A 66 6.46 12.34 -1.28
C SER A 66 7.94 12.68 -1.12
N ALA A 67 8.26 13.94 -0.85
CA ALA A 67 9.65 14.36 -0.73
C ALA A 67 10.36 13.54 0.33
N GLY A 68 9.99 13.75 1.58
CA GLY A 68 10.46 12.91 2.65
C GLY A 68 9.67 13.21 3.90
N ARG A 69 8.55 13.88 3.70
CA ARG A 69 7.70 14.29 4.79
C ARG A 69 6.52 13.32 4.90
N GLU A 70 5.54 13.49 4.02
CA GLU A 70 4.45 12.56 3.87
C GLU A 70 3.66 12.95 2.64
N ILE A 71 2.60 12.24 2.41
CA ILE A 71 1.60 12.57 1.40
C ILE A 71 0.21 12.39 1.99
N GLY A 72 0.07 11.38 2.83
CA GLY A 72 -1.22 11.07 3.44
C GLY A 72 -1.22 9.65 3.96
N LYS A 73 -2.25 9.25 4.68
CA LYS A 73 -2.32 7.90 5.21
C LYS A 73 -3.74 7.53 5.60
N GLY A 74 -3.97 6.25 5.83
CA GLY A 74 -5.28 5.79 6.25
C GLY A 74 -5.33 4.28 6.32
N LYS A 75 -6.37 3.76 6.97
CA LYS A 75 -6.54 2.33 7.08
C LYS A 75 -7.95 1.95 6.66
N ILE A 76 -8.07 0.98 5.77
CA ILE A 76 -9.38 0.57 5.29
C ILE A 76 -9.45 -0.96 5.17
N PRO A 77 -10.40 -1.58 5.87
CA PRO A 77 -10.72 -3.00 5.68
C PRO A 77 -11.48 -3.19 4.37
N ASP A 78 -10.88 -3.91 3.43
CA ASP A 78 -11.45 -4.08 2.12
C ASP A 78 -11.56 -5.56 1.80
N PRO A 79 -12.65 -6.00 1.14
CA PRO A 79 -12.82 -7.40 0.74
C PRO A 79 -11.76 -7.85 -0.26
N GLY A 80 -10.59 -8.22 0.27
CA GLY A 80 -9.50 -8.66 -0.57
C GLY A 80 -9.55 -10.14 -0.85
N SER A 81 -10.74 -10.63 -1.12
CA SER A 81 -10.93 -12.00 -1.53
C SER A 81 -10.44 -12.15 -2.95
N LEU A 82 -9.66 -13.20 -3.24
CA LEU A 82 -8.89 -13.16 -4.50
C LEU A 82 -8.58 -14.52 -5.09
N LYS A 83 -7.53 -14.56 -5.91
CA LYS A 83 -7.17 -15.77 -6.66
C LYS A 83 -6.78 -16.92 -5.74
N ALA A 84 -5.48 -17.09 -5.55
CA ALA A 84 -4.93 -18.25 -4.87
C ALA A 84 -3.43 -18.26 -5.05
N LYS A 85 -2.72 -17.92 -3.99
CA LYS A 85 -1.26 -17.83 -4.00
C LYS A 85 -0.75 -17.06 -5.23
N ASP A 86 -1.39 -15.93 -5.50
CA ASP A 86 -1.14 -15.16 -6.70
C ASP A 86 -1.51 -13.69 -6.45
N MET A 87 -1.52 -12.89 -7.51
CA MET A 87 -1.67 -11.45 -7.36
C MET A 87 -3.00 -10.99 -7.93
N THR A 88 -3.71 -10.17 -7.16
CA THR A 88 -5.01 -9.67 -7.53
C THR A 88 -5.01 -8.13 -7.52
N ALA A 89 -5.77 -7.51 -8.41
CA ALA A 89 -5.82 -6.07 -8.46
C ALA A 89 -6.88 -5.53 -7.49
N LEU A 90 -6.53 -4.48 -6.78
CA LEU A 90 -7.37 -3.86 -5.76
C LEU A 90 -7.28 -2.35 -5.90
N ASP A 91 -8.15 -1.59 -5.23
CA ASP A 91 -8.19 -0.15 -5.43
C ASP A 91 -8.21 0.63 -4.12
N ILE A 92 -7.48 1.73 -4.11
CA ILE A 92 -7.50 2.70 -3.02
C ILE A 92 -8.17 3.96 -3.51
N PRO A 93 -8.96 4.66 -2.65
CA PRO A 93 -9.62 5.95 -2.97
C PRO A 93 -8.68 7.00 -3.59
N VAL A 94 -8.54 8.16 -2.95
CA VAL A 94 -7.72 9.24 -3.49
C VAL A 94 -7.27 10.22 -2.39
N VAL A 95 -6.13 9.98 -1.74
CA VAL A 95 -5.83 10.76 -0.53
C VAL A 95 -4.45 11.44 -0.51
N VAL A 96 -4.42 12.73 -0.79
CA VAL A 96 -3.26 13.54 -0.48
C VAL A 96 -3.67 14.99 -0.20
N PRO A 97 -3.77 15.35 1.09
CA PRO A 97 -4.13 16.72 1.47
C PRO A 97 -3.21 17.74 0.80
N TYR A 98 -3.81 18.79 0.25
CA TYR A 98 -3.08 19.78 -0.53
C TYR A 98 -1.94 20.39 0.27
N SER A 99 -2.14 20.54 1.58
CA SER A 99 -1.12 21.12 2.45
C SER A 99 0.20 20.33 2.38
N ILE A 100 0.11 19.03 2.17
CA ILE A 100 1.31 18.19 2.22
C ILE A 100 2.12 18.35 0.93
N LEU A 101 1.46 18.09 -0.20
CA LEU A 101 2.00 18.36 -1.53
C LEU A 101 2.51 19.79 -1.62
N PHE A 102 1.89 20.63 -0.82
CA PHE A 102 2.21 22.05 -0.80
C PHE A 102 3.64 22.21 -0.28
N ASN A 103 4.00 21.39 0.70
CA ASN A 103 5.34 21.42 1.27
C ASN A 103 6.36 20.77 0.33
N LEU A 104 6.13 19.51 -0.03
CA LEU A 104 7.05 18.76 -0.88
C LEU A 104 7.22 19.37 -2.28
N ALA A 105 6.12 19.63 -2.98
CA ALA A 105 6.19 20.20 -4.34
C ALA A 105 6.74 21.62 -4.31
N ARG A 106 6.58 22.24 -3.17
CA ARG A 106 7.21 23.53 -2.95
C ARG A 106 8.72 23.40 -3.08
N ASP A 107 9.29 22.44 -2.36
CA ASP A 107 10.74 22.29 -2.28
C ASP A 107 11.29 21.51 -3.47
N VAL A 108 10.71 20.36 -3.74
CA VAL A 108 11.22 19.50 -4.80
C VAL A 108 10.61 19.88 -6.14
N GLY A 109 9.42 20.45 -6.11
CA GLY A 109 8.84 21.04 -7.31
C GLY A 109 9.49 22.36 -7.65
N VAL A 110 10.11 22.96 -6.63
CA VAL A 110 11.06 24.03 -6.85
C VAL A 110 12.01 23.55 -7.95
N ASP A 111 12.49 22.31 -7.81
CA ASP A 111 13.05 21.58 -8.94
C ASP A 111 11.92 21.27 -9.95
N TRP A 112 11.25 20.12 -9.79
CA TRP A 112 10.08 19.74 -10.60
C TRP A 112 9.66 18.29 -10.32
N ASP A 113 10.63 17.39 -10.28
CA ASP A 113 10.35 15.96 -10.15
C ASP A 113 10.47 15.52 -8.69
N ILE A 114 9.44 14.85 -8.17
CA ILE A 114 9.46 14.41 -6.77
C ILE A 114 9.20 12.90 -6.72
N ASP A 115 9.61 12.28 -5.62
CA ASP A 115 9.40 10.86 -5.40
C ASP A 115 8.17 10.67 -4.54
N TYR A 116 7.54 9.53 -4.63
CA TYR A 116 6.35 9.24 -3.83
C TYR A 116 6.45 7.84 -3.28
N GLU A 117 6.41 7.72 -1.98
CA GLU A 117 6.62 6.44 -1.34
C GLU A 117 5.35 5.98 -0.68
N LEU A 118 4.99 4.75 -0.91
CA LEU A 118 3.89 4.15 -0.21
C LEU A 118 4.41 3.25 0.88
N GLN A 119 3.90 3.45 2.08
CA GLN A 119 4.12 2.51 3.15
C GLN A 119 2.81 1.84 3.46
N ILE A 120 2.65 0.65 2.95
CA ILE A 120 1.37 -0.03 3.03
C ILE A 120 1.46 -1.26 3.93
N GLY A 121 0.69 -1.24 5.01
CA GLY A 121 0.60 -2.37 5.90
C GLY A 121 -0.41 -3.36 5.39
N LEU A 122 0.04 -4.57 5.14
CA LEU A 122 -0.81 -5.60 4.55
C LEU A 122 -1.36 -6.51 5.61
N THR A 123 -2.58 -6.24 6.00
CA THR A 123 -3.33 -7.14 6.84
C THR A 123 -4.29 -7.93 5.97
N ILE A 124 -4.16 -9.24 5.97
CA ILE A 124 -5.07 -10.06 5.18
C ILE A 124 -5.58 -11.22 6.02
N ASP A 125 -6.90 -11.42 5.96
CA ASP A 125 -7.54 -12.46 6.73
C ASP A 125 -7.32 -13.78 6.03
N LEU A 126 -6.45 -14.58 6.61
CA LEU A 126 -5.94 -15.81 5.99
C LEU A 126 -6.37 -17.03 6.76
N PRO A 127 -6.34 -18.21 6.15
CA PRO A 127 -6.59 -19.46 6.86
C PRO A 127 -5.41 -19.86 7.76
N VAL A 128 -4.23 -19.37 7.44
CA VAL A 128 -3.00 -19.74 8.15
C VAL A 128 -2.92 -19.08 9.53
N VAL A 129 -2.97 -17.75 9.55
CA VAL A 129 -2.80 -17.00 10.79
C VAL A 129 -4.12 -16.38 11.21
N GLY A 130 -5.12 -16.68 10.42
CA GLY A 130 -6.42 -16.02 10.54
C GLY A 130 -6.39 -14.60 10.04
N GLU A 131 -5.24 -13.97 10.21
CA GLU A 131 -4.98 -12.62 9.74
C GLU A 131 -3.51 -12.32 10.04
N PHE A 132 -2.87 -11.54 9.19
CA PHE A 132 -1.48 -11.23 9.41
C PHE A 132 -1.16 -9.86 8.82
N THR A 133 -0.24 -9.14 9.46
CA THR A 133 0.11 -7.80 9.02
C THR A 133 1.60 -7.71 8.70
N ILE A 134 1.91 -7.56 7.41
CA ILE A 134 3.27 -7.30 6.96
C ILE A 134 3.27 -6.06 6.09
N PRO A 135 4.21 -5.14 6.31
CA PRO A 135 4.27 -3.92 5.53
C PRO A 135 5.18 -4.04 4.30
N ILE A 136 4.98 -3.10 3.37
CA ILE A 136 5.75 -3.04 2.15
C ILE A 136 5.68 -1.61 1.60
N SER A 137 6.52 -1.30 0.63
CA SER A 137 6.72 0.08 0.21
C SER A 137 6.78 0.18 -1.30
N SER A 138 6.38 1.31 -1.84
CA SER A 138 6.46 1.53 -3.26
C SER A 138 6.69 3.00 -3.54
N LYS A 139 7.93 3.35 -3.86
CA LYS A 139 8.28 4.71 -4.19
C LYS A 139 8.37 4.89 -5.69
N GLY A 140 7.97 6.07 -6.18
CA GLY A 140 8.01 6.34 -7.60
C GLY A 140 8.17 7.82 -7.87
N GLU A 141 9.13 8.15 -8.71
CA GLU A 141 9.42 9.54 -9.04
C GLU A 141 8.75 9.90 -10.37
N ILE A 142 7.95 10.95 -10.39
CA ILE A 142 7.23 11.36 -11.58
C ILE A 142 7.06 12.86 -11.55
N LYS A 143 6.56 13.45 -12.62
CA LYS A 143 6.34 14.88 -12.67
C LYS A 143 5.24 15.27 -11.70
N LEU A 144 5.42 16.41 -11.03
CA LEU A 144 4.47 16.86 -10.02
C LEU A 144 3.06 17.07 -10.61
N PRO A 145 2.03 17.15 -9.75
CA PRO A 145 0.62 17.23 -10.18
C PRO A 145 0.33 18.39 -11.13
N THR A 146 -0.89 18.42 -11.68
CA THR A 146 -1.26 19.48 -12.59
C THR A 146 -1.30 20.80 -11.83
N PHE A 147 -0.71 21.83 -12.41
CA PHE A 147 -0.42 23.03 -11.64
C PHE A 147 -0.36 24.27 -12.51
N LYS A 148 0.01 25.36 -11.85
CA LYS A 148 0.17 26.67 -12.46
C LYS A 148 0.66 27.62 -11.39
N ASP A 149 -0.05 27.62 -10.28
CA ASP A 149 0.34 28.36 -9.09
C ASP A 149 -0.14 27.58 -7.87
N PHE A 150 -0.03 26.27 -7.96
CA PHE A 150 -0.52 25.38 -6.91
C PHE A 150 0.63 24.63 -6.26
N PHE A 151 1.54 24.15 -7.12
CA PHE A 151 2.63 23.27 -6.70
C PHE A 151 2.07 21.92 -6.27
N MET A 1 1.99 -13.82 19.87
CA MET A 1 1.77 -14.17 18.44
C MET A 1 1.56 -15.67 18.30
N ALA A 2 0.31 -16.08 18.23
CA ALA A 2 -0.04 -17.49 18.20
C ALA A 2 -0.38 -17.94 16.77
N SER A 3 0.38 -18.91 16.30
CA SER A 3 0.13 -19.50 15.00
C SER A 3 0.44 -20.99 15.04
N LEU A 4 -0.23 -21.77 14.21
CA LEU A 4 -0.03 -23.21 14.19
C LEU A 4 0.97 -23.62 13.12
N LEU A 5 2.19 -23.93 13.54
CA LEU A 5 3.22 -24.38 12.62
C LEU A 5 3.21 -25.90 12.55
N ASP A 6 2.99 -26.52 13.70
CA ASP A 6 2.89 -27.97 13.78
C ASP A 6 1.50 -28.42 13.35
N LYS A 7 1.38 -28.77 12.07
CA LYS A 7 0.09 -29.10 11.49
C LYS A 7 0.16 -30.44 10.75
N ALA A 8 1.39 -30.96 10.59
CA ALA A 8 1.62 -32.22 9.89
C ALA A 8 1.24 -32.13 8.41
N LYS A 9 1.30 -30.93 7.87
CA LYS A 9 0.94 -30.69 6.48
C LYS A 9 2.16 -30.30 5.67
N ASP A 10 2.32 -30.95 4.52
CA ASP A 10 3.39 -30.59 3.59
C ASP A 10 2.85 -30.58 2.17
N PHE A 11 3.05 -29.48 1.48
CA PHE A 11 2.63 -29.33 0.10
C PHE A 11 3.67 -28.52 -0.65
N VAL A 12 3.90 -27.31 -0.17
CA VAL A 12 4.98 -26.46 -0.64
C VAL A 12 5.64 -25.80 0.55
N ALA A 13 6.92 -25.50 0.43
CA ALA A 13 7.65 -24.83 1.49
C ALA A 13 7.70 -23.34 1.22
N ASP A 14 7.37 -22.98 -0.01
CA ASP A 14 7.34 -21.58 -0.44
C ASP A 14 6.46 -20.73 0.46
N LYS A 15 5.15 -20.91 0.38
CA LYS A 15 4.21 -20.12 1.16
C LYS A 15 2.99 -20.94 1.52
N LEU A 16 3.20 -22.02 2.27
CA LEU A 16 2.08 -22.86 2.70
C LEU A 16 1.40 -22.26 3.92
N THR A 17 2.19 -21.60 4.75
CA THR A 17 1.68 -20.98 5.96
C THR A 17 1.12 -19.59 5.67
N ALA A 18 0.44 -19.02 6.67
CA ALA A 18 -0.13 -17.68 6.55
C ALA A 18 0.93 -16.63 6.80
N ILE A 19 2.18 -17.03 6.93
CA ILE A 19 3.19 -16.14 7.48
C ILE A 19 4.52 -16.15 6.70
N PRO A 20 4.53 -15.78 5.41
CA PRO A 20 5.77 -15.58 4.66
C PRO A 20 6.39 -14.19 4.93
N LYS A 21 6.09 -13.22 4.06
CA LYS A 21 6.64 -11.86 4.17
C LYS A 21 6.40 -11.02 2.90
N PRO A 22 6.82 -11.52 1.71
CA PRO A 22 6.73 -10.76 0.47
C PRO A 22 5.42 -10.99 -0.28
N GLU A 23 4.35 -10.38 0.21
CA GLU A 23 3.04 -10.47 -0.34
C GLU A 23 2.60 -9.03 -0.51
N GLY A 24 1.94 -8.70 -1.60
CA GLY A 24 1.80 -7.30 -1.91
C GLY A 24 0.40 -6.73 -1.86
N SER A 25 0.32 -5.45 -2.18
CA SER A 25 -0.92 -4.70 -2.32
C SER A 25 -0.57 -3.40 -3.01
N VAL A 26 0.36 -3.52 -3.93
CA VAL A 26 1.01 -2.39 -4.56
C VAL A 26 1.08 -2.63 -6.06
N THR A 27 1.13 -1.55 -6.84
CA THR A 27 1.38 -1.67 -8.27
C THR A 27 1.52 -0.29 -8.95
N ASP A 28 0.56 0.61 -8.73
CA ASP A 28 0.58 1.90 -9.44
C ASP A 28 -0.09 2.99 -8.61
N VAL A 29 0.25 4.23 -8.90
CA VAL A 29 -0.38 5.38 -8.26
C VAL A 29 -0.45 6.57 -9.21
N ASP A 30 -1.66 7.10 -9.41
CA ASP A 30 -1.86 8.28 -10.24
C ASP A 30 -2.19 9.48 -9.38
N LEU A 31 -1.68 10.65 -9.76
CA LEU A 31 -2.04 11.88 -9.06
C LEU A 31 -3.13 12.58 -9.84
N LYS A 32 -4.09 13.16 -9.13
CA LYS A 32 -5.18 13.81 -9.80
C LYS A 32 -5.55 15.19 -9.20
N ASP A 33 -6.74 15.31 -8.65
CA ASP A 33 -7.40 16.62 -8.52
C ASP A 33 -7.15 17.24 -7.17
N VAL A 34 -7.66 18.44 -6.93
CA VAL A 34 -7.42 19.15 -5.68
C VAL A 34 -8.52 20.16 -5.35
N ASN A 35 -9.06 20.78 -6.39
CA ASN A 35 -9.97 21.90 -6.24
C ASN A 35 -9.21 23.11 -5.72
N ARG A 36 -8.94 23.10 -4.41
CA ARG A 36 -8.15 24.16 -3.78
C ARG A 36 -7.87 23.84 -2.31
N ASP A 37 -8.19 22.61 -1.92
CA ASP A 37 -8.18 22.26 -0.50
C ASP A 37 -7.29 21.07 -0.26
N SER A 38 -7.42 20.12 -1.16
CA SER A 38 -6.78 18.83 -1.00
C SER A 38 -6.68 18.11 -2.33
N VAL A 39 -5.50 17.60 -2.61
CA VAL A 39 -5.25 16.92 -3.85
C VAL A 39 -5.61 15.44 -3.71
N GLU A 40 -5.91 14.78 -4.80
CA GLU A 40 -6.31 13.41 -4.75
C GLU A 40 -5.34 12.55 -5.53
N TYR A 41 -5.21 11.30 -5.12
CA TYR A 41 -4.43 10.34 -5.91
C TYR A 41 -5.12 9.00 -6.00
N LEU A 42 -5.22 8.46 -7.20
CA LEU A 42 -5.80 7.14 -7.38
C LEU A 42 -4.70 6.10 -7.17
N ALA A 43 -4.82 5.33 -6.10
CA ALA A 43 -3.85 4.30 -5.81
C ALA A 43 -4.30 2.95 -6.34
N LYS A 44 -3.56 2.43 -7.29
CA LYS A 44 -3.82 1.12 -7.82
C LYS A 44 -3.08 0.10 -6.98
N VAL A 45 -3.83 -0.84 -6.44
CA VAL A 45 -3.28 -1.84 -5.55
C VAL A 45 -3.27 -3.20 -6.20
N SER A 46 -2.22 -3.95 -5.98
CA SER A 46 -2.21 -5.33 -6.39
C SER A 46 -1.79 -6.23 -5.23
N VAL A 47 -2.79 -6.81 -4.58
CA VAL A 47 -2.58 -7.62 -3.39
C VAL A 47 -2.17 -9.03 -3.78
N THR A 48 -1.04 -9.48 -3.24
CA THR A 48 -0.57 -10.82 -3.48
C THR A 48 -0.75 -11.66 -2.23
N ASN A 49 -1.62 -12.66 -2.28
CA ASN A 49 -1.78 -13.58 -1.16
C ASN A 49 -0.80 -14.72 -1.34
N PRO A 50 -0.34 -15.32 -0.25
CA PRO A 50 0.67 -16.37 -0.29
C PRO A 50 0.10 -17.79 -0.21
N TYR A 51 -1.18 -17.92 0.08
CA TYR A 51 -1.68 -19.16 0.70
C TYR A 51 -2.08 -20.18 -0.35
N SER A 52 -2.34 -19.70 -1.56
CA SER A 52 -2.71 -20.53 -2.71
C SER A 52 -4.20 -20.80 -2.67
N HIS A 53 -4.90 -20.04 -1.84
CA HIS A 53 -6.34 -20.16 -1.71
C HIS A 53 -6.96 -18.76 -1.59
N SER A 54 -7.97 -18.51 -2.41
CA SER A 54 -8.76 -17.29 -2.36
C SER A 54 -9.10 -16.87 -0.94
N ILE A 55 -8.35 -15.94 -0.35
CA ILE A 55 -8.62 -15.57 1.04
C ILE A 55 -9.86 -14.71 1.05
N PRO A 56 -10.42 -14.38 2.21
CA PRO A 56 -11.63 -13.60 2.26
C PRO A 56 -11.39 -12.10 2.29
N ILE A 57 -10.68 -11.61 3.29
CA ILE A 57 -10.63 -10.16 3.52
C ILE A 57 -9.22 -9.70 3.90
N CYS A 58 -8.98 -8.41 3.76
CA CYS A 58 -7.72 -7.81 4.11
C CYS A 58 -7.89 -6.39 4.65
N GLU A 59 -6.76 -5.85 5.03
CA GLU A 59 -6.66 -4.50 5.50
C GLU A 59 -5.61 -3.76 4.72
N ILE A 60 -6.04 -2.74 3.99
CA ILE A 60 -5.10 -1.86 3.34
C ILE A 60 -4.91 -0.60 4.16
N SER A 61 -3.73 -0.51 4.73
CA SER A 61 -3.34 0.61 5.55
C SER A 61 -2.25 1.36 4.82
N PHE A 62 -2.58 2.47 4.23
CA PHE A 62 -1.66 3.12 3.33
C PHE A 62 -1.22 4.44 3.92
N THR A 63 0.07 4.60 3.98
CA THR A 63 0.67 5.82 4.41
C THR A 63 1.58 6.32 3.31
N PHE A 64 1.17 7.35 2.62
CA PHE A 64 1.92 7.83 1.50
C PHE A 64 2.79 9.00 1.90
N HIS A 65 4.03 8.96 1.46
CA HIS A 65 4.97 10.03 1.67
C HIS A 65 5.46 10.49 0.32
N SER A 66 5.72 11.77 0.12
CA SER A 66 6.30 12.20 -1.13
C SER A 66 7.76 12.56 -0.96
N ALA A 67 8.05 13.86 -0.81
CA ALA A 67 9.42 14.32 -0.73
C ALA A 67 10.10 13.63 0.44
N GLY A 68 9.56 13.82 1.64
CA GLY A 68 9.89 12.97 2.75
C GLY A 68 8.88 13.17 3.86
N ARG A 69 7.71 13.65 3.48
CA ARG A 69 6.67 13.99 4.43
C ARG A 69 5.40 13.21 4.11
N GLU A 70 4.31 13.51 4.78
CA GLU A 70 3.20 12.60 4.87
C GLU A 70 2.08 12.99 3.90
N ILE A 71 2.22 12.47 2.69
CA ILE A 71 1.27 12.73 1.61
C ILE A 71 -0.16 12.39 2.02
N GLY A 72 -0.33 11.25 2.65
CA GLY A 72 -1.66 10.81 3.00
C GLY A 72 -1.63 9.47 3.71
N LYS A 73 -2.72 9.11 4.38
CA LYS A 73 -2.74 7.86 5.13
C LYS A 73 -4.15 7.42 5.47
N GLY A 74 -4.33 6.12 5.73
CA GLY A 74 -5.61 5.61 6.17
C GLY A 74 -5.60 4.10 6.29
N LYS A 75 -6.59 3.56 7.00
CA LYS A 75 -6.73 2.13 7.15
C LYS A 75 -8.13 1.70 6.77
N ILE A 76 -8.23 0.73 5.87
CA ILE A 76 -9.52 0.27 5.40
C ILE A 76 -9.54 -1.25 5.26
N PRO A 77 -10.50 -1.93 5.90
CA PRO A 77 -10.74 -3.35 5.68
C PRO A 77 -11.43 -3.57 4.33
N ASP A 78 -10.75 -4.27 3.43
CA ASP A 78 -11.26 -4.47 2.08
C ASP A 78 -11.36 -5.95 1.78
N PRO A 79 -12.42 -6.39 1.08
CA PRO A 79 -12.57 -7.79 0.65
C PRO A 79 -11.37 -8.28 -0.15
N GLY A 80 -10.39 -8.81 0.55
CA GLY A 80 -9.18 -9.29 -0.08
C GLY A 80 -9.31 -10.70 -0.62
N SER A 81 -10.53 -11.05 -1.00
CA SER A 81 -10.81 -12.36 -1.54
C SER A 81 -10.29 -12.46 -2.98
N LEU A 82 -9.42 -13.44 -3.27
CA LEU A 82 -8.68 -13.35 -4.55
C LEU A 82 -8.23 -14.70 -5.11
N LYS A 83 -7.34 -14.65 -6.10
CA LYS A 83 -6.91 -15.83 -6.87
C LYS A 83 -6.42 -16.99 -5.98
N ALA A 84 -5.10 -17.13 -5.89
CA ALA A 84 -4.48 -18.23 -5.18
C ALA A 84 -2.97 -18.06 -5.23
N LYS A 85 -2.39 -17.65 -4.10
CA LYS A 85 -0.99 -17.20 -4.04
C LYS A 85 -0.60 -16.43 -5.30
N ASP A 86 -1.27 -15.31 -5.48
CA ASP A 86 -1.16 -14.56 -6.72
C ASP A 86 -1.56 -13.11 -6.45
N MET A 87 -1.52 -12.31 -7.49
CA MET A 87 -1.70 -10.88 -7.36
C MET A 87 -3.04 -10.45 -7.92
N THR A 88 -3.85 -9.84 -7.06
CA THR A 88 -5.17 -9.37 -7.44
C THR A 88 -5.17 -7.85 -7.54
N ALA A 89 -5.91 -7.30 -8.49
CA ALA A 89 -5.96 -5.86 -8.67
C ALA A 89 -7.06 -5.24 -7.80
N LEU A 90 -6.63 -4.42 -6.86
CA LEU A 90 -7.50 -3.77 -5.90
C LEU A 90 -7.45 -2.26 -6.12
N ASP A 91 -8.40 -1.51 -5.57
CA ASP A 91 -8.50 -0.09 -5.87
C ASP A 91 -8.62 0.73 -4.61
N ILE A 92 -7.82 1.79 -4.52
CA ILE A 92 -7.80 2.65 -3.34
C ILE A 92 -8.20 4.08 -3.69
N PRO A 93 -8.98 4.73 -2.79
CA PRO A 93 -9.38 6.14 -2.93
C PRO A 93 -8.21 7.11 -3.13
N VAL A 94 -8.49 8.39 -3.04
CA VAL A 94 -7.59 9.41 -3.55
C VAL A 94 -7.25 10.47 -2.50
N VAL A 95 -6.18 10.27 -1.73
CA VAL A 95 -6.02 11.06 -0.51
C VAL A 95 -4.68 11.81 -0.41
N VAL A 96 -4.72 13.12 -0.62
CA VAL A 96 -3.57 13.97 -0.35
C VAL A 96 -4.00 15.34 0.15
N PRO A 97 -3.79 15.67 1.43
CA PRO A 97 -3.97 17.04 1.88
C PRO A 97 -3.10 17.98 1.08
N TYR A 98 -3.70 19.04 0.56
CA TYR A 98 -3.00 20.00 -0.30
C TYR A 98 -1.73 20.51 0.38
N SER A 99 -1.77 20.62 1.71
CA SER A 99 -0.65 21.12 2.49
C SER A 99 0.62 20.30 2.26
N ILE A 100 0.48 19.01 1.97
CA ILE A 100 1.64 18.15 1.84
C ILE A 100 2.35 18.40 0.51
N LEU A 101 1.58 18.27 -0.57
CA LEU A 101 2.06 18.63 -1.91
C LEU A 101 2.59 20.05 -1.95
N PHE A 102 2.06 20.86 -1.04
CA PHE A 102 2.48 22.25 -0.90
C PHE A 102 3.96 22.29 -0.53
N ASN A 103 4.33 21.44 0.42
CA ASN A 103 5.70 21.38 0.92
C ASN A 103 6.65 20.72 -0.08
N LEU A 104 6.34 19.49 -0.50
CA LEU A 104 7.19 18.77 -1.45
C LEU A 104 7.36 19.48 -2.80
N ALA A 105 6.25 19.96 -3.39
CA ALA A 105 6.31 20.70 -4.66
C ALA A 105 7.14 21.97 -4.48
N ARG A 106 7.21 22.42 -3.27
CA ARG A 106 8.07 23.54 -2.94
C ARG A 106 9.54 23.15 -3.08
N ASP A 107 9.94 22.03 -2.48
CA ASP A 107 11.34 21.61 -2.49
C ASP A 107 11.74 20.90 -3.79
N VAL A 108 11.00 19.86 -4.12
CA VAL A 108 11.34 19.09 -5.29
C VAL A 108 10.67 19.68 -6.51
N GLY A 109 9.62 20.44 -6.30
CA GLY A 109 9.07 21.25 -7.38
C GLY A 109 9.93 22.46 -7.64
N VAL A 110 10.75 22.78 -6.65
CA VAL A 110 11.82 23.73 -6.84
C VAL A 110 12.61 23.30 -8.07
N ASP A 111 12.93 22.00 -8.17
CA ASP A 111 13.35 21.47 -9.47
C ASP A 111 12.12 21.16 -10.35
N TRP A 112 11.51 19.98 -10.20
CA TRP A 112 10.28 19.65 -10.93
C TRP A 112 9.77 18.22 -10.63
N ASP A 113 10.68 17.25 -10.63
CA ASP A 113 10.31 15.84 -10.46
C ASP A 113 10.44 15.41 -9.00
N ILE A 114 9.33 14.93 -8.41
CA ILE A 114 9.32 14.58 -6.99
C ILE A 114 9.15 13.09 -6.83
N ASP A 115 9.61 12.58 -5.72
CA ASP A 115 9.52 11.18 -5.43
C ASP A 115 8.36 10.94 -4.48
N TYR A 116 7.80 9.75 -4.52
CA TYR A 116 6.69 9.38 -3.66
C TYR A 116 6.97 8.00 -3.11
N GLU A 117 6.47 7.70 -1.93
CA GLU A 117 6.71 6.41 -1.31
C GLU A 117 5.49 5.99 -0.50
N LEU A 118 5.02 4.79 -0.77
CA LEU A 118 3.88 4.25 -0.05
C LEU A 118 4.33 3.35 1.07
N GLN A 119 3.70 3.49 2.20
CA GLN A 119 3.87 2.57 3.29
C GLN A 119 2.55 1.87 3.55
N ILE A 120 2.43 0.66 3.06
CA ILE A 120 1.17 -0.04 3.12
C ILE A 120 1.27 -1.27 4.04
N GLY A 121 0.46 -1.26 5.10
CA GLY A 121 0.39 -2.39 6.00
C GLY A 121 -0.63 -3.41 5.53
N LEU A 122 -0.18 -4.64 5.36
CA LEU A 122 -1.02 -5.69 4.80
C LEU A 122 -1.50 -6.62 5.88
N THR A 123 -2.73 -6.42 6.29
CA THR A 123 -3.39 -7.32 7.20
C THR A 123 -4.37 -8.19 6.41
N ILE A 124 -3.95 -9.38 6.04
CA ILE A 124 -4.77 -10.23 5.21
C ILE A 124 -5.25 -11.44 5.98
N ASP A 125 -6.54 -11.73 5.87
CA ASP A 125 -7.14 -12.82 6.61
C ASP A 125 -6.74 -14.12 5.96
N LEU A 126 -5.82 -14.85 6.62
CA LEU A 126 -5.27 -16.07 6.08
C LEU A 126 -5.55 -17.23 7.02
N PRO A 127 -5.82 -18.42 6.50
CA PRO A 127 -6.31 -19.56 7.30
C PRO A 127 -5.44 -19.91 8.53
N VAL A 128 -4.12 -19.82 8.42
CA VAL A 128 -3.24 -20.24 9.52
C VAL A 128 -3.27 -19.26 10.69
N VAL A 129 -2.94 -18.00 10.42
CA VAL A 129 -2.82 -17.00 11.47
C VAL A 129 -4.15 -16.27 11.64
N GLY A 130 -5.06 -16.58 10.74
CA GLY A 130 -6.38 -15.96 10.72
C GLY A 130 -6.37 -14.59 10.06
N GLU A 131 -5.28 -13.88 10.30
CA GLU A 131 -5.04 -12.57 9.73
C GLU A 131 -3.58 -12.24 9.94
N PHE A 132 -2.85 -11.99 8.87
CA PHE A 132 -1.44 -11.72 9.00
C PHE A 132 -1.16 -10.27 8.65
N THR A 133 -0.22 -9.68 9.35
CA THR A 133 0.07 -8.27 9.18
C THR A 133 1.54 -8.05 8.84
N ILE A 134 1.81 -7.80 7.56
CA ILE A 134 3.14 -7.44 7.12
C ILE A 134 3.09 -6.14 6.32
N PRO A 135 4.06 -5.25 6.53
CA PRO A 135 4.13 -4.01 5.79
C PRO A 135 4.96 -4.14 4.51
N ILE A 136 4.77 -3.18 3.62
CA ILE A 136 5.50 -3.13 2.38
C ILE A 136 5.39 -1.72 1.81
N SER A 137 6.19 -1.40 0.82
CA SER A 137 6.31 -0.03 0.35
C SER A 137 6.32 0.02 -1.16
N SER A 138 5.80 1.10 -1.72
CA SER A 138 5.80 1.27 -3.16
C SER A 138 6.10 2.73 -3.47
N LYS A 139 7.29 2.98 -3.97
CA LYS A 139 7.71 4.34 -4.22
C LYS A 139 7.86 4.59 -5.71
N GLY A 140 7.53 5.80 -6.14
CA GLY A 140 7.64 6.14 -7.54
C GLY A 140 7.84 7.64 -7.70
N GLU A 141 8.81 8.00 -8.50
CA GLU A 141 9.12 9.40 -8.76
C GLU A 141 8.46 9.82 -10.06
N ILE A 142 7.68 10.90 -10.01
CA ILE A 142 6.88 11.32 -11.16
C ILE A 142 6.84 12.84 -11.21
N LYS A 143 6.26 13.40 -12.28
CA LYS A 143 6.31 14.84 -12.50
C LYS A 143 5.52 15.63 -11.43
N LEU A 144 5.73 16.94 -11.44
CA LEU A 144 5.20 17.85 -10.42
C LEU A 144 3.67 17.75 -10.28
N PRO A 145 3.17 17.60 -9.03
CA PRO A 145 1.73 17.49 -8.72
C PRO A 145 0.93 18.70 -9.19
N THR A 146 -0.39 18.60 -9.10
CA THR A 146 -1.28 19.71 -9.45
C THR A 146 -1.06 20.89 -8.51
N PHE A 147 -0.35 21.90 -9.01
CA PHE A 147 0.01 23.06 -8.20
C PHE A 147 -0.49 24.35 -8.82
N LYS A 148 -0.65 24.35 -10.15
CA LYS A 148 -1.18 25.50 -10.88
C LYS A 148 -0.43 26.79 -10.53
N ASP A 149 0.91 26.70 -10.54
CA ASP A 149 1.81 27.83 -10.26
C ASP A 149 1.71 28.31 -8.81
N PHE A 150 1.00 27.56 -7.97
CA PHE A 150 0.84 27.93 -6.58
C PHE A 150 1.82 27.18 -5.70
N PHE A 151 1.92 25.88 -5.95
CA PHE A 151 2.63 24.95 -5.09
C PHE A 151 1.97 24.93 -3.73
N MET A 1 -0.21 -31.79 7.70
CA MET A 1 0.59 -31.14 6.64
C MET A 1 1.48 -30.07 7.26
N ALA A 2 2.33 -29.44 6.45
CA ALA A 2 3.36 -28.54 6.97
C ALA A 2 2.96 -27.07 6.86
N SER A 3 1.66 -26.78 6.80
CA SER A 3 1.21 -25.40 6.72
C SER A 3 1.07 -24.83 8.14
N LEU A 4 0.58 -25.66 9.05
CA LEU A 4 0.54 -25.30 10.47
C LEU A 4 1.19 -26.39 11.31
N LEU A 5 2.04 -27.17 10.65
CA LEU A 5 2.79 -28.26 11.27
C LEU A 5 1.89 -29.47 11.57
N ASP A 6 2.49 -30.65 11.54
CA ASP A 6 1.78 -31.90 11.78
C ASP A 6 1.67 -32.20 13.28
N LYS A 7 1.53 -31.13 14.07
CA LYS A 7 1.44 -31.23 15.53
C LYS A 7 2.72 -31.80 16.12
N ALA A 8 3.82 -31.61 15.42
CA ALA A 8 5.13 -32.02 15.90
C ALA A 8 5.82 -30.85 16.58
N LYS A 9 6.54 -31.14 17.65
CA LYS A 9 7.18 -30.09 18.43
C LYS A 9 8.65 -30.43 18.69
N ASP A 10 9.42 -29.41 19.09
CA ASP A 10 10.82 -29.57 19.51
C ASP A 10 11.74 -29.89 18.35
N PHE A 11 11.46 -30.98 17.64
CA PHE A 11 12.29 -31.40 16.52
C PHE A 11 12.23 -30.38 15.39
N VAL A 12 11.05 -29.78 15.22
CA VAL A 12 10.86 -28.78 14.19
C VAL A 12 11.63 -27.51 14.52
N ALA A 13 12.36 -27.01 13.54
CA ALA A 13 13.22 -25.84 13.72
C ALA A 13 12.49 -24.57 13.27
N ASP A 14 11.16 -24.58 13.40
CA ASP A 14 10.32 -23.45 13.00
C ASP A 14 10.52 -23.12 11.52
N LYS A 15 10.61 -24.16 10.70
CA LYS A 15 10.85 -24.02 9.28
C LYS A 15 9.79 -23.12 8.63
N LEU A 16 8.53 -23.54 8.74
CA LEU A 16 7.44 -22.79 8.16
C LEU A 16 6.33 -22.62 9.18
N THR A 17 5.89 -21.38 9.37
CA THR A 17 4.81 -21.08 10.29
C THR A 17 3.93 -19.98 9.70
N ALA A 18 2.64 -20.03 10.01
CA ALA A 18 1.65 -19.08 9.49
C ALA A 18 1.44 -19.27 8.00
N ILE A 19 2.21 -18.56 7.19
CA ILE A 19 2.00 -18.55 5.76
C ILE A 19 3.33 -18.25 5.04
N PRO A 20 3.37 -18.39 3.70
CA PRO A 20 4.52 -18.00 2.88
C PRO A 20 4.69 -16.47 2.84
N LYS A 21 5.43 -15.98 1.85
CA LYS A 21 5.65 -14.54 1.69
C LYS A 21 4.33 -13.83 1.34
N PRO A 22 3.75 -13.11 2.30
CA PRO A 22 2.39 -12.58 2.22
C PRO A 22 2.33 -11.11 1.84
N GLU A 23 2.94 -10.73 0.75
CA GLU A 23 3.12 -9.34 0.47
C GLU A 23 2.53 -8.99 -0.87
N GLY A 24 1.70 -7.98 -0.86
CA GLY A 24 1.24 -7.44 -2.09
C GLY A 24 0.11 -6.44 -1.91
N SER A 25 0.28 -5.25 -2.49
CA SER A 25 -0.79 -4.26 -2.65
C SER A 25 -0.28 -3.10 -3.50
N VAL A 26 0.50 -3.43 -4.49
CA VAL A 26 1.15 -2.43 -5.31
C VAL A 26 1.03 -2.77 -6.79
N THR A 27 0.94 -1.75 -7.62
CA THR A 27 1.13 -1.87 -9.05
C THR A 27 1.33 -0.49 -9.71
N ASP A 28 0.62 0.54 -9.20
CA ASP A 28 0.73 1.89 -9.73
C ASP A 28 0.08 2.90 -8.79
N VAL A 29 0.37 4.17 -8.98
CA VAL A 29 -0.31 5.22 -8.25
C VAL A 29 -0.54 6.43 -9.15
N ASP A 30 -1.79 6.80 -9.34
CA ASP A 30 -2.16 7.94 -10.16
C ASP A 30 -2.27 9.20 -9.32
N LEU A 31 -1.35 10.12 -9.49
CA LEU A 31 -1.39 11.38 -8.77
C LEU A 31 -2.24 12.37 -9.55
N LYS A 32 -3.33 12.82 -8.96
CA LYS A 32 -4.18 13.80 -9.59
C LYS A 32 -4.35 15.01 -8.66
N ASP A 33 -5.60 15.38 -8.37
CA ASP A 33 -5.88 16.61 -7.66
C ASP A 33 -7.36 16.83 -7.44
N VAL A 34 -7.67 17.90 -6.73
CA VAL A 34 -9.04 18.27 -6.45
C VAL A 34 -9.11 19.77 -6.20
N ASN A 35 -10.07 20.37 -6.85
CA ASN A 35 -10.54 21.71 -6.51
C ASN A 35 -9.38 22.69 -6.41
N ARG A 36 -8.98 23.02 -5.17
CA ARG A 36 -7.76 23.76 -4.91
C ARG A 36 -7.59 23.87 -3.40
N ASP A 37 -8.03 22.81 -2.76
CA ASP A 37 -8.11 22.77 -1.30
C ASP A 37 -7.46 21.51 -0.80
N SER A 38 -7.73 20.45 -1.52
CA SER A 38 -7.12 19.16 -1.29
C SER A 38 -6.88 18.53 -2.64
N VAL A 39 -6.09 17.49 -2.73
CA VAL A 39 -5.97 16.79 -3.98
C VAL A 39 -6.18 15.30 -3.80
N GLU A 40 -6.11 14.57 -4.89
CA GLU A 40 -6.44 13.17 -4.87
C GLU A 40 -5.31 12.33 -5.43
N TYR A 41 -5.21 11.10 -4.97
CA TYR A 41 -4.35 10.13 -5.65
C TYR A 41 -5.07 8.79 -5.75
N LEU A 42 -5.21 8.29 -6.96
CA LEU A 42 -5.78 6.97 -7.13
C LEU A 42 -4.65 5.94 -7.03
N ALA A 43 -4.63 5.16 -5.96
CA ALA A 43 -3.59 4.15 -5.82
C ALA A 43 -4.06 2.85 -6.42
N LYS A 44 -3.35 2.46 -7.46
CA LYS A 44 -3.63 1.25 -8.18
C LYS A 44 -2.95 0.10 -7.47
N VAL A 45 -3.74 -0.84 -7.00
CA VAL A 45 -3.25 -1.87 -6.11
C VAL A 45 -3.27 -3.22 -6.76
N SER A 46 -2.28 -4.01 -6.43
CA SER A 46 -2.34 -5.41 -6.68
C SER A 46 -1.89 -6.16 -5.41
N VAL A 47 -2.88 -6.59 -4.63
CA VAL A 47 -2.60 -7.27 -3.38
C VAL A 47 -2.38 -8.76 -3.61
N THR A 48 -1.32 -9.25 -3.02
CA THR A 48 -0.89 -10.62 -3.22
C THR A 48 -1.09 -11.41 -1.95
N ASN A 49 -1.98 -12.39 -2.04
CA ASN A 49 -2.23 -13.34 -0.97
C ASN A 49 -1.31 -14.55 -1.18
N PRO A 50 -0.61 -15.02 -0.13
CA PRO A 50 0.34 -16.14 -0.24
C PRO A 50 -0.29 -17.52 -0.02
N TYR A 51 -1.59 -17.56 0.16
CA TYR A 51 -2.29 -18.79 0.50
C TYR A 51 -3.09 -19.25 -0.70
N SER A 52 -2.98 -20.53 -1.02
CA SER A 52 -3.44 -21.06 -2.28
C SER A 52 -4.96 -21.23 -2.36
N HIS A 53 -5.69 -20.39 -1.65
CA HIS A 53 -7.14 -20.34 -1.74
C HIS A 53 -7.59 -18.91 -1.55
N SER A 54 -8.62 -18.51 -2.30
CA SER A 54 -9.29 -17.24 -2.10
C SER A 54 -9.48 -16.88 -0.64
N ILE A 55 -8.72 -15.96 -0.11
CA ILE A 55 -8.90 -15.59 1.29
C ILE A 55 -10.15 -14.75 1.39
N PRO A 56 -10.66 -14.43 2.56
CA PRO A 56 -11.85 -13.62 2.66
C PRO A 56 -11.58 -12.12 2.71
N ILE A 57 -10.88 -11.67 3.73
CA ILE A 57 -10.80 -10.25 4.00
C ILE A 57 -9.35 -9.81 4.21
N CYS A 58 -9.07 -8.54 3.94
CA CYS A 58 -7.74 -8.01 4.12
C CYS A 58 -7.79 -6.57 4.57
N GLU A 59 -6.62 -6.01 4.68
CA GLU A 59 -6.47 -4.64 5.11
C GLU A 59 -5.42 -3.93 4.30
N ILE A 60 -5.87 -2.90 3.60
CA ILE A 60 -4.95 -1.97 3.02
C ILE A 60 -4.79 -0.77 3.94
N SER A 61 -3.61 -0.71 4.54
CA SER A 61 -3.25 0.38 5.43
C SER A 61 -2.13 1.15 4.79
N PHE A 62 -2.45 2.29 4.21
CA PHE A 62 -1.54 2.96 3.33
C PHE A 62 -1.08 4.26 3.93
N THR A 63 0.21 4.41 3.99
CA THR A 63 0.82 5.61 4.46
C THR A 63 1.69 6.18 3.36
N PHE A 64 1.20 7.22 2.71
CA PHE A 64 1.88 7.77 1.58
C PHE A 64 2.72 8.97 1.99
N HIS A 65 3.96 8.95 1.58
CA HIS A 65 4.90 10.04 1.79
C HIS A 65 5.37 10.50 0.44
N SER A 66 5.61 11.78 0.26
CA SER A 66 6.14 12.23 -1.01
C SER A 66 7.64 12.49 -0.92
N ALA A 67 8.02 13.77 -0.84
CA ALA A 67 9.41 14.13 -0.85
C ALA A 67 10.12 13.47 0.32
N GLY A 68 9.58 13.70 1.52
CA GLY A 68 9.95 12.91 2.66
C GLY A 68 9.01 13.21 3.80
N ARG A 69 7.86 13.80 3.44
CA ARG A 69 6.89 14.26 4.40
C ARG A 69 5.69 13.32 4.40
N GLU A 70 4.49 13.83 4.65
CA GLU A 70 3.35 12.96 4.88
C GLU A 70 2.24 13.29 3.91
N ILE A 71 2.15 12.50 2.85
CA ILE A 71 1.13 12.67 1.83
C ILE A 71 -0.24 12.29 2.37
N GLY A 72 -0.26 11.23 3.16
CA GLY A 72 -1.51 10.79 3.77
C GLY A 72 -1.38 9.41 4.36
N LYS A 73 -2.40 8.97 5.08
CA LYS A 73 -2.41 7.62 5.65
C LYS A 73 -3.83 7.19 5.98
N GLY A 74 -4.04 5.89 5.99
CA GLY A 74 -5.32 5.36 6.37
C GLY A 74 -5.36 3.86 6.25
N LYS A 75 -6.24 3.23 7.00
CA LYS A 75 -6.38 1.78 6.92
C LYS A 75 -7.85 1.40 6.79
N ILE A 76 -8.11 0.49 5.88
CA ILE A 76 -9.48 0.06 5.62
C ILE A 76 -9.51 -1.46 5.40
N PRO A 77 -10.31 -2.19 6.20
CA PRO A 77 -10.53 -3.61 5.98
C PRO A 77 -11.35 -3.84 4.72
N ASP A 78 -10.71 -4.36 3.68
CA ASP A 78 -11.35 -4.54 2.39
C ASP A 78 -11.46 -6.02 2.06
N PRO A 79 -12.58 -6.45 1.44
CA PRO A 79 -12.76 -7.84 1.03
C PRO A 79 -11.70 -8.28 0.02
N GLY A 80 -10.58 -8.77 0.52
CA GLY A 80 -9.51 -9.24 -0.32
C GLY A 80 -9.68 -10.70 -0.66
N SER A 81 -10.92 -11.12 -0.79
CA SER A 81 -11.24 -12.47 -1.18
C SER A 81 -10.89 -12.65 -2.66
N LEU A 82 -9.96 -13.57 -2.98
CA LEU A 82 -9.28 -13.42 -4.29
C LEU A 82 -8.86 -14.74 -4.94
N LYS A 83 -7.91 -14.65 -5.86
CA LYS A 83 -7.45 -15.78 -6.66
C LYS A 83 -7.04 -16.99 -5.80
N ALA A 84 -5.76 -17.05 -5.46
CA ALA A 84 -5.18 -18.19 -4.75
C ALA A 84 -3.68 -18.04 -4.82
N LYS A 85 -3.07 -17.67 -3.69
CA LYS A 85 -1.64 -17.39 -3.61
C LYS A 85 -1.15 -16.62 -4.84
N ASP A 86 -1.88 -15.55 -5.16
CA ASP A 86 -1.65 -14.80 -6.38
C ASP A 86 -1.93 -13.32 -6.14
N MET A 87 -1.92 -12.54 -7.20
CA MET A 87 -1.99 -11.09 -7.10
C MET A 87 -3.30 -10.56 -7.67
N THR A 88 -4.08 -9.93 -6.82
CA THR A 88 -5.37 -9.38 -7.22
C THR A 88 -5.30 -7.85 -7.29
N ALA A 89 -5.98 -7.27 -8.26
CA ALA A 89 -6.01 -5.83 -8.39
C ALA A 89 -7.01 -5.25 -7.41
N LEU A 90 -6.60 -4.17 -6.77
CA LEU A 90 -7.40 -3.53 -5.75
C LEU A 90 -7.39 -2.03 -6.02
N ASP A 91 -8.23 -1.27 -5.31
CA ASP A 91 -8.39 0.14 -5.61
C ASP A 91 -8.37 0.97 -4.32
N ILE A 92 -7.47 1.93 -4.24
CA ILE A 92 -7.34 2.77 -3.04
C ILE A 92 -7.91 4.15 -3.29
N PRO A 93 -8.65 4.69 -2.29
CA PRO A 93 -9.18 6.05 -2.32
C PRO A 93 -8.11 7.09 -2.64
N VAL A 94 -8.54 8.30 -2.91
CA VAL A 94 -7.68 9.30 -3.50
C VAL A 94 -7.37 10.41 -2.51
N VAL A 95 -6.31 10.24 -1.74
CA VAL A 95 -6.14 11.10 -0.57
C VAL A 95 -4.77 11.77 -0.47
N VAL A 96 -4.69 13.04 -0.84
CA VAL A 96 -3.56 13.84 -0.44
C VAL A 96 -3.99 15.29 -0.26
N PRO A 97 -3.91 15.81 0.96
CA PRO A 97 -4.16 17.22 1.21
C PRO A 97 -3.24 18.06 0.35
N TYR A 98 -3.80 19.01 -0.39
CA TYR A 98 -3.01 19.80 -1.32
C TYR A 98 -1.87 20.50 -0.58
N SER A 99 -2.10 20.76 0.70
CA SER A 99 -1.09 21.34 1.58
C SER A 99 0.22 20.55 1.55
N ILE A 100 0.11 19.25 1.32
CA ILE A 100 1.28 18.40 1.31
C ILE A 100 2.06 18.53 0.01
N LEU A 101 1.36 18.33 -1.12
CA LEU A 101 1.93 18.64 -2.46
C LEU A 101 2.52 20.04 -2.47
N PHE A 102 1.94 20.87 -1.63
CA PHE A 102 2.33 22.25 -1.52
C PHE A 102 3.73 22.32 -0.90
N ASN A 103 3.95 21.48 0.09
CA ASN A 103 5.26 21.40 0.76
C ASN A 103 6.31 20.70 -0.11
N LEU A 104 6.04 19.46 -0.54
CA LEU A 104 6.97 18.73 -1.39
C LEU A 104 7.33 19.49 -2.68
N ALA A 105 6.31 19.84 -3.48
CA ALA A 105 6.54 20.50 -4.77
C ALA A 105 7.20 21.85 -4.56
N ARG A 106 7.03 22.35 -3.37
CA ARG A 106 7.71 23.56 -2.97
C ARG A 106 9.22 23.37 -3.03
N ASP A 107 9.70 22.34 -2.35
CA ASP A 107 11.13 22.13 -2.18
C ASP A 107 11.74 21.38 -3.37
N VAL A 108 11.16 20.24 -3.70
CA VAL A 108 11.67 19.44 -4.80
C VAL A 108 11.21 20.00 -6.13
N GLY A 109 10.04 20.61 -6.11
CA GLY A 109 9.53 21.31 -7.27
C GLY A 109 10.19 22.66 -7.43
N VAL A 110 10.83 23.11 -6.36
CA VAL A 110 11.83 24.16 -6.47
C VAL A 110 12.76 23.76 -7.61
N ASP A 111 13.11 22.47 -7.63
CA ASP A 111 13.62 21.86 -8.88
C ASP A 111 12.47 21.60 -9.84
N TRP A 112 11.81 20.43 -9.70
CA TRP A 112 10.62 20.08 -10.51
C TRP A 112 10.13 18.67 -10.19
N ASP A 113 11.06 17.74 -10.02
CA ASP A 113 10.70 16.34 -9.86
C ASP A 113 10.56 15.97 -8.39
N ILE A 114 9.47 15.26 -8.09
CA ILE A 114 9.21 14.83 -6.73
C ILE A 114 9.19 13.32 -6.67
N ASP A 115 9.57 12.79 -5.54
CA ASP A 115 9.53 11.37 -5.28
C ASP A 115 8.35 11.09 -4.34
N TYR A 116 7.84 9.88 -4.38
CA TYR A 116 6.76 9.48 -3.48
C TYR A 116 7.09 8.11 -2.91
N GLU A 117 6.53 7.78 -1.77
CA GLU A 117 6.71 6.48 -1.15
C GLU A 117 5.42 6.04 -0.48
N LEU A 118 5.00 4.84 -0.79
CA LEU A 118 3.82 4.26 -0.19
C LEU A 118 4.24 3.25 0.86
N GLN A 119 3.61 3.32 2.02
CA GLN A 119 3.80 2.32 3.04
C GLN A 119 2.48 1.61 3.29
N ILE A 120 2.33 0.43 2.73
CA ILE A 120 1.08 -0.30 2.83
C ILE A 120 1.24 -1.52 3.73
N GLY A 121 0.50 -1.53 4.82
CA GLY A 121 0.49 -2.67 5.71
C GLY A 121 -0.55 -3.67 5.30
N LEU A 122 -0.14 -4.90 5.08
CA LEU A 122 -1.05 -5.92 4.62
C LEU A 122 -1.48 -6.83 5.74
N THR A 123 -2.65 -6.53 6.26
CA THR A 123 -3.33 -7.40 7.18
C THR A 123 -4.33 -8.24 6.41
N ILE A 124 -3.93 -9.42 6.03
CA ILE A 124 -4.80 -10.29 5.28
C ILE A 124 -5.27 -11.42 6.18
N ASP A 125 -6.53 -11.81 6.03
CA ASP A 125 -7.07 -12.89 6.84
C ASP A 125 -6.83 -14.21 6.14
N LEU A 126 -5.87 -14.97 6.68
CA LEU A 126 -5.49 -16.27 6.14
C LEU A 126 -6.09 -17.36 6.99
N PRO A 127 -6.55 -18.45 6.39
CA PRO A 127 -7.14 -19.57 7.13
C PRO A 127 -6.22 -20.18 8.20
N VAL A 128 -4.90 -20.05 8.02
CA VAL A 128 -3.94 -20.73 8.89
C VAL A 128 -3.81 -20.01 10.23
N VAL A 129 -3.43 -18.74 10.19
CA VAL A 129 -3.21 -17.94 11.39
C VAL A 129 -4.38 -17.01 11.65
N GLY A 130 -5.33 -17.11 10.76
CA GLY A 130 -6.51 -16.25 10.80
C GLY A 130 -6.25 -14.93 10.11
N GLU A 131 -5.06 -14.40 10.32
CA GLU A 131 -4.62 -13.17 9.68
C GLU A 131 -3.13 -13.00 9.88
N PHE A 132 -2.50 -12.27 8.99
CA PHE A 132 -1.08 -11.94 9.14
C PHE A 132 -0.85 -10.52 8.64
N THR A 133 0.01 -9.77 9.31
CA THR A 133 0.23 -8.37 8.99
C THR A 133 1.69 -8.07 8.66
N ILE A 134 1.97 -7.83 7.39
CA ILE A 134 3.29 -7.40 6.97
C ILE A 134 3.17 -6.14 6.12
N PRO A 135 4.08 -5.18 6.27
CA PRO A 135 4.09 -3.98 5.46
C PRO A 135 4.96 -4.11 4.21
N ILE A 136 4.78 -3.17 3.29
CA ILE A 136 5.52 -3.13 2.05
C ILE A 136 5.45 -1.70 1.51
N SER A 137 6.39 -1.33 0.67
CA SER A 137 6.51 0.06 0.26
C SER A 137 6.64 0.21 -1.25
N SER A 138 6.20 1.34 -1.79
CA SER A 138 6.35 1.61 -3.21
C SER A 138 6.74 3.06 -3.40
N LYS A 139 7.96 3.30 -3.82
CA LYS A 139 8.43 4.66 -4.01
C LYS A 139 8.68 4.93 -5.49
N GLY A 140 8.33 6.13 -5.95
CA GLY A 140 8.52 6.47 -7.34
C GLY A 140 8.60 7.98 -7.54
N GLU A 141 9.51 8.37 -8.41
CA GLU A 141 9.71 9.78 -8.73
C GLU A 141 8.99 10.12 -10.04
N ILE A 142 8.18 11.17 -10.03
CA ILE A 142 7.40 11.55 -11.21
C ILE A 142 7.42 13.08 -11.37
N LYS A 143 6.85 13.57 -12.47
CA LYS A 143 6.96 15.00 -12.82
C LYS A 143 6.24 15.90 -11.82
N LEU A 144 6.44 17.21 -12.01
CA LEU A 144 5.83 18.24 -11.17
C LEU A 144 4.30 18.17 -11.28
N PRO A 145 3.59 18.08 -10.14
CA PRO A 145 2.14 17.90 -10.09
C PRO A 145 1.36 19.16 -10.45
N THR A 146 0.04 19.03 -10.52
CA THR A 146 -0.84 20.18 -10.71
C THR A 146 -0.59 21.25 -9.65
N PHE A 147 0.19 22.27 -9.99
CA PHE A 147 0.55 23.32 -9.04
C PHE A 147 -0.20 24.60 -9.34
N LYS A 148 -0.53 24.80 -10.62
CA LYS A 148 -1.22 26.00 -11.10
C LYS A 148 -0.40 27.27 -10.85
N ASP A 149 -0.45 27.78 -9.63
CA ASP A 149 0.27 28.99 -9.25
C ASP A 149 0.74 28.87 -7.82
N PHE A 150 0.58 27.67 -7.26
CA PHE A 150 0.79 27.44 -5.85
C PHE A 150 2.06 26.63 -5.58
N PHE A 151 2.22 25.56 -6.35
CA PHE A 151 3.18 24.51 -6.06
C PHE A 151 2.77 23.79 -4.78
N MET A 1 7.96 -24.71 0.05
CA MET A 1 7.05 -24.05 -0.91
C MET A 1 5.61 -24.19 -0.44
N ALA A 2 5.25 -25.39 0.00
CA ALA A 2 3.95 -25.63 0.59
C ALA A 2 3.93 -25.14 2.03
N SER A 3 2.82 -24.55 2.44
CA SER A 3 2.75 -23.95 3.76
C SER A 3 2.30 -24.98 4.80
N LEU A 4 1.01 -25.30 4.83
CA LEU A 4 0.50 -26.22 5.84
C LEU A 4 -0.09 -27.49 5.24
N LEU A 5 0.78 -28.47 5.04
CA LEU A 5 0.36 -29.81 4.67
C LEU A 5 0.89 -30.78 5.72
N ASP A 6 1.46 -31.89 5.29
CA ASP A 6 2.17 -32.77 6.20
C ASP A 6 3.02 -33.75 5.41
N LYS A 7 3.96 -34.40 6.09
CA LYS A 7 4.85 -35.34 5.44
C LYS A 7 5.21 -36.49 6.38
N ALA A 8 5.38 -36.19 7.66
CA ALA A 8 5.67 -37.21 8.66
C ALA A 8 5.04 -36.85 10.00
N LYS A 9 5.83 -36.23 10.87
CA LYS A 9 5.35 -35.77 12.16
C LYS A 9 5.57 -34.27 12.29
N ASP A 10 5.11 -33.68 13.38
CA ASP A 10 5.29 -32.26 13.58
C ASP A 10 6.65 -32.00 14.21
N PHE A 11 7.31 -30.96 13.73
CA PHE A 11 8.59 -30.53 14.29
C PHE A 11 8.76 -29.03 14.08
N VAL A 12 7.64 -28.36 13.82
CA VAL A 12 7.66 -26.94 13.53
C VAL A 12 6.71 -26.18 14.45
N ALA A 13 7.27 -25.43 15.38
CA ALA A 13 6.49 -24.56 16.24
C ALA A 13 6.85 -23.12 15.96
N ASP A 14 8.14 -22.83 15.93
CA ASP A 14 8.63 -21.51 15.60
C ASP A 14 9.28 -21.54 14.22
N LYS A 15 9.66 -22.74 13.78
CA LYS A 15 10.31 -22.93 12.48
C LYS A 15 9.45 -22.36 11.35
N LEU A 16 8.18 -22.72 11.35
CA LEU A 16 7.26 -22.21 10.35
C LEU A 16 6.31 -21.21 10.99
N THR A 17 6.60 -19.94 10.79
CA THR A 17 5.74 -18.89 11.27
C THR A 17 5.06 -18.21 10.10
N ALA A 18 3.75 -18.38 10.02
CA ALA A 18 2.94 -17.80 8.96
C ALA A 18 3.26 -18.42 7.61
N ILE A 19 3.15 -17.62 6.57
CA ILE A 19 3.23 -18.11 5.21
C ILE A 19 4.63 -17.89 4.62
N PRO A 20 5.03 -18.72 3.63
CA PRO A 20 6.40 -18.73 3.12
C PRO A 20 6.73 -17.58 2.15
N LYS A 21 5.70 -16.88 1.69
CA LYS A 21 5.89 -15.80 0.72
C LYS A 21 5.20 -14.53 1.18
N PRO A 22 5.85 -13.37 1.01
CA PRO A 22 5.23 -12.07 1.30
C PRO A 22 4.11 -11.77 0.32
N GLU A 23 3.22 -10.86 0.69
CA GLU A 23 2.05 -10.58 -0.04
C GLU A 23 2.15 -9.15 -0.47
N GLY A 24 1.47 -8.76 -1.50
CA GLY A 24 1.50 -7.37 -1.84
C GLY A 24 0.14 -6.70 -1.79
N SER A 25 0.13 -5.43 -2.14
CA SER A 25 -1.06 -4.60 -2.22
C SER A 25 -0.68 -3.30 -2.91
N VAL A 26 0.23 -3.44 -3.85
CA VAL A 26 0.81 -2.30 -4.53
C VAL A 26 0.84 -2.57 -6.03
N THR A 27 0.86 -1.51 -6.81
CA THR A 27 1.15 -1.60 -8.22
C THR A 27 1.46 -0.20 -8.77
N ASP A 28 0.58 0.77 -8.47
CA ASP A 28 0.77 2.12 -8.94
C ASP A 28 -0.15 3.11 -8.26
N VAL A 29 0.21 4.38 -8.40
CA VAL A 29 -0.58 5.49 -7.87
C VAL A 29 -0.60 6.62 -8.89
N ASP A 30 -1.78 7.16 -9.16
CA ASP A 30 -1.96 8.17 -10.19
C ASP A 30 -2.49 9.48 -9.60
N LEU A 31 -1.96 10.61 -10.06
CA LEU A 31 -2.31 11.90 -9.48
C LEU A 31 -3.43 12.57 -10.28
N LYS A 32 -4.37 13.20 -9.57
CA LYS A 32 -5.46 13.91 -10.24
C LYS A 32 -5.92 15.17 -9.50
N ASP A 33 -6.92 15.04 -8.66
CA ASP A 33 -7.77 16.18 -8.33
C ASP A 33 -7.23 16.94 -7.14
N VAL A 34 -7.90 18.02 -6.75
CA VAL A 34 -7.48 18.81 -5.62
C VAL A 34 -8.55 19.80 -5.23
N ASN A 35 -9.16 20.40 -6.23
CA ASN A 35 -10.06 21.52 -6.03
C ASN A 35 -9.23 22.71 -5.55
N ARG A 36 -8.99 22.76 -4.24
CA ARG A 36 -8.02 23.68 -3.64
C ARG A 36 -7.97 23.42 -2.15
N ASP A 37 -8.33 22.20 -1.80
CA ASP A 37 -8.43 21.79 -0.43
C ASP A 37 -7.71 20.46 -0.26
N SER A 38 -7.87 19.58 -1.24
CA SER A 38 -7.23 18.28 -1.18
C SER A 38 -7.02 17.66 -2.55
N VAL A 39 -5.79 17.26 -2.81
CA VAL A 39 -5.43 16.63 -4.05
C VAL A 39 -5.85 15.17 -4.01
N GLU A 40 -6.09 14.55 -5.16
CA GLU A 40 -6.56 13.19 -5.14
C GLU A 40 -5.58 12.24 -5.81
N TYR A 41 -5.29 11.15 -5.11
CA TYR A 41 -4.30 10.17 -5.57
C TYR A 41 -4.96 8.83 -5.81
N LEU A 42 -5.16 8.47 -7.06
CA LEU A 42 -5.75 7.19 -7.39
C LEU A 42 -4.71 6.12 -7.13
N ALA A 43 -4.93 5.33 -6.10
CA ALA A 43 -3.98 4.31 -5.73
C ALA A 43 -4.47 2.96 -6.17
N LYS A 44 -3.82 2.44 -7.19
CA LYS A 44 -4.12 1.12 -7.68
C LYS A 44 -3.36 0.14 -6.82
N VAL A 45 -4.09 -0.81 -6.29
CA VAL A 45 -3.51 -1.79 -5.40
C VAL A 45 -3.52 -3.15 -6.05
N SER A 46 -2.48 -3.91 -5.84
CA SER A 46 -2.48 -5.28 -6.26
C SER A 46 -2.07 -6.19 -5.11
N VAL A 47 -3.07 -6.78 -4.46
CA VAL A 47 -2.84 -7.64 -3.31
C VAL A 47 -2.44 -9.03 -3.78
N THR A 48 -1.29 -9.48 -3.33
CA THR A 48 -0.79 -10.78 -3.69
C THR A 48 -1.02 -11.75 -2.56
N ASN A 49 -1.83 -12.76 -2.80
CA ASN A 49 -2.10 -13.81 -1.83
C ASN A 49 -1.08 -14.93 -2.02
N PRO A 50 -0.37 -15.33 -0.95
CA PRO A 50 0.67 -16.36 -1.02
C PRO A 50 0.15 -17.77 -0.72
N TYR A 51 -1.16 -17.94 -0.75
CA TYR A 51 -1.76 -19.23 -0.49
C TYR A 51 -2.77 -19.54 -1.58
N SER A 52 -2.91 -20.80 -1.94
CA SER A 52 -3.69 -21.17 -3.12
C SER A 52 -5.20 -21.17 -2.84
N HIS A 53 -5.65 -20.26 -1.96
CA HIS A 53 -7.07 -20.12 -1.65
C HIS A 53 -7.42 -18.66 -1.39
N SER A 54 -8.51 -18.23 -2.01
CA SER A 54 -9.09 -16.90 -1.84
C SER A 54 -9.17 -16.48 -0.37
N ILE A 55 -8.24 -15.65 0.09
CA ILE A 55 -8.24 -15.25 1.50
C ILE A 55 -9.31 -14.22 1.72
N PRO A 56 -10.18 -14.41 2.70
CA PRO A 56 -11.47 -13.73 2.74
C PRO A 56 -11.35 -12.22 2.81
N ILE A 57 -10.57 -11.71 3.75
CA ILE A 57 -10.54 -10.26 3.96
C ILE A 57 -9.14 -9.73 4.20
N CYS A 58 -8.95 -8.43 3.94
CA CYS A 58 -7.69 -7.78 4.16
C CYS A 58 -7.84 -6.38 4.75
N GLU A 59 -6.71 -5.88 5.17
CA GLU A 59 -6.61 -4.56 5.75
C GLU A 59 -5.64 -3.72 4.93
N ILE A 60 -6.16 -2.64 4.40
CA ILE A 60 -5.36 -1.64 3.73
C ILE A 60 -5.01 -0.53 4.70
N SER A 61 -3.75 -0.45 5.05
CA SER A 61 -3.26 0.68 5.82
C SER A 61 -2.16 1.37 5.04
N PHE A 62 -2.49 2.48 4.42
CA PHE A 62 -1.57 3.12 3.51
C PHE A 62 -1.01 4.37 4.13
N THR A 63 0.27 4.52 3.98
CA THR A 63 0.97 5.70 4.41
C THR A 63 1.85 6.19 3.28
N PHE A 64 1.44 7.26 2.64
CA PHE A 64 2.16 7.77 1.50
C PHE A 64 3.10 8.88 1.95
N HIS A 65 4.28 8.91 1.36
CA HIS A 65 5.27 9.94 1.64
C HIS A 65 5.72 10.54 0.33
N SER A 66 5.98 11.82 0.34
CA SER A 66 6.47 12.47 -0.84
C SER A 66 7.98 12.64 -0.80
N ALA A 67 8.43 13.88 -0.64
CA ALA A 67 9.84 14.17 -0.64
C ALA A 67 10.48 13.49 0.55
N GLY A 68 9.93 13.75 1.73
CA GLY A 68 10.25 12.98 2.90
C GLY A 68 9.16 13.22 3.92
N ARG A 69 8.03 13.75 3.45
CA ARG A 69 6.91 14.06 4.33
C ARG A 69 5.76 13.12 3.98
N GLU A 70 4.59 13.34 4.53
CA GLU A 70 3.57 12.32 4.52
C GLU A 70 2.45 12.68 3.57
N ILE A 71 2.59 12.23 2.33
CA ILE A 71 1.61 12.48 1.29
C ILE A 71 0.19 12.16 1.76
N GLY A 72 0.05 11.06 2.47
CA GLY A 72 -1.26 10.66 2.92
C GLY A 72 -1.21 9.44 3.80
N LYS A 73 -2.29 9.13 4.47
CA LYS A 73 -2.35 7.91 5.27
C LYS A 73 -3.78 7.59 5.69
N GLY A 74 -4.04 6.32 5.91
CA GLY A 74 -5.34 5.86 6.35
C GLY A 74 -5.44 4.36 6.26
N LYS A 75 -6.60 3.83 6.61
CA LYS A 75 -6.80 2.39 6.57
C LYS A 75 -8.20 2.04 6.09
N ILE A 76 -8.28 1.10 5.15
CA ILE A 76 -9.55 0.65 4.60
C ILE A 76 -9.61 -0.87 4.63
N PRO A 77 -10.44 -1.45 5.49
CA PRO A 77 -10.69 -2.89 5.52
C PRO A 77 -11.50 -3.31 4.30
N ASP A 78 -11.02 -4.30 3.57
CA ASP A 78 -11.67 -4.68 2.32
C ASP A 78 -11.72 -6.20 2.19
N PRO A 79 -12.79 -6.75 1.59
CA PRO A 79 -12.86 -8.18 1.27
C PRO A 79 -11.70 -8.61 0.37
N GLY A 80 -10.61 -9.02 1.01
CA GLY A 80 -9.42 -9.41 0.31
C GLY A 80 -9.50 -10.77 -0.35
N SER A 81 -10.72 -11.30 -0.46
CA SER A 81 -10.96 -12.61 -1.00
C SER A 81 -10.68 -12.60 -2.49
N LEU A 82 -9.70 -13.41 -2.91
CA LEU A 82 -9.12 -13.21 -4.25
C LEU A 82 -8.75 -14.52 -4.93
N LYS A 83 -7.97 -14.41 -6.02
CA LYS A 83 -7.61 -15.55 -6.86
C LYS A 83 -7.17 -16.78 -6.05
N ALA A 84 -5.85 -16.90 -5.85
CA ALA A 84 -5.25 -18.08 -5.25
C ALA A 84 -3.76 -18.06 -5.55
N LYS A 85 -2.98 -17.76 -4.52
CA LYS A 85 -1.53 -17.62 -4.63
C LYS A 85 -1.15 -16.77 -5.84
N ASP A 86 -1.82 -15.63 -5.98
CA ASP A 86 -1.68 -14.77 -7.14
C ASP A 86 -1.93 -13.32 -6.75
N MET A 87 -2.03 -12.44 -7.74
CA MET A 87 -2.10 -11.01 -7.50
C MET A 87 -3.41 -10.42 -8.01
N THR A 88 -4.19 -9.86 -7.11
CA THR A 88 -5.49 -9.30 -7.44
C THR A 88 -5.45 -7.77 -7.42
N ALA A 89 -6.19 -7.13 -8.31
CA ALA A 89 -6.19 -5.68 -8.36
C ALA A 89 -7.29 -5.11 -7.45
N LEU A 90 -6.84 -4.45 -6.39
CA LEU A 90 -7.71 -3.81 -5.43
C LEU A 90 -7.74 -2.31 -5.69
N ASP A 91 -8.69 -1.59 -5.09
CA ASP A 91 -8.90 -0.20 -5.46
C ASP A 91 -8.93 0.72 -4.24
N ILE A 92 -7.97 1.64 -4.20
CA ILE A 92 -7.97 2.71 -3.21
C ILE A 92 -8.24 4.03 -3.91
N PRO A 93 -9.30 4.74 -3.47
CA PRO A 93 -9.82 5.94 -4.15
C PRO A 93 -8.76 6.96 -4.55
N VAL A 94 -8.56 8.00 -3.75
CA VAL A 94 -7.74 9.14 -4.16
C VAL A 94 -7.31 10.00 -2.97
N VAL A 95 -6.12 9.74 -2.42
CA VAL A 95 -5.73 10.43 -1.18
C VAL A 95 -4.36 11.12 -1.25
N VAL A 96 -4.38 12.44 -1.40
CA VAL A 96 -3.22 13.26 -1.10
C VAL A 96 -3.64 14.67 -0.68
N PRO A 97 -3.69 14.94 0.63
CA PRO A 97 -4.02 16.28 1.13
C PRO A 97 -3.15 17.35 0.48
N TYR A 98 -3.80 18.45 0.10
CA TYR A 98 -3.16 19.56 -0.61
C TYR A 98 -1.95 20.09 0.18
N SER A 99 -2.03 19.99 1.50
CA SER A 99 -0.95 20.43 2.37
C SER A 99 0.37 19.73 2.06
N ILE A 100 0.32 18.48 1.64
CA ILE A 100 1.53 17.72 1.43
C ILE A 100 2.21 18.07 0.11
N LEU A 101 1.45 18.00 -0.98
CA LEU A 101 1.91 18.52 -2.27
C LEU A 101 2.42 19.94 -2.12
N PHE A 102 1.87 20.62 -1.14
CA PHE A 102 2.20 22.00 -0.84
C PHE A 102 3.68 22.06 -0.44
N ASN A 103 4.10 21.10 0.37
CA ASN A 103 5.49 21.02 0.81
C ASN A 103 6.42 20.54 -0.31
N LEU A 104 6.15 19.35 -0.85
CA LEU A 104 6.98 18.77 -1.92
C LEU A 104 7.09 19.67 -3.15
N ALA A 105 5.96 20.11 -3.70
CA ALA A 105 5.98 20.95 -4.91
C ALA A 105 6.68 22.26 -4.62
N ARG A 106 6.66 22.67 -3.38
CA ARG A 106 7.39 23.85 -2.97
C ARG A 106 8.88 23.58 -2.91
N ASP A 107 9.28 22.54 -2.20
CA ASP A 107 10.69 22.27 -1.97
C ASP A 107 11.33 21.59 -3.17
N VAL A 108 10.73 20.51 -3.61
CA VAL A 108 11.28 19.75 -4.72
C VAL A 108 10.68 20.24 -6.03
N GLY A 109 9.55 20.93 -5.97
CA GLY A 109 9.06 21.65 -7.14
C GLY A 109 9.89 22.90 -7.38
N VAL A 110 10.58 23.30 -6.34
CA VAL A 110 11.65 24.26 -6.45
C VAL A 110 12.60 23.70 -7.50
N ASP A 111 12.96 22.43 -7.31
CA ASP A 111 13.56 21.64 -8.38
C ASP A 111 12.52 21.41 -9.50
N TRP A 112 11.95 20.21 -9.54
CA TRP A 112 10.87 19.86 -10.48
C TRP A 112 10.40 18.41 -10.30
N ASP A 113 11.33 17.49 -10.26
CA ASP A 113 11.03 16.06 -10.10
C ASP A 113 11.10 15.66 -8.62
N ILE A 114 10.01 15.11 -8.07
CA ILE A 114 9.94 14.83 -6.64
C ILE A 114 9.90 13.32 -6.38
N ASP A 115 10.30 12.93 -5.18
CA ASP A 115 10.24 11.53 -4.75
C ASP A 115 8.89 11.25 -4.12
N TYR A 116 8.43 10.00 -4.18
CA TYR A 116 7.21 9.60 -3.49
C TYR A 116 7.37 8.17 -3.00
N GLU A 117 6.57 7.77 -2.02
CA GLU A 117 6.62 6.44 -1.45
C GLU A 117 5.26 6.06 -0.87
N LEU A 118 4.84 4.85 -1.13
CA LEU A 118 3.65 4.31 -0.50
C LEU A 118 4.06 3.26 0.50
N GLN A 119 3.53 3.37 1.71
CA GLN A 119 3.76 2.39 2.75
C GLN A 119 2.44 1.77 3.16
N ILE A 120 2.16 0.60 2.66
CA ILE A 120 0.90 -0.02 2.93
C ILE A 120 1.09 -1.27 3.80
N GLY A 121 0.41 -1.28 4.93
CA GLY A 121 0.47 -2.42 5.84
C GLY A 121 -0.57 -3.46 5.48
N LEU A 122 -0.10 -4.66 5.24
CA LEU A 122 -0.95 -5.74 4.76
C LEU A 122 -1.42 -6.60 5.90
N THR A 123 -2.73 -6.64 6.09
CA THR A 123 -3.33 -7.54 7.04
C THR A 123 -4.38 -8.39 6.34
N ILE A 124 -3.99 -9.57 5.92
CA ILE A 124 -4.92 -10.43 5.22
C ILE A 124 -5.29 -11.63 6.07
N ASP A 125 -6.53 -12.08 5.97
CA ASP A 125 -6.96 -13.21 6.74
C ASP A 125 -6.60 -14.45 5.98
N LEU A 126 -5.56 -15.11 6.46
CA LEU A 126 -4.97 -16.27 5.81
C LEU A 126 -5.42 -17.55 6.50
N PRO A 127 -5.19 -18.71 5.89
CA PRO A 127 -5.47 -19.99 6.54
C PRO A 127 -4.41 -20.36 7.59
N VAL A 128 -3.18 -19.90 7.38
CA VAL A 128 -2.07 -20.33 8.21
C VAL A 128 -2.10 -19.69 9.61
N VAL A 129 -2.06 -18.36 9.67
CA VAL A 129 -2.05 -17.67 10.96
C VAL A 129 -3.43 -17.06 11.21
N GLY A 130 -4.32 -17.32 10.26
CA GLY A 130 -5.63 -16.68 10.26
C GLY A 130 -5.56 -15.24 9.83
N GLU A 131 -4.39 -14.65 10.02
CA GLU A 131 -4.15 -13.27 9.64
C GLU A 131 -2.65 -13.07 9.51
N PHE A 132 -2.24 -11.93 8.97
CA PHE A 132 -0.83 -11.57 8.92
C PHE A 132 -0.72 -10.09 8.66
N THR A 133 0.13 -9.40 9.41
CA THR A 133 0.27 -7.96 9.27
C THR A 133 1.73 -7.57 9.00
N ILE A 134 2.03 -7.41 7.72
CA ILE A 134 3.34 -6.93 7.29
C ILE A 134 3.18 -5.75 6.35
N PRO A 135 4.03 -4.72 6.48
CA PRO A 135 3.98 -3.58 5.58
C PRO A 135 4.85 -3.77 4.35
N ILE A 136 4.58 -2.95 3.34
CA ILE A 136 5.33 -2.99 2.09
C ILE A 136 5.27 -1.61 1.45
N SER A 137 6.09 -1.36 0.46
CA SER A 137 6.21 -0.03 -0.09
C SER A 137 6.28 -0.04 -1.60
N SER A 138 5.80 1.05 -2.19
CA SER A 138 5.93 1.25 -3.61
C SER A 138 6.26 2.73 -3.81
N LYS A 139 7.51 3.00 -4.10
CA LYS A 139 7.96 4.38 -4.22
C LYS A 139 8.33 4.68 -5.65
N GLY A 140 8.22 5.94 -6.04
CA GLY A 140 8.58 6.33 -7.38
C GLY A 140 8.71 7.82 -7.50
N GLU A 141 9.69 8.22 -8.29
CA GLU A 141 9.99 9.62 -8.51
C GLU A 141 9.55 10.00 -9.90
N ILE A 142 8.69 11.01 -10.02
CA ILE A 142 8.10 11.37 -11.29
C ILE A 142 7.92 12.88 -11.33
N LYS A 143 7.49 13.39 -12.48
CA LYS A 143 7.36 14.82 -12.71
C LYS A 143 6.43 15.50 -11.69
N LEU A 144 6.59 16.81 -11.58
CA LEU A 144 5.85 17.65 -10.64
C LEU A 144 4.34 17.49 -10.81
N PRO A 145 3.61 17.42 -9.68
CA PRO A 145 2.14 17.34 -9.66
C PRO A 145 1.50 18.59 -10.26
N THR A 146 0.17 18.56 -10.41
CA THR A 146 -0.55 19.70 -10.96
C THR A 146 -0.22 20.98 -10.18
N PHE A 147 0.11 22.02 -10.91
CA PHE A 147 0.54 23.27 -10.31
C PHE A 147 0.08 24.44 -11.16
N LYS A 148 0.09 25.63 -10.59
CA LYS A 148 -0.33 26.83 -11.28
C LYS A 148 -0.07 28.04 -10.40
N ASP A 149 -1.02 28.32 -9.51
CA ASP A 149 -0.90 29.41 -8.56
C ASP A 149 -0.43 28.87 -7.21
N PHE A 150 -0.70 27.58 -7.00
CA PHE A 150 -0.32 26.90 -5.77
C PHE A 150 1.17 27.08 -5.51
N PHE A 151 1.98 26.50 -6.37
CA PHE A 151 3.42 26.71 -6.37
C PHE A 151 3.93 26.72 -7.80
N MET A 1 3.14 -26.09 -2.06
CA MET A 1 2.20 -26.11 -0.91
C MET A 1 1.63 -24.72 -0.67
N ALA A 2 2.52 -23.76 -0.38
CA ALA A 2 2.15 -22.38 -0.09
C ALA A 2 1.45 -22.28 1.26
N SER A 3 2.05 -21.51 2.17
CA SER A 3 1.52 -21.31 3.52
C SER A 3 1.64 -22.59 4.35
N LEU A 4 2.52 -23.48 3.93
CA LEU A 4 2.79 -24.71 4.65
C LEU A 4 4.31 -24.91 4.73
N LEU A 5 4.88 -24.55 5.87
CA LEU A 5 6.32 -24.63 6.03
C LEU A 5 6.70 -24.89 7.48
N ASP A 6 6.93 -26.16 7.79
CA ASP A 6 7.41 -26.58 9.12
C ASP A 6 7.79 -28.05 9.08
N LYS A 7 6.81 -28.92 9.34
CA LYS A 7 7.02 -30.37 9.41
C LYS A 7 8.19 -30.72 10.33
N ALA A 8 8.39 -29.91 11.36
CA ALA A 8 9.51 -30.12 12.26
C ALA A 8 9.09 -30.99 13.43
N LYS A 9 9.66 -32.17 13.50
CA LYS A 9 9.34 -33.13 14.54
C LYS A 9 10.02 -32.74 15.85
N ASP A 10 9.25 -32.04 16.70
CA ASP A 10 9.73 -31.57 18.00
C ASP A 10 10.74 -30.43 17.84
N PHE A 11 11.30 -30.00 18.98
CA PHE A 11 12.37 -29.00 19.03
C PHE A 11 11.88 -27.57 18.74
N VAL A 12 11.07 -27.42 17.70
CA VAL A 12 10.62 -26.09 17.27
C VAL A 12 9.56 -25.51 18.21
N ALA A 13 10.02 -24.88 19.27
CA ALA A 13 9.13 -24.18 20.18
C ALA A 13 8.56 -22.93 19.50
N ASP A 14 9.37 -22.33 18.63
CA ASP A 14 8.96 -21.17 17.86
C ASP A 14 7.87 -21.55 16.87
N LYS A 15 8.21 -22.46 15.96
CA LYS A 15 7.27 -23.02 14.99
C LYS A 15 6.70 -21.94 14.06
N LEU A 16 7.33 -21.79 12.91
CA LEU A 16 6.91 -20.79 11.94
C LEU A 16 5.58 -21.19 11.32
N THR A 17 4.53 -20.48 11.68
CA THR A 17 3.19 -20.86 11.28
C THR A 17 2.55 -19.85 10.32
N ALA A 18 2.64 -18.57 10.66
CA ALA A 18 1.91 -17.53 9.94
C ALA A 18 2.52 -17.21 8.57
N ILE A 19 2.23 -18.06 7.59
CA ILE A 19 2.45 -17.81 6.16
C ILE A 19 3.91 -17.42 5.81
N PRO A 20 4.22 -17.14 4.51
CA PRO A 20 5.52 -16.62 4.10
C PRO A 20 5.79 -15.21 4.65
N LYS A 21 5.60 -14.18 3.81
CA LYS A 21 5.89 -12.79 4.21
C LYS A 21 5.81 -11.81 3.04
N PRO A 22 6.54 -12.05 1.92
CA PRO A 22 6.57 -11.14 0.78
C PRO A 22 5.39 -11.32 -0.18
N GLU A 23 4.26 -10.72 0.18
CA GLU A 23 3.04 -10.79 -0.56
C GLU A 23 2.55 -9.35 -0.64
N GLY A 24 1.85 -8.98 -1.69
CA GLY A 24 1.73 -7.55 -1.94
C GLY A 24 0.33 -6.98 -1.92
N SER A 25 0.27 -5.68 -2.24
CA SER A 25 -0.96 -4.91 -2.39
C SER A 25 -0.59 -3.60 -3.05
N VAL A 26 0.36 -3.69 -3.94
CA VAL A 26 0.99 -2.53 -4.53
C VAL A 26 1.08 -2.70 -6.03
N THR A 27 1.16 -1.59 -6.75
CA THR A 27 1.48 -1.61 -8.16
C THR A 27 1.77 -0.19 -8.64
N ASP A 28 0.91 0.75 -8.25
CA ASP A 28 1.07 2.15 -8.64
C ASP A 28 -0.03 3.01 -8.05
N VAL A 29 0.10 4.32 -8.21
CA VAL A 29 -0.98 5.23 -7.92
C VAL A 29 -0.98 6.35 -8.96
N ASP A 30 -2.16 6.82 -9.31
CA ASP A 30 -2.34 7.84 -10.32
C ASP A 30 -2.73 9.17 -9.69
N LEU A 31 -1.87 10.16 -9.82
CA LEU A 31 -2.07 11.45 -9.17
C LEU A 31 -3.06 12.32 -9.94
N LYS A 32 -4.14 12.70 -9.30
CA LYS A 32 -5.07 13.67 -9.86
C LYS A 32 -5.17 14.88 -8.92
N ASP A 33 -6.39 15.28 -8.52
CA ASP A 33 -6.57 16.56 -7.83
C ASP A 33 -8.03 16.93 -7.68
N VAL A 34 -8.30 17.93 -6.84
CA VAL A 34 -9.67 18.34 -6.55
C VAL A 34 -9.77 19.78 -6.00
N ASN A 35 -10.24 20.68 -6.86
CA ASN A 35 -10.63 22.03 -6.45
C ASN A 35 -9.39 22.86 -6.09
N ARG A 36 -9.03 22.81 -4.81
CA ARG A 36 -7.79 23.33 -4.28
C ARG A 36 -7.88 23.26 -2.76
N ASP A 37 -8.65 22.30 -2.33
CA ASP A 37 -8.97 22.14 -0.91
C ASP A 37 -8.07 21.07 -0.40
N SER A 38 -8.04 20.07 -1.22
CA SER A 38 -7.26 18.89 -1.02
C SER A 38 -6.96 18.38 -2.42
N VAL A 39 -6.20 17.33 -2.56
CA VAL A 39 -5.97 16.74 -3.86
C VAL A 39 -6.12 15.23 -3.78
N GLU A 40 -6.41 14.60 -4.90
CA GLU A 40 -6.72 13.18 -4.88
C GLU A 40 -5.75 12.40 -5.72
N TYR A 41 -5.46 11.17 -5.32
CA TYR A 41 -4.77 10.27 -6.24
C TYR A 41 -5.27 8.85 -6.14
N LEU A 42 -5.51 8.25 -7.27
CA LEU A 42 -6.06 6.91 -7.33
C LEU A 42 -4.92 5.92 -7.10
N ALA A 43 -4.93 5.28 -5.95
CA ALA A 43 -3.88 4.34 -5.62
C ALA A 43 -4.28 2.95 -6.05
N LYS A 44 -3.60 2.46 -7.06
CA LYS A 44 -3.87 1.16 -7.62
C LYS A 44 -3.15 0.11 -6.80
N VAL A 45 -3.87 -0.90 -6.41
CA VAL A 45 -3.33 -1.93 -5.54
C VAL A 45 -3.27 -3.25 -6.28
N SER A 46 -2.23 -4.01 -6.04
CA SER A 46 -2.20 -5.37 -6.49
C SER A 46 -1.78 -6.30 -5.35
N VAL A 47 -2.79 -6.91 -4.73
CA VAL A 47 -2.59 -7.77 -3.56
C VAL A 47 -2.20 -9.18 -3.98
N THR A 48 -1.12 -9.69 -3.42
CA THR A 48 -0.69 -11.04 -3.69
C THR A 48 -0.95 -11.90 -2.46
N ASN A 49 -1.84 -12.90 -2.60
CA ASN A 49 -2.11 -13.85 -1.53
C ASN A 49 -1.19 -15.06 -1.64
N PRO A 50 -0.61 -15.50 -0.51
CA PRO A 50 0.39 -16.58 -0.47
C PRO A 50 -0.19 -17.96 -0.21
N TYR A 51 -1.50 -18.10 -0.30
CA TYR A 51 -2.13 -19.38 0.00
C TYR A 51 -2.41 -20.12 -1.31
N SER A 52 -3.67 -20.38 -1.59
CA SER A 52 -4.07 -20.95 -2.87
C SER A 52 -5.56 -20.79 -3.08
N HIS A 53 -6.16 -19.87 -2.33
CA HIS A 53 -7.59 -19.62 -2.39
C HIS A 53 -7.82 -18.15 -2.11
N SER A 54 -8.90 -17.65 -2.68
CA SER A 54 -9.40 -16.32 -2.40
C SER A 54 -9.42 -16.00 -0.91
N ILE A 55 -8.49 -15.17 -0.43
CA ILE A 55 -8.48 -14.82 0.99
C ILE A 55 -9.55 -13.80 1.24
N PRO A 56 -10.43 -14.08 2.19
CA PRO A 56 -11.71 -13.41 2.25
C PRO A 56 -11.59 -11.92 2.47
N ILE A 57 -10.89 -11.53 3.52
CA ILE A 57 -10.84 -10.13 3.90
C ILE A 57 -9.41 -9.66 4.11
N CYS A 58 -9.19 -8.36 4.04
CA CYS A 58 -7.88 -7.81 4.26
C CYS A 58 -7.95 -6.41 4.83
N GLU A 59 -6.78 -5.92 5.15
CA GLU A 59 -6.60 -4.59 5.66
C GLU A 59 -5.51 -3.88 4.90
N ILE A 60 -5.91 -2.85 4.18
CA ILE A 60 -4.96 -1.99 3.50
C ILE A 60 -4.69 -0.73 4.31
N SER A 61 -3.47 -0.66 4.80
CA SER A 61 -3.02 0.44 5.62
C SER A 61 -1.94 1.20 4.88
N PHE A 62 -2.27 2.36 4.33
CA PHE A 62 -1.38 3.05 3.42
C PHE A 62 -0.85 4.32 4.06
N THR A 63 0.45 4.47 4.05
CA THR A 63 1.08 5.68 4.53
C THR A 63 2.01 6.22 3.46
N PHE A 64 1.58 7.28 2.79
CA PHE A 64 2.30 7.83 1.67
C PHE A 64 3.15 9.02 2.10
N HIS A 65 4.35 9.09 1.56
CA HIS A 65 5.26 10.21 1.78
C HIS A 65 5.72 10.72 0.44
N SER A 66 5.92 12.01 0.27
CA SER A 66 6.48 12.49 -0.98
C SER A 66 7.92 12.92 -0.82
N ALA A 67 8.15 14.23 -0.66
CA ALA A 67 9.51 14.75 -0.56
C ALA A 67 10.21 14.04 0.58
N GLY A 68 9.66 14.19 1.77
CA GLY A 68 10.00 13.32 2.86
C GLY A 68 8.95 13.49 3.93
N ARG A 69 7.84 14.11 3.53
CA ARG A 69 6.78 14.46 4.43
C ARG A 69 5.62 13.51 4.20
N GLU A 70 4.52 13.73 4.86
CA GLU A 70 3.49 12.74 4.91
C GLU A 70 2.37 13.12 3.98
N ILE A 71 2.42 12.53 2.81
CA ILE A 71 1.45 12.75 1.77
C ILE A 71 0.06 12.38 2.25
N GLY A 72 -0.03 11.26 2.94
CA GLY A 72 -1.33 10.79 3.40
C GLY A 72 -1.21 9.44 4.06
N LYS A 73 -2.18 9.06 4.86
CA LYS A 73 -2.17 7.72 5.46
C LYS A 73 -3.55 7.34 5.98
N GLY A 74 -3.77 6.03 6.09
CA GLY A 74 -5.03 5.52 6.59
C GLY A 74 -5.09 4.02 6.43
N LYS A 75 -6.03 3.39 7.10
CA LYS A 75 -6.17 1.95 7.01
C LYS A 75 -7.63 1.54 7.02
N ILE A 76 -7.98 0.65 6.10
CA ILE A 76 -9.37 0.25 5.90
C ILE A 76 -9.45 -1.27 5.72
N PRO A 77 -10.41 -1.92 6.41
CA PRO A 77 -10.70 -3.32 6.18
C PRO A 77 -11.47 -3.49 4.88
N ASP A 78 -10.91 -4.24 3.94
CA ASP A 78 -11.52 -4.39 2.62
C ASP A 78 -11.55 -5.86 2.24
N PRO A 79 -12.65 -6.33 1.63
CA PRO A 79 -12.75 -7.71 1.14
C PRO A 79 -11.70 -8.02 0.07
N GLY A 80 -10.55 -8.51 0.52
CA GLY A 80 -9.47 -8.84 -0.39
C GLY A 80 -9.56 -10.27 -0.89
N SER A 81 -10.79 -10.75 -0.98
CA SER A 81 -11.07 -12.08 -1.46
C SER A 81 -10.79 -12.13 -2.97
N LEU A 82 -9.83 -12.97 -3.36
CA LEU A 82 -9.20 -12.79 -4.68
C LEU A 82 -8.94 -14.12 -5.40
N LYS A 83 -7.91 -14.13 -6.26
CA LYS A 83 -7.58 -15.30 -7.08
C LYS A 83 -7.22 -16.52 -6.25
N ALA A 84 -5.92 -16.73 -6.06
CA ALA A 84 -5.40 -17.93 -5.44
C ALA A 84 -3.90 -17.95 -5.63
N LYS A 85 -3.15 -17.76 -4.54
CA LYS A 85 -1.69 -17.67 -4.58
C LYS A 85 -1.22 -16.82 -5.75
N ASP A 86 -1.80 -15.64 -5.86
CA ASP A 86 -1.63 -14.81 -7.04
C ASP A 86 -1.82 -13.34 -6.69
N MET A 87 -1.83 -12.49 -7.72
CA MET A 87 -1.88 -11.06 -7.52
C MET A 87 -3.17 -10.49 -8.10
N THR A 88 -3.91 -9.79 -7.28
CA THR A 88 -5.21 -9.24 -7.67
C THR A 88 -5.18 -7.72 -7.65
N ALA A 89 -5.89 -7.10 -8.57
CA ALA A 89 -5.92 -5.64 -8.65
C ALA A 89 -7.02 -5.08 -7.76
N LEU A 90 -6.59 -4.31 -6.78
CA LEU A 90 -7.47 -3.68 -5.80
C LEU A 90 -7.37 -2.16 -5.97
N ASP A 91 -8.17 -1.39 -5.25
CA ASP A 91 -8.14 0.07 -5.42
C ASP A 91 -8.20 0.78 -4.08
N ILE A 92 -7.30 1.73 -3.90
CA ILE A 92 -7.32 2.63 -2.76
C ILE A 92 -7.73 4.02 -3.23
N PRO A 93 -8.81 4.57 -2.62
CA PRO A 93 -9.48 5.82 -3.05
C PRO A 93 -8.59 6.86 -3.74
N VAL A 94 -8.39 8.01 -3.10
CA VAL A 94 -7.64 9.12 -3.70
C VAL A 94 -7.19 10.13 -2.64
N VAL A 95 -6.03 9.95 -2.03
CA VAL A 95 -5.76 10.70 -0.78
C VAL A 95 -4.45 11.50 -0.76
N VAL A 96 -4.52 12.81 -0.96
CA VAL A 96 -3.40 13.67 -0.62
C VAL A 96 -3.86 15.09 -0.29
N PRO A 97 -3.83 15.48 0.99
CA PRO A 97 -4.13 16.85 1.37
C PRO A 97 -3.31 17.83 0.56
N TYR A 98 -4.00 18.81 -0.02
CA TYR A 98 -3.40 19.78 -0.94
C TYR A 98 -2.13 20.41 -0.37
N SER A 99 -2.13 20.64 0.94
CA SER A 99 -1.00 21.26 1.60
C SER A 99 0.29 20.44 1.44
N ILE A 100 0.17 19.13 1.26
CA ILE A 100 1.35 18.28 1.21
C ILE A 100 2.04 18.37 -0.15
N LEU A 101 1.28 18.14 -1.22
CA LEU A 101 1.75 18.41 -2.60
C LEU A 101 2.27 19.84 -2.70
N PHE A 102 1.68 20.67 -1.89
CA PHE A 102 2.00 22.08 -1.86
C PHE A 102 3.42 22.25 -1.30
N ASN A 103 3.74 21.44 -0.30
CA ASN A 103 5.06 21.46 0.31
C ASN A 103 6.10 20.80 -0.60
N LEU A 104 5.87 19.54 -0.99
CA LEU A 104 6.79 18.85 -1.90
C LEU A 104 7.05 19.63 -3.20
N ALA A 105 5.99 20.06 -3.88
CA ALA A 105 6.12 20.82 -5.12
C ALA A 105 6.84 22.13 -4.87
N ARG A 106 6.76 22.58 -3.65
CA ARG A 106 7.48 23.77 -3.24
C ARG A 106 8.98 23.49 -3.18
N ASP A 107 9.37 22.48 -2.42
CA ASP A 107 10.79 22.20 -2.20
C ASP A 107 11.38 21.38 -3.35
N VAL A 108 10.77 20.26 -3.66
CA VAL A 108 11.27 19.42 -4.73
C VAL A 108 10.74 19.92 -6.06
N GLY A 109 9.58 20.57 -6.06
CA GLY A 109 9.14 21.25 -7.26
C GLY A 109 9.98 22.47 -7.56
N VAL A 110 10.69 22.92 -6.53
CA VAL A 110 11.76 23.87 -6.73
C VAL A 110 12.69 23.29 -7.79
N ASP A 111 13.06 22.01 -7.63
CA ASP A 111 13.67 21.26 -8.74
C ASP A 111 12.73 20.22 -9.33
N TRP A 112 11.72 20.76 -9.96
CA TRP A 112 10.60 20.09 -10.66
C TRP A 112 10.23 18.64 -10.26
N ASP A 113 11.16 17.70 -10.35
CA ASP A 113 10.81 16.29 -10.24
C ASP A 113 10.90 15.78 -8.80
N ILE A 114 9.79 15.23 -8.28
CA ILE A 114 9.70 14.86 -6.85
C ILE A 114 9.61 13.34 -6.71
N ASP A 115 9.95 12.85 -5.52
CA ASP A 115 9.86 11.45 -5.19
C ASP A 115 8.67 11.21 -4.27
N TYR A 116 8.13 10.00 -4.30
CA TYR A 116 7.00 9.63 -3.45
C TYR A 116 7.23 8.22 -2.88
N GLU A 117 6.46 7.83 -1.89
CA GLU A 117 6.57 6.51 -1.28
C GLU A 117 5.25 6.07 -0.69
N LEU A 118 4.92 4.81 -0.87
CA LEU A 118 3.79 4.20 -0.21
C LEU A 118 4.25 3.21 0.83
N GLN A 119 3.73 3.35 2.04
CA GLN A 119 3.97 2.38 3.09
C GLN A 119 2.67 1.66 3.41
N ILE A 120 2.53 0.46 2.91
CA ILE A 120 1.27 -0.25 3.04
C ILE A 120 1.40 -1.48 3.95
N GLY A 121 0.60 -1.51 5.01
CA GLY A 121 0.55 -2.66 5.88
C GLY A 121 -0.53 -3.63 5.48
N LEU A 122 -0.15 -4.88 5.28
CA LEU A 122 -1.04 -5.89 4.73
C LEU A 122 -1.54 -6.83 5.80
N THR A 123 -2.79 -6.67 6.17
CA THR A 123 -3.43 -7.58 7.10
C THR A 123 -4.48 -8.40 6.36
N ILE A 124 -4.10 -9.58 5.92
CA ILE A 124 -5.01 -10.38 5.13
C ILE A 124 -5.48 -11.60 5.91
N ASP A 125 -6.76 -11.94 5.75
CA ASP A 125 -7.35 -13.02 6.51
C ASP A 125 -7.04 -14.33 5.80
N LEU A 126 -6.15 -15.10 6.42
CA LEU A 126 -5.60 -16.30 5.82
C LEU A 126 -6.00 -17.52 6.62
N PRO A 127 -6.35 -18.63 5.97
CA PRO A 127 -6.82 -19.83 6.66
C PRO A 127 -5.81 -20.44 7.64
N VAL A 128 -4.54 -20.06 7.53
CA VAL A 128 -3.49 -20.64 8.38
C VAL A 128 -3.54 -20.07 9.79
N VAL A 129 -3.44 -18.74 9.87
CA VAL A 129 -3.36 -18.05 11.15
C VAL A 129 -4.57 -17.14 11.34
N GLY A 130 -5.47 -17.26 10.40
CA GLY A 130 -6.68 -16.46 10.40
C GLY A 130 -6.46 -15.09 9.81
N GLU A 131 -5.27 -14.55 10.04
CA GLU A 131 -4.86 -13.27 9.51
C GLU A 131 -3.38 -13.07 9.80
N PHE A 132 -2.76 -12.15 9.10
CA PHE A 132 -1.38 -11.80 9.38
C PHE A 132 -1.08 -10.42 8.81
N THR A 133 -0.28 -9.66 9.53
CA THR A 133 0.04 -8.31 9.13
C THR A 133 1.52 -8.18 8.74
N ILE A 134 1.76 -7.97 7.46
CA ILE A 134 3.11 -7.71 6.97
C ILE A 134 3.11 -6.42 6.15
N PRO A 135 4.11 -5.56 6.34
CA PRO A 135 4.19 -4.31 5.62
C PRO A 135 5.05 -4.40 4.36
N ILE A 136 4.89 -3.42 3.49
CA ILE A 136 5.62 -3.34 2.24
C ILE A 136 5.49 -1.93 1.70
N SER A 137 6.27 -1.58 0.70
CA SER A 137 6.36 -0.20 0.28
C SER A 137 6.47 -0.09 -1.23
N SER A 138 5.96 0.99 -1.78
CA SER A 138 6.02 1.22 -3.21
C SER A 138 6.29 2.69 -3.45
N LYS A 139 7.53 3.00 -3.79
CA LYS A 139 7.97 4.37 -3.90
C LYS A 139 8.53 4.65 -5.28
N GLY A 140 8.45 5.89 -5.72
CA GLY A 140 8.88 6.23 -7.05
C GLY A 140 8.89 7.73 -7.26
N GLU A 141 9.71 8.16 -8.19
CA GLU A 141 9.89 9.58 -8.46
C GLU A 141 9.30 9.94 -9.81
N ILE A 142 8.52 11.01 -9.86
CA ILE A 142 7.84 11.41 -11.08
C ILE A 142 7.79 12.94 -11.16
N LYS A 143 7.34 13.46 -12.29
CA LYS A 143 7.38 14.90 -12.55
C LYS A 143 6.48 15.68 -11.58
N LEU A 144 6.55 17.00 -11.68
CA LEU A 144 5.79 17.90 -10.80
C LEU A 144 4.29 17.59 -10.88
N PRO A 145 3.59 17.63 -9.72
CA PRO A 145 2.15 17.36 -9.65
C PRO A 145 1.33 18.32 -10.50
N THR A 146 0.05 18.01 -10.64
CA THR A 146 -0.84 18.79 -11.46
C THR A 146 -1.13 20.16 -10.88
N PHE A 147 -0.60 21.19 -11.52
CA PHE A 147 -0.90 22.57 -11.17
C PHE A 147 -2.34 22.92 -11.55
N LYS A 148 -3.26 22.20 -10.94
CA LYS A 148 -4.68 22.44 -11.10
C LYS A 148 -5.14 23.37 -9.99
N ASP A 149 -4.96 22.86 -8.79
CA ASP A 149 -5.04 23.63 -7.56
C ASP A 149 -3.72 24.36 -7.41
N PHE A 150 -2.79 23.92 -8.27
CA PHE A 150 -1.46 24.44 -8.38
C PHE A 150 -0.58 24.01 -7.23
N PHE A 151 0.32 23.10 -7.59
CA PHE A 151 1.34 22.58 -6.68
C PHE A 151 0.71 21.65 -5.64
N MET A 1 4.65 -27.13 9.97
CA MET A 1 5.22 -25.81 10.30
C MET A 1 5.92 -25.23 9.07
N ALA A 2 5.49 -24.04 8.66
CA ALA A 2 6.06 -23.39 7.49
C ALA A 2 6.55 -21.99 7.85
N SER A 3 6.54 -21.69 9.14
CA SER A 3 6.93 -20.38 9.63
C SER A 3 8.46 -20.21 9.63
N LEU A 4 9.17 -21.34 9.61
CA LEU A 4 10.62 -21.31 9.62
C LEU A 4 11.17 -22.55 8.93
N LEU A 5 12.45 -22.52 8.61
CA LEU A 5 13.11 -23.63 7.93
C LEU A 5 14.01 -24.41 8.88
N ASP A 6 14.91 -25.22 8.32
CA ASP A 6 15.84 -26.01 9.12
C ASP A 6 17.04 -25.15 9.52
N LYS A 7 17.20 -24.05 8.81
CA LYS A 7 18.33 -23.15 9.03
C LYS A 7 17.86 -21.86 9.70
N ALA A 8 18.63 -20.78 9.51
CA ALA A 8 18.35 -19.49 10.15
C ALA A 8 18.54 -19.60 11.67
N LYS A 9 17.89 -18.72 12.42
CA LYS A 9 18.02 -18.72 13.87
C LYS A 9 16.77 -19.30 14.52
N ASP A 10 16.97 -19.91 15.68
CA ASP A 10 15.88 -20.52 16.43
C ASP A 10 14.98 -19.46 17.06
N PHE A 11 15.58 -18.33 17.43
CA PHE A 11 14.84 -17.25 18.06
C PHE A 11 14.31 -16.27 17.01
N VAL A 12 13.02 -15.99 17.10
CA VAL A 12 12.39 -15.01 16.23
C VAL A 12 11.92 -13.81 17.04
N ALA A 13 11.77 -12.67 16.39
CA ALA A 13 11.39 -11.43 17.07
C ALA A 13 9.90 -11.40 17.42
N ASP A 14 9.42 -12.47 18.04
CA ASP A 14 8.05 -12.61 18.58
C ASP A 14 6.94 -12.22 17.58
N LYS A 15 7.27 -12.10 16.31
CA LYS A 15 6.27 -11.75 15.30
C LYS A 15 6.31 -12.72 14.12
N LEU A 16 7.47 -13.30 13.88
CA LEU A 16 7.64 -14.23 12.77
C LEU A 16 7.01 -15.58 13.12
N THR A 17 5.76 -15.75 12.71
CA THR A 17 5.03 -16.98 12.97
C THR A 17 4.00 -17.26 11.87
N ALA A 18 3.63 -16.22 11.14
CA ALA A 18 2.61 -16.32 10.10
C ALA A 18 3.06 -17.20 8.93
N ILE A 19 3.52 -16.58 7.85
CA ILE A 19 3.86 -17.32 6.66
C ILE A 19 4.72 -16.50 5.66
N PRO A 20 4.22 -15.39 5.07
CA PRO A 20 4.93 -14.67 4.01
C PRO A 20 5.60 -13.38 4.45
N LYS A 21 5.82 -12.50 3.47
CA LYS A 21 6.36 -11.17 3.67
C LYS A 21 6.37 -10.38 2.34
N PRO A 22 7.00 -10.92 1.28
CA PRO A 22 7.04 -10.25 -0.03
C PRO A 22 5.78 -10.47 -0.85
N GLU A 23 4.64 -10.02 -0.32
CA GLU A 23 3.36 -10.17 -0.93
C GLU A 23 2.77 -8.77 -0.95
N GLY A 24 2.05 -8.41 -1.98
CA GLY A 24 1.84 -6.99 -2.19
C GLY A 24 0.41 -6.50 -2.15
N SER A 25 0.27 -5.24 -2.53
CA SER A 25 -1.00 -4.55 -2.71
C SER A 25 -0.70 -3.30 -3.54
N VAL A 26 0.21 -3.48 -4.47
CA VAL A 26 0.83 -2.39 -5.18
C VAL A 26 0.79 -2.63 -6.68
N THR A 27 0.70 -1.56 -7.43
CA THR A 27 0.95 -1.58 -8.87
C THR A 27 1.19 -0.16 -9.40
N ASP A 28 0.47 0.82 -8.83
CA ASP A 28 0.62 2.22 -9.23
C ASP A 28 -0.24 3.12 -8.36
N VAL A 29 0.04 4.40 -8.30
CA VAL A 29 -0.94 5.36 -7.81
C VAL A 29 -0.93 6.59 -8.72
N ASP A 30 -2.08 7.19 -8.90
CA ASP A 30 -2.28 8.17 -9.97
C ASP A 30 -2.72 9.53 -9.41
N LEU A 31 -2.28 10.58 -10.07
CA LEU A 31 -2.51 11.93 -9.60
C LEU A 31 -3.68 12.58 -10.33
N LYS A 32 -4.56 13.26 -9.59
CA LYS A 32 -5.66 13.99 -10.19
C LYS A 32 -5.99 15.30 -9.47
N ASP A 33 -6.96 15.25 -8.59
CA ASP A 33 -7.74 16.45 -8.24
C ASP A 33 -7.13 17.20 -7.09
N VAL A 34 -7.78 18.28 -6.68
CA VAL A 34 -7.34 19.07 -5.56
C VAL A 34 -8.43 20.03 -5.11
N ASN A 35 -9.16 20.56 -6.07
CA ASN A 35 -10.17 21.58 -5.83
C ASN A 35 -9.48 22.87 -5.38
N ARG A 36 -9.09 22.93 -4.12
CA ARG A 36 -8.26 24.02 -3.60
C ARG A 36 -7.81 23.70 -2.18
N ASP A 37 -7.97 22.45 -1.78
CA ASP A 37 -7.73 22.03 -0.41
C ASP A 37 -7.06 20.69 -0.37
N SER A 38 -7.52 19.78 -1.24
CA SER A 38 -7.03 18.42 -1.18
C SER A 38 -6.85 17.81 -2.57
N VAL A 39 -5.61 17.43 -2.86
CA VAL A 39 -5.29 16.77 -4.10
C VAL A 39 -5.74 15.30 -4.03
N GLU A 40 -6.07 14.70 -5.18
CA GLU A 40 -6.52 13.33 -5.14
C GLU A 40 -5.51 12.38 -5.73
N TYR A 41 -5.28 11.29 -5.01
CA TYR A 41 -4.28 10.29 -5.39
C TYR A 41 -4.90 8.92 -5.46
N LEU A 42 -5.10 8.41 -6.67
CA LEU A 42 -5.76 7.12 -6.82
C LEU A 42 -4.72 6.03 -6.69
N ALA A 43 -4.78 5.28 -5.61
CA ALA A 43 -3.81 4.22 -5.39
C ALA A 43 -4.31 2.92 -6.01
N LYS A 44 -3.65 2.52 -7.08
CA LYS A 44 -3.98 1.32 -7.80
C LYS A 44 -3.30 0.14 -7.13
N VAL A 45 -4.07 -0.86 -6.77
CA VAL A 45 -3.58 -1.94 -5.94
C VAL A 45 -3.49 -3.25 -6.69
N SER A 46 -2.43 -3.97 -6.43
CA SER A 46 -2.38 -5.36 -6.77
C SER A 46 -1.85 -6.14 -5.57
N VAL A 47 -2.79 -6.70 -4.83
CA VAL A 47 -2.47 -7.43 -3.63
C VAL A 47 -2.12 -8.88 -3.95
N THR A 48 -0.98 -9.31 -3.44
CA THR A 48 -0.51 -10.66 -3.69
C THR A 48 -0.76 -11.54 -2.49
N ASN A 49 -1.52 -12.61 -2.71
CA ASN A 49 -1.88 -13.58 -1.68
C ASN A 49 -0.82 -14.66 -1.60
N PRO A 50 -0.29 -14.89 -0.39
CA PRO A 50 0.88 -15.76 -0.15
C PRO A 50 0.59 -17.27 -0.03
N TYR A 51 -0.68 -17.66 0.04
CA TYR A 51 -0.98 -19.05 0.35
C TYR A 51 -1.25 -19.85 -0.93
N SER A 52 -2.51 -20.18 -1.22
CA SER A 52 -2.87 -20.84 -2.47
C SER A 52 -4.39 -21.01 -2.56
N HIS A 53 -5.10 -20.11 -1.89
CA HIS A 53 -6.55 -20.15 -1.84
C HIS A 53 -7.08 -18.73 -1.67
N SER A 54 -8.15 -18.43 -2.38
CA SER A 54 -8.85 -17.17 -2.25
C SER A 54 -9.20 -16.87 -0.81
N ILE A 55 -8.44 -16.02 -0.16
CA ILE A 55 -8.70 -15.72 1.25
C ILE A 55 -9.91 -14.82 1.30
N PRO A 56 -10.46 -14.53 2.47
CA PRO A 56 -11.66 -13.73 2.54
C PRO A 56 -11.42 -12.22 2.65
N ILE A 57 -10.70 -11.78 3.68
CA ILE A 57 -10.67 -10.33 3.97
C ILE A 57 -9.24 -9.82 4.16
N CYS A 58 -9.09 -8.50 4.06
CA CYS A 58 -7.82 -7.85 4.27
C CYS A 58 -7.98 -6.46 4.87
N GLU A 59 -6.86 -5.93 5.29
CA GLU A 59 -6.76 -4.61 5.85
C GLU A 59 -5.78 -3.77 5.06
N ILE A 60 -6.29 -2.71 4.50
CA ILE A 60 -5.48 -1.75 3.78
C ILE A 60 -5.09 -0.61 4.69
N SER A 61 -3.82 -0.54 5.01
CA SER A 61 -3.31 0.59 5.76
C SER A 61 -2.22 1.29 4.97
N PHE A 62 -2.56 2.42 4.36
CA PHE A 62 -1.67 3.08 3.43
C PHE A 62 -1.17 4.38 4.03
N THR A 63 0.13 4.52 4.05
CA THR A 63 0.74 5.75 4.48
C THR A 63 1.64 6.28 3.37
N PHE A 64 1.25 7.39 2.80
CA PHE A 64 1.97 7.95 1.68
C PHE A 64 2.92 9.03 2.14
N HIS A 65 4.10 9.06 1.54
CA HIS A 65 5.11 10.07 1.79
C HIS A 65 5.62 10.56 0.45
N SER A 66 5.96 11.83 0.32
CA SER A 66 6.58 12.28 -0.90
C SER A 66 8.04 12.65 -0.70
N ALA A 67 8.33 13.94 -0.52
CA ALA A 67 9.70 14.40 -0.43
C ALA A 67 10.40 13.70 0.72
N GLY A 68 9.88 13.90 1.92
CA GLY A 68 10.27 13.08 3.04
C GLY A 68 9.27 13.28 4.15
N ARG A 69 8.10 13.77 3.75
CA ARG A 69 7.02 14.07 4.67
C ARG A 69 5.86 13.14 4.33
N GLU A 70 4.74 13.28 5.03
CA GLU A 70 3.69 12.29 4.94
C GLU A 70 2.55 12.82 4.11
N ILE A 71 2.58 12.41 2.86
CA ILE A 71 1.60 12.77 1.87
C ILE A 71 0.18 12.46 2.33
N GLY A 72 0.01 11.29 2.91
CA GLY A 72 -1.32 10.87 3.31
C GLY A 72 -1.28 9.61 4.12
N LYS A 73 -2.40 9.24 4.72
CA LYS A 73 -2.49 7.97 5.41
C LYS A 73 -3.93 7.63 5.72
N GLY A 74 -4.20 6.35 5.88
CA GLY A 74 -5.51 5.88 6.26
C GLY A 74 -5.56 4.37 6.21
N LYS A 75 -6.73 3.80 6.45
CA LYS A 75 -6.87 2.35 6.41
C LYS A 75 -8.28 1.92 6.03
N ILE A 76 -8.36 0.92 5.14
CA ILE A 76 -9.61 0.45 4.62
C ILE A 76 -9.67 -1.08 4.72
N PRO A 77 -10.51 -1.62 5.62
CA PRO A 77 -10.76 -3.06 5.69
C PRO A 77 -11.59 -3.50 4.50
N ASP A 78 -11.01 -4.31 3.64
CA ASP A 78 -11.65 -4.65 2.37
C ASP A 78 -11.61 -6.16 2.16
N PRO A 79 -12.64 -6.73 1.53
CA PRO A 79 -12.64 -8.14 1.15
C PRO A 79 -11.42 -8.51 0.30
N GLY A 80 -10.36 -8.93 0.99
CA GLY A 80 -9.14 -9.37 0.33
C GLY A 80 -9.27 -10.76 -0.26
N SER A 81 -10.48 -11.11 -0.63
CA SER A 81 -10.77 -12.39 -1.22
C SER A 81 -10.26 -12.43 -2.66
N LEU A 82 -9.34 -13.36 -2.97
CA LEU A 82 -8.58 -13.21 -4.24
C LEU A 82 -7.99 -14.53 -4.75
N LYS A 83 -7.42 -14.47 -5.95
CA LYS A 83 -7.01 -15.64 -6.75
C LYS A 83 -6.53 -16.84 -5.92
N ALA A 84 -5.22 -16.92 -5.71
CA ALA A 84 -4.59 -18.06 -5.06
C ALA A 84 -3.10 -17.96 -5.26
N LYS A 85 -2.37 -17.64 -4.19
CA LYS A 85 -0.92 -17.41 -4.23
C LYS A 85 -0.54 -16.59 -5.46
N ASP A 86 -1.27 -15.51 -5.65
CA ASP A 86 -1.21 -14.75 -6.89
C ASP A 86 -1.48 -13.29 -6.60
N MET A 87 -1.58 -12.49 -7.65
CA MET A 87 -1.68 -11.05 -7.52
C MET A 87 -3.01 -10.56 -8.08
N THR A 88 -3.77 -9.91 -7.23
CA THR A 88 -5.10 -9.44 -7.55
C THR A 88 -5.17 -7.91 -7.52
N ALA A 89 -5.96 -7.32 -8.40
CA ALA A 89 -6.08 -5.88 -8.47
C ALA A 89 -7.13 -5.39 -7.49
N LEU A 90 -6.85 -4.27 -6.87
CA LEU A 90 -7.73 -3.70 -5.86
C LEU A 90 -7.77 -2.19 -6.06
N ASP A 91 -8.62 -1.49 -5.33
CA ASP A 91 -8.78 -0.06 -5.53
C ASP A 91 -8.74 0.71 -4.23
N ILE A 92 -7.84 1.66 -4.16
CA ILE A 92 -7.79 2.59 -3.05
C ILE A 92 -8.16 3.98 -3.56
N PRO A 93 -8.98 4.73 -2.78
CA PRO A 93 -9.40 6.09 -3.11
C PRO A 93 -8.26 7.06 -3.45
N VAL A 94 -8.54 8.34 -3.32
CA VAL A 94 -7.68 9.37 -3.86
C VAL A 94 -7.27 10.35 -2.76
N VAL A 95 -6.13 10.11 -2.14
CA VAL A 95 -5.78 10.84 -0.94
C VAL A 95 -4.40 11.49 -0.98
N VAL A 96 -4.37 12.79 -1.19
CA VAL A 96 -3.20 13.57 -0.87
C VAL A 96 -3.57 15.02 -0.54
N PRO A 97 -3.66 15.37 0.76
CA PRO A 97 -3.96 16.74 1.16
C PRO A 97 -3.02 17.73 0.50
N TYR A 98 -3.60 18.78 -0.07
CA TYR A 98 -2.85 19.72 -0.89
C TYR A 98 -1.70 20.35 -0.10
N SER A 99 -1.87 20.50 1.20
CA SER A 99 -0.84 21.10 2.03
C SER A 99 0.48 20.30 1.97
N ILE A 100 0.40 18.99 1.76
CA ILE A 100 1.61 18.19 1.75
C ILE A 100 2.36 18.38 0.43
N LEU A 101 1.65 18.14 -0.69
CA LEU A 101 2.16 18.46 -2.02
C LEU A 101 2.65 19.90 -2.08
N PHE A 102 2.07 20.71 -1.23
CA PHE A 102 2.40 22.12 -1.17
C PHE A 102 3.86 22.26 -0.72
N ASN A 103 4.25 21.47 0.27
CA ASN A 103 5.61 21.51 0.81
C ASN A 103 6.62 20.84 -0.13
N LEU A 104 6.40 19.56 -0.45
CA LEU A 104 7.30 18.83 -1.35
C LEU A 104 7.45 19.48 -2.73
N ALA A 105 6.34 19.82 -3.38
CA ALA A 105 6.38 20.43 -4.71
C ALA A 105 7.04 21.79 -4.62
N ARG A 106 6.98 22.34 -3.44
CA ARG A 106 7.69 23.59 -3.18
C ARG A 106 9.21 23.35 -3.21
N ASP A 107 9.68 22.31 -2.53
CA ASP A 107 11.12 22.06 -2.44
C ASP A 107 11.64 21.30 -3.67
N VAL A 108 11.05 20.15 -3.94
CA VAL A 108 11.52 19.33 -5.03
C VAL A 108 10.93 19.81 -6.34
N GLY A 109 9.73 20.39 -6.27
CA GLY A 109 9.15 21.03 -7.43
C GLY A 109 9.76 22.38 -7.70
N VAL A 110 10.44 22.90 -6.68
CA VAL A 110 11.36 24.02 -6.90
C VAL A 110 12.23 23.65 -8.08
N ASP A 111 12.71 22.41 -8.08
CA ASP A 111 13.25 21.81 -9.31
C ASP A 111 12.09 21.40 -10.25
N TRP A 112 11.48 20.23 -10.02
CA TRP A 112 10.29 19.79 -10.77
C TRP A 112 9.80 18.39 -10.35
N ASP A 113 10.65 17.39 -10.50
CA ASP A 113 10.22 16.00 -10.28
C ASP A 113 10.53 15.55 -8.86
N ILE A 114 9.51 15.01 -8.20
CA ILE A 114 9.59 14.67 -6.79
C ILE A 114 9.53 13.17 -6.61
N ASP A 115 9.96 12.70 -5.45
CA ASP A 115 9.89 11.29 -5.12
C ASP A 115 8.71 11.06 -4.18
N TYR A 116 8.16 9.87 -4.20
CA TYR A 116 7.02 9.53 -3.35
C TYR A 116 7.21 8.12 -2.81
N GLU A 117 6.44 7.75 -1.80
CA GLU A 117 6.49 6.42 -1.23
C GLU A 117 5.15 6.07 -0.60
N LEU A 118 4.70 4.87 -0.87
CA LEU A 118 3.52 4.33 -0.24
C LEU A 118 3.92 3.27 0.78
N GLN A 119 3.41 3.40 1.98
CA GLN A 119 3.67 2.44 3.03
C GLN A 119 2.38 1.72 3.38
N ILE A 120 2.21 0.53 2.87
CA ILE A 120 0.95 -0.17 3.02
C ILE A 120 1.12 -1.41 3.90
N GLY A 121 0.36 -1.46 4.99
CA GLY A 121 0.35 -2.63 5.85
C GLY A 121 -0.70 -3.61 5.40
N LEU A 122 -0.27 -4.82 5.06
CA LEU A 122 -1.16 -5.83 4.51
C LEU A 122 -1.60 -6.81 5.59
N THR A 123 -2.76 -6.55 6.15
CA THR A 123 -3.36 -7.47 7.08
C THR A 123 -4.34 -8.36 6.36
N ILE A 124 -3.92 -9.53 5.98
CA ILE A 124 -4.79 -10.42 5.23
C ILE A 124 -5.19 -11.63 6.04
N ASP A 125 -6.45 -12.00 5.94
CA ASP A 125 -7.01 -13.10 6.70
C ASP A 125 -6.67 -14.39 5.98
N LEU A 126 -5.72 -15.13 6.54
CA LEU A 126 -5.16 -16.33 5.92
C LEU A 126 -5.47 -17.55 6.76
N PRO A 127 -5.59 -18.73 6.16
CA PRO A 127 -5.86 -19.97 6.90
C PRO A 127 -4.70 -20.41 7.80
N VAL A 128 -3.52 -19.81 7.60
CA VAL A 128 -2.32 -20.24 8.31
C VAL A 128 -2.32 -19.71 9.75
N VAL A 129 -2.43 -18.40 9.88
CA VAL A 129 -2.40 -17.73 11.17
C VAL A 129 -3.70 -16.99 11.42
N GLY A 130 -4.61 -17.20 10.52
CA GLY A 130 -5.90 -16.53 10.56
C GLY A 130 -5.83 -15.14 9.98
N GLU A 131 -4.69 -14.51 10.15
CA GLU A 131 -4.45 -13.16 9.69
C GLU A 131 -3.02 -12.77 10.01
N PHE A 132 -2.47 -11.85 9.25
CA PHE A 132 -1.18 -11.29 9.60
C PHE A 132 -1.01 -9.93 8.94
N THR A 133 -0.33 -9.03 9.64
CA THR A 133 -0.02 -7.73 9.10
C THR A 133 1.44 -7.66 8.64
N ILE A 134 1.65 -7.81 7.34
CA ILE A 134 2.96 -7.61 6.77
C ILE A 134 2.95 -6.32 5.94
N PRO A 135 3.85 -5.39 6.24
CA PRO A 135 3.90 -4.14 5.52
C PRO A 135 4.81 -4.22 4.30
N ILE A 136 4.65 -3.27 3.40
CA ILE A 136 5.40 -3.20 2.18
C ILE A 136 5.35 -1.76 1.67
N SER A 137 6.27 -1.42 0.80
CA SER A 137 6.44 -0.04 0.38
C SER A 137 6.40 0.07 -1.12
N SER A 138 5.84 1.15 -1.62
CA SER A 138 5.78 1.35 -3.05
C SER A 138 6.13 2.80 -3.34
N LYS A 139 7.36 3.03 -3.75
CA LYS A 139 7.89 4.38 -3.86
C LYS A 139 8.39 4.65 -5.27
N GLY A 140 8.19 5.87 -5.75
CA GLY A 140 8.60 6.21 -7.09
C GLY A 140 8.67 7.70 -7.30
N GLU A 141 9.51 8.11 -8.24
CA GLU A 141 9.67 9.52 -8.58
C GLU A 141 9.01 9.79 -9.93
N ILE A 142 8.21 10.85 -10.02
CA ILE A 142 7.54 11.22 -11.25
C ILE A 142 7.44 12.74 -11.32
N LYS A 143 6.96 13.26 -12.44
CA LYS A 143 6.88 14.70 -12.66
C LYS A 143 5.97 15.41 -11.64
N LEU A 144 6.01 16.74 -11.69
CA LEU A 144 5.30 17.61 -10.76
C LEU A 144 3.78 17.53 -10.97
N PRO A 145 2.97 17.71 -9.92
CA PRO A 145 1.51 17.76 -10.05
C PRO A 145 1.04 18.93 -10.93
N THR A 146 -0.24 18.94 -11.29
CA THR A 146 -0.78 19.97 -12.15
C THR A 146 -0.81 21.32 -11.42
N PHE A 147 0.13 22.19 -11.79
CA PHE A 147 0.29 23.46 -11.10
C PHE A 147 -0.11 24.63 -11.99
N LYS A 148 -0.45 25.74 -11.37
CA LYS A 148 -0.84 26.95 -12.09
C LYS A 148 -1.14 28.06 -11.08
N ASP A 149 -0.08 28.62 -10.49
CA ASP A 149 -0.21 29.76 -9.57
C ASP A 149 -0.93 29.34 -8.29
N PHE A 150 -1.14 28.04 -8.14
CA PHE A 150 -1.80 27.51 -6.96
C PHE A 150 -0.78 27.36 -5.84
N PHE A 151 0.41 26.91 -6.21
CA PHE A 151 1.52 26.85 -5.27
C PHE A 151 2.66 27.70 -5.80
N MET A 1 0.99 -17.58 19.98
CA MET A 1 1.66 -17.87 18.68
C MET A 1 0.71 -17.57 17.52
N ALA A 2 -0.58 -17.45 17.82
CA ALA A 2 -1.59 -17.19 16.80
C ALA A 2 -1.55 -18.26 15.73
N SER A 3 -1.83 -17.86 14.49
CA SER A 3 -1.80 -18.77 13.35
C SER A 3 -2.92 -19.78 13.40
N LEU A 4 -2.78 -20.80 14.23
CA LEU A 4 -3.74 -21.88 14.29
C LEU A 4 -5.05 -21.42 14.92
N LEU A 5 -6.13 -21.48 14.14
CA LEU A 5 -7.45 -21.16 14.66
C LEU A 5 -7.96 -22.35 15.47
N ASP A 6 -8.00 -22.17 16.80
CA ASP A 6 -8.43 -23.23 17.73
C ASP A 6 -7.36 -24.32 17.81
N LYS A 7 -7.39 -25.10 18.90
CA LYS A 7 -6.45 -26.20 19.10
C LYS A 7 -5.03 -25.71 19.36
N ALA A 8 -4.87 -24.40 19.45
CA ALA A 8 -3.55 -23.80 19.59
C ALA A 8 -3.24 -23.41 21.02
N LYS A 9 -2.58 -24.30 21.75
CA LYS A 9 -2.03 -23.95 23.04
C LYS A 9 -0.86 -23.01 22.84
N ASP A 10 0.10 -23.47 22.06
CA ASP A 10 1.26 -22.69 21.68
C ASP A 10 2.11 -23.50 20.71
N PHE A 11 1.43 -24.25 19.85
CA PHE A 11 2.10 -25.16 18.94
C PHE A 11 2.31 -24.50 17.58
N VAL A 12 3.49 -24.71 17.01
CA VAL A 12 3.82 -24.19 15.70
C VAL A 12 3.42 -25.18 14.61
N ALA A 13 2.90 -26.34 15.03
CA ALA A 13 2.40 -27.38 14.13
C ALA A 13 3.52 -27.97 13.26
N ASP A 14 4.76 -27.62 13.60
CA ASP A 14 5.94 -28.09 12.86
C ASP A 14 5.90 -27.59 11.42
N LYS A 15 5.14 -26.54 11.18
CA LYS A 15 5.02 -25.94 9.86
C LYS A 15 5.57 -24.52 9.92
N LEU A 16 5.63 -23.87 8.76
CA LEU A 16 5.92 -22.44 8.73
C LEU A 16 4.76 -21.71 9.39
N THR A 17 4.96 -21.30 10.62
CA THR A 17 3.87 -20.83 11.47
C THR A 17 3.41 -19.41 11.13
N ALA A 18 2.91 -19.26 9.90
CA ALA A 18 2.19 -18.06 9.46
C ALA A 18 2.12 -18.00 7.94
N ILE A 19 3.12 -17.41 7.32
CA ILE A 19 3.11 -17.18 5.89
C ILE A 19 4.50 -17.40 5.29
N PRO A 20 4.58 -18.01 4.11
CA PRO A 20 5.84 -18.37 3.46
C PRO A 20 6.55 -17.18 2.82
N LYS A 21 6.00 -16.70 1.72
CA LYS A 21 6.57 -15.57 0.99
C LYS A 21 5.73 -14.33 1.21
N PRO A 22 6.28 -13.14 0.95
CA PRO A 22 5.54 -11.87 1.06
C PRO A 22 4.34 -11.83 0.12
N GLU A 23 3.37 -10.99 0.45
CA GLU A 23 2.15 -10.86 -0.26
C GLU A 23 2.09 -9.41 -0.63
N GLY A 24 1.42 -9.07 -1.70
CA GLY A 24 1.43 -7.67 -2.08
C GLY A 24 0.08 -7.00 -2.03
N SER A 25 0.09 -5.72 -2.38
CA SER A 25 -1.11 -4.92 -2.55
C SER A 25 -0.72 -3.61 -3.19
N VAL A 26 0.27 -3.71 -4.05
CA VAL A 26 0.86 -2.54 -4.66
C VAL A 26 0.98 -2.78 -6.16
N THR A 27 1.01 -1.72 -6.95
CA THR A 27 1.45 -1.80 -8.33
C THR A 27 1.67 -0.42 -8.96
N ASP A 28 0.78 0.54 -8.72
CA ASP A 28 0.95 1.90 -9.27
C ASP A 28 0.14 2.91 -8.47
N VAL A 29 0.56 4.15 -8.54
CA VAL A 29 -0.18 5.24 -7.93
C VAL A 29 -0.25 6.42 -8.91
N ASP A 30 -1.46 6.89 -9.17
CA ASP A 30 -1.68 7.88 -10.21
C ASP A 30 -2.11 9.23 -9.62
N LEU A 31 -1.45 10.28 -10.06
CA LEU A 31 -1.68 11.62 -9.53
C LEU A 31 -2.81 12.33 -10.28
N LYS A 32 -3.83 12.74 -9.54
CA LYS A 32 -4.83 13.67 -10.06
C LYS A 32 -4.98 14.83 -9.10
N ASP A 33 -6.21 15.12 -8.65
CA ASP A 33 -6.44 16.34 -7.88
C ASP A 33 -7.89 16.56 -7.54
N VAL A 34 -8.10 17.56 -6.68
CA VAL A 34 -9.42 18.05 -6.36
C VAL A 34 -9.33 19.48 -5.87
N ASN A 35 -9.97 20.37 -6.61
CA ASN A 35 -10.19 21.75 -6.20
C ASN A 35 -8.86 22.40 -5.84
N ARG A 36 -8.60 22.52 -4.56
CA ARG A 36 -7.30 22.88 -4.05
C ARG A 36 -7.37 22.87 -2.55
N ASP A 37 -8.16 21.94 -2.10
CA ASP A 37 -8.38 21.74 -0.68
C ASP A 37 -7.83 20.39 -0.29
N SER A 38 -8.09 19.43 -1.15
CA SER A 38 -7.55 18.10 -0.98
C SER A 38 -7.39 17.40 -2.32
N VAL A 39 -6.17 17.26 -2.77
CA VAL A 39 -5.89 16.64 -4.04
C VAL A 39 -6.05 15.12 -3.91
N GLU A 40 -6.16 14.42 -5.00
CA GLU A 40 -6.52 13.02 -4.90
C GLU A 40 -5.51 12.13 -5.60
N TYR A 41 -5.26 10.99 -4.98
CA TYR A 41 -4.25 10.04 -5.49
C TYR A 41 -4.87 8.68 -5.74
N LEU A 42 -5.08 8.34 -7.00
CA LEU A 42 -5.66 7.06 -7.33
C LEU A 42 -4.58 5.99 -7.21
N ALA A 43 -4.70 5.15 -6.21
CA ALA A 43 -3.72 4.11 -5.99
C ALA A 43 -4.23 2.79 -6.51
N LYS A 44 -3.78 2.45 -7.70
CA LYS A 44 -4.13 1.17 -8.29
C LYS A 44 -3.15 0.15 -7.73
N VAL A 45 -3.68 -0.67 -6.85
CA VAL A 45 -2.90 -1.58 -6.06
C VAL A 45 -3.18 -3.01 -6.49
N SER A 46 -2.32 -3.92 -6.09
CA SER A 46 -2.47 -5.31 -6.48
C SER A 46 -2.07 -6.26 -5.35
N VAL A 47 -3.07 -6.84 -4.73
CA VAL A 47 -2.88 -7.70 -3.57
C VAL A 47 -2.52 -9.12 -4.00
N THR A 48 -1.40 -9.62 -3.49
CA THR A 48 -0.99 -10.97 -3.79
C THR A 48 -1.32 -11.90 -2.63
N ASN A 49 -2.11 -12.92 -2.94
CA ASN A 49 -2.44 -14.01 -2.00
C ASN A 49 -1.38 -15.10 -2.13
N PRO A 50 -0.87 -15.63 -1.00
CA PRO A 50 0.16 -16.65 -1.01
C PRO A 50 -0.29 -18.07 -0.60
N TYR A 51 -1.60 -18.32 -0.47
CA TYR A 51 -2.05 -19.58 0.15
C TYR A 51 -2.87 -20.46 -0.80
N SER A 52 -3.34 -19.87 -1.89
CA SER A 52 -4.02 -20.59 -2.98
C SER A 52 -5.52 -20.68 -2.70
N HIS A 53 -6.00 -19.84 -1.79
CA HIS A 53 -7.40 -19.81 -1.44
C HIS A 53 -7.82 -18.37 -1.18
N SER A 54 -8.87 -17.93 -1.87
CA SER A 54 -9.41 -16.58 -1.76
C SER A 54 -9.41 -16.05 -0.33
N ILE A 55 -8.46 -15.20 0.03
CA ILE A 55 -8.37 -14.74 1.42
C ILE A 55 -9.42 -13.69 1.65
N PRO A 56 -10.33 -13.96 2.58
CA PRO A 56 -11.63 -13.31 2.60
C PRO A 56 -11.55 -11.80 2.74
N ILE A 57 -10.86 -11.32 3.77
CA ILE A 57 -10.83 -9.89 4.03
C ILE A 57 -9.42 -9.42 4.30
N CYS A 58 -9.18 -8.13 4.14
CA CYS A 58 -7.88 -7.57 4.36
C CYS A 58 -7.95 -6.17 4.92
N GLU A 59 -6.79 -5.70 5.28
CA GLU A 59 -6.60 -4.35 5.75
C GLU A 59 -5.50 -3.71 4.94
N ILE A 60 -5.87 -2.70 4.18
CA ILE A 60 -4.89 -1.86 3.55
C ILE A 60 -4.67 -0.61 4.37
N SER A 61 -3.50 -0.58 4.98
CA SER A 61 -3.09 0.53 5.82
C SER A 61 -1.95 1.24 5.14
N PHE A 62 -2.25 2.35 4.51
CA PHE A 62 -1.31 2.95 3.59
C PHE A 62 -0.85 4.29 4.12
N THR A 63 0.44 4.50 4.00
CA THR A 63 1.05 5.76 4.37
C THR A 63 1.97 6.22 3.25
N PHE A 64 1.56 7.25 2.56
CA PHE A 64 2.32 7.78 1.46
C PHE A 64 3.15 8.96 1.92
N HIS A 65 4.35 9.05 1.42
CA HIS A 65 5.23 10.18 1.70
C HIS A 65 5.73 10.70 0.38
N SER A 66 5.93 11.99 0.25
CA SER A 66 6.53 12.50 -0.96
C SER A 66 8.00 12.80 -0.73
N ALA A 67 8.35 14.07 -0.57
CA ALA A 67 9.73 14.46 -0.45
C ALA A 67 10.31 13.82 0.79
N GLY A 68 9.69 14.09 1.94
CA GLY A 68 9.95 13.31 3.12
C GLY A 68 8.81 13.54 4.09
N ARG A 69 7.71 14.11 3.57
CA ARG A 69 6.55 14.40 4.39
C ARG A 69 5.43 13.46 3.98
N GLU A 70 4.34 13.46 4.72
CA GLU A 70 3.38 12.40 4.64
C GLU A 70 2.28 12.78 3.69
N ILE A 71 2.44 12.34 2.45
CA ILE A 71 1.46 12.55 1.41
C ILE A 71 0.05 12.18 1.89
N GLY A 72 -0.05 11.08 2.61
CA GLY A 72 -1.34 10.65 3.09
C GLY A 72 -1.23 9.34 3.85
N LYS A 73 -2.25 9.00 4.61
CA LYS A 73 -2.29 7.72 5.29
C LYS A 73 -3.67 7.41 5.83
N GLY A 74 -3.94 6.13 5.99
CA GLY A 74 -5.22 5.70 6.53
C GLY A 74 -5.32 4.20 6.55
N LYS A 75 -6.33 3.68 7.24
CA LYS A 75 -6.57 2.25 7.30
C LYS A 75 -7.98 1.95 6.84
N ILE A 76 -8.10 0.97 5.96
CA ILE A 76 -9.40 0.57 5.45
C ILE A 76 -9.47 -0.96 5.38
N PRO A 77 -10.49 -1.57 6.00
CA PRO A 77 -10.73 -3.01 5.88
C PRO A 77 -11.56 -3.35 4.64
N ASP A 78 -10.95 -4.08 3.71
CA ASP A 78 -11.61 -4.38 2.44
C ASP A 78 -11.65 -5.89 2.22
N PRO A 79 -12.75 -6.41 1.66
CA PRO A 79 -12.86 -7.83 1.30
C PRO A 79 -11.79 -8.25 0.29
N GLY A 80 -10.64 -8.64 0.81
CA GLY A 80 -9.51 -9.01 -0.02
C GLY A 80 -9.62 -10.40 -0.60
N SER A 81 -10.83 -10.93 -0.65
CA SER A 81 -11.06 -12.29 -1.11
C SER A 81 -10.84 -12.36 -2.61
N LEU A 82 -9.88 -13.20 -3.03
CA LEU A 82 -9.37 -13.09 -4.41
C LEU A 82 -9.07 -14.45 -5.03
N LYS A 83 -8.34 -14.40 -6.15
CA LYS A 83 -8.02 -15.57 -6.97
C LYS A 83 -7.62 -16.79 -6.14
N ALA A 84 -6.31 -16.94 -5.89
CA ALA A 84 -5.75 -18.11 -5.25
C ALA A 84 -4.25 -18.11 -5.46
N LYS A 85 -3.52 -17.78 -4.39
CA LYS A 85 -2.06 -17.64 -4.43
C LYS A 85 -1.62 -16.86 -5.68
N ASP A 86 -2.23 -15.72 -5.88
CA ASP A 86 -2.02 -14.93 -7.08
C ASP A 86 -2.25 -13.46 -6.76
N MET A 87 -2.30 -12.63 -7.77
CA MET A 87 -2.32 -11.20 -7.57
C MET A 87 -3.62 -10.61 -8.11
N THR A 88 -4.37 -9.96 -7.23
CA THR A 88 -5.64 -9.36 -7.58
C THR A 88 -5.48 -7.85 -7.70
N ALA A 89 -6.17 -7.25 -8.63
CA ALA A 89 -6.09 -5.81 -8.81
C ALA A 89 -7.00 -5.10 -7.82
N LEU A 90 -6.38 -4.50 -6.82
CA LEU A 90 -7.08 -3.78 -5.78
C LEU A 90 -7.02 -2.28 -6.07
N ASP A 91 -7.66 -1.49 -5.22
CA ASP A 91 -7.69 -0.05 -5.40
C ASP A 91 -7.69 0.68 -4.06
N ILE A 92 -6.78 1.62 -3.89
CA ILE A 92 -6.89 2.60 -2.82
C ILE A 92 -7.37 3.90 -3.45
N PRO A 93 -8.58 4.36 -3.04
CA PRO A 93 -9.29 5.50 -3.63
C PRO A 93 -8.40 6.63 -4.16
N VAL A 94 -8.26 7.70 -3.41
CA VAL A 94 -7.57 8.89 -3.90
C VAL A 94 -7.17 9.82 -2.74
N VAL A 95 -5.96 9.70 -2.22
CA VAL A 95 -5.64 10.42 -0.99
C VAL A 95 -4.34 11.25 -1.06
N VAL A 96 -4.47 12.56 -1.17
CA VAL A 96 -3.36 13.45 -0.84
C VAL A 96 -3.85 14.84 -0.42
N PRO A 97 -3.90 15.12 0.89
CA PRO A 97 -4.26 16.45 1.38
C PRO A 97 -3.38 17.52 0.76
N TYR A 98 -4.02 18.58 0.26
CA TYR A 98 -3.33 19.62 -0.49
C TYR A 98 -2.13 20.20 0.27
N SER A 99 -2.24 20.27 1.58
CA SER A 99 -1.18 20.80 2.42
C SER A 99 0.15 20.07 2.19
N ILE A 100 0.07 18.79 1.87
CA ILE A 100 1.28 17.99 1.71
C ILE A 100 1.95 18.30 0.38
N LEU A 101 1.18 18.15 -0.71
CA LEU A 101 1.62 18.52 -2.05
C LEU A 101 2.14 19.95 -2.06
N PHE A 102 1.60 20.75 -1.16
CA PHE A 102 1.97 22.14 -1.06
C PHE A 102 3.44 22.23 -0.70
N ASN A 103 3.84 21.42 0.26
CA ASN A 103 5.22 21.42 0.73
C ASN A 103 6.17 20.83 -0.29
N LEU A 104 5.91 19.59 -0.70
CA LEU A 104 6.78 18.89 -1.65
C LEU A 104 6.86 19.57 -3.02
N ALA A 105 5.71 19.85 -3.64
CA ALA A 105 5.67 20.45 -4.98
C ALA A 105 6.30 21.81 -4.96
N ARG A 106 6.26 22.41 -3.80
CA ARG A 106 6.94 23.68 -3.60
C ARG A 106 8.43 23.46 -3.50
N ASP A 107 8.85 22.60 -2.58
CA ASP A 107 10.26 22.42 -2.30
C ASP A 107 10.96 21.65 -3.43
N VAL A 108 10.43 20.51 -3.76
CA VAL A 108 11.05 19.71 -4.79
C VAL A 108 10.54 20.13 -6.16
N GLY A 109 9.42 20.86 -6.19
CA GLY A 109 8.99 21.51 -7.41
C GLY A 109 9.90 22.65 -7.85
N VAL A 110 10.60 23.25 -6.89
CA VAL A 110 11.65 24.20 -7.27
C VAL A 110 12.70 23.42 -8.06
N ASP A 111 12.99 22.20 -7.59
CA ASP A 111 13.74 21.23 -8.40
C ASP A 111 12.99 20.92 -9.71
N TRP A 112 11.75 20.42 -9.54
CA TRP A 112 10.82 19.95 -10.60
C TRP A 112 10.28 18.53 -10.30
N ASP A 113 11.17 17.55 -10.28
CA ASP A 113 10.80 16.14 -10.10
C ASP A 113 10.89 15.76 -8.63
N ILE A 114 9.85 15.16 -8.09
CA ILE A 114 9.80 14.85 -6.65
C ILE A 114 9.76 13.35 -6.45
N ASP A 115 10.31 12.93 -5.32
CA ASP A 115 10.29 11.52 -4.95
C ASP A 115 9.08 11.26 -4.07
N TYR A 116 8.57 10.03 -4.09
CA TYR A 116 7.41 9.66 -3.29
C TYR A 116 7.61 8.25 -2.76
N GLU A 117 6.81 7.86 -1.77
CA GLU A 117 6.91 6.55 -1.16
C GLU A 117 5.57 6.11 -0.63
N LEU A 118 5.27 4.83 -0.79
CA LEU A 118 4.07 4.24 -0.22
C LEU A 118 4.47 3.23 0.83
N GLN A 119 3.87 3.34 1.99
CA GLN A 119 4.07 2.38 3.07
C GLN A 119 2.74 1.76 3.44
N ILE A 120 2.50 0.58 2.95
CA ILE A 120 1.22 -0.04 3.16
C ILE A 120 1.37 -1.35 3.97
N GLY A 121 0.67 -1.40 5.10
CA GLY A 121 0.65 -2.58 5.92
C GLY A 121 -0.41 -3.56 5.49
N LEU A 122 0.00 -4.79 5.20
CA LEU A 122 -0.91 -5.79 4.69
C LEU A 122 -1.41 -6.68 5.79
N THR A 123 -2.65 -6.48 6.16
CA THR A 123 -3.32 -7.38 7.07
C THR A 123 -4.36 -8.18 6.31
N ILE A 124 -3.99 -9.36 5.89
CA ILE A 124 -4.91 -10.19 5.12
C ILE A 124 -5.32 -11.40 5.92
N ASP A 125 -6.59 -11.77 5.83
CA ASP A 125 -7.08 -12.92 6.57
C ASP A 125 -6.82 -14.15 5.74
N LEU A 126 -5.83 -14.93 6.16
CA LEU A 126 -5.48 -16.17 5.49
C LEU A 126 -5.49 -17.32 6.48
N PRO A 127 -6.09 -18.45 6.09
CA PRO A 127 -6.38 -19.57 7.00
C PRO A 127 -5.19 -20.08 7.84
N VAL A 128 -3.97 -19.77 7.41
CA VAL A 128 -2.79 -20.26 8.12
C VAL A 128 -2.58 -19.52 9.43
N VAL A 129 -2.58 -18.19 9.37
CA VAL A 129 -2.42 -17.35 10.57
C VAL A 129 -3.76 -16.80 10.98
N GLY A 130 -4.74 -17.13 10.17
CA GLY A 130 -6.06 -16.52 10.25
C GLY A 130 -6.05 -15.12 9.66
N GLU A 131 -4.95 -14.43 9.90
CA GLU A 131 -4.70 -13.09 9.43
C GLU A 131 -3.28 -12.70 9.86
N PHE A 132 -2.62 -11.85 9.10
CA PHE A 132 -1.27 -11.43 9.46
C PHE A 132 -1.00 -10.04 8.92
N THR A 133 -0.19 -9.27 9.64
CA THR A 133 0.15 -7.92 9.25
C THR A 133 1.63 -7.77 8.88
N ILE A 134 1.90 -7.69 7.59
CA ILE A 134 3.24 -7.40 7.10
C ILE A 134 3.20 -6.17 6.19
N PRO A 135 4.11 -5.22 6.39
CA PRO A 135 4.13 -4.02 5.57
C PRO A 135 4.94 -4.19 4.29
N ILE A 136 4.68 -3.30 3.35
CA ILE A 136 5.39 -3.29 2.08
C ILE A 136 5.36 -1.87 1.53
N SER A 137 6.20 -1.61 0.55
CA SER A 137 6.43 -0.25 0.12
C SER A 137 6.43 -0.15 -1.39
N SER A 138 6.03 1.00 -1.91
CA SER A 138 6.10 1.26 -3.33
C SER A 138 6.40 2.74 -3.50
N LYS A 139 7.63 3.05 -3.80
CA LYS A 139 8.10 4.43 -3.85
C LYS A 139 8.55 4.77 -5.25
N GLY A 140 8.32 6.00 -5.70
CA GLY A 140 8.64 6.34 -7.06
C GLY A 140 8.76 7.84 -7.27
N GLU A 141 9.61 8.21 -8.20
CA GLU A 141 9.83 9.61 -8.55
C GLU A 141 9.21 9.91 -9.91
N ILE A 142 8.36 10.93 -9.98
CA ILE A 142 7.65 11.25 -11.22
C ILE A 142 7.56 12.77 -11.35
N LYS A 143 7.07 13.23 -12.50
CA LYS A 143 6.97 14.66 -12.79
C LYS A 143 6.20 15.44 -11.72
N LEU A 144 6.42 16.75 -11.72
CA LEU A 144 5.72 17.66 -10.82
C LEU A 144 4.20 17.58 -11.03
N PRO A 145 3.42 17.55 -9.94
CA PRO A 145 1.95 17.53 -10.01
C PRO A 145 1.38 18.83 -10.59
N THR A 146 0.07 18.83 -10.83
CA THR A 146 -0.61 20.00 -11.35
C THR A 146 -0.45 21.20 -10.42
N PHE A 147 -0.01 22.32 -10.97
CA PHE A 147 0.28 23.52 -10.18
C PHE A 147 -0.21 24.76 -10.91
N LYS A 148 -0.68 25.74 -10.14
CA LYS A 148 -1.10 27.02 -10.68
C LYS A 148 -1.27 28.03 -9.56
N ASP A 149 -0.25 28.86 -9.36
CA ASP A 149 -0.26 29.93 -8.34
C ASP A 149 -0.12 29.36 -6.92
N PHE A 150 -0.44 28.09 -6.77
CA PHE A 150 -0.30 27.40 -5.50
C PHE A 150 1.19 27.25 -5.16
N PHE A 151 1.98 26.96 -6.18
CA PHE A 151 3.41 26.86 -6.03
C PHE A 151 4.09 27.83 -7.01
N MET A 1 6.29 -17.71 -4.32
CA MET A 1 7.17 -17.45 -3.16
C MET A 1 6.40 -17.63 -1.86
N ALA A 2 5.17 -18.12 -1.98
CA ALA A 2 4.30 -18.28 -0.84
C ALA A 2 4.32 -19.72 -0.33
N SER A 3 3.41 -20.01 0.61
CA SER A 3 3.33 -21.32 1.26
C SER A 3 4.56 -21.60 2.11
N LEU A 4 5.66 -21.98 1.46
CA LEU A 4 6.89 -22.30 2.18
C LEU A 4 8.07 -22.29 1.21
N LEU A 5 9.18 -21.73 1.66
CA LEU A 5 10.42 -21.76 0.89
C LEU A 5 11.43 -22.66 1.57
N ASP A 6 11.21 -22.88 2.86
CA ASP A 6 12.10 -23.71 3.66
C ASP A 6 11.80 -25.19 3.40
N LYS A 7 12.59 -25.79 2.51
CA LYS A 7 12.43 -27.19 2.13
C LYS A 7 11.11 -27.42 1.41
N ALA A 8 10.72 -28.69 1.29
CA ALA A 8 9.45 -29.07 0.68
C ALA A 8 9.16 -30.54 0.92
N LYS A 9 8.21 -30.83 1.79
CA LYS A 9 7.80 -32.20 2.11
C LYS A 9 8.92 -32.96 2.82
N ASP A 10 8.88 -32.94 4.14
CA ASP A 10 9.85 -33.65 4.97
C ASP A 10 9.33 -33.74 6.39
N PHE A 11 10.14 -34.29 7.28
CA PHE A 11 9.78 -34.36 8.68
C PHE A 11 10.08 -33.04 9.36
N VAL A 12 9.11 -32.16 9.35
CA VAL A 12 9.28 -30.83 9.90
C VAL A 12 9.21 -30.82 11.43
N ALA A 13 10.38 -30.93 12.05
CA ALA A 13 10.50 -30.80 13.50
C ALA A 13 10.73 -29.32 13.84
N ASP A 14 10.31 -28.46 12.93
CA ASP A 14 10.53 -27.04 13.05
C ASP A 14 9.19 -26.30 12.95
N LYS A 15 8.56 -26.41 11.78
CA LYS A 15 7.25 -25.81 11.52
C LYS A 15 7.33 -24.28 11.49
N LEU A 16 7.19 -23.73 10.29
CA LEU A 16 7.14 -22.29 10.12
C LEU A 16 5.83 -21.76 10.69
N THR A 17 5.85 -20.52 11.14
CA THR A 17 4.66 -19.92 11.73
C THR A 17 4.08 -18.84 10.83
N ALA A 18 2.75 -18.87 10.68
CA ALA A 18 2.02 -17.87 9.92
C ALA A 18 2.35 -17.94 8.43
N ILE A 19 2.25 -16.80 7.76
CA ILE A 19 2.39 -16.73 6.32
C ILE A 19 3.68 -16.00 5.95
N PRO A 20 4.06 -16.02 4.66
CA PRO A 20 5.21 -15.27 4.16
C PRO A 20 4.95 -13.76 4.09
N LYS A 21 5.59 -13.10 3.14
CA LYS A 21 5.50 -11.65 3.02
C LYS A 21 5.83 -11.09 1.61
N PRO A 22 6.43 -11.87 0.67
CA PRO A 22 6.53 -11.43 -0.73
C PRO A 22 5.18 -11.50 -1.44
N GLU A 23 4.14 -11.01 -0.77
CA GLU A 23 2.79 -11.05 -1.24
C GLU A 23 2.24 -9.66 -0.99
N GLY A 24 1.64 -9.05 -1.98
CA GLY A 24 1.59 -7.59 -1.97
C GLY A 24 0.23 -6.95 -2.01
N SER A 25 0.22 -5.68 -2.40
CA SER A 25 -0.98 -4.88 -2.56
C SER A 25 -0.59 -3.59 -3.27
N VAL A 26 0.37 -3.73 -4.15
CA VAL A 26 1.02 -2.58 -4.76
C VAL A 26 1.12 -2.80 -6.26
N THR A 27 1.15 -1.71 -7.01
CA THR A 27 1.45 -1.78 -8.43
C THR A 27 1.71 -0.38 -8.99
N ASP A 28 0.90 0.59 -8.58
CA ASP A 28 1.06 1.96 -9.07
C ASP A 28 0.13 2.94 -8.38
N VAL A 29 0.40 4.23 -8.59
CA VAL A 29 -0.44 5.30 -8.07
C VAL A 29 -0.53 6.43 -9.10
N ASP A 30 -1.73 6.87 -9.41
CA ASP A 30 -1.97 7.87 -10.45
C ASP A 30 -2.61 9.13 -9.85
N LEU A 31 -2.02 10.28 -10.12
CA LEU A 31 -2.38 11.54 -9.45
C LEU A 31 -3.43 12.32 -10.24
N LYS A 32 -4.41 12.91 -9.53
CA LYS A 32 -5.42 13.74 -10.18
C LYS A 32 -5.78 15.01 -9.39
N ASP A 33 -6.82 14.93 -8.59
CA ASP A 33 -7.62 16.11 -8.25
C ASP A 33 -7.13 16.79 -7.00
N VAL A 34 -7.87 17.78 -6.56
CA VAL A 34 -7.52 18.57 -5.41
C VAL A 34 -8.71 19.39 -4.94
N ASN A 35 -9.51 19.83 -5.91
CA ASN A 35 -10.62 20.75 -5.67
C ASN A 35 -10.05 22.11 -5.26
N ARG A 36 -9.40 22.11 -4.10
CA ARG A 36 -8.60 23.21 -3.59
C ARG A 36 -8.29 23.03 -2.12
N ASP A 37 -8.44 21.80 -1.65
CA ASP A 37 -8.24 21.50 -0.24
C ASP A 37 -7.45 20.21 -0.13
N SER A 38 -7.68 19.33 -1.08
CA SER A 38 -7.10 18.00 -1.02
C SER A 38 -6.94 17.38 -2.40
N VAL A 39 -5.68 17.09 -2.72
CA VAL A 39 -5.33 16.44 -3.97
C VAL A 39 -5.73 14.97 -3.93
N GLU A 40 -6.11 14.40 -5.06
CA GLU A 40 -6.61 13.06 -5.05
C GLU A 40 -5.82 12.19 -5.98
N TYR A 41 -5.50 10.99 -5.55
CA TYR A 41 -4.84 10.06 -6.48
C TYR A 41 -5.30 8.62 -6.35
N LEU A 42 -5.47 7.99 -7.48
CA LEU A 42 -5.90 6.61 -7.52
C LEU A 42 -4.68 5.74 -7.30
N ALA A 43 -4.60 5.11 -6.15
CA ALA A 43 -3.52 4.20 -5.86
C ALA A 43 -3.96 2.80 -6.22
N LYS A 44 -3.43 2.29 -7.30
CA LYS A 44 -3.83 1.01 -7.79
C LYS A 44 -3.08 -0.05 -7.03
N VAL A 45 -3.82 -1.02 -6.56
CA VAL A 45 -3.31 -2.05 -5.70
C VAL A 45 -3.29 -3.38 -6.42
N SER A 46 -2.23 -4.12 -6.25
CA SER A 46 -2.23 -5.49 -6.69
C SER A 46 -1.82 -6.40 -5.53
N VAL A 47 -2.83 -6.97 -4.87
CA VAL A 47 -2.60 -7.82 -3.71
C VAL A 47 -2.27 -9.23 -4.14
N THR A 48 -1.15 -9.72 -3.69
CA THR A 48 -0.82 -11.10 -3.90
C THR A 48 -1.13 -11.87 -2.64
N ASN A 49 -2.01 -12.85 -2.77
CA ASN A 49 -2.44 -13.72 -1.68
C ASN A 49 -1.52 -14.93 -1.59
N PRO A 50 -0.92 -15.16 -0.41
CA PRO A 50 0.06 -16.22 -0.17
C PRO A 50 -0.54 -17.59 0.11
N TYR A 51 -1.84 -17.72 -0.12
CA TYR A 51 -2.52 -18.96 0.13
C TYR A 51 -3.23 -19.38 -1.14
N SER A 52 -3.15 -20.66 -1.47
CA SER A 52 -3.72 -21.19 -2.70
C SER A 52 -5.24 -21.34 -2.57
N HIS A 53 -5.84 -20.41 -1.83
CA HIS A 53 -7.29 -20.38 -1.63
C HIS A 53 -7.75 -18.93 -1.46
N SER A 54 -8.81 -18.57 -2.18
CA SER A 54 -9.49 -17.30 -2.05
C SER A 54 -9.73 -16.88 -0.60
N ILE A 55 -8.94 -15.97 -0.06
CA ILE A 55 -9.13 -15.56 1.34
C ILE A 55 -10.33 -14.65 1.42
N PRO A 56 -10.80 -14.29 2.61
CA PRO A 56 -11.97 -13.44 2.74
C PRO A 56 -11.68 -11.94 2.75
N ILE A 57 -10.96 -11.47 3.75
CA ILE A 57 -10.87 -10.04 4.01
C ILE A 57 -9.43 -9.59 4.24
N CYS A 58 -9.20 -8.29 4.11
CA CYS A 58 -7.89 -7.73 4.38
C CYS A 58 -7.96 -6.30 4.87
N GLU A 59 -6.80 -5.77 5.12
CA GLU A 59 -6.62 -4.41 5.54
C GLU A 59 -5.54 -3.75 4.72
N ILE A 60 -5.93 -2.74 3.97
CA ILE A 60 -4.97 -1.88 3.33
C ILE A 60 -4.78 -0.63 4.18
N SER A 61 -3.60 -0.58 4.78
CA SER A 61 -3.22 0.51 5.65
C SER A 61 -2.07 1.26 5.03
N PHE A 62 -2.37 2.41 4.44
CA PHE A 62 -1.44 3.06 3.56
C PHE A 62 -0.95 4.36 4.17
N THR A 63 0.33 4.58 4.03
CA THR A 63 0.95 5.81 4.46
C THR A 63 1.93 6.29 3.41
N PHE A 64 1.57 7.37 2.72
CA PHE A 64 2.38 7.86 1.62
C PHE A 64 3.26 9.01 2.06
N HIS A 65 4.45 9.11 1.47
CA HIS A 65 5.38 10.19 1.75
C HIS A 65 5.99 10.62 0.44
N SER A 66 5.98 11.90 0.12
CA SER A 66 6.57 12.33 -1.13
C SER A 66 8.02 12.76 -0.93
N ALA A 67 8.25 14.04 -0.63
CA ALA A 67 9.60 14.53 -0.45
C ALA A 67 10.25 13.78 0.70
N GLY A 68 9.76 14.02 1.92
CA GLY A 68 10.14 13.16 3.02
C GLY A 68 9.15 13.32 4.16
N ARG A 69 7.98 13.87 3.84
CA ARG A 69 6.98 14.17 4.83
C ARG A 69 5.83 13.17 4.74
N GLU A 70 4.61 13.55 5.06
CA GLU A 70 3.52 12.59 5.11
C GLU A 70 2.44 12.99 4.13
N ILE A 71 2.43 12.33 2.99
CA ILE A 71 1.57 12.70 1.88
C ILE A 71 0.11 12.36 2.13
N GLY A 72 -0.14 11.17 2.62
CA GLY A 72 -1.49 10.71 2.79
C GLY A 72 -1.54 9.34 3.41
N LYS A 73 -2.48 9.11 4.31
CA LYS A 73 -2.49 7.85 5.03
C LYS A 73 -3.89 7.52 5.51
N GLY A 74 -4.09 6.24 5.78
CA GLY A 74 -5.37 5.76 6.25
C GLY A 74 -5.40 4.25 6.30
N LYS A 75 -6.36 3.69 7.00
CA LYS A 75 -6.49 2.25 7.11
C LYS A 75 -7.91 1.82 6.80
N ILE A 76 -8.07 0.87 5.89
CA ILE A 76 -9.39 0.43 5.47
C ILE A 76 -9.45 -1.09 5.40
N PRO A 77 -10.41 -1.71 6.10
CA PRO A 77 -10.67 -3.13 5.99
C PRO A 77 -11.41 -3.46 4.69
N ASP A 78 -10.68 -3.98 3.72
CA ASP A 78 -11.22 -4.20 2.38
C ASP A 78 -11.38 -5.68 2.13
N PRO A 79 -12.51 -6.11 1.53
CA PRO A 79 -12.73 -7.51 1.18
C PRO A 79 -11.74 -8.04 0.15
N GLY A 80 -10.62 -8.54 0.63
CA GLY A 80 -9.60 -9.10 -0.24
C GLY A 80 -9.83 -10.56 -0.55
N SER A 81 -11.08 -10.94 -0.67
CA SER A 81 -11.46 -12.27 -1.05
C SER A 81 -11.16 -12.48 -2.53
N LEU A 82 -10.26 -13.41 -2.88
CA LEU A 82 -9.58 -13.28 -4.18
C LEU A 82 -9.03 -14.60 -4.74
N LYS A 83 -8.00 -14.49 -5.59
CA LYS A 83 -7.36 -15.64 -6.22
C LYS A 83 -6.81 -16.63 -5.19
N ALA A 84 -5.85 -17.42 -5.63
CA ALA A 84 -5.40 -18.58 -4.90
C ALA A 84 -3.91 -18.66 -5.09
N LYS A 85 -3.22 -17.86 -4.31
CA LYS A 85 -1.81 -17.62 -4.47
C LYS A 85 -1.52 -16.93 -5.79
N ASP A 86 -1.96 -15.68 -5.86
CA ASP A 86 -1.81 -14.87 -7.07
C ASP A 86 -2.01 -13.40 -6.73
N MET A 87 -2.11 -12.55 -7.74
CA MET A 87 -2.11 -11.11 -7.55
C MET A 87 -3.39 -10.49 -8.12
N THR A 88 -4.16 -9.85 -7.24
CA THR A 88 -5.48 -9.34 -7.57
C THR A 88 -5.40 -7.82 -7.74
N ALA A 89 -6.15 -7.26 -8.68
CA ALA A 89 -6.12 -5.82 -8.85
C ALA A 89 -7.19 -5.14 -7.99
N LEU A 90 -6.71 -4.45 -6.97
CA LEU A 90 -7.55 -3.72 -6.03
C LEU A 90 -7.24 -2.23 -6.16
N ASP A 91 -7.96 -1.36 -5.47
CA ASP A 91 -7.66 0.07 -5.56
C ASP A 91 -7.87 0.80 -4.24
N ILE A 92 -7.10 1.86 -4.06
CA ILE A 92 -7.27 2.80 -2.97
C ILE A 92 -7.79 4.11 -3.54
N PRO A 93 -8.87 4.66 -2.96
CA PRO A 93 -9.59 5.85 -3.48
C PRO A 93 -8.70 6.92 -4.15
N VAL A 94 -8.44 8.02 -3.44
CA VAL A 94 -7.65 9.12 -3.98
C VAL A 94 -7.18 10.06 -2.87
N VAL A 95 -6.00 9.84 -2.28
CA VAL A 95 -5.74 10.49 -0.99
C VAL A 95 -4.47 11.36 -0.93
N VAL A 96 -4.64 12.67 -0.97
CA VAL A 96 -3.58 13.61 -0.60
C VAL A 96 -4.18 14.87 0.00
N PRO A 97 -3.88 15.23 1.24
CA PRO A 97 -4.15 16.57 1.71
C PRO A 97 -3.29 17.56 0.94
N TYR A 98 -3.93 18.55 0.31
CA TYR A 98 -3.25 19.45 -0.60
C TYR A 98 -2.10 20.19 0.09
N SER A 99 -2.23 20.43 1.39
CA SER A 99 -1.19 21.09 2.16
C SER A 99 0.14 20.33 2.11
N ILE A 100 0.09 19.02 1.91
CA ILE A 100 1.30 18.22 1.90
C ILE A 100 2.06 18.39 0.59
N LEU A 101 1.38 18.13 -0.53
CA LEU A 101 1.90 18.43 -1.87
C LEU A 101 2.38 19.87 -1.94
N PHE A 102 1.77 20.68 -1.11
CA PHE A 102 2.08 22.11 -1.06
C PHE A 102 3.53 22.27 -0.59
N ASN A 103 3.91 21.45 0.38
CA ASN A 103 5.27 21.49 0.93
C ASN A 103 6.30 20.90 -0.03
N LEU A 104 6.12 19.64 -0.41
CA LEU A 104 7.06 18.96 -1.31
C LEU A 104 7.17 19.64 -2.68
N ALA A 105 6.05 19.91 -3.34
CA ALA A 105 6.07 20.55 -4.67
C ALA A 105 6.69 21.94 -4.57
N ARG A 106 6.60 22.49 -3.38
CA ARG A 106 7.28 23.74 -3.09
C ARG A 106 8.79 23.55 -3.09
N ASP A 107 9.29 22.56 -2.35
CA ASP A 107 10.73 22.36 -2.20
C ASP A 107 11.33 21.56 -3.37
N VAL A 108 10.75 20.43 -3.66
CA VAL A 108 11.28 19.60 -4.71
C VAL A 108 10.75 20.07 -6.06
N GLY A 109 9.55 20.64 -6.05
CA GLY A 109 8.99 21.21 -7.28
C GLY A 109 9.65 22.51 -7.70
N VAL A 110 10.22 23.24 -6.74
CA VAL A 110 11.04 24.39 -7.14
C VAL A 110 12.14 23.89 -8.05
N ASP A 111 12.71 22.74 -7.73
CA ASP A 111 13.44 22.01 -8.76
C ASP A 111 12.45 21.58 -9.85
N TRP A 112 11.78 20.43 -9.63
CA TRP A 112 10.62 19.98 -10.46
C TRP A 112 10.21 18.52 -10.19
N ASP A 113 11.18 17.60 -10.18
CA ASP A 113 10.88 16.16 -10.03
C ASP A 113 10.91 15.73 -8.58
N ILE A 114 9.80 15.15 -8.10
CA ILE A 114 9.69 14.71 -6.70
C ILE A 114 9.49 13.20 -6.64
N ASP A 115 9.88 12.60 -5.53
CA ASP A 115 9.72 11.17 -5.28
C ASP A 115 8.49 10.95 -4.44
N TYR A 116 7.90 9.77 -4.52
CA TYR A 116 6.70 9.45 -3.77
C TYR A 116 6.81 8.03 -3.23
N GLU A 117 6.58 7.83 -1.96
CA GLU A 117 6.72 6.52 -1.36
C GLU A 117 5.43 6.11 -0.69
N LEU A 118 5.05 4.87 -0.89
CA LEU A 118 3.88 4.32 -0.25
C LEU A 118 4.30 3.28 0.78
N GLN A 119 3.77 3.43 1.99
CA GLN A 119 4.00 2.46 3.04
C GLN A 119 2.68 1.77 3.37
N ILE A 120 2.51 0.56 2.88
CA ILE A 120 1.25 -0.14 3.03
C ILE A 120 1.41 -1.34 3.95
N GLY A 121 0.60 -1.37 5.01
CA GLY A 121 0.54 -2.52 5.88
C GLY A 121 -0.48 -3.52 5.41
N LEU A 122 -0.05 -4.76 5.20
CA LEU A 122 -0.91 -5.79 4.65
C LEU A 122 -1.42 -6.72 5.73
N THR A 123 -2.62 -6.42 6.21
CA THR A 123 -3.30 -7.28 7.14
C THR A 123 -4.34 -8.10 6.39
N ILE A 124 -3.99 -9.29 6.00
CA ILE A 124 -4.94 -10.13 5.28
C ILE A 124 -5.42 -11.24 6.18
N ASP A 125 -6.66 -11.70 5.97
CA ASP A 125 -7.20 -12.76 6.78
C ASP A 125 -6.95 -14.08 6.08
N LEU A 126 -6.01 -14.87 6.63
CA LEU A 126 -5.59 -16.13 6.03
C LEU A 126 -6.07 -17.29 6.88
N PRO A 127 -6.15 -18.50 6.32
CA PRO A 127 -6.49 -19.70 7.09
C PRO A 127 -5.38 -20.13 8.08
N VAL A 128 -4.17 -19.57 7.93
CA VAL A 128 -3.04 -19.98 8.76
C VAL A 128 -3.12 -19.42 10.18
N VAL A 129 -3.14 -18.10 10.31
CA VAL A 129 -3.20 -17.45 11.63
C VAL A 129 -4.48 -16.63 11.73
N GLY A 130 -5.31 -16.83 10.73
CA GLY A 130 -6.56 -16.10 10.63
C GLY A 130 -6.34 -14.73 10.04
N GLU A 131 -5.12 -14.24 10.21
CA GLU A 131 -4.71 -12.95 9.66
C GLU A 131 -3.20 -12.81 9.88
N PHE A 132 -2.57 -12.01 9.06
CA PHE A 132 -1.18 -11.65 9.30
C PHE A 132 -0.91 -10.27 8.73
N THR A 133 -0.08 -9.49 9.41
CA THR A 133 0.20 -8.13 9.02
C THR A 133 1.67 -7.96 8.64
N ILE A 134 1.93 -7.79 7.35
CA ILE A 134 3.28 -7.49 6.88
C ILE A 134 3.26 -6.21 6.04
N PRO A 135 4.24 -5.33 6.22
CA PRO A 135 4.30 -4.08 5.48
C PRO A 135 5.14 -4.18 4.20
N ILE A 136 4.90 -3.25 3.29
CA ILE A 136 5.64 -3.19 2.04
C ILE A 136 5.55 -1.76 1.50
N SER A 137 6.40 -1.44 0.54
CA SER A 137 6.59 -0.06 0.11
C SER A 137 6.64 0.03 -1.40
N SER A 138 6.22 1.17 -1.94
CA SER A 138 6.34 1.42 -3.35
C SER A 138 6.60 2.90 -3.57
N LYS A 139 7.85 3.22 -3.88
CA LYS A 139 8.26 4.60 -4.07
C LYS A 139 8.71 4.85 -5.50
N GLY A 140 8.59 6.09 -5.97
CA GLY A 140 8.94 6.41 -7.32
C GLY A 140 8.93 7.91 -7.58
N GLU A 141 9.81 8.34 -8.44
CA GLU A 141 9.93 9.75 -8.78
C GLU A 141 9.22 10.03 -10.08
N ILE A 142 8.43 11.10 -10.13
CA ILE A 142 7.69 11.44 -11.33
C ILE A 142 7.72 12.95 -11.52
N LYS A 143 7.24 13.41 -12.67
CA LYS A 143 7.30 14.81 -13.04
C LYS A 143 6.55 15.71 -12.05
N LEU A 144 6.79 17.00 -12.17
CA LEU A 144 6.11 18.00 -11.35
C LEU A 144 4.60 17.85 -11.51
N PRO A 145 3.87 17.71 -10.39
CA PRO A 145 2.42 17.48 -10.38
C PRO A 145 1.63 18.64 -11.00
N THR A 146 0.31 18.45 -11.14
CA THR A 146 -0.56 19.49 -11.64
C THR A 146 -0.36 20.78 -10.85
N PHE A 147 0.06 21.84 -11.53
CA PHE A 147 0.40 23.10 -10.88
C PHE A 147 -0.74 23.61 -10.01
N LYS A 148 -1.83 24.02 -10.66
CA LYS A 148 -3.01 24.56 -10.00
C LYS A 148 -2.67 25.47 -8.83
N ASP A 149 -2.83 24.96 -7.61
CA ASP A 149 -2.54 25.73 -6.41
C ASP A 149 -1.51 25.02 -5.56
N PHE A 150 -0.92 23.96 -6.11
CA PHE A 150 0.01 23.13 -5.35
C PHE A 150 1.21 23.95 -4.96
N PHE A 151 1.57 24.85 -5.86
CA PHE A 151 2.61 25.83 -5.60
C PHE A 151 2.37 27.06 -6.47
N MET A 1 12.59 -9.39 3.79
CA MET A 1 11.51 -10.37 4.08
C MET A 1 10.71 -9.95 5.30
N ALA A 2 11.35 -9.22 6.22
CA ALA A 2 10.75 -8.80 7.49
C ALA A 2 10.46 -10.03 8.36
N SER A 3 9.26 -10.61 8.18
CA SER A 3 8.82 -11.82 8.86
C SER A 3 9.20 -11.87 10.35
N LEU A 4 10.40 -12.35 10.65
CA LEU A 4 10.87 -12.47 12.03
C LEU A 4 11.29 -11.12 12.58
N LEU A 5 10.53 -10.61 13.53
CA LEU A 5 10.88 -9.36 14.19
C LEU A 5 12.10 -9.59 15.06
N ASP A 6 11.95 -10.48 16.04
CA ASP A 6 13.04 -10.89 16.92
C ASP A 6 12.57 -12.06 17.79
N LYS A 7 13.44 -13.04 17.98
CA LYS A 7 13.10 -14.21 18.77
C LYS A 7 14.33 -15.07 19.04
N ALA A 8 14.35 -15.70 20.21
CA ALA A 8 15.43 -16.60 20.58
C ALA A 8 15.39 -17.85 19.71
N LYS A 9 16.55 -18.30 19.29
CA LYS A 9 16.64 -19.46 18.40
C LYS A 9 16.68 -20.76 19.20
N ASP A 10 15.51 -21.35 19.40
CA ASP A 10 15.41 -22.65 20.05
C ASP A 10 16.05 -23.71 19.19
N PHE A 11 15.54 -23.83 17.97
CA PHE A 11 16.05 -24.81 17.01
C PHE A 11 15.34 -24.63 15.67
N VAL A 12 14.14 -24.06 15.71
CA VAL A 12 13.35 -23.84 14.51
C VAL A 12 13.95 -22.76 13.60
N ALA A 13 15.04 -23.10 12.94
CA ALA A 13 15.69 -22.20 12.01
C ALA A 13 15.05 -22.33 10.63
N ASP A 14 14.63 -21.20 10.08
CA ASP A 14 13.96 -21.13 8.78
C ASP A 14 12.58 -21.78 8.85
N LYS A 15 12.14 -22.09 10.06
CA LYS A 15 10.85 -22.71 10.26
C LYS A 15 9.89 -21.73 10.91
N LEU A 16 9.05 -21.10 10.11
CA LEU A 16 8.06 -20.18 10.61
C LEU A 16 6.66 -20.72 10.37
N THR A 17 5.99 -21.08 11.45
CA THR A 17 4.66 -21.68 11.38
C THR A 17 3.64 -20.68 10.84
N ALA A 18 3.92 -19.40 11.03
CA ALA A 18 3.00 -18.35 10.61
C ALA A 18 3.03 -18.15 9.10
N ILE A 19 3.93 -17.32 8.62
CA ILE A 19 3.90 -16.94 7.21
C ILE A 19 5.17 -17.38 6.49
N PRO A 20 5.02 -17.93 5.28
CA PRO A 20 6.14 -18.43 4.49
C PRO A 20 6.83 -17.34 3.67
N LYS A 21 6.04 -16.65 2.87
CA LYS A 21 6.56 -15.67 1.92
C LYS A 21 5.64 -14.45 1.88
N PRO A 22 6.22 -13.25 1.73
CA PRO A 22 5.47 -11.98 1.75
C PRO A 22 4.39 -11.89 0.68
N GLU A 23 3.45 -10.99 0.88
CA GLU A 23 2.30 -10.83 0.07
C GLU A 23 2.34 -9.41 -0.44
N GLY A 24 1.68 -9.12 -1.52
CA GLY A 24 1.67 -7.73 -1.95
C GLY A 24 0.30 -7.10 -1.95
N SER A 25 0.24 -5.85 -2.39
CA SER A 25 -1.00 -5.11 -2.60
C SER A 25 -0.70 -3.84 -3.35
N VAL A 26 0.29 -3.92 -4.18
CA VAL A 26 0.87 -2.79 -4.82
C VAL A 26 1.08 -3.08 -6.30
N THR A 27 1.05 -2.06 -7.13
CA THR A 27 1.42 -2.18 -8.52
C THR A 27 1.77 -0.80 -9.07
N ASP A 28 0.88 0.16 -8.88
CA ASP A 28 1.06 1.52 -9.37
C ASP A 28 0.21 2.47 -8.55
N VAL A 29 0.48 3.77 -8.68
CA VAL A 29 -0.45 4.78 -8.19
C VAL A 29 -0.40 6.00 -9.13
N ASP A 30 -1.52 6.68 -9.27
CA ASP A 30 -1.67 7.71 -10.29
C ASP A 30 -2.03 9.05 -9.67
N LEU A 31 -1.51 10.12 -10.26
CA LEU A 31 -1.66 11.45 -9.70
C LEU A 31 -2.81 12.20 -10.36
N LYS A 32 -3.80 12.55 -9.57
CA LYS A 32 -4.84 13.48 -9.96
C LYS A 32 -4.93 14.55 -8.88
N ASP A 33 -6.15 14.94 -8.46
CA ASP A 33 -6.28 16.08 -7.52
C ASP A 33 -7.70 16.60 -7.31
N VAL A 34 -7.86 17.18 -6.13
CA VAL A 34 -9.02 17.99 -5.77
C VAL A 34 -8.55 19.30 -5.13
N ASN A 35 -7.39 19.25 -4.49
CA ASN A 35 -6.66 20.43 -4.06
C ASN A 35 -7.35 21.21 -2.95
N ARG A 36 -8.54 21.73 -3.22
CA ARG A 36 -9.25 22.66 -2.33
C ARG A 36 -9.29 22.13 -0.91
N ASP A 37 -9.20 20.84 -0.82
CA ASP A 37 -9.15 20.14 0.43
C ASP A 37 -8.07 19.11 0.33
N SER A 38 -7.86 18.59 -0.88
CA SER A 38 -6.96 17.47 -1.02
C SER A 38 -6.74 17.08 -2.45
N VAL A 39 -5.51 17.03 -2.86
CA VAL A 39 -5.16 16.45 -4.14
C VAL A 39 -5.37 14.93 -4.02
N GLU A 40 -5.36 14.22 -5.12
CA GLU A 40 -5.84 12.87 -5.12
C GLU A 40 -4.84 11.92 -5.72
N TYR A 41 -4.69 10.81 -5.06
CA TYR A 41 -3.73 9.79 -5.48
C TYR A 41 -4.44 8.47 -5.66
N LEU A 42 -4.68 8.07 -6.88
CA LEU A 42 -5.28 6.77 -7.11
C LEU A 42 -4.22 5.70 -6.90
N ALA A 43 -4.35 4.95 -5.83
CA ALA A 43 -3.39 3.91 -5.54
C ALA A 43 -3.88 2.59 -6.09
N LYS A 44 -3.22 2.12 -7.14
CA LYS A 44 -3.61 0.90 -7.81
C LYS A 44 -2.99 -0.28 -7.08
N VAL A 45 -3.81 -1.27 -6.78
CA VAL A 45 -3.39 -2.36 -5.93
C VAL A 45 -3.29 -3.66 -6.70
N SER A 46 -2.22 -4.38 -6.44
CA SER A 46 -2.20 -5.78 -6.76
C SER A 46 -1.80 -6.56 -5.53
N VAL A 47 -2.80 -7.06 -4.81
CA VAL A 47 -2.54 -7.77 -3.57
C VAL A 47 -2.34 -9.25 -3.81
N THR A 48 -1.25 -9.77 -3.28
CA THR A 48 -0.86 -11.13 -3.51
C THR A 48 -1.17 -11.96 -2.28
N ASN A 49 -2.05 -12.92 -2.43
CA ASN A 49 -2.36 -13.88 -1.37
C ASN A 49 -1.41 -15.05 -1.46
N PRO A 50 -0.74 -15.43 -0.35
CA PRO A 50 0.29 -16.47 -0.35
C PRO A 50 -0.24 -17.87 -0.03
N TYR A 51 -1.56 -18.04 -0.03
CA TYR A 51 -2.16 -19.32 0.29
C TYR A 51 -3.18 -19.66 -0.78
N SER A 52 -3.28 -20.93 -1.13
CA SER A 52 -3.96 -21.35 -2.35
C SER A 52 -5.49 -21.34 -2.22
N HIS A 53 -6.03 -20.39 -1.46
CA HIS A 53 -7.47 -20.25 -1.34
C HIS A 53 -7.85 -18.77 -1.22
N SER A 54 -8.83 -18.39 -2.01
CA SER A 54 -9.49 -17.08 -1.91
C SER A 54 -9.68 -16.64 -0.47
N ILE A 55 -8.88 -15.71 0.03
CA ILE A 55 -9.07 -15.27 1.41
C ILE A 55 -10.29 -14.38 1.45
N PRO A 56 -10.79 -14.03 2.62
CA PRO A 56 -12.00 -13.23 2.72
C PRO A 56 -11.75 -11.73 2.78
N ILE A 57 -11.13 -11.26 3.84
CA ILE A 57 -11.09 -9.82 4.10
C ILE A 57 -9.70 -9.36 4.50
N CYS A 58 -9.38 -8.11 4.21
CA CYS A 58 -8.05 -7.61 4.42
C CYS A 58 -8.05 -6.16 4.87
N GLU A 59 -6.85 -5.66 5.03
CA GLU A 59 -6.60 -4.28 5.40
C GLU A 59 -5.52 -3.71 4.52
N ILE A 60 -5.89 -2.71 3.75
CA ILE A 60 -4.91 -1.86 3.14
C ILE A 60 -4.72 -0.63 4.00
N SER A 61 -3.57 -0.58 4.64
CA SER A 61 -3.21 0.52 5.51
C SER A 61 -2.06 1.26 4.88
N PHE A 62 -2.35 2.39 4.27
CA PHE A 62 -1.39 3.01 3.40
C PHE A 62 -0.97 4.35 3.94
N THR A 63 0.31 4.57 3.91
CA THR A 63 0.89 5.82 4.31
C THR A 63 1.82 6.31 3.21
N PHE A 64 1.43 7.38 2.56
CA PHE A 64 2.20 7.88 1.44
C PHE A 64 3.10 9.01 1.91
N HIS A 65 4.31 9.04 1.38
CA HIS A 65 5.28 10.08 1.70
C HIS A 65 5.77 10.64 0.39
N SER A 66 6.05 11.92 0.30
CA SER A 66 6.61 12.44 -0.93
C SER A 66 8.09 12.74 -0.77
N ALA A 67 8.43 14.02 -0.65
CA ALA A 67 9.82 14.42 -0.58
C ALA A 67 10.48 13.77 0.62
N GLY A 68 9.87 13.98 1.78
CA GLY A 68 10.20 13.17 2.93
C GLY A 68 9.15 13.37 3.99
N ARG A 69 7.99 13.83 3.53
CA ARG A 69 6.92 14.20 4.42
C ARG A 69 5.73 13.28 4.17
N GLU A 70 4.60 13.58 4.78
CA GLU A 70 3.52 12.63 4.85
C GLU A 70 2.41 12.99 3.88
N ILE A 71 2.51 12.43 2.69
CA ILE A 71 1.54 12.66 1.63
C ILE A 71 0.12 12.39 2.13
N GLY A 72 -0.04 11.28 2.84
CA GLY A 72 -1.35 10.89 3.31
C GLY A 72 -1.33 9.51 3.91
N LYS A 73 -2.42 9.11 4.54
CA LYS A 73 -2.52 7.76 5.07
C LYS A 73 -3.96 7.41 5.42
N GLY A 74 -4.21 6.12 5.59
CA GLY A 74 -5.53 5.65 5.96
C GLY A 74 -5.58 4.15 6.08
N LYS A 75 -6.64 3.64 6.68
CA LYS A 75 -6.82 2.20 6.85
C LYS A 75 -8.25 1.80 6.50
N ILE A 76 -8.39 0.83 5.61
CA ILE A 76 -9.70 0.36 5.22
C ILE A 76 -9.73 -1.17 5.24
N PRO A 77 -10.55 -1.75 6.13
CA PRO A 77 -10.82 -3.19 6.13
C PRO A 77 -11.70 -3.57 4.94
N ASP A 78 -11.07 -4.00 3.86
CA ASP A 78 -11.78 -4.25 2.63
C ASP A 78 -11.78 -5.73 2.33
N PRO A 79 -12.89 -6.28 1.81
CA PRO A 79 -12.98 -7.68 1.43
C PRO A 79 -11.94 -8.07 0.38
N GLY A 80 -10.77 -8.49 0.86
CA GLY A 80 -9.69 -8.91 0.00
C GLY A 80 -9.84 -10.36 -0.42
N SER A 81 -11.05 -10.75 -0.69
CA SER A 81 -11.36 -12.08 -1.13
C SER A 81 -10.92 -12.25 -2.59
N LEU A 82 -10.12 -13.27 -2.88
CA LEU A 82 -9.39 -13.26 -4.17
C LEU A 82 -9.09 -14.64 -4.76
N LYS A 83 -8.06 -14.68 -5.61
CA LYS A 83 -7.75 -15.88 -6.40
C LYS A 83 -7.37 -17.07 -5.51
N ALA A 84 -6.07 -17.33 -5.41
CA ALA A 84 -5.55 -18.50 -4.72
C ALA A 84 -4.06 -18.50 -4.86
N LYS A 85 -3.38 -18.10 -3.79
CA LYS A 85 -1.94 -17.92 -3.77
C LYS A 85 -1.46 -17.18 -5.03
N ASP A 86 -2.12 -16.07 -5.31
CA ASP A 86 -1.88 -15.32 -6.55
C ASP A 86 -2.12 -13.83 -6.30
N MET A 87 -2.07 -13.05 -7.36
CA MET A 87 -2.12 -11.59 -7.24
C MET A 87 -3.42 -11.05 -7.85
N THR A 88 -4.13 -10.27 -7.07
CA THR A 88 -5.41 -9.71 -7.49
C THR A 88 -5.32 -8.18 -7.55
N ALA A 89 -6.00 -7.58 -8.51
CA ALA A 89 -5.97 -6.14 -8.68
C ALA A 89 -7.09 -5.48 -7.89
N LEU A 90 -6.67 -4.76 -6.86
CA LEU A 90 -7.58 -4.10 -5.93
C LEU A 90 -7.48 -2.59 -6.15
N ASP A 91 -8.29 -1.80 -5.45
CA ASP A 91 -8.33 -0.36 -5.70
C ASP A 91 -8.31 0.45 -4.42
N ILE A 92 -7.43 1.45 -4.38
CA ILE A 92 -7.32 2.35 -3.24
C ILE A 92 -7.76 3.75 -3.63
N PRO A 93 -8.49 4.43 -2.73
CA PRO A 93 -8.91 5.83 -2.91
C PRO A 93 -7.76 6.78 -3.26
N VAL A 94 -8.08 8.05 -3.38
CA VAL A 94 -7.18 9.03 -3.93
C VAL A 94 -6.80 10.05 -2.88
N VAL A 95 -5.69 9.82 -2.21
CA VAL A 95 -5.43 10.55 -0.97
C VAL A 95 -4.06 11.23 -0.94
N VAL A 96 -4.08 12.55 -1.14
CA VAL A 96 -2.96 13.40 -0.76
C VAL A 96 -3.45 14.81 -0.44
N PRO A 97 -3.64 15.14 0.84
CA PRO A 97 -4.01 16.49 1.26
C PRO A 97 -3.14 17.53 0.58
N TYR A 98 -3.77 18.54 0.00
CA TYR A 98 -3.07 19.54 -0.80
C TYR A 98 -1.99 20.23 0.03
N SER A 99 -2.24 20.38 1.32
CA SER A 99 -1.26 20.98 2.22
C SER A 99 0.08 20.24 2.17
N ILE A 100 0.06 18.95 1.87
CA ILE A 100 1.29 18.17 1.84
C ILE A 100 2.08 18.46 0.57
N LEU A 101 1.40 18.30 -0.57
CA LEU A 101 1.95 18.70 -1.87
C LEU A 101 2.47 20.13 -1.82
N PHE A 102 1.88 20.90 -0.94
CA PHE A 102 2.23 22.28 -0.77
C PHE A 102 3.66 22.37 -0.24
N ASN A 103 3.98 21.51 0.71
CA ASN A 103 5.33 21.46 1.28
C ASN A 103 6.34 20.84 0.32
N LEU A 104 6.08 19.61 -0.13
CA LEU A 104 6.99 18.90 -1.03
C LEU A 104 7.22 19.63 -2.37
N ALA A 105 6.13 20.00 -3.06
CA ALA A 105 6.25 20.68 -4.35
C ALA A 105 6.89 22.03 -4.17
N ARG A 106 6.75 22.55 -2.97
CA ARG A 106 7.44 23.76 -2.59
C ARG A 106 8.95 23.55 -2.70
N ASP A 107 9.46 22.52 -2.05
CA ASP A 107 10.90 22.29 -1.97
C ASP A 107 11.45 21.61 -3.23
N VAL A 108 10.86 20.48 -3.61
CA VAL A 108 11.39 19.72 -4.72
C VAL A 108 10.77 20.19 -6.02
N GLY A 109 9.57 20.75 -5.93
CA GLY A 109 8.97 21.39 -7.09
C GLY A 109 9.64 22.72 -7.37
N VAL A 110 10.21 23.29 -6.33
CA VAL A 110 11.13 24.42 -6.48
C VAL A 110 12.14 24.05 -7.56
N ASP A 111 12.63 22.82 -7.49
CA ASP A 111 13.28 22.20 -8.64
C ASP A 111 12.26 21.91 -9.75
N TRP A 112 11.64 20.73 -9.68
CA TRP A 112 10.52 20.37 -10.58
C TRP A 112 9.99 18.96 -10.28
N ASP A 113 10.87 17.96 -10.31
CA ASP A 113 10.46 16.57 -10.11
C ASP A 113 10.63 16.19 -8.65
N ILE A 114 9.62 15.54 -8.09
CA ILE A 114 9.62 15.18 -6.69
C ILE A 114 9.53 13.68 -6.55
N ASP A 115 10.00 13.16 -5.43
CA ASP A 115 9.92 11.75 -5.17
C ASP A 115 8.70 11.49 -4.30
N TYR A 116 8.15 10.29 -4.40
CA TYR A 116 7.00 9.91 -3.61
C TYR A 116 7.22 8.49 -3.13
N GLU A 117 6.39 8.02 -2.21
CA GLU A 117 6.52 6.68 -1.65
C GLU A 117 5.22 6.25 -1.01
N LEU A 118 4.93 4.97 -1.11
CA LEU A 118 3.78 4.39 -0.46
C LEU A 118 4.24 3.37 0.56
N GLN A 119 3.73 3.51 1.78
CA GLN A 119 4.02 2.58 2.85
C GLN A 119 2.72 1.92 3.27
N ILE A 120 2.49 0.72 2.80
CA ILE A 120 1.22 0.08 3.03
C ILE A 120 1.38 -1.19 3.87
N GLY A 121 0.67 -1.24 4.97
CA GLY A 121 0.65 -2.40 5.83
C GLY A 121 -0.36 -3.41 5.38
N LEU A 122 0.09 -4.63 5.13
CA LEU A 122 -0.78 -5.66 4.62
C LEU A 122 -1.32 -6.50 5.73
N THR A 123 -2.58 -6.30 6.03
CA THR A 123 -3.28 -7.13 6.95
C THR A 123 -4.33 -7.95 6.22
N ILE A 124 -3.99 -9.14 5.83
CA ILE A 124 -4.89 -9.95 5.04
C ILE A 124 -5.25 -11.21 5.81
N ASP A 125 -6.54 -11.47 5.97
CA ASP A 125 -6.96 -12.55 6.83
C ASP A 125 -6.89 -13.86 6.10
N LEU A 126 -5.89 -14.64 6.50
CA LEU A 126 -5.62 -15.97 5.95
C LEU A 126 -6.19 -17.04 6.87
N PRO A 127 -6.01 -18.33 6.54
CA PRO A 127 -6.27 -19.41 7.47
C PRO A 127 -5.04 -19.81 8.31
N VAL A 128 -3.85 -19.40 7.88
CA VAL A 128 -2.60 -19.90 8.48
C VAL A 128 -2.36 -19.32 9.88
N VAL A 129 -2.25 -18.01 9.96
CA VAL A 129 -2.16 -17.29 11.23
C VAL A 129 -3.42 -16.47 11.37
N GLY A 130 -4.17 -16.58 10.33
CA GLY A 130 -5.28 -15.71 10.10
C GLY A 130 -4.79 -14.50 9.39
N GLU A 131 -5.21 -13.37 9.85
CA GLU A 131 -4.74 -12.12 9.30
C GLU A 131 -3.21 -12.02 9.40
N PHE A 132 -2.59 -11.84 8.26
CA PHE A 132 -1.16 -11.60 8.20
C PHE A 132 -0.92 -10.11 8.27
N THR A 133 0.16 -9.70 8.91
CA THR A 133 0.50 -8.28 8.96
C THR A 133 1.95 -8.03 8.55
N ILE A 134 2.16 -7.74 7.27
CA ILE A 134 3.48 -7.36 6.78
C ILE A 134 3.38 -6.06 5.99
N PRO A 135 4.30 -5.12 6.19
CA PRO A 135 4.30 -3.87 5.45
C PRO A 135 5.11 -3.96 4.15
N ILE A 136 4.82 -3.07 3.22
CA ILE A 136 5.51 -3.03 1.95
C ILE A 136 5.49 -1.61 1.40
N SER A 137 6.35 -1.34 0.42
CA SER A 137 6.58 0.02 -0.03
C SER A 137 6.54 0.06 -1.55
N SER A 138 5.93 1.09 -2.09
CA SER A 138 5.84 1.24 -3.52
C SER A 138 5.87 2.72 -3.86
N LYS A 139 7.02 3.18 -4.29
CA LYS A 139 7.25 4.60 -4.48
C LYS A 139 7.52 4.93 -5.93
N GLY A 140 7.40 6.21 -6.28
CA GLY A 140 7.68 6.62 -7.63
C GLY A 140 7.88 8.10 -7.72
N GLU A 141 8.85 8.48 -8.51
CA GLU A 141 9.19 9.87 -8.71
C GLU A 141 8.73 10.32 -10.09
N ILE A 142 7.96 11.41 -10.15
CA ILE A 142 7.30 11.82 -11.39
C ILE A 142 7.33 13.34 -11.48
N LYS A 143 6.87 13.87 -12.60
CA LYS A 143 6.83 15.32 -12.83
C LYS A 143 6.03 16.05 -11.74
N LEU A 144 6.23 17.37 -11.67
CA LEU A 144 5.53 18.23 -10.72
C LEU A 144 4.02 18.10 -10.91
N PRO A 145 3.29 17.81 -9.81
CA PRO A 145 1.84 17.60 -9.83
C PRO A 145 1.07 18.84 -10.32
N THR A 146 -0.24 18.66 -10.50
CA THR A 146 -1.09 19.72 -11.00
C THR A 146 -1.15 20.91 -10.04
N PHE A 147 -0.37 21.93 -10.36
CA PHE A 147 -0.31 23.13 -9.54
C PHE A 147 -0.86 24.32 -10.32
N LYS A 148 -1.45 25.26 -9.61
CA LYS A 148 -1.97 26.46 -10.23
C LYS A 148 -2.10 27.57 -9.19
N ASP A 149 -0.96 28.22 -8.90
CA ASP A 149 -0.90 29.28 -7.89
C ASP A 149 -1.19 28.74 -6.49
N PHE A 150 -1.40 27.43 -6.41
CA PHE A 150 -1.64 26.77 -5.13
C PHE A 150 -0.32 26.65 -4.38
N PHE A 151 0.75 26.48 -5.15
CA PHE A 151 2.09 26.42 -4.60
C PHE A 151 2.88 27.64 -5.09
N MET A 1 -4.13 -23.52 12.16
CA MET A 1 -2.89 -23.94 12.84
C MET A 1 -1.70 -23.16 12.29
N ALA A 2 -0.58 -23.23 13.01
CA ALA A 2 0.64 -22.56 12.58
C ALA A 2 1.20 -23.20 11.33
N SER A 3 0.87 -22.62 10.19
CA SER A 3 1.32 -23.10 8.89
C SER A 3 0.75 -24.49 8.57
N LEU A 4 1.23 -25.09 7.50
CA LEU A 4 0.74 -26.40 7.09
C LEU A 4 1.80 -27.46 7.36
N LEU A 5 1.38 -28.62 7.85
CA LEU A 5 2.28 -29.71 8.11
C LEU A 5 2.51 -30.51 6.83
N ASP A 6 3.07 -29.82 5.84
CA ASP A 6 3.36 -30.41 4.54
C ASP A 6 4.18 -29.44 3.71
N LYS A 7 5.48 -29.35 4.03
CA LYS A 7 6.41 -28.49 3.29
C LYS A 7 7.71 -28.34 4.07
N ALA A 8 7.64 -27.65 5.19
CA ALA A 8 8.85 -27.23 5.90
C ALA A 8 9.14 -28.09 7.12
N LYS A 9 10.17 -28.89 7.01
CA LYS A 9 10.73 -29.59 8.15
C LYS A 9 12.20 -29.20 8.25
N ASP A 10 12.74 -28.73 7.13
CA ASP A 10 14.13 -28.34 7.02
C ASP A 10 14.23 -26.83 6.89
N PHE A 11 15.42 -26.30 7.12
CA PHE A 11 15.73 -24.89 6.90
C PHE A 11 14.78 -23.97 7.68
N VAL A 12 14.32 -24.44 8.83
CA VAL A 12 13.45 -23.64 9.67
C VAL A 12 14.26 -22.85 10.68
N ALA A 13 13.86 -21.61 10.91
CA ALA A 13 14.51 -20.76 11.89
C ALA A 13 13.63 -20.61 13.12
N ASP A 14 14.01 -21.32 14.19
CA ASP A 14 13.27 -21.31 15.46
C ASP A 14 11.96 -22.09 15.37
N LYS A 15 11.10 -21.67 14.44
CA LYS A 15 9.75 -22.19 14.34
C LYS A 15 9.08 -21.64 13.07
N LEU A 16 8.72 -22.52 12.17
CA LEU A 16 8.03 -22.12 10.95
C LEU A 16 6.58 -21.82 11.28
N THR A 17 6.17 -20.58 11.09
CA THR A 17 4.82 -20.16 11.40
C THR A 17 4.37 -19.04 10.47
N ALA A 18 3.08 -19.07 10.12
CA ALA A 18 2.45 -18.03 9.31
C ALA A 18 2.88 -18.12 7.84
N ILE A 19 2.67 -17.04 7.11
CA ILE A 19 2.91 -17.01 5.67
C ILE A 19 4.31 -16.51 5.36
N PRO A 20 4.73 -16.53 4.07
CA PRO A 20 6.05 -16.01 3.67
C PRO A 20 6.25 -14.55 4.07
N LYS A 21 5.79 -13.61 3.21
CA LYS A 21 5.88 -12.17 3.49
C LYS A 21 5.70 -11.33 2.21
N PRO A 22 6.44 -11.64 1.11
CA PRO A 22 6.34 -10.88 -0.16
C PRO A 22 5.00 -11.08 -0.87
N GLU A 23 3.93 -10.74 -0.17
CA GLU A 23 2.56 -10.92 -0.63
C GLU A 23 1.86 -9.61 -0.33
N GLY A 24 1.33 -8.95 -1.33
CA GLY A 24 1.18 -7.52 -1.22
C GLY A 24 -0.16 -6.95 -1.60
N SER A 25 -0.07 -5.75 -2.18
CA SER A 25 -1.18 -4.90 -2.55
C SER A 25 -0.59 -3.64 -3.17
N VAL A 26 0.32 -3.84 -4.09
CA VAL A 26 0.96 -2.75 -4.80
C VAL A 26 1.00 -3.07 -6.28
N THR A 27 1.05 -2.04 -7.13
CA THR A 27 1.41 -2.19 -8.52
C THR A 27 1.49 -0.82 -9.24
N ASP A 28 0.60 0.12 -8.89
CA ASP A 28 0.63 1.45 -9.48
C ASP A 28 -0.19 2.42 -8.66
N VAL A 29 0.13 3.69 -8.73
CA VAL A 29 -0.76 4.72 -8.26
C VAL A 29 -0.52 6.00 -9.04
N ASP A 30 -1.59 6.73 -9.29
CA ASP A 30 -1.51 7.95 -10.05
C ASP A 30 -2.08 9.09 -9.22
N LEU A 31 -1.49 10.25 -9.32
CA LEU A 31 -1.81 11.36 -8.45
C LEU A 31 -2.73 12.32 -9.15
N LYS A 32 -3.98 12.43 -8.70
CA LYS A 32 -4.88 13.38 -9.26
C LYS A 32 -6.22 13.42 -8.53
N ASP A 33 -6.73 14.62 -8.56
CA ASP A 33 -7.95 15.07 -7.87
C ASP A 33 -7.91 16.57 -7.79
N VAL A 34 -8.80 17.15 -7.02
CA VAL A 34 -8.94 18.55 -6.97
C VAL A 34 -7.86 19.12 -6.09
N ASN A 35 -7.94 20.37 -5.90
CA ASN A 35 -6.92 21.09 -5.17
C ASN A 35 -7.51 21.97 -4.08
N ARG A 36 -8.54 22.74 -4.45
CA ARG A 36 -9.14 23.75 -3.56
C ARG A 36 -9.50 23.15 -2.20
N ASP A 37 -9.59 21.85 -2.19
CA ASP A 37 -9.87 21.10 -1.00
C ASP A 37 -8.63 20.34 -0.65
N SER A 38 -8.17 19.56 -1.60
CA SER A 38 -7.20 18.55 -1.35
C SER A 38 -6.93 17.82 -2.63
N VAL A 39 -5.70 17.46 -2.90
CA VAL A 39 -5.45 16.62 -4.02
C VAL A 39 -5.67 15.20 -3.55
N GLU A 40 -5.92 14.31 -4.44
CA GLU A 40 -6.17 12.95 -4.06
C GLU A 40 -5.48 12.05 -5.05
N TYR A 41 -5.33 10.78 -4.75
CA TYR A 41 -4.63 9.92 -5.71
C TYR A 41 -5.34 8.61 -5.93
N LEU A 42 -5.61 8.29 -7.18
CA LEU A 42 -6.17 6.97 -7.49
C LEU A 42 -5.03 5.95 -7.55
N ALA A 43 -5.05 5.00 -6.63
CA ALA A 43 -3.99 3.99 -6.55
C ALA A 43 -4.46 2.63 -7.04
N LYS A 44 -3.79 2.15 -8.08
CA LYS A 44 -4.05 0.80 -8.58
C LYS A 44 -3.17 -0.19 -7.81
N VAL A 45 -3.80 -0.87 -6.90
CA VAL A 45 -3.14 -1.80 -6.00
C VAL A 45 -3.26 -3.22 -6.53
N SER A 46 -2.37 -4.11 -6.14
CA SER A 46 -2.54 -5.51 -6.46
C SER A 46 -2.14 -6.39 -5.29
N VAL A 47 -3.15 -7.04 -4.72
CA VAL A 47 -2.98 -7.89 -3.54
C VAL A 47 -2.49 -9.27 -3.95
N THR A 48 -1.37 -9.69 -3.39
CA THR A 48 -0.90 -11.04 -3.63
C THR A 48 -1.19 -11.88 -2.40
N ASN A 49 -2.07 -12.87 -2.56
CA ASN A 49 -2.43 -13.81 -1.51
C ASN A 49 -1.50 -15.02 -1.55
N PRO A 50 -0.87 -15.35 -0.41
CA PRO A 50 0.11 -16.44 -0.30
C PRO A 50 -0.53 -17.82 -0.10
N TYR A 51 -1.84 -17.89 -0.12
CA TYR A 51 -2.53 -19.12 0.18
C TYR A 51 -3.40 -19.50 -1.00
N SER A 52 -3.49 -20.79 -1.26
CA SER A 52 -4.11 -21.29 -2.47
C SER A 52 -5.64 -21.28 -2.38
N HIS A 53 -6.18 -20.37 -1.59
CA HIS A 53 -7.63 -20.23 -1.47
C HIS A 53 -7.99 -18.76 -1.34
N SER A 54 -8.97 -18.35 -2.14
CA SER A 54 -9.60 -17.05 -2.07
C SER A 54 -9.85 -16.60 -0.64
N ILE A 55 -9.01 -15.74 -0.08
CA ILE A 55 -9.21 -15.34 1.32
C ILE A 55 -10.38 -14.40 1.37
N PRO A 56 -10.87 -14.03 2.55
CA PRO A 56 -12.01 -13.15 2.63
C PRO A 56 -11.67 -11.68 2.75
N ILE A 57 -11.01 -11.30 3.83
CA ILE A 57 -10.91 -9.88 4.18
C ILE A 57 -9.47 -9.48 4.43
N CYS A 58 -9.18 -8.18 4.25
CA CYS A 58 -7.85 -7.67 4.47
C CYS A 58 -7.87 -6.20 4.88
N GLU A 59 -6.68 -5.70 5.03
CA GLU A 59 -6.47 -4.32 5.41
C GLU A 59 -5.39 -3.71 4.56
N ILE A 60 -5.76 -2.73 3.77
CA ILE A 60 -4.78 -1.93 3.10
C ILE A 60 -4.56 -0.63 3.87
N SER A 61 -3.39 -0.58 4.47
CA SER A 61 -2.99 0.54 5.28
C SER A 61 -1.83 1.25 4.62
N PHE A 62 -2.11 2.37 3.99
CA PHE A 62 -1.15 2.99 3.10
C PHE A 62 -0.63 4.26 3.72
N THR A 63 0.67 4.40 3.67
CA THR A 63 1.32 5.60 4.12
C THR A 63 2.19 6.16 3.02
N PHE A 64 1.70 7.17 2.34
CA PHE A 64 2.44 7.82 1.29
C PHE A 64 3.11 9.07 1.84
N HIS A 65 4.31 9.33 1.34
CA HIS A 65 5.06 10.54 1.65
C HIS A 65 5.86 10.91 0.42
N SER A 66 6.00 12.20 0.15
CA SER A 66 6.65 12.62 -1.08
C SER A 66 8.07 13.06 -0.83
N ALA A 67 8.30 14.36 -0.62
CA ALA A 67 9.64 14.87 -0.48
C ALA A 67 10.34 14.17 0.67
N GLY A 68 9.74 14.28 1.85
CA GLY A 68 10.14 13.40 2.93
C GLY A 68 9.26 13.62 4.14
N ARG A 69 8.14 14.26 3.89
CA ARG A 69 7.24 14.65 4.95
C ARG A 69 6.08 13.67 5.06
N GLU A 70 5.23 13.69 4.07
CA GLU A 70 4.06 12.86 4.02
C GLU A 70 3.38 13.09 2.68
N ILE A 71 2.40 12.27 2.40
CA ILE A 71 1.48 12.46 1.30
C ILE A 71 0.08 12.15 1.80
N GLY A 72 -0.01 11.09 2.60
CA GLY A 72 -1.28 10.70 3.19
C GLY A 72 -1.23 9.28 3.66
N LYS A 73 -2.00 8.95 4.68
CA LYS A 73 -1.98 7.60 5.22
C LYS A 73 -3.32 7.25 5.84
N GLY A 74 -3.61 5.96 5.91
CA GLY A 74 -4.85 5.51 6.49
C GLY A 74 -5.02 4.01 6.37
N LYS A 75 -6.11 3.51 6.93
CA LYS A 75 -6.43 2.11 6.88
C LYS A 75 -7.84 1.89 6.37
N ILE A 76 -7.99 0.97 5.44
CA ILE A 76 -9.30 0.58 4.98
C ILE A 76 -9.41 -0.94 4.98
N PRO A 77 -10.22 -1.50 5.87
CA PRO A 77 -10.55 -2.93 5.85
C PRO A 77 -11.37 -3.26 4.63
N ASP A 78 -10.76 -3.91 3.65
CA ASP A 78 -11.40 -4.14 2.37
C ASP A 78 -11.48 -5.64 2.11
N PRO A 79 -12.54 -6.11 1.44
CA PRO A 79 -12.68 -7.52 1.08
C PRO A 79 -11.55 -7.98 0.15
N GLY A 80 -10.48 -8.49 0.76
CA GLY A 80 -9.37 -9.01 -0.01
C GLY A 80 -9.62 -10.43 -0.47
N SER A 81 -10.89 -10.72 -0.71
CA SER A 81 -11.30 -12.02 -1.19
C SER A 81 -10.90 -12.16 -2.66
N LEU A 82 -10.07 -13.16 -3.00
CA LEU A 82 -9.37 -13.10 -4.30
C LEU A 82 -9.03 -14.47 -4.86
N LYS A 83 -8.14 -14.50 -5.86
CA LYS A 83 -7.80 -15.72 -6.59
C LYS A 83 -7.42 -16.89 -5.68
N ALA A 84 -6.11 -17.03 -5.44
CA ALA A 84 -5.53 -18.19 -4.80
C ALA A 84 -4.06 -18.20 -5.11
N LYS A 85 -3.23 -17.96 -4.09
CA LYS A 85 -1.78 -17.89 -4.22
C LYS A 85 -1.36 -17.11 -5.46
N ASP A 86 -2.01 -15.96 -5.66
CA ASP A 86 -1.82 -15.17 -6.87
C ASP A 86 -2.06 -13.70 -6.56
N MET A 87 -2.07 -12.87 -7.60
CA MET A 87 -2.12 -11.43 -7.43
C MET A 87 -3.39 -10.86 -8.05
N THR A 88 -4.16 -10.20 -7.23
CA THR A 88 -5.45 -9.65 -7.60
C THR A 88 -5.40 -8.12 -7.62
N ALA A 89 -6.10 -7.50 -8.55
CA ALA A 89 -6.12 -6.05 -8.62
C ALA A 89 -7.06 -5.46 -7.57
N LEU A 90 -6.53 -4.50 -6.83
CA LEU A 90 -7.20 -3.86 -5.71
C LEU A 90 -7.18 -2.37 -5.98
N ASP A 91 -8.18 -1.62 -5.55
CA ASP A 91 -8.16 -0.19 -5.79
C ASP A 91 -8.29 0.60 -4.51
N ILE A 92 -7.30 1.46 -4.28
CA ILE A 92 -7.33 2.39 -3.18
C ILE A 92 -7.99 3.68 -3.63
N PRO A 93 -8.71 4.35 -2.70
CA PRO A 93 -9.37 5.64 -2.95
C PRO A 93 -8.43 6.71 -3.51
N VAL A 94 -8.23 7.81 -2.78
CA VAL A 94 -7.49 8.96 -3.30
C VAL A 94 -7.05 9.90 -2.17
N VAL A 95 -5.84 9.79 -1.60
CA VAL A 95 -5.54 10.61 -0.41
C VAL A 95 -4.22 11.42 -0.45
N VAL A 96 -4.32 12.73 -0.70
CA VAL A 96 -3.20 13.63 -0.40
C VAL A 96 -3.66 15.06 -0.10
N PRO A 97 -3.82 15.42 1.17
CA PRO A 97 -4.27 16.77 1.54
C PRO A 97 -3.53 17.86 0.76
N TYR A 98 -4.28 18.85 0.29
CA TYR A 98 -3.73 19.91 -0.57
C TYR A 98 -2.48 20.53 0.05
N SER A 99 -2.52 20.71 1.36
CA SER A 99 -1.41 21.33 2.08
C SER A 99 -0.13 20.48 1.98
N ILE A 100 -0.27 19.17 1.76
CA ILE A 100 0.88 18.29 1.79
C ILE A 100 1.70 18.41 0.50
N LEU A 101 1.06 18.18 -0.65
CA LEU A 101 1.66 18.45 -1.97
C LEU A 101 2.16 19.88 -2.02
N PHE A 102 1.50 20.70 -1.24
CA PHE A 102 1.81 22.11 -1.19
C PHE A 102 3.23 22.29 -0.67
N ASN A 103 3.59 21.53 0.34
CA ASN A 103 4.94 21.58 0.90
C ASN A 103 5.97 20.92 -0.01
N LEU A 104 5.76 19.64 -0.33
CA LEU A 104 6.72 18.88 -1.13
C LEU A 104 6.94 19.46 -2.53
N ALA A 105 5.86 19.76 -3.25
CA ALA A 105 5.97 20.30 -4.61
C ALA A 105 6.54 21.71 -4.56
N ARG A 106 6.32 22.35 -3.44
CA ARG A 106 6.93 23.64 -3.20
C ARG A 106 8.45 23.50 -3.10
N ASP A 107 8.92 22.51 -2.34
CA ASP A 107 10.35 22.37 -2.10
C ASP A 107 11.07 21.65 -3.24
N VAL A 108 10.57 20.47 -3.60
CA VAL A 108 11.25 19.69 -4.62
C VAL A 108 10.79 20.12 -6.00
N GLY A 109 9.56 20.62 -6.08
CA GLY A 109 9.08 21.21 -7.31
C GLY A 109 9.67 22.58 -7.55
N VAL A 110 10.12 23.18 -6.47
CA VAL A 110 10.99 24.34 -6.55
C VAL A 110 12.08 24.02 -7.57
N ASP A 111 12.62 22.81 -7.45
CA ASP A 111 13.43 22.25 -8.53
C ASP A 111 12.52 21.78 -9.68
N TRP A 112 11.94 20.57 -9.59
CA TRP A 112 10.95 20.10 -10.58
C TRP A 112 10.43 18.68 -10.26
N ASP A 113 11.33 17.72 -10.20
CA ASP A 113 10.97 16.30 -10.08
C ASP A 113 11.01 15.86 -8.63
N ILE A 114 9.89 15.34 -8.11
CA ILE A 114 9.79 14.99 -6.70
C ILE A 114 9.71 13.49 -6.54
N ASP A 115 10.16 13.00 -5.40
CA ASP A 115 10.15 11.59 -5.08
C ASP A 115 8.95 11.28 -4.22
N TYR A 116 8.48 10.04 -4.27
CA TYR A 116 7.34 9.61 -3.45
C TYR A 116 7.63 8.21 -2.92
N GLU A 117 7.03 7.85 -1.79
CA GLU A 117 7.15 6.50 -1.25
C GLU A 117 5.84 6.05 -0.66
N LEU A 118 5.47 4.82 -0.96
CA LEU A 118 4.28 4.21 -0.41
C LEU A 118 4.67 3.20 0.66
N GLN A 119 3.98 3.24 1.77
CA GLN A 119 4.13 2.21 2.78
C GLN A 119 2.79 1.55 3.05
N ILE A 120 2.58 0.38 2.48
CA ILE A 120 1.30 -0.28 2.61
C ILE A 120 1.41 -1.50 3.53
N GLY A 121 0.68 -1.46 4.62
CA GLY A 121 0.63 -2.60 5.52
C GLY A 121 -0.52 -3.50 5.17
N LEU A 122 -0.24 -4.78 5.05
CA LEU A 122 -1.24 -5.74 4.65
C LEU A 122 -1.65 -6.65 5.78
N THR A 123 -2.83 -6.39 6.29
CA THR A 123 -3.45 -7.25 7.28
C THR A 123 -4.48 -8.14 6.59
N ILE A 124 -4.09 -9.34 6.24
CA ILE A 124 -4.98 -10.22 5.49
C ILE A 124 -5.46 -11.38 6.34
N ASP A 125 -6.75 -11.70 6.21
CA ASP A 125 -7.36 -12.79 6.96
C ASP A 125 -7.08 -14.07 6.23
N LEU A 126 -6.20 -14.88 6.82
CA LEU A 126 -5.69 -16.09 6.20
C LEU A 126 -6.03 -17.31 7.07
N PRO A 127 -6.09 -18.51 6.49
CA PRO A 127 -6.29 -19.74 7.26
C PRO A 127 -5.08 -20.11 8.12
N VAL A 128 -3.91 -19.58 7.73
CA VAL A 128 -2.66 -19.90 8.41
C VAL A 128 -2.53 -19.19 9.76
N VAL A 129 -2.62 -17.87 9.74
CA VAL A 129 -2.41 -17.07 10.96
C VAL A 129 -3.75 -16.53 11.46
N GLY A 130 -4.77 -16.86 10.70
CA GLY A 130 -6.09 -16.27 10.90
C GLY A 130 -6.14 -14.85 10.38
N GLU A 131 -5.00 -14.19 10.48
CA GLU A 131 -4.80 -12.83 10.02
C GLU A 131 -3.33 -12.51 10.19
N PHE A 132 -2.74 -11.79 9.25
CA PHE A 132 -1.34 -11.45 9.34
C PHE A 132 -1.11 -10.08 8.75
N THR A 133 -0.33 -9.27 9.44
CA THR A 133 -0.10 -7.90 9.01
C THR A 133 1.38 -7.66 8.68
N ILE A 134 1.68 -7.58 7.39
CA ILE A 134 3.02 -7.31 6.91
C ILE A 134 3.01 -6.12 5.95
N PRO A 135 4.00 -5.23 6.05
CA PRO A 135 4.07 -4.07 5.19
C PRO A 135 4.96 -4.26 3.97
N ILE A 136 4.83 -3.34 3.02
CA ILE A 136 5.61 -3.34 1.81
C ILE A 136 5.52 -1.92 1.21
N SER A 137 6.36 -1.61 0.25
CA SER A 137 6.50 -0.23 -0.17
C SER A 137 6.63 -0.10 -1.67
N SER A 138 6.27 1.07 -2.20
CA SER A 138 6.43 1.36 -3.60
C SER A 138 6.80 2.83 -3.73
N LYS A 139 8.07 3.11 -3.98
CA LYS A 139 8.54 4.48 -4.08
C LYS A 139 8.87 4.81 -5.53
N GLY A 140 8.69 6.07 -5.93
CA GLY A 140 8.94 6.46 -7.28
C GLY A 140 9.04 7.97 -7.42
N GLU A 141 9.95 8.38 -8.26
CA GLU A 141 10.17 9.80 -8.52
C GLU A 141 9.59 10.17 -9.87
N ILE A 142 8.77 11.20 -9.91
CA ILE A 142 8.03 11.54 -11.12
C ILE A 142 7.82 13.04 -11.20
N LYS A 143 7.29 13.48 -12.33
CA LYS A 143 7.06 14.90 -12.61
C LYS A 143 6.26 15.61 -11.53
N LEU A 144 6.38 16.93 -11.50
CA LEU A 144 5.64 17.78 -10.58
C LEU A 144 4.13 17.56 -10.75
N PRO A 145 3.41 17.37 -9.63
CA PRO A 145 1.95 17.15 -9.65
C PRO A 145 1.18 18.31 -10.29
N THR A 146 -0.12 18.11 -10.49
CA THR A 146 -0.98 19.12 -11.12
C THR A 146 -0.79 20.50 -10.49
N PHE A 147 -0.07 21.37 -11.18
CA PHE A 147 0.28 22.67 -10.65
C PHE A 147 -0.33 23.79 -11.49
N LYS A 148 -1.08 24.66 -10.83
CA LYS A 148 -1.67 25.82 -11.48
C LYS A 148 -1.63 27.01 -10.54
N ASP A 149 -0.46 27.65 -10.47
CA ASP A 149 -0.26 28.84 -9.63
C ASP A 149 -0.30 28.48 -8.14
N PHE A 150 -0.48 27.20 -7.85
CA PHE A 150 -0.54 26.73 -6.47
C PHE A 150 0.87 26.55 -5.94
N PHE A 151 1.67 25.84 -6.71
CA PHE A 151 3.07 25.64 -6.40
C PHE A 151 3.92 25.78 -7.66
N MET A 1 -4.68 -29.32 4.73
CA MET A 1 -4.49 -27.87 4.92
C MET A 1 -3.03 -27.55 5.23
N ALA A 2 -2.59 -26.38 4.81
CA ALA A 2 -1.19 -25.99 4.96
C ALA A 2 -0.96 -25.29 6.30
N SER A 3 -2.00 -25.20 7.10
CA SER A 3 -1.92 -24.55 8.39
C SER A 3 -1.05 -25.36 9.36
N LEU A 4 -1.58 -26.49 9.82
CA LEU A 4 -0.86 -27.33 10.75
C LEU A 4 -0.59 -28.69 10.11
N LEU A 5 0.65 -28.90 9.70
CA LEU A 5 1.07 -30.17 9.12
C LEU A 5 2.52 -30.46 9.48
N ASP A 6 3.41 -29.55 9.11
CA ASP A 6 4.83 -29.72 9.36
C ASP A 6 5.24 -29.05 10.68
N LYS A 7 4.34 -28.25 11.23
CA LYS A 7 4.61 -27.56 12.48
C LYS A 7 4.69 -28.55 13.64
N ALA A 8 5.74 -28.43 14.43
CA ALA A 8 5.93 -29.29 15.59
C ALA A 8 5.62 -28.53 16.87
N LYS A 9 6.11 -29.02 17.99
CA LYS A 9 5.91 -28.37 19.28
C LYS A 9 7.20 -27.70 19.75
N ASP A 10 7.05 -26.71 20.62
CA ASP A 10 8.18 -25.96 21.18
C ASP A 10 8.87 -25.11 20.13
N PHE A 11 9.70 -25.74 19.32
CA PHE A 11 10.48 -25.01 18.34
C PHE A 11 9.76 -24.97 17.00
N VAL A 12 9.02 -23.90 16.79
CA VAL A 12 8.29 -23.72 15.54
C VAL A 12 8.93 -22.63 14.70
N ALA A 13 9.98 -22.02 15.23
CA ALA A 13 10.70 -20.97 14.52
C ALA A 13 11.26 -21.48 13.19
N ASP A 14 11.48 -22.79 13.13
CA ASP A 14 11.98 -23.42 11.93
C ASP A 14 10.87 -23.52 10.88
N LYS A 15 9.63 -23.64 11.35
CA LYS A 15 8.50 -23.87 10.46
C LYS A 15 7.78 -22.56 10.13
N LEU A 16 7.58 -21.73 11.14
CA LEU A 16 6.76 -20.53 11.04
C LEU A 16 5.30 -20.89 10.85
N THR A 17 4.50 -20.66 11.88
CA THR A 17 3.09 -21.04 11.86
C THR A 17 2.32 -20.34 10.73
N ALA A 18 2.47 -19.02 10.64
CA ALA A 18 1.72 -18.23 9.65
C ALA A 18 2.12 -18.60 8.23
N ILE A 19 1.23 -18.30 7.31
CA ILE A 19 1.44 -18.59 5.90
C ILE A 19 2.09 -17.39 5.22
N PRO A 20 3.37 -17.54 4.84
CA PRO A 20 4.27 -16.46 4.43
C PRO A 20 4.69 -16.48 2.95
N LYS A 21 4.19 -15.55 2.18
CA LYS A 21 4.67 -15.28 0.83
C LYS A 21 4.40 -13.83 0.50
N PRO A 22 5.41 -12.94 0.68
CA PRO A 22 5.27 -11.49 0.66
C PRO A 22 4.00 -11.03 -0.02
N GLU A 23 3.09 -10.48 0.76
CA GLU A 23 1.72 -10.35 0.38
C GLU A 23 1.51 -8.91 -0.01
N GLY A 24 1.25 -8.70 -1.26
CA GLY A 24 1.32 -7.36 -1.78
C GLY A 24 0.01 -6.63 -1.75
N SER A 25 0.07 -5.39 -2.20
CA SER A 25 -1.08 -4.51 -2.36
C SER A 25 -0.62 -3.28 -3.12
N VAL A 26 0.27 -3.53 -4.05
CA VAL A 26 0.91 -2.47 -4.81
C VAL A 26 0.88 -2.84 -6.28
N THR A 27 0.91 -1.84 -7.14
CA THR A 27 1.13 -2.03 -8.57
C THR A 27 1.41 -0.70 -9.26
N ASP A 28 0.67 0.36 -8.89
CA ASP A 28 0.93 1.70 -9.42
C ASP A 28 0.06 2.72 -8.71
N VAL A 29 0.44 3.99 -8.77
CA VAL A 29 -0.34 5.06 -8.17
C VAL A 29 -0.40 6.26 -9.11
N ASP A 30 -1.58 6.85 -9.25
CA ASP A 30 -1.82 7.92 -10.22
C ASP A 30 -2.00 9.27 -9.52
N LEU A 31 -1.17 10.22 -9.89
CA LEU A 31 -1.21 11.54 -9.29
C LEU A 31 -2.19 12.43 -10.06
N LYS A 32 -3.23 12.89 -9.38
CA LYS A 32 -4.08 13.91 -9.94
C LYS A 32 -4.19 15.09 -8.97
N ASP A 33 -5.40 15.43 -8.55
CA ASP A 33 -5.64 16.62 -7.73
C ASP A 33 -7.12 16.86 -7.58
N VAL A 34 -7.48 17.86 -6.79
CA VAL A 34 -8.87 18.21 -6.64
C VAL A 34 -9.04 19.67 -6.20
N ASN A 35 -9.30 20.52 -7.17
CA ASN A 35 -9.60 21.93 -6.93
C ASN A 35 -8.36 22.61 -6.39
N ARG A 36 -8.31 22.78 -5.08
CA ARG A 36 -7.12 23.29 -4.42
C ARG A 36 -7.28 23.13 -2.94
N ASP A 37 -8.16 22.22 -2.61
CA ASP A 37 -8.63 22.03 -1.26
C ASP A 37 -7.92 20.82 -0.72
N SER A 38 -7.81 19.86 -1.60
CA SER A 38 -7.01 18.68 -1.39
C SER A 38 -6.43 18.30 -2.73
N VAL A 39 -5.65 17.26 -2.77
CA VAL A 39 -5.27 16.65 -4.03
C VAL A 39 -5.56 15.16 -3.93
N GLU A 40 -5.62 14.47 -5.05
CA GLU A 40 -6.10 13.12 -5.02
C GLU A 40 -5.09 12.16 -5.62
N TYR A 41 -5.04 10.97 -5.04
CA TYR A 41 -4.12 9.94 -5.50
C TYR A 41 -4.88 8.65 -5.80
N LEU A 42 -5.08 8.37 -7.07
CA LEU A 42 -5.73 7.10 -7.45
C LEU A 42 -4.67 6.02 -7.41
N ALA A 43 -4.76 5.14 -6.45
CA ALA A 43 -3.77 4.10 -6.31
C ALA A 43 -4.36 2.75 -6.63
N LYS A 44 -3.87 2.14 -7.70
CA LYS A 44 -4.27 0.80 -8.02
C LYS A 44 -3.42 -0.16 -7.21
N VAL A 45 -4.08 -1.13 -6.63
CA VAL A 45 -3.45 -2.06 -5.71
C VAL A 45 -3.42 -3.45 -6.32
N SER A 46 -2.42 -4.22 -5.98
CA SER A 46 -2.41 -5.61 -6.33
C SER A 46 -2.01 -6.46 -5.14
N VAL A 47 -3.01 -7.07 -4.50
CA VAL A 47 -2.83 -7.87 -3.31
C VAL A 47 -2.42 -9.29 -3.67
N THR A 48 -1.31 -9.74 -3.11
CA THR A 48 -0.82 -11.08 -3.36
C THR A 48 -1.00 -11.95 -2.11
N ASN A 49 -1.80 -13.01 -2.20
CA ASN A 49 -1.96 -13.92 -1.05
C ASN A 49 -1.02 -15.11 -1.18
N PRO A 50 -0.53 -15.62 -0.03
CA PRO A 50 0.47 -16.68 0.03
C PRO A 50 -0.11 -18.10 0.08
N TYR A 51 -1.42 -18.25 -0.02
CA TYR A 51 -2.02 -19.56 0.22
C TYR A 51 -2.20 -20.30 -1.07
N SER A 52 -3.45 -20.51 -1.42
CA SER A 52 -3.85 -21.05 -2.70
C SER A 52 -5.33 -20.81 -2.89
N HIS A 53 -5.88 -19.86 -2.12
CA HIS A 53 -7.30 -19.62 -2.15
C HIS A 53 -7.60 -18.15 -1.94
N SER A 54 -8.78 -17.76 -2.38
CA SER A 54 -9.33 -16.44 -2.18
C SER A 54 -9.38 -16.06 -0.69
N ILE A 55 -8.47 -15.22 -0.22
CA ILE A 55 -8.50 -14.80 1.18
C ILE A 55 -9.55 -13.74 1.37
N PRO A 56 -10.49 -13.99 2.28
CA PRO A 56 -11.76 -13.29 2.27
C PRO A 56 -11.61 -11.79 2.49
N ILE A 57 -10.97 -11.42 3.57
CA ILE A 57 -10.93 -10.01 3.96
C ILE A 57 -9.50 -9.57 4.26
N CYS A 58 -9.24 -8.28 4.10
CA CYS A 58 -7.93 -7.74 4.38
C CYS A 58 -8.01 -6.33 4.90
N GLU A 59 -6.83 -5.82 5.21
CA GLU A 59 -6.69 -4.51 5.77
C GLU A 59 -5.49 -3.83 5.17
N ILE A 60 -5.80 -2.80 4.41
CA ILE A 60 -4.80 -1.99 3.77
C ILE A 60 -4.54 -0.71 4.54
N SER A 61 -3.31 -0.64 5.02
CA SER A 61 -2.83 0.50 5.79
C SER A 61 -1.81 1.24 4.95
N PHE A 62 -2.20 2.36 4.37
CA PHE A 62 -1.37 2.99 3.39
C PHE A 62 -0.81 4.26 3.95
N THR A 63 0.47 4.43 3.77
CA THR A 63 1.14 5.64 4.17
C THR A 63 1.94 6.18 3.01
N PHE A 64 1.41 7.19 2.37
CA PHE A 64 2.10 7.81 1.27
C PHE A 64 2.84 9.03 1.78
N HIS A 65 4.05 9.22 1.29
CA HIS A 65 4.86 10.40 1.60
C HIS A 65 5.69 10.75 0.39
N SER A 66 5.79 12.04 0.09
CA SER A 66 6.46 12.46 -1.13
C SER A 66 7.90 12.82 -0.88
N ALA A 67 8.19 14.11 -0.74
CA ALA A 67 9.56 14.56 -0.60
C ALA A 67 10.21 13.87 0.58
N GLY A 68 9.64 14.07 1.76
CA GLY A 68 10.04 13.31 2.90
C GLY A 68 9.16 13.65 4.06
N ARG A 69 8.02 14.26 3.75
CA ARG A 69 7.14 14.78 4.78
C ARG A 69 5.94 13.86 4.99
N GLU A 70 5.22 13.61 3.90
CA GLU A 70 4.01 12.81 3.91
C GLU A 70 3.39 12.95 2.54
N ILE A 71 2.31 12.23 2.34
CA ILE A 71 1.40 12.42 1.21
C ILE A 71 -0.02 12.12 1.69
N GLY A 72 -0.16 10.99 2.38
CA GLY A 72 -1.48 10.60 2.85
C GLY A 72 -1.47 9.20 3.42
N LYS A 73 -1.86 9.07 4.68
CA LYS A 73 -1.90 7.77 5.31
C LYS A 73 -3.29 7.47 5.89
N GLY A 74 -3.50 6.20 6.17
CA GLY A 74 -4.76 5.73 6.70
C GLY A 74 -4.86 4.23 6.53
N LYS A 75 -5.85 3.61 7.15
CA LYS A 75 -6.00 2.17 7.05
C LYS A 75 -7.47 1.77 7.00
N ILE A 76 -7.80 0.88 6.09
CA ILE A 76 -9.18 0.49 5.83
C ILE A 76 -9.28 -1.02 5.60
N PRO A 77 -10.31 -1.68 6.16
CA PRO A 77 -10.59 -3.08 5.85
C PRO A 77 -11.30 -3.22 4.50
N ASP A 78 -10.74 -4.04 3.63
CA ASP A 78 -11.29 -4.21 2.28
C ASP A 78 -11.43 -5.69 1.96
N PRO A 79 -12.46 -6.09 1.21
CA PRO A 79 -12.62 -7.48 0.76
C PRO A 79 -11.51 -7.89 -0.20
N GLY A 80 -10.45 -8.47 0.35
CA GLY A 80 -9.32 -8.88 -0.45
C GLY A 80 -9.42 -10.32 -0.91
N SER A 81 -10.66 -10.79 -0.99
CA SER A 81 -10.94 -12.15 -1.41
C SER A 81 -10.64 -12.28 -2.90
N LEU A 82 -9.71 -13.17 -3.25
CA LEU A 82 -9.04 -13.03 -4.55
C LEU A 82 -8.79 -14.37 -5.24
N LYS A 83 -7.83 -14.34 -6.19
CA LYS A 83 -7.44 -15.50 -6.98
C LYS A 83 -7.12 -16.72 -6.12
N ALA A 84 -5.82 -16.89 -5.85
CA ALA A 84 -5.32 -18.08 -5.20
C ALA A 84 -3.80 -18.05 -5.30
N LYS A 85 -3.12 -17.92 -4.16
CA LYS A 85 -1.67 -17.78 -4.11
C LYS A 85 -1.13 -16.88 -5.23
N ASP A 86 -1.70 -15.69 -5.33
CA ASP A 86 -1.44 -14.84 -6.50
C ASP A 86 -1.84 -13.40 -6.20
N MET A 87 -1.80 -12.58 -7.25
CA MET A 87 -1.93 -11.14 -7.12
C MET A 87 -3.24 -10.64 -7.72
N THR A 88 -4.08 -10.04 -6.88
CA THR A 88 -5.38 -9.56 -7.29
C THR A 88 -5.38 -8.03 -7.37
N ALA A 89 -6.11 -7.49 -8.32
CA ALA A 89 -6.17 -6.04 -8.48
C ALA A 89 -7.22 -5.43 -7.56
N LEU A 90 -6.74 -4.59 -6.66
CA LEU A 90 -7.56 -3.89 -5.68
C LEU A 90 -7.40 -2.39 -5.90
N ASP A 91 -8.14 -1.56 -5.18
CA ASP A 91 -8.07 -0.12 -5.40
C ASP A 91 -7.99 0.66 -4.09
N ILE A 92 -7.21 1.72 -4.12
CA ILE A 92 -7.26 2.75 -3.08
C ILE A 92 -7.78 4.02 -3.74
N PRO A 93 -8.79 4.68 -3.14
CA PRO A 93 -9.48 5.82 -3.75
C PRO A 93 -8.56 6.93 -4.27
N VAL A 94 -8.38 8.00 -3.51
CA VAL A 94 -7.57 9.14 -3.97
C VAL A 94 -7.17 10.04 -2.82
N VAL A 95 -6.01 9.81 -2.21
CA VAL A 95 -5.71 10.52 -0.96
C VAL A 95 -4.35 11.23 -0.97
N VAL A 96 -4.37 12.55 -1.14
CA VAL A 96 -3.23 13.37 -0.76
C VAL A 96 -3.66 14.81 -0.44
N PRO A 97 -3.81 15.15 0.85
CA PRO A 97 -4.19 16.51 1.25
C PRO A 97 -3.32 17.58 0.58
N TYR A 98 -3.96 18.66 0.14
CA TYR A 98 -3.29 19.75 -0.57
C TYR A 98 -2.10 20.29 0.23
N SER A 99 -2.22 20.25 1.54
CA SER A 99 -1.18 20.69 2.45
C SER A 99 0.17 20.01 2.14
N ILE A 100 0.09 18.79 1.66
CA ILE A 100 1.28 17.98 1.46
C ILE A 100 2.05 18.42 0.22
N LEU A 101 1.32 18.38 -0.88
CA LEU A 101 1.80 18.85 -2.17
C LEU A 101 2.30 20.27 -2.09
N PHE A 102 1.75 20.98 -1.13
CA PHE A 102 2.16 22.34 -0.86
C PHE A 102 3.60 22.34 -0.40
N ASN A 103 3.91 21.43 0.50
CA ASN A 103 5.24 21.32 1.07
C ASN A 103 6.24 20.72 0.06
N LEU A 104 5.94 19.53 -0.44
CA LEU A 104 6.83 18.83 -1.37
C LEU A 104 7.08 19.62 -2.67
N ALA A 105 6.01 20.03 -3.35
CA ALA A 105 6.13 20.73 -4.63
C ALA A 105 6.81 22.08 -4.43
N ARG A 106 6.66 22.59 -3.24
CA ARG A 106 7.34 23.81 -2.88
C ARG A 106 8.85 23.60 -2.88
N ASP A 107 9.31 22.57 -2.18
CA ASP A 107 10.75 22.33 -2.04
C ASP A 107 11.34 21.59 -3.23
N VAL A 108 10.75 20.46 -3.58
CA VAL A 108 11.29 19.65 -4.65
C VAL A 108 10.78 20.14 -6.00
N GLY A 109 9.59 20.72 -5.99
CA GLY A 109 9.09 21.39 -7.19
C GLY A 109 9.81 22.71 -7.43
N VAL A 110 10.41 23.21 -6.35
CA VAL A 110 11.40 24.28 -6.49
C VAL A 110 12.39 23.84 -7.56
N ASP A 111 12.84 22.59 -7.46
CA ASP A 111 13.48 21.92 -8.58
C ASP A 111 12.46 21.68 -9.70
N TRP A 112 11.79 20.52 -9.65
CA TRP A 112 10.65 20.22 -10.53
C TRP A 112 10.10 18.81 -10.28
N ASP A 113 10.97 17.81 -10.36
CA ASP A 113 10.52 16.42 -10.19
C ASP A 113 10.70 15.95 -8.75
N ILE A 114 9.63 15.40 -8.19
CA ILE A 114 9.61 15.03 -6.78
C ILE A 114 9.54 13.51 -6.63
N ASP A 115 10.01 13.03 -5.50
CA ASP A 115 9.98 11.61 -5.19
C ASP A 115 8.77 11.32 -4.32
N TYR A 116 8.27 10.10 -4.37
CA TYR A 116 7.12 9.71 -3.58
C TYR A 116 7.34 8.29 -3.05
N GLU A 117 6.54 7.85 -2.08
CA GLU A 117 6.65 6.50 -1.56
C GLU A 117 5.34 6.05 -0.92
N LEU A 118 4.96 4.82 -1.18
CA LEU A 118 3.83 4.20 -0.52
C LEU A 118 4.31 3.22 0.53
N GLN A 119 3.73 3.31 1.70
CA GLN A 119 3.99 2.34 2.75
C GLN A 119 2.67 1.64 3.09
N ILE A 120 2.48 0.46 2.57
CA ILE A 120 1.22 -0.22 2.71
C ILE A 120 1.34 -1.45 3.60
N GLY A 121 0.68 -1.41 4.75
CA GLY A 121 0.65 -2.56 5.63
C GLY A 121 -0.53 -3.43 5.32
N LEU A 122 -0.34 -4.73 5.42
CA LEU A 122 -1.35 -5.67 5.01
C LEU A 122 -1.77 -6.60 6.13
N THR A 123 -3.05 -6.56 6.42
CA THR A 123 -3.65 -7.51 7.34
C THR A 123 -4.66 -8.35 6.59
N ILE A 124 -4.26 -9.52 6.15
CA ILE A 124 -5.14 -10.34 5.34
C ILE A 124 -5.63 -11.54 6.14
N ASP A 125 -6.90 -11.90 5.95
CA ASP A 125 -7.47 -13.01 6.67
C ASP A 125 -7.14 -14.29 5.95
N LEU A 126 -6.21 -15.02 6.54
CA LEU A 126 -5.67 -16.25 5.97
C LEU A 126 -6.13 -17.42 6.83
N PRO A 127 -6.43 -18.58 6.23
CA PRO A 127 -6.97 -19.73 6.97
C PRO A 127 -6.06 -20.22 8.11
N VAL A 128 -4.76 -19.97 8.00
CA VAL A 128 -3.80 -20.50 8.98
C VAL A 128 -3.84 -19.76 10.32
N VAL A 129 -3.61 -18.45 10.31
CA VAL A 129 -3.55 -17.68 11.55
C VAL A 129 -4.83 -16.86 11.68
N GLY A 130 -5.64 -16.97 10.67
CA GLY A 130 -6.85 -16.18 10.55
C GLY A 130 -6.56 -14.75 10.18
N GLU A 131 -5.27 -14.44 10.04
CA GLU A 131 -4.82 -13.11 9.67
C GLU A 131 -3.30 -13.13 9.50
N PHE A 132 -2.76 -12.01 9.05
CA PHE A 132 -1.33 -11.81 8.96
C PHE A 132 -1.07 -10.35 8.62
N THR A 133 -0.28 -9.68 9.44
CA THR A 133 -0.01 -8.26 9.24
C THR A 133 1.46 -8.01 8.89
N ILE A 134 1.70 -7.77 7.60
CA ILE A 134 3.03 -7.44 7.11
C ILE A 134 2.97 -6.16 6.28
N PRO A 135 4.00 -5.31 6.33
CA PRO A 135 4.07 -4.13 5.52
C PRO A 135 4.87 -4.32 4.22
N ILE A 136 4.67 -3.41 3.28
CA ILE A 136 5.36 -3.43 2.01
C ILE A 136 5.27 -2.02 1.40
N SER A 137 6.03 -1.74 0.37
CA SER A 137 6.17 -0.37 -0.08
C SER A 137 6.33 -0.26 -1.59
N SER A 138 6.04 0.92 -2.12
CA SER A 138 6.26 1.22 -3.53
C SER A 138 6.53 2.71 -3.68
N LYS A 139 7.77 3.07 -4.00
CA LYS A 139 8.13 4.47 -4.16
C LYS A 139 8.34 4.80 -5.63
N GLY A 140 8.03 6.03 -6.04
CA GLY A 140 8.16 6.39 -7.43
C GLY A 140 8.22 7.90 -7.60
N GLU A 141 9.04 8.31 -8.55
CA GLU A 141 9.27 9.73 -8.82
C GLU A 141 8.72 10.10 -10.18
N ILE A 142 7.99 11.22 -10.27
CA ILE A 142 7.41 11.65 -11.53
C ILE A 142 7.54 13.17 -11.62
N LYS A 143 7.15 13.73 -12.75
CA LYS A 143 7.31 15.17 -13.01
C LYS A 143 6.39 16.00 -12.12
N LEU A 144 6.54 17.32 -12.21
CA LEU A 144 5.85 18.27 -11.32
C LEU A 144 4.32 18.09 -11.39
N PRO A 145 3.65 18.10 -10.23
CA PRO A 145 2.19 17.99 -10.13
C PRO A 145 1.46 19.25 -10.56
N THR A 146 0.13 19.17 -10.60
CA THR A 146 -0.72 20.31 -10.94
C THR A 146 -0.44 21.51 -10.03
N PHE A 147 0.07 22.59 -10.61
CA PHE A 147 0.42 23.78 -9.85
C PHE A 147 -0.21 25.01 -10.49
N LYS A 148 -0.40 26.06 -9.70
CA LYS A 148 -0.94 27.33 -10.21
C LYS A 148 -1.00 28.37 -9.10
N ASP A 149 0.12 29.07 -8.90
CA ASP A 149 0.24 30.13 -7.89
C ASP A 149 0.09 29.58 -6.46
N PHE A 150 0.00 28.26 -6.35
CA PHE A 150 -0.14 27.61 -5.06
C PHE A 150 1.24 27.26 -4.53
N PHE A 151 2.00 26.58 -5.35
CA PHE A 151 3.37 26.22 -5.03
C PHE A 151 4.23 26.33 -6.28
N MET A 1 0.07 -23.60 8.37
CA MET A 1 -1.13 -23.89 9.19
C MET A 1 -0.87 -23.55 10.66
N ALA A 2 -1.95 -23.26 11.38
CA ALA A 2 -1.94 -23.13 12.85
C ALA A 2 -1.33 -21.81 13.33
N SER A 3 -0.11 -21.50 12.88
CA SER A 3 0.67 -20.36 13.35
C SER A 3 1.21 -20.62 14.76
N LEU A 4 0.32 -21.05 15.65
CA LEU A 4 0.71 -21.47 16.98
C LEU A 4 0.76 -23.00 17.04
N LEU A 5 1.95 -23.54 17.25
CA LEU A 5 2.14 -24.99 17.23
C LEU A 5 1.56 -25.65 18.48
N ASP A 6 2.09 -25.27 19.63
CA ASP A 6 1.64 -25.83 20.90
C ASP A 6 1.62 -24.75 21.97
N LYS A 7 0.61 -24.79 22.83
CA LYS A 7 0.42 -23.73 23.81
C LYS A 7 0.77 -24.20 25.22
N ALA A 8 0.62 -25.50 25.46
CA ALA A 8 0.93 -26.13 26.75
C ALA A 8 0.08 -25.55 27.88
N LYS A 9 0.53 -24.46 28.46
CA LYS A 9 -0.22 -23.79 29.51
C LYS A 9 -0.20 -22.28 29.30
N ASP A 10 -0.92 -21.82 28.28
CA ASP A 10 -1.10 -20.39 28.02
C ASP A 10 0.24 -19.71 27.74
N PHE A 11 1.25 -20.48 27.36
CA PHE A 11 2.58 -19.94 27.15
C PHE A 11 3.21 -20.57 25.92
N VAL A 12 3.37 -19.78 24.88
CA VAL A 12 4.01 -20.25 23.66
C VAL A 12 5.52 -20.02 23.74
N ALA A 13 6.28 -20.96 23.22
CA ALA A 13 7.72 -20.83 23.16
C ALA A 13 8.11 -19.72 22.19
N ASP A 14 7.55 -19.79 21.00
CA ASP A 14 7.75 -18.78 19.98
C ASP A 14 6.53 -18.69 19.08
N LYS A 15 5.80 -17.59 19.19
CA LYS A 15 4.62 -17.37 18.35
C LYS A 15 5.00 -16.62 17.08
N LEU A 16 5.14 -17.36 15.99
CA LEU A 16 5.42 -16.75 14.71
C LEU A 16 4.81 -17.60 13.58
N THR A 17 5.66 -18.39 12.91
CA THR A 17 5.25 -19.17 11.74
C THR A 17 4.67 -18.26 10.66
N ALA A 18 3.35 -18.07 10.73
CA ALA A 18 2.62 -17.18 9.84
C ALA A 18 2.97 -17.38 8.36
N ILE A 19 3.25 -16.29 7.67
CA ILE A 19 3.29 -16.28 6.22
C ILE A 19 4.59 -15.65 5.70
N PRO A 20 4.76 -15.57 4.36
CA PRO A 20 5.89 -14.84 3.73
C PRO A 20 5.84 -13.33 4.00
N LYS A 21 6.40 -12.55 3.08
CA LYS A 21 6.57 -11.12 3.30
C LYS A 21 6.54 -10.32 1.99
N PRO A 22 7.30 -10.72 0.94
CA PRO A 22 7.27 -10.02 -0.35
C PRO A 22 6.01 -10.33 -1.16
N GLU A 23 4.86 -9.93 -0.63
CA GLU A 23 3.59 -10.13 -1.24
C GLU A 23 2.90 -8.77 -1.18
N GLY A 24 2.11 -8.44 -2.17
CA GLY A 24 1.80 -7.03 -2.35
C GLY A 24 0.35 -6.63 -2.18
N SER A 25 0.15 -5.34 -2.42
CA SER A 25 -1.14 -4.68 -2.54
C SER A 25 -0.86 -3.37 -3.26
N VAL A 26 0.09 -3.48 -4.14
CA VAL A 26 0.66 -2.34 -4.81
C VAL A 26 0.73 -2.64 -6.30
N THR A 27 0.73 -1.61 -7.12
CA THR A 27 0.94 -1.77 -8.55
C THR A 27 1.07 -0.43 -9.27
N ASP A 28 0.34 0.59 -8.82
CA ASP A 28 0.41 1.91 -9.44
C ASP A 28 -0.19 2.96 -8.52
N VAL A 29 0.19 4.21 -8.69
CA VAL A 29 -0.39 5.32 -7.94
C VAL A 29 -0.48 6.56 -8.84
N ASP A 30 -1.64 7.21 -8.83
CA ASP A 30 -1.92 8.31 -9.75
C ASP A 30 -2.05 9.62 -8.99
N LEU A 31 -1.25 10.59 -9.39
CA LEU A 31 -1.33 11.92 -8.81
C LEU A 31 -2.35 12.76 -9.56
N LYS A 32 -3.36 13.23 -8.85
CA LYS A 32 -4.29 14.18 -9.41
C LYS A 32 -4.53 15.32 -8.42
N ASP A 33 -5.77 15.61 -8.08
CA ASP A 33 -6.09 16.82 -7.33
C ASP A 33 -7.59 17.01 -7.14
N VAL A 34 -7.94 18.03 -6.37
CA VAL A 34 -9.32 18.41 -6.16
C VAL A 34 -9.43 19.86 -5.66
N ASN A 35 -9.74 20.77 -6.57
CA ASN A 35 -9.95 22.17 -6.23
C ASN A 35 -8.63 22.78 -5.77
N ARG A 36 -8.49 22.93 -4.46
CA ARG A 36 -7.25 23.34 -3.84
C ARG A 36 -7.46 23.26 -2.35
N ASP A 37 -8.30 22.32 -2.00
CA ASP A 37 -8.70 22.09 -0.64
C ASP A 37 -7.90 20.92 -0.15
N SER A 38 -7.84 19.98 -1.05
CA SER A 38 -7.06 18.79 -0.93
C SER A 38 -6.69 18.41 -2.34
N VAL A 39 -5.93 17.35 -2.50
CA VAL A 39 -5.80 16.75 -3.79
C VAL A 39 -6.05 15.27 -3.69
N GLU A 40 -5.98 14.58 -4.79
CA GLU A 40 -6.38 13.20 -4.79
C GLU A 40 -5.26 12.28 -5.28
N TYR A 41 -5.17 11.12 -4.66
CA TYR A 41 -4.20 10.10 -5.05
C TYR A 41 -4.92 8.81 -5.38
N LEU A 42 -5.05 8.51 -6.66
CA LEU A 42 -5.64 7.24 -7.07
C LEU A 42 -4.60 6.15 -6.84
N ALA A 43 -4.84 5.29 -5.89
CA ALA A 43 -3.86 4.27 -5.57
C ALA A 43 -4.31 2.93 -6.10
N LYS A 44 -3.60 2.48 -7.10
CA LYS A 44 -3.90 1.21 -7.73
C LYS A 44 -3.22 0.11 -6.93
N VAL A 45 -4.02 -0.84 -6.50
CA VAL A 45 -3.56 -1.89 -5.62
C VAL A 45 -3.54 -3.23 -6.33
N SER A 46 -2.50 -3.99 -6.08
CA SER A 46 -2.50 -5.37 -6.50
C SER A 46 -2.01 -6.27 -5.38
N VAL A 47 -2.95 -6.89 -4.69
CA VAL A 47 -2.68 -7.69 -3.50
C VAL A 47 -2.23 -9.08 -3.89
N THR A 48 -1.10 -9.50 -3.33
CA THR A 48 -0.60 -10.83 -3.58
C THR A 48 -0.74 -11.65 -2.30
N ASN A 49 -1.66 -12.61 -2.34
CA ASN A 49 -1.85 -13.57 -1.23
C ASN A 49 -1.10 -14.86 -1.55
N PRO A 50 -0.23 -15.30 -0.62
CA PRO A 50 0.73 -16.39 -0.83
C PRO A 50 0.49 -17.68 -0.02
N TYR A 51 -0.75 -18.12 0.16
CA TYR A 51 -0.95 -19.36 0.93
C TYR A 51 -1.57 -20.47 0.09
N SER A 52 -2.02 -20.10 -1.10
CA SER A 52 -2.54 -21.00 -2.16
C SER A 52 -4.03 -21.24 -1.91
N HIS A 53 -4.64 -20.25 -1.27
CA HIS A 53 -6.07 -20.27 -0.96
C HIS A 53 -6.62 -18.85 -1.00
N SER A 54 -7.63 -18.63 -1.81
CA SER A 54 -8.37 -17.39 -1.84
C SER A 54 -8.78 -16.93 -0.45
N ILE A 55 -8.11 -15.94 0.11
CA ILE A 55 -8.44 -15.52 1.46
C ILE A 55 -9.73 -14.74 1.41
N PRO A 56 -10.35 -14.39 2.54
CA PRO A 56 -11.59 -13.66 2.54
C PRO A 56 -11.42 -12.14 2.63
N ILE A 57 -10.88 -11.67 3.74
CA ILE A 57 -10.92 -10.24 4.06
C ILE A 57 -9.53 -9.72 4.38
N CYS A 58 -9.33 -8.41 4.30
CA CYS A 58 -8.03 -7.83 4.56
C CYS A 58 -8.11 -6.37 4.97
N GLU A 59 -6.93 -5.82 5.15
CA GLU A 59 -6.74 -4.43 5.54
C GLU A 59 -5.67 -3.81 4.66
N ILE A 60 -6.07 -2.81 3.89
CA ILE A 60 -5.12 -2.00 3.19
C ILE A 60 -4.85 -0.74 4.00
N SER A 61 -3.65 -0.69 4.54
CA SER A 61 -3.22 0.43 5.35
C SER A 61 -2.12 1.17 4.63
N PHE A 62 -2.47 2.29 4.03
CA PHE A 62 -1.57 2.95 3.10
C PHE A 62 -1.09 4.26 3.70
N THR A 63 0.19 4.40 3.76
CA THR A 63 0.81 5.61 4.24
C THR A 63 1.71 6.17 3.16
N PHE A 64 1.28 7.23 2.52
CA PHE A 64 1.99 7.79 1.41
C PHE A 64 2.89 8.91 1.87
N HIS A 65 4.08 8.97 1.31
CA HIS A 65 5.04 10.02 1.62
C HIS A 65 5.49 10.65 0.33
N SER A 66 5.73 11.93 0.37
CA SER A 66 6.21 12.64 -0.77
C SER A 66 7.71 12.83 -0.71
N ALA A 67 8.13 14.09 -0.55
CA ALA A 67 9.54 14.42 -0.55
C ALA A 67 10.19 13.76 0.64
N GLY A 68 9.60 13.98 1.82
CA GLY A 68 9.97 13.23 2.98
C GLY A 68 8.89 13.32 4.04
N ARG A 69 7.72 13.82 3.63
CA ARG A 69 6.63 14.05 4.56
C ARG A 69 5.50 13.08 4.24
N GLU A 70 4.32 13.32 4.76
CA GLU A 70 3.28 12.34 4.68
C GLU A 70 2.21 12.78 3.70
N ILE A 71 2.30 12.27 2.49
CA ILE A 71 1.32 12.53 1.46
C ILE A 71 -0.08 12.22 1.98
N GLY A 72 -0.17 11.21 2.82
CA GLY A 72 -1.44 10.85 3.42
C GLY A 72 -1.39 9.45 3.97
N LYS A 73 -2.41 9.04 4.71
CA LYS A 73 -2.44 7.68 5.23
C LYS A 73 -3.83 7.30 5.71
N GLY A 74 -4.02 5.99 5.88
CA GLY A 74 -5.29 5.47 6.35
C GLY A 74 -5.33 3.97 6.23
N LYS A 75 -6.35 3.37 6.80
CA LYS A 75 -6.50 1.92 6.74
C LYS A 75 -7.96 1.54 6.58
N ILE A 76 -8.23 0.63 5.65
CA ILE A 76 -9.59 0.22 5.35
C ILE A 76 -9.69 -1.29 5.27
N PRO A 77 -10.57 -1.90 6.08
CA PRO A 77 -10.87 -3.32 5.99
C PRO A 77 -11.67 -3.62 4.72
N ASP A 78 -11.09 -4.41 3.82
CA ASP A 78 -11.71 -4.67 2.55
C ASP A 78 -11.68 -6.16 2.23
N PRO A 79 -12.76 -6.70 1.65
CA PRO A 79 -12.81 -8.10 1.22
C PRO A 79 -11.76 -8.42 0.16
N GLY A 80 -10.58 -8.81 0.62
CA GLY A 80 -9.51 -9.16 -0.29
C GLY A 80 -9.50 -10.63 -0.61
N SER A 81 -10.69 -11.17 -0.86
CA SER A 81 -10.84 -12.56 -1.23
C SER A 81 -10.38 -12.77 -2.67
N LEU A 82 -9.40 -13.66 -2.91
CA LEU A 82 -8.72 -13.60 -4.22
C LEU A 82 -7.88 -14.83 -4.57
N LYS A 83 -7.45 -14.83 -5.85
CA LYS A 83 -6.67 -15.91 -6.49
C LYS A 83 -6.54 -17.17 -5.64
N ALA A 84 -5.40 -17.29 -4.98
CA ALA A 84 -5.05 -18.39 -4.12
C ALA A 84 -3.62 -18.20 -3.77
N LYS A 85 -2.92 -17.88 -4.78
CA LYS A 85 -1.54 -17.51 -4.68
C LYS A 85 -1.12 -16.73 -5.90
N ASP A 86 -1.62 -15.52 -5.97
CA ASP A 86 -1.39 -14.64 -7.09
C ASP A 86 -1.72 -13.21 -6.68
N MET A 87 -1.92 -12.35 -7.64
CA MET A 87 -2.05 -10.94 -7.40
C MET A 87 -3.40 -10.46 -7.92
N THR A 88 -4.19 -9.88 -7.04
CA THR A 88 -5.52 -9.43 -7.39
C THR A 88 -5.52 -7.90 -7.51
N ALA A 89 -6.29 -7.39 -8.47
CA ALA A 89 -6.34 -5.94 -8.65
C ALA A 89 -7.39 -5.33 -7.73
N LEU A 90 -6.95 -4.39 -6.93
CA LEU A 90 -7.78 -3.69 -5.98
C LEU A 90 -7.51 -2.19 -6.17
N ASP A 91 -8.35 -1.31 -5.65
CA ASP A 91 -8.08 0.11 -5.83
C ASP A 91 -8.45 0.91 -4.61
N ILE A 92 -7.63 1.92 -4.32
CA ILE A 92 -7.91 2.87 -3.27
C ILE A 92 -8.45 4.14 -3.93
N PRO A 93 -9.42 4.83 -3.29
CA PRO A 93 -9.98 6.09 -3.81
C PRO A 93 -8.92 7.11 -4.25
N VAL A 94 -8.73 8.18 -3.47
CA VAL A 94 -7.85 9.27 -3.90
C VAL A 94 -7.43 10.16 -2.73
N VAL A 95 -6.27 9.91 -2.13
CA VAL A 95 -5.93 10.60 -0.89
C VAL A 95 -4.56 11.29 -0.91
N VAL A 96 -4.54 12.62 -1.07
CA VAL A 96 -3.40 13.40 -0.62
C VAL A 96 -3.84 14.82 -0.26
N PRO A 97 -3.77 15.20 1.01
CA PRO A 97 -4.04 16.59 1.41
C PRO A 97 -3.18 17.57 0.62
N TYR A 98 -3.81 18.63 0.14
CA TYR A 98 -3.15 19.64 -0.68
C TYR A 98 -1.92 20.21 0.03
N SER A 99 -1.98 20.24 1.36
CA SER A 99 -0.89 20.74 2.19
C SER A 99 0.42 19.96 1.96
N ILE A 100 0.30 18.70 1.57
CA ILE A 100 1.49 17.87 1.40
C ILE A 100 2.18 18.19 0.07
N LEU A 101 1.41 18.15 -1.01
CA LEU A 101 1.89 18.64 -2.33
C LEU A 101 2.46 20.05 -2.18
N PHE A 102 1.95 20.75 -1.19
CA PHE A 102 2.38 22.11 -0.89
C PHE A 102 3.85 22.09 -0.50
N ASN A 103 4.21 21.12 0.31
CA ASN A 103 5.59 20.98 0.78
C ASN A 103 6.52 20.46 -0.31
N LEU A 104 6.19 19.29 -0.86
CA LEU A 104 7.03 18.66 -1.88
C LEU A 104 7.24 19.54 -3.12
N ALA A 105 6.17 20.08 -3.67
CA ALA A 105 6.27 20.88 -4.90
C ALA A 105 6.98 22.19 -4.61
N ARG A 106 6.88 22.62 -3.37
CA ARG A 106 7.59 23.80 -2.96
C ARG A 106 9.10 23.54 -2.96
N ASP A 107 9.53 22.51 -2.26
CA ASP A 107 10.95 22.24 -2.10
C ASP A 107 11.52 21.55 -3.34
N VAL A 108 10.92 20.45 -3.72
CA VAL A 108 11.45 19.66 -4.80
C VAL A 108 10.88 20.14 -6.14
N GLY A 109 9.68 20.69 -6.12
CA GLY A 109 9.15 21.32 -7.33
C GLY A 109 9.92 22.58 -7.67
N VAL A 110 10.51 23.16 -6.64
CA VAL A 110 11.47 24.22 -6.81
C VAL A 110 12.55 23.71 -7.78
N ASP A 111 13.03 22.48 -7.54
CA ASP A 111 13.88 21.77 -8.50
C ASP A 111 13.12 21.37 -9.78
N TRP A 112 12.08 20.52 -9.61
CA TRP A 112 11.31 19.90 -10.72
C TRP A 112 10.65 18.54 -10.33
N ASP A 113 11.44 17.48 -10.34
CA ASP A 113 10.95 16.11 -10.13
C ASP A 113 11.02 15.72 -8.66
N ILE A 114 9.90 15.23 -8.12
CA ILE A 114 9.81 14.92 -6.69
C ILE A 114 9.74 13.42 -6.48
N ASP A 115 10.15 12.98 -5.30
CA ASP A 115 10.10 11.58 -4.94
C ASP A 115 8.87 11.32 -4.11
N TYR A 116 8.36 10.09 -4.14
CA TYR A 116 7.20 9.71 -3.35
C TYR A 116 7.38 8.28 -2.88
N GLU A 117 6.58 7.86 -1.91
CA GLU A 117 6.66 6.52 -1.35
C GLU A 117 5.32 6.10 -0.79
N LEU A 118 4.93 4.87 -1.08
CA LEU A 118 3.77 4.28 -0.46
C LEU A 118 4.21 3.26 0.59
N GLN A 119 3.63 3.38 1.76
CA GLN A 119 3.88 2.45 2.84
C GLN A 119 2.59 1.75 3.18
N ILE A 120 2.43 0.55 2.70
CA ILE A 120 1.16 -0.10 2.83
C ILE A 120 1.29 -1.41 3.62
N GLY A 121 0.57 -1.48 4.73
CA GLY A 121 0.55 -2.67 5.55
C GLY A 121 -0.52 -3.64 5.12
N LEU A 122 -0.13 -4.89 4.93
CA LEU A 122 -1.04 -5.92 4.46
C LEU A 122 -1.53 -6.78 5.61
N THR A 123 -2.65 -6.39 6.18
CA THR A 123 -3.31 -7.21 7.17
C THR A 123 -4.35 -8.07 6.48
N ILE A 124 -4.00 -9.30 6.16
CA ILE A 124 -4.91 -10.15 5.45
C ILE A 124 -5.37 -11.29 6.33
N ASP A 125 -6.66 -11.59 6.26
CA ASP A 125 -7.26 -12.65 7.05
C ASP A 125 -6.94 -13.96 6.38
N LEU A 126 -6.03 -14.70 6.98
CA LEU A 126 -5.48 -15.91 6.39
C LEU A 126 -5.90 -17.14 7.17
N PRO A 127 -5.71 -18.34 6.60
CA PRO A 127 -5.91 -19.58 7.35
C PRO A 127 -4.73 -19.88 8.28
N VAL A 128 -3.60 -19.21 8.04
CA VAL A 128 -2.37 -19.49 8.78
C VAL A 128 -2.39 -18.93 10.20
N VAL A 129 -2.56 -17.61 10.30
CA VAL A 129 -2.55 -16.93 11.60
C VAL A 129 -3.94 -16.41 11.88
N GLY A 130 -4.81 -16.67 10.93
CA GLY A 130 -6.13 -16.08 10.92
C GLY A 130 -6.09 -14.67 10.38
N GLU A 131 -4.95 -14.02 10.56
CA GLU A 131 -4.73 -12.67 10.12
C GLU A 131 -3.29 -12.31 10.40
N PHE A 132 -2.67 -11.55 9.52
CA PHE A 132 -1.31 -11.11 9.76
C PHE A 132 -1.04 -9.84 8.98
N THR A 133 -0.25 -8.96 9.55
CA THR A 133 0.07 -7.71 8.92
C THR A 133 1.55 -7.65 8.52
N ILE A 134 1.81 -7.75 7.23
CA ILE A 134 3.14 -7.54 6.69
C ILE A 134 3.12 -6.31 5.81
N PRO A 135 4.02 -5.36 6.02
CA PRO A 135 4.04 -4.13 5.25
C PRO A 135 4.89 -4.25 4.00
N ILE A 136 4.63 -3.34 3.06
CA ILE A 136 5.34 -3.30 1.81
C ILE A 136 5.26 -1.88 1.27
N SER A 137 6.06 -1.55 0.28
CA SER A 137 6.22 -0.18 -0.13
C SER A 137 6.29 -0.06 -1.64
N SER A 138 5.90 1.09 -2.16
CA SER A 138 6.02 1.38 -3.57
C SER A 138 6.36 2.86 -3.73
N LYS A 139 7.61 3.15 -4.06
CA LYS A 139 8.06 4.53 -4.16
C LYS A 139 8.47 4.86 -5.57
N GLY A 140 8.30 6.11 -5.98
CA GLY A 140 8.67 6.50 -7.32
C GLY A 140 8.85 8.00 -7.44
N GLU A 141 9.76 8.39 -8.30
CA GLU A 141 10.00 9.79 -8.61
C GLU A 141 9.42 10.11 -9.98
N ILE A 142 8.53 11.09 -10.07
CA ILE A 142 7.90 11.40 -11.35
C ILE A 142 7.86 12.91 -11.54
N LYS A 143 7.45 13.33 -12.73
CA LYS A 143 7.40 14.74 -13.08
C LYS A 143 6.58 15.56 -12.09
N LEU A 144 6.82 16.86 -12.10
CA LEU A 144 6.13 17.82 -11.25
C LEU A 144 4.61 17.72 -11.46
N PRO A 145 3.85 17.70 -10.35
CA PRO A 145 2.39 17.68 -10.40
C PRO A 145 1.82 18.94 -11.07
N THR A 146 0.55 18.94 -11.38
CA THR A 146 -0.03 20.03 -12.16
C THR A 146 -0.31 21.26 -11.30
N PHE A 147 0.69 22.15 -11.22
CA PHE A 147 0.56 23.39 -10.46
C PHE A 147 1.16 24.55 -11.23
N LYS A 148 0.27 25.35 -11.81
CA LYS A 148 0.68 26.49 -12.63
C LYS A 148 1.25 27.60 -11.76
N ASP A 149 0.38 28.31 -11.06
CA ASP A 149 0.80 29.41 -10.19
C ASP A 149 0.46 29.08 -8.75
N PHE A 150 0.32 27.80 -8.47
CA PHE A 150 0.12 27.33 -7.11
C PHE A 150 1.45 27.37 -6.37
N PHE A 151 2.48 26.84 -7.02
CA PHE A 151 3.83 26.86 -6.47
C PHE A 151 4.81 27.33 -7.55
N MET A 1 6.30 -23.24 2.42
CA MET A 1 4.86 -22.93 2.42
C MET A 1 4.17 -23.57 3.62
N ALA A 2 4.02 -22.80 4.68
CA ALA A 2 3.35 -23.27 5.89
C ALA A 2 1.85 -23.34 5.68
N SER A 3 1.18 -24.21 6.43
CA SER A 3 -0.25 -24.39 6.30
C SER A 3 -0.78 -25.25 7.45
N LEU A 4 -0.24 -26.45 7.54
CA LEU A 4 -0.62 -27.42 8.57
C LEU A 4 0.16 -28.70 8.37
N LEU A 5 -0.01 -29.29 7.18
CA LEU A 5 0.70 -30.51 6.78
C LEU A 5 0.48 -31.66 7.78
N ASP A 6 1.48 -31.90 8.62
CA ASP A 6 1.45 -33.04 9.53
C ASP A 6 0.76 -32.65 10.84
N LYS A 7 0.23 -33.62 11.56
CA LYS A 7 -0.53 -33.33 12.77
C LYS A 7 0.29 -33.65 14.02
N ALA A 8 1.49 -34.18 13.83
CA ALA A 8 2.34 -34.57 14.94
C ALA A 8 3.57 -33.67 15.03
N LYS A 9 3.47 -32.49 14.43
CA LYS A 9 4.57 -31.53 14.48
C LYS A 9 4.44 -30.60 15.69
N ASP A 10 5.32 -30.79 16.66
CA ASP A 10 5.33 -29.95 17.85
C ASP A 10 6.51 -29.01 17.83
N PHE A 11 7.50 -29.31 16.98
CA PHE A 11 8.70 -28.48 16.86
C PHE A 11 8.32 -27.03 16.66
N VAL A 12 7.67 -26.75 15.53
CA VAL A 12 7.13 -25.43 15.25
C VAL A 12 5.74 -25.58 14.65
N ALA A 13 4.83 -24.70 15.02
CA ALA A 13 3.49 -24.72 14.49
C ALA A 13 3.47 -24.03 13.12
N ASP A 14 4.05 -24.70 12.14
CA ASP A 14 4.19 -24.17 10.78
C ASP A 14 4.95 -22.84 10.80
N LYS A 15 6.28 -22.95 10.72
CA LYS A 15 7.16 -21.79 10.80
C LYS A 15 7.03 -21.09 12.15
N LEU A 16 6.15 -20.10 12.20
CA LEU A 16 5.88 -19.36 13.42
C LEU A 16 4.40 -19.07 13.53
N THR A 17 3.61 -20.04 13.05
CA THR A 17 2.15 -19.93 13.00
C THR A 17 1.71 -19.10 11.80
N ALA A 18 2.61 -18.25 11.33
CA ALA A 18 2.37 -17.50 10.10
C ALA A 18 3.17 -18.09 8.96
N ILE A 19 2.70 -17.89 7.74
CA ILE A 19 3.20 -18.65 6.60
C ILE A 19 4.23 -17.89 5.74
N PRO A 20 3.89 -16.75 5.08
CA PRO A 20 4.76 -16.09 4.13
C PRO A 20 5.48 -14.85 4.69
N LYS A 21 5.65 -13.84 3.83
CA LYS A 21 6.33 -12.60 4.20
C LYS A 21 6.12 -11.51 3.13
N PRO A 22 6.47 -11.77 1.84
CA PRO A 22 6.31 -10.81 0.77
C PRO A 22 5.08 -11.07 -0.11
N GLU A 23 3.98 -10.40 0.20
CA GLU A 23 2.75 -10.52 -0.51
C GLU A 23 2.37 -9.11 -0.86
N GLY A 24 1.61 -8.90 -1.90
CA GLY A 24 1.46 -7.53 -2.35
C GLY A 24 0.09 -6.94 -2.17
N SER A 25 0.02 -5.65 -2.46
CA SER A 25 -1.19 -4.87 -2.59
C SER A 25 -0.83 -3.60 -3.34
N VAL A 26 0.14 -3.75 -4.20
CA VAL A 26 0.75 -2.63 -4.90
C VAL A 26 0.86 -2.93 -6.36
N THR A 27 0.87 -1.89 -7.18
CA THR A 27 1.18 -2.00 -8.59
C THR A 27 1.55 -0.63 -9.16
N ASP A 28 0.79 0.40 -8.80
CA ASP A 28 1.07 1.76 -9.29
C ASP A 28 0.23 2.78 -8.55
N VAL A 29 0.78 3.94 -8.32
CA VAL A 29 0.02 5.03 -7.74
C VAL A 29 -0.01 6.21 -8.71
N ASP A 30 -1.18 6.77 -8.93
CA ASP A 30 -1.37 7.73 -10.00
C ASP A 30 -1.82 9.07 -9.48
N LEU A 31 -1.24 10.14 -10.02
CA LEU A 31 -1.45 11.48 -9.50
C LEU A 31 -2.59 12.19 -10.22
N LYS A 32 -3.54 12.69 -9.44
CA LYS A 32 -4.54 13.61 -9.93
C LYS A 32 -4.62 14.81 -8.97
N ASP A 33 -5.81 15.23 -8.54
CA ASP A 33 -5.95 16.48 -7.77
C ASP A 33 -7.41 16.85 -7.55
N VAL A 34 -7.64 17.92 -6.79
CA VAL A 34 -8.98 18.44 -6.60
C VAL A 34 -8.98 19.92 -6.21
N ASN A 35 -9.09 20.77 -7.24
CA ASN A 35 -9.21 22.21 -7.08
C ASN A 35 -7.95 22.86 -6.53
N ARG A 36 -7.59 22.47 -5.29
CA ARG A 36 -6.56 23.11 -4.45
C ARG A 36 -7.04 23.22 -3.02
N ASP A 37 -8.04 22.44 -2.71
CA ASP A 37 -8.53 22.29 -1.35
C ASP A 37 -7.71 21.19 -0.77
N SER A 38 -7.63 20.19 -1.61
CA SER A 38 -6.90 18.98 -1.37
C SER A 38 -6.41 18.52 -2.72
N VAL A 39 -5.68 17.43 -2.76
CA VAL A 39 -5.40 16.77 -4.01
C VAL A 39 -5.71 15.29 -3.84
N GLU A 40 -5.80 14.56 -4.93
CA GLU A 40 -6.24 13.20 -4.85
C GLU A 40 -5.24 12.25 -5.49
N TYR A 41 -5.03 11.12 -4.84
CA TYR A 41 -4.05 10.14 -5.28
C TYR A 41 -4.71 8.80 -5.46
N LEU A 42 -4.92 8.38 -6.68
CA LEU A 42 -5.48 7.07 -6.87
C LEU A 42 -4.37 6.03 -6.93
N ALA A 43 -4.32 5.21 -5.91
CA ALA A 43 -3.34 4.16 -5.83
C ALA A 43 -3.94 2.86 -6.31
N LYS A 44 -3.40 2.33 -7.38
CA LYS A 44 -3.85 1.06 -7.90
C LYS A 44 -3.14 -0.04 -7.12
N VAL A 45 -3.92 -0.99 -6.67
CA VAL A 45 -3.44 -2.03 -5.79
C VAL A 45 -3.43 -3.38 -6.51
N SER A 46 -2.43 -4.19 -6.25
CA SER A 46 -2.47 -5.57 -6.64
C SER A 46 -2.08 -6.46 -5.47
N VAL A 47 -3.08 -7.01 -4.81
CA VAL A 47 -2.88 -7.82 -3.61
C VAL A 47 -2.49 -9.24 -3.99
N THR A 48 -1.40 -9.72 -3.42
CA THR A 48 -0.98 -11.08 -3.63
C THR A 48 -1.21 -11.88 -2.36
N ASN A 49 -2.13 -12.84 -2.43
CA ASN A 49 -2.39 -13.72 -1.28
C ASN A 49 -1.50 -14.95 -1.35
N PRO A 50 -0.98 -15.39 -0.20
CA PRO A 50 0.07 -16.42 -0.11
C PRO A 50 -0.43 -17.84 0.14
N TYR A 51 -1.75 -18.06 0.15
CA TYR A 51 -2.27 -19.35 0.54
C TYR A 51 -2.56 -20.20 -0.69
N SER A 52 -3.82 -20.50 -0.97
CA SER A 52 -4.20 -21.20 -2.18
C SER A 52 -5.70 -21.42 -2.25
N HIS A 53 -6.48 -20.65 -1.49
CA HIS A 53 -7.89 -20.95 -1.32
C HIS A 53 -8.77 -19.70 -1.35
N SER A 54 -8.26 -18.60 -1.92
CA SER A 54 -9.01 -17.36 -1.99
C SER A 54 -9.43 -16.86 -0.60
N ILE A 55 -8.67 -15.96 0.00
CA ILE A 55 -8.94 -15.58 1.38
C ILE A 55 -10.17 -14.71 1.41
N PRO A 56 -10.72 -14.40 2.58
CA PRO A 56 -11.93 -13.60 2.67
C PRO A 56 -11.67 -12.12 2.83
N ILE A 57 -11.02 -11.73 3.92
CA ILE A 57 -10.98 -10.34 4.29
C ILE A 57 -9.55 -9.85 4.47
N CYS A 58 -9.35 -8.56 4.30
CA CYS A 58 -8.04 -7.96 4.45
C CYS A 58 -8.13 -6.56 5.04
N GLU A 59 -6.95 -6.01 5.26
CA GLU A 59 -6.80 -4.66 5.73
C GLU A 59 -5.61 -4.02 5.06
N ILE A 60 -5.89 -3.01 4.25
CA ILE A 60 -4.86 -2.21 3.64
C ILE A 60 -4.68 -0.86 4.33
N SER A 61 -3.46 -0.67 4.80
CA SER A 61 -3.05 0.53 5.51
C SER A 61 -2.00 1.27 4.71
N PHE A 62 -2.36 2.41 4.16
CA PHE A 62 -1.50 3.07 3.19
C PHE A 62 -1.00 4.39 3.76
N THR A 63 0.30 4.52 3.81
CA THR A 63 0.93 5.73 4.28
C THR A 63 1.84 6.29 3.20
N PHE A 64 1.44 7.39 2.62
CA PHE A 64 2.18 8.00 1.53
C PHE A 64 3.05 9.14 2.04
N HIS A 65 4.25 9.22 1.48
CA HIS A 65 5.19 10.29 1.76
C HIS A 65 5.70 10.82 0.44
N SER A 66 5.97 12.11 0.33
CA SER A 66 6.60 12.60 -0.89
C SER A 66 8.03 13.02 -0.63
N ALA A 67 8.28 14.33 -0.47
CA ALA A 67 9.63 14.84 -0.35
C ALA A 67 10.32 14.15 0.82
N GLY A 68 9.70 14.27 1.99
CA GLY A 68 10.04 13.39 3.08
C GLY A 68 9.01 13.54 4.17
N ARG A 69 7.87 14.09 3.80
CA ARG A 69 6.80 14.39 4.73
C ARG A 69 5.68 13.37 4.54
N GLU A 70 4.46 13.70 4.92
CA GLU A 70 3.42 12.71 4.94
C GLU A 70 2.33 13.09 3.95
N ILE A 71 2.44 12.54 2.76
CA ILE A 71 1.49 12.78 1.69
C ILE A 71 0.07 12.43 2.13
N GLY A 72 -0.04 11.34 2.86
CA GLY A 72 -1.34 10.91 3.34
C GLY A 72 -1.27 9.55 3.99
N LYS A 73 -2.35 9.13 4.65
CA LYS A 73 -2.40 7.78 5.19
C LYS A 73 -3.82 7.43 5.62
N GLY A 74 -4.05 6.14 5.82
CA GLY A 74 -5.35 5.65 6.25
C GLY A 74 -5.38 4.15 6.27
N LYS A 75 -6.40 3.58 6.87
CA LYS A 75 -6.53 2.13 6.94
C LYS A 75 -7.92 1.71 6.50
N ILE A 76 -8.00 0.74 5.62
CA ILE A 76 -9.28 0.26 5.12
C ILE A 76 -9.32 -1.27 5.13
N PRO A 77 -10.06 -1.85 6.08
CA PRO A 77 -10.31 -3.28 6.10
C PRO A 77 -11.27 -3.66 4.97
N ASP A 78 -10.74 -4.21 3.89
CA ASP A 78 -11.52 -4.47 2.70
C ASP A 78 -11.63 -5.98 2.50
N PRO A 79 -12.80 -6.46 2.01
CA PRO A 79 -12.97 -7.87 1.67
C PRO A 79 -12.03 -8.31 0.55
N GLY A 80 -10.78 -8.55 0.91
CA GLY A 80 -9.77 -8.95 -0.04
C GLY A 80 -9.83 -10.43 -0.35
N SER A 81 -11.02 -10.92 -0.59
CA SER A 81 -11.23 -12.27 -1.01
C SER A 81 -10.80 -12.41 -2.48
N LEU A 82 -9.81 -13.27 -2.74
CA LEU A 82 -9.15 -13.21 -4.05
C LEU A 82 -8.56 -14.53 -4.50
N LYS A 83 -8.26 -14.58 -5.81
CA LYS A 83 -7.91 -15.79 -6.56
C LYS A 83 -7.51 -16.98 -5.69
N ALA A 84 -6.21 -17.11 -5.43
CA ALA A 84 -5.66 -18.23 -4.69
C ALA A 84 -4.17 -18.24 -4.90
N LYS A 85 -3.42 -17.91 -3.85
CA LYS A 85 -1.96 -17.77 -3.93
C LYS A 85 -1.55 -17.02 -5.20
N ASP A 86 -2.17 -15.86 -5.40
CA ASP A 86 -2.00 -15.11 -6.64
C ASP A 86 -2.20 -13.63 -6.39
N MET A 87 -2.35 -12.85 -7.45
CA MET A 87 -2.35 -11.40 -7.35
C MET A 87 -3.61 -10.81 -7.97
N THR A 88 -4.40 -10.15 -7.14
CA THR A 88 -5.67 -9.58 -7.57
C THR A 88 -5.54 -8.06 -7.68
N ALA A 89 -6.23 -7.48 -8.64
CA ALA A 89 -6.19 -6.04 -8.82
C ALA A 89 -7.25 -5.35 -7.96
N LEU A 90 -6.82 -4.35 -7.21
CA LEU A 90 -7.66 -3.63 -6.27
C LEU A 90 -7.39 -2.13 -6.42
N ASP A 91 -8.13 -1.26 -5.75
CA ASP A 91 -7.94 0.17 -5.92
C ASP A 91 -8.11 0.94 -4.61
N ILE A 92 -7.23 1.91 -4.41
CA ILE A 92 -7.35 2.85 -3.31
C ILE A 92 -7.75 4.22 -3.86
N PRO A 93 -8.96 4.69 -3.48
CA PRO A 93 -9.60 5.91 -3.99
C PRO A 93 -8.65 7.00 -4.49
N VAL A 94 -8.44 8.05 -3.69
CA VAL A 94 -7.62 9.18 -4.11
C VAL A 94 -7.23 10.06 -2.92
N VAL A 95 -6.06 9.87 -2.32
CA VAL A 95 -5.76 10.60 -1.07
C VAL A 95 -4.40 11.35 -1.07
N VAL A 96 -4.44 12.67 -1.20
CA VAL A 96 -3.29 13.49 -0.81
C VAL A 96 -3.72 14.92 -0.43
N PRO A 97 -3.86 15.22 0.86
CA PRO A 97 -4.24 16.56 1.31
C PRO A 97 -3.34 17.63 0.69
N TYR A 98 -3.96 18.70 0.21
CA TYR A 98 -3.26 19.73 -0.56
C TYR A 98 -2.07 20.29 0.20
N SER A 99 -2.22 20.42 1.51
CA SER A 99 -1.16 21.00 2.35
C SER A 99 0.16 20.27 2.16
N ILE A 100 0.11 18.98 1.85
CA ILE A 100 1.33 18.21 1.73
C ILE A 100 2.04 18.49 0.42
N LEU A 101 1.31 18.30 -0.69
CA LEU A 101 1.83 18.66 -2.03
C LEU A 101 2.28 20.11 -2.05
N PHE A 102 1.66 20.89 -1.20
CA PHE A 102 1.97 22.30 -1.10
C PHE A 102 3.42 22.46 -0.64
N ASN A 103 3.84 21.64 0.32
CA ASN A 103 5.20 21.69 0.83
C ASN A 103 6.20 21.08 -0.14
N LEU A 104 5.99 19.82 -0.48
CA LEU A 104 6.91 19.09 -1.38
C LEU A 104 7.04 19.72 -2.77
N ALA A 105 5.91 20.03 -3.43
CA ALA A 105 5.95 20.62 -4.77
C ALA A 105 6.56 22.00 -4.70
N ARG A 106 6.43 22.60 -3.54
CA ARG A 106 7.09 23.86 -3.28
C ARG A 106 8.61 23.66 -3.22
N ASP A 107 9.06 22.67 -2.47
CA ASP A 107 10.49 22.48 -2.24
C ASP A 107 11.17 21.74 -3.40
N VAL A 108 10.63 20.59 -3.74
CA VAL A 108 11.25 19.78 -4.77
C VAL A 108 10.72 20.19 -6.14
N GLY A 109 9.51 20.75 -6.15
CA GLY A 109 8.98 21.34 -7.37
C GLY A 109 9.66 22.65 -7.70
N VAL A 110 10.25 23.22 -6.65
CA VAL A 110 11.21 24.29 -6.83
C VAL A 110 12.22 23.83 -7.86
N ASP A 111 12.71 22.60 -7.67
CA ASP A 111 13.41 21.90 -8.76
C ASP A 111 12.41 21.51 -9.87
N TRP A 112 11.85 20.29 -9.82
CA TRP A 112 10.80 19.86 -10.75
C TRP A 112 10.36 18.40 -10.51
N ASP A 113 11.33 17.49 -10.40
CA ASP A 113 11.01 16.09 -10.12
C ASP A 113 11.03 15.84 -8.62
N ILE A 114 9.92 15.32 -8.08
CA ILE A 114 9.83 15.04 -6.64
C ILE A 114 9.77 13.55 -6.44
N ASP A 115 10.21 13.10 -5.27
CA ASP A 115 10.17 11.69 -4.95
C ASP A 115 8.94 11.42 -4.10
N TYR A 116 8.43 10.19 -4.14
CA TYR A 116 7.26 9.82 -3.38
C TYR A 116 7.45 8.40 -2.84
N GLU A 117 6.66 8.02 -1.84
CA GLU A 117 6.77 6.73 -1.22
C GLU A 117 5.42 6.28 -0.68
N LEU A 118 5.05 5.05 -0.96
CA LEU A 118 3.85 4.46 -0.39
C LEU A 118 4.23 3.37 0.58
N GLN A 119 3.64 3.42 1.77
CA GLN A 119 3.86 2.39 2.78
C GLN A 119 2.55 1.69 3.07
N ILE A 120 2.39 0.49 2.54
CA ILE A 120 1.14 -0.22 2.65
C ILE A 120 1.29 -1.42 3.59
N GLY A 121 0.50 -1.44 4.66
CA GLY A 121 0.47 -2.57 5.54
C GLY A 121 -0.58 -3.57 5.11
N LEU A 122 -0.19 -4.83 5.03
CA LEU A 122 -1.06 -5.88 4.56
C LEU A 122 -1.51 -6.78 5.68
N THR A 123 -2.74 -6.62 6.07
CA THR A 123 -3.37 -7.49 7.04
C THR A 123 -4.39 -8.36 6.35
N ILE A 124 -4.02 -9.57 6.00
CA ILE A 124 -4.92 -10.44 5.27
C ILE A 124 -5.33 -11.62 6.12
N ASP A 125 -6.63 -11.88 6.18
CA ASP A 125 -7.15 -12.95 7.00
C ASP A 125 -6.92 -14.28 6.32
N LEU A 126 -5.95 -15.01 6.85
CA LEU A 126 -5.52 -16.30 6.31
C LEU A 126 -6.01 -17.43 7.20
N PRO A 127 -6.06 -18.66 6.68
CA PRO A 127 -6.46 -19.81 7.50
C PRO A 127 -5.43 -20.19 8.57
N VAL A 128 -4.15 -20.01 8.27
CA VAL A 128 -3.07 -20.49 9.14
C VAL A 128 -2.94 -19.65 10.42
N VAL A 129 -2.70 -18.35 10.26
CA VAL A 129 -2.48 -17.46 11.40
C VAL A 129 -3.79 -16.77 11.77
N GLY A 130 -4.76 -16.99 10.92
CA GLY A 130 -6.02 -16.28 10.99
C GLY A 130 -5.91 -14.92 10.35
N GLU A 131 -4.71 -14.37 10.39
CA GLU A 131 -4.41 -13.09 9.80
C GLU A 131 -2.91 -12.96 9.65
N PHE A 132 -2.46 -12.14 8.73
CA PHE A 132 -1.04 -11.91 8.55
C PHE A 132 -0.82 -10.45 8.20
N THR A 133 -0.02 -9.76 9.00
CA THR A 133 0.23 -8.35 8.80
C THR A 133 1.70 -8.07 8.44
N ILE A 134 1.95 -7.84 7.17
CA ILE A 134 3.28 -7.46 6.69
C ILE A 134 3.18 -6.20 5.85
N PRO A 135 4.18 -5.32 5.92
CA PRO A 135 4.18 -4.10 5.14
C PRO A 135 4.91 -4.25 3.80
N ILE A 136 4.67 -3.30 2.92
CA ILE A 136 5.28 -3.24 1.61
C ILE A 136 5.24 -1.77 1.16
N SER A 137 6.10 -1.43 0.22
CA SER A 137 6.24 -0.05 -0.15
C SER A 137 6.43 0.11 -1.64
N SER A 138 6.02 1.25 -2.17
CA SER A 138 6.21 1.54 -3.57
C SER A 138 6.58 3.01 -3.68
N LYS A 139 7.86 3.28 -3.87
CA LYS A 139 8.35 4.65 -3.94
C LYS A 139 8.88 4.94 -5.32
N GLY A 140 8.67 6.16 -5.79
CA GLY A 140 9.09 6.51 -7.13
C GLY A 140 9.17 8.01 -7.33
N GLU A 141 10.04 8.41 -8.22
CA GLU A 141 10.22 9.82 -8.57
C GLU A 141 9.61 10.07 -9.93
N ILE A 142 8.78 11.11 -10.06
CA ILE A 142 8.12 11.41 -11.32
C ILE A 142 8.03 12.92 -11.47
N LYS A 143 7.55 13.39 -12.61
CA LYS A 143 7.50 14.82 -12.87
C LYS A 143 6.52 15.54 -11.95
N LEU A 144 6.66 16.86 -11.89
CA LEU A 144 5.89 17.71 -10.99
C LEU A 144 4.38 17.50 -11.18
N PRO A 145 3.65 17.30 -10.08
CA PRO A 145 2.19 17.07 -10.13
C PRO A 145 1.41 18.30 -10.59
N THR A 146 0.16 18.09 -10.98
CA THR A 146 -0.73 19.15 -11.39
C THR A 146 -0.86 20.19 -10.27
N PHE A 147 -0.45 21.41 -10.56
CA PHE A 147 -0.39 22.45 -9.54
C PHE A 147 -1.19 23.69 -9.93
N LYS A 148 -1.45 23.87 -11.23
CA LYS A 148 -2.24 25.00 -11.72
C LYS A 148 -1.64 26.33 -11.27
N ASP A 149 -0.32 26.35 -11.11
CA ASP A 149 0.44 27.53 -10.67
C ASP A 149 0.22 27.82 -9.18
N PHE A 150 -0.33 26.83 -8.48
CA PHE A 150 -0.56 26.92 -7.04
C PHE A 150 0.51 26.15 -6.29
N PHE A 151 0.70 24.90 -6.75
CA PHE A 151 1.56 23.92 -6.09
C PHE A 151 0.82 23.31 -4.90
N MET A 1 -8.12 -25.02 6.96
CA MET A 1 -8.22 -24.12 8.12
C MET A 1 -6.96 -24.19 8.96
N ALA A 2 -6.70 -23.12 9.71
CA ALA A 2 -5.58 -23.06 10.65
C ALA A 2 -4.24 -23.29 9.95
N SER A 3 -3.22 -23.60 10.76
CA SER A 3 -1.91 -23.91 10.24
C SER A 3 -1.78 -25.40 10.00
N LEU A 4 -0.90 -25.78 9.09
CA LEU A 4 -0.64 -27.19 8.84
C LEU A 4 0.51 -27.66 9.74
N LEU A 5 0.58 -28.97 9.97
CA LEU A 5 1.62 -29.58 10.81
C LEU A 5 1.42 -29.23 12.29
N ASP A 6 1.57 -27.97 12.64
CA ASP A 6 1.49 -27.55 14.04
C ASP A 6 0.06 -27.16 14.41
N LYS A 7 -0.71 -26.74 13.40
CA LYS A 7 -2.13 -26.40 13.55
C LYS A 7 -2.35 -25.18 14.46
N ALA A 8 -1.26 -24.53 14.88
CA ALA A 8 -1.34 -23.43 15.85
C ALA A 8 -1.97 -23.91 17.15
N LYS A 9 -1.82 -25.21 17.41
CA LYS A 9 -2.40 -25.85 18.59
C LYS A 9 -1.48 -25.68 19.79
N ASP A 10 -0.26 -25.24 19.54
CA ASP A 10 0.73 -25.11 20.60
C ASP A 10 1.49 -23.80 20.45
N PHE A 11 1.78 -23.13 21.56
CA PHE A 11 2.47 -21.85 21.53
C PHE A 11 3.96 -22.08 21.32
N VAL A 12 4.39 -22.02 20.09
CA VAL A 12 5.79 -22.24 19.74
C VAL A 12 6.56 -20.93 19.74
N ALA A 13 7.84 -21.02 20.06
CA ALA A 13 8.73 -19.86 20.04
C ALA A 13 9.96 -20.18 19.21
N ASP A 14 10.32 -21.46 19.13
CA ASP A 14 11.46 -21.89 18.33
C ASP A 14 11.04 -22.09 16.87
N LYS A 15 9.74 -22.16 16.65
CA LYS A 15 9.19 -22.30 15.31
C LYS A 15 8.50 -21.02 14.89
N LEU A 16 7.90 -21.02 13.72
CA LEU A 16 7.18 -19.85 13.23
C LEU A 16 5.85 -20.27 12.61
N THR A 17 4.81 -20.28 13.42
CA THR A 17 3.47 -20.59 12.94
C THR A 17 2.93 -19.41 12.16
N ALA A 18 3.27 -19.35 10.89
CA ALA A 18 2.80 -18.31 10.01
C ALA A 18 3.26 -18.55 8.59
N ILE A 19 2.83 -17.69 7.70
CA ILE A 19 3.09 -17.85 6.28
C ILE A 19 4.47 -17.27 5.93
N PRO A 20 5.08 -17.74 4.83
CA PRO A 20 6.43 -17.30 4.43
C PRO A 20 6.49 -15.81 4.14
N LYS A 21 5.78 -15.36 3.10
CA LYS A 21 5.77 -13.96 2.73
C LYS A 21 4.49 -13.60 2.00
N PRO A 22 3.55 -12.96 2.70
CA PRO A 22 2.28 -12.52 2.13
C PRO A 22 2.33 -11.10 1.62
N GLU A 23 2.85 -10.89 0.43
CA GLU A 23 3.11 -9.55 0.01
C GLU A 23 2.38 -9.23 -1.26
N GLY A 24 1.54 -8.25 -1.15
CA GLY A 24 0.93 -7.71 -2.30
C GLY A 24 -0.14 -6.70 -1.94
N SER A 25 0.04 -5.47 -2.39
CA SER A 25 -1.00 -4.45 -2.42
C SER A 25 -0.49 -3.25 -3.19
N VAL A 26 0.34 -3.53 -4.17
CA VAL A 26 1.01 -2.50 -4.92
C VAL A 26 0.91 -2.78 -6.40
N THR A 27 0.86 -1.73 -7.20
CA THR A 27 1.09 -1.83 -8.64
C THR A 27 1.23 -0.45 -9.29
N ASP A 28 0.38 0.51 -8.92
CA ASP A 28 0.38 1.80 -9.59
C ASP A 28 -0.23 2.88 -8.71
N VAL A 29 0.18 4.12 -8.93
CA VAL A 29 -0.47 5.25 -8.30
C VAL A 29 -0.52 6.42 -9.28
N ASP A 30 -1.73 6.89 -9.57
CA ASP A 30 -1.93 7.95 -10.56
C ASP A 30 -2.47 9.21 -9.91
N LEU A 31 -1.64 10.25 -9.89
CA LEU A 31 -2.04 11.54 -9.32
C LEU A 31 -3.03 12.23 -10.26
N LYS A 32 -4.05 12.84 -9.68
CA LYS A 32 -5.10 13.47 -10.48
C LYS A 32 -5.60 14.79 -9.88
N ASP A 33 -6.72 14.72 -9.21
CA ASP A 33 -7.58 15.87 -9.07
C ASP A 33 -7.27 16.59 -7.81
N VAL A 34 -7.96 17.67 -7.55
CA VAL A 34 -7.65 18.52 -6.42
C VAL A 34 -8.89 19.26 -5.95
N ASN A 35 -9.67 19.66 -6.93
CA ASN A 35 -10.85 20.50 -6.71
C ASN A 35 -10.39 21.90 -6.35
N ARG A 36 -9.91 22.05 -5.11
CA ARG A 36 -9.36 23.30 -4.61
C ARG A 36 -9.04 23.20 -3.12
N ASP A 37 -9.02 21.99 -2.59
CA ASP A 37 -8.86 21.81 -1.15
C ASP A 37 -7.91 20.67 -0.89
N SER A 38 -7.83 19.77 -1.85
CA SER A 38 -7.03 18.57 -1.68
C SER A 38 -6.83 17.84 -2.99
N VAL A 39 -5.59 17.54 -3.29
CA VAL A 39 -5.27 16.81 -4.51
C VAL A 39 -5.59 15.34 -4.29
N GLU A 40 -5.84 14.59 -5.34
CA GLU A 40 -6.28 13.23 -5.15
C GLU A 40 -5.56 12.33 -6.12
N TYR A 41 -5.26 11.12 -5.71
CA TYR A 41 -4.64 10.18 -6.65
C TYR A 41 -5.13 8.76 -6.47
N LEU A 42 -5.30 8.08 -7.58
CA LEU A 42 -5.80 6.72 -7.53
C LEU A 42 -4.66 5.79 -7.23
N ALA A 43 -4.67 5.21 -6.04
CA ALA A 43 -3.65 4.27 -5.67
C ALA A 43 -4.11 2.87 -6.04
N LYS A 44 -3.60 2.38 -7.15
CA LYS A 44 -4.00 1.10 -7.66
C LYS A 44 -3.21 0.01 -6.96
N VAL A 45 -3.94 -0.92 -6.40
CA VAL A 45 -3.37 -1.96 -5.58
C VAL A 45 -3.45 -3.28 -6.30
N SER A 46 -2.45 -4.10 -6.09
CA SER A 46 -2.55 -5.48 -6.44
C SER A 46 -2.15 -6.32 -5.25
N VAL A 47 -3.15 -6.79 -4.50
CA VAL A 47 -2.88 -7.54 -3.29
C VAL A 47 -2.69 -9.01 -3.58
N THR A 48 -1.62 -9.54 -3.04
CA THR A 48 -1.19 -10.89 -3.31
C THR A 48 -1.24 -11.70 -2.03
N ASN A 49 -2.12 -12.67 -2.02
CA ASN A 49 -2.25 -13.60 -0.91
C ASN A 49 -1.34 -14.80 -1.19
N PRO A 50 -0.53 -15.25 -0.21
CA PRO A 50 0.47 -16.30 -0.42
C PRO A 50 -0.05 -17.72 -0.15
N TYR A 51 -1.35 -17.85 0.07
CA TYR A 51 -1.93 -19.13 0.43
C TYR A 51 -2.94 -19.53 -0.63
N SER A 52 -2.94 -20.80 -0.99
CA SER A 52 -3.59 -21.27 -2.20
C SER A 52 -5.11 -21.40 -2.03
N HIS A 53 -5.71 -20.48 -1.30
CA HIS A 53 -7.15 -20.46 -1.09
C HIS A 53 -7.64 -19.02 -0.99
N SER A 54 -8.68 -18.73 -1.76
CA SER A 54 -9.41 -17.48 -1.71
C SER A 54 -9.66 -17.02 -0.28
N ILE A 55 -8.88 -16.07 0.23
CA ILE A 55 -9.08 -15.66 1.62
C ILE A 55 -10.32 -14.79 1.69
N PRO A 56 -10.79 -14.42 2.88
CA PRO A 56 -11.99 -13.62 3.01
C PRO A 56 -11.74 -12.12 2.95
N ILE A 57 -10.94 -11.60 3.87
CA ILE A 57 -10.81 -10.15 4.02
C ILE A 57 -9.37 -9.72 4.24
N CYS A 58 -9.08 -8.47 3.88
CA CYS A 58 -7.76 -7.91 4.04
C CYS A 58 -7.84 -6.48 4.57
N GLU A 59 -6.67 -5.90 4.71
CA GLU A 59 -6.53 -4.55 5.18
C GLU A 59 -5.41 -3.87 4.44
N ILE A 60 -5.80 -2.88 3.70
CA ILE A 60 -4.87 -2.02 3.02
C ILE A 60 -4.62 -0.77 3.85
N SER A 61 -3.41 -0.71 4.38
CA SER A 61 -2.97 0.37 5.22
C SER A 61 -1.92 1.18 4.48
N PHE A 62 -2.30 2.31 3.95
CA PHE A 62 -1.43 3.02 3.02
C PHE A 62 -0.90 4.26 3.68
N THR A 63 0.41 4.36 3.74
CA THR A 63 1.07 5.50 4.30
C THR A 63 1.98 6.12 3.24
N PHE A 64 1.55 7.24 2.71
CA PHE A 64 2.24 7.86 1.61
C PHE A 64 3.14 9.00 2.11
N HIS A 65 4.31 9.09 1.49
CA HIS A 65 5.25 10.18 1.76
C HIS A 65 5.71 10.72 0.42
N SER A 66 5.96 12.01 0.32
CA SER A 66 6.56 12.52 -0.89
C SER A 66 7.98 13.00 -0.63
N ALA A 67 8.17 14.31 -0.43
CA ALA A 67 9.51 14.87 -0.31
C ALA A 67 10.23 14.21 0.85
N GLY A 68 9.65 14.35 2.03
CA GLY A 68 10.07 13.53 3.14
C GLY A 68 9.04 13.62 4.24
N ARG A 69 7.84 14.08 3.86
CA ARG A 69 6.78 14.27 4.82
C ARG A 69 5.68 13.25 4.56
N GLU A 70 4.52 13.44 5.14
CA GLU A 70 3.50 12.43 5.12
C GLU A 70 2.39 12.87 4.19
N ILE A 71 2.45 12.34 2.98
CA ILE A 71 1.51 12.66 1.93
C ILE A 71 0.11 12.18 2.29
N GLY A 72 0.02 11.00 2.85
CA GLY A 72 -1.27 10.45 3.19
C GLY A 72 -1.13 9.21 4.04
N LYS A 73 -2.21 8.79 4.68
CA LYS A 73 -2.20 7.53 5.40
C LYS A 73 -3.61 7.10 5.78
N GLY A 74 -3.78 5.81 5.98
CA GLY A 74 -5.05 5.28 6.43
C GLY A 74 -5.10 3.78 6.24
N LYS A 75 -6.00 3.12 6.94
CA LYS A 75 -6.12 1.68 6.83
C LYS A 75 -7.59 1.29 6.76
N ILE A 76 -7.91 0.46 5.79
CA ILE A 76 -9.29 0.10 5.54
C ILE A 76 -9.41 -1.40 5.33
N PRO A 77 -10.19 -2.08 6.17
CA PRO A 77 -10.53 -3.49 5.97
C PRO A 77 -11.39 -3.67 4.73
N ASP A 78 -10.86 -4.36 3.73
CA ASP A 78 -11.57 -4.53 2.48
C ASP A 78 -11.69 -6.02 2.18
N PRO A 79 -12.81 -6.47 1.61
CA PRO A 79 -13.01 -7.87 1.22
C PRO A 79 -11.85 -8.40 0.38
N GLY A 80 -10.87 -8.94 1.07
CA GLY A 80 -9.68 -9.48 0.43
C GLY A 80 -9.88 -10.88 -0.10
N SER A 81 -11.12 -11.20 -0.37
CA SER A 81 -11.48 -12.52 -0.86
C SER A 81 -11.04 -12.65 -2.30
N LEU A 82 -10.14 -13.59 -2.61
CA LEU A 82 -9.45 -13.50 -3.91
C LEU A 82 -9.03 -14.85 -4.50
N LYS A 83 -8.25 -14.78 -5.57
CA LYS A 83 -7.87 -15.93 -6.39
C LYS A 83 -7.45 -17.16 -5.57
N ALA A 84 -6.14 -17.31 -5.38
CA ALA A 84 -5.58 -18.43 -4.65
C ALA A 84 -4.07 -18.34 -4.74
N LYS A 85 -3.46 -17.94 -3.63
CA LYS A 85 -2.03 -17.60 -3.57
C LYS A 85 -1.62 -16.80 -4.80
N ASP A 86 -2.39 -15.75 -5.06
CA ASP A 86 -2.24 -15.00 -6.31
C ASP A 86 -2.47 -13.52 -6.05
N MET A 87 -2.36 -12.74 -7.10
CA MET A 87 -2.42 -11.30 -7.02
C MET A 87 -3.73 -10.77 -7.58
N THR A 88 -4.49 -10.11 -6.74
CA THR A 88 -5.77 -9.54 -7.15
C THR A 88 -5.65 -8.04 -7.28
N ALA A 89 -6.31 -7.46 -8.27
CA ALA A 89 -6.28 -6.02 -8.45
C ALA A 89 -7.31 -5.35 -7.56
N LEU A 90 -6.83 -4.43 -6.76
CA LEU A 90 -7.63 -3.69 -5.80
C LEU A 90 -7.44 -2.20 -6.07
N ASP A 91 -8.34 -1.34 -5.61
CA ASP A 91 -8.21 0.09 -5.90
C ASP A 91 -8.43 0.92 -4.65
N ILE A 92 -7.44 1.72 -4.31
CA ILE A 92 -7.51 2.64 -3.18
C ILE A 92 -8.00 3.99 -3.66
N PRO A 93 -8.82 4.69 -2.84
CA PRO A 93 -9.25 6.06 -3.12
C PRO A 93 -8.09 7.02 -3.43
N VAL A 94 -8.40 8.29 -3.53
CA VAL A 94 -7.51 9.25 -4.12
C VAL A 94 -7.05 10.26 -3.06
N VAL A 95 -5.93 10.00 -2.41
CA VAL A 95 -5.66 10.70 -1.16
C VAL A 95 -4.31 11.43 -1.09
N VAL A 96 -4.36 12.74 -1.25
CA VAL A 96 -3.24 13.59 -0.87
C VAL A 96 -3.72 14.99 -0.50
N PRO A 97 -3.79 15.30 0.80
CA PRO A 97 -4.16 16.64 1.24
C PRO A 97 -3.38 17.72 0.51
N TYR A 98 -4.08 18.71 0.00
CA TYR A 98 -3.49 19.78 -0.81
C TYR A 98 -2.24 20.36 -0.14
N SER A 99 -2.27 20.43 1.18
CA SER A 99 -1.19 21.02 1.95
C SER A 99 0.12 20.24 1.79
N ILE A 100 0.05 18.94 1.55
CA ILE A 100 1.25 18.12 1.53
C ILE A 100 2.01 18.32 0.21
N LEU A 101 1.30 18.12 -0.91
CA LEU A 101 1.82 18.47 -2.23
C LEU A 101 2.26 19.94 -2.26
N PHE A 102 1.64 20.71 -1.41
CA PHE A 102 1.93 22.12 -1.29
C PHE A 102 3.36 22.29 -0.79
N ASN A 103 3.74 21.46 0.18
CA ASN A 103 5.08 21.50 0.77
C ASN A 103 6.14 20.91 -0.18
N LEU A 104 5.96 19.65 -0.57
CA LEU A 104 6.91 18.99 -1.47
C LEU A 104 7.13 19.73 -2.79
N ALA A 105 6.04 20.10 -3.47
CA ALA A 105 6.15 20.81 -4.76
C ALA A 105 6.79 22.17 -4.55
N ARG A 106 6.65 22.66 -3.35
CA ARG A 106 7.31 23.89 -2.96
C ARG A 106 8.81 23.67 -2.85
N ASP A 107 9.22 22.65 -2.12
CA ASP A 107 10.65 22.41 -1.86
C ASP A 107 11.33 21.70 -3.03
N VAL A 108 10.79 20.55 -3.42
CA VAL A 108 11.40 19.78 -4.47
C VAL A 108 10.93 20.29 -5.83
N GLY A 109 9.73 20.87 -5.86
CA GLY A 109 9.27 21.54 -7.06
C GLY A 109 9.99 22.85 -7.28
N VAL A 110 10.56 23.34 -6.19
CA VAL A 110 11.54 24.42 -6.28
C VAL A 110 12.58 24.00 -7.31
N ASP A 111 13.01 22.74 -7.20
CA ASP A 111 13.69 22.09 -8.32
C ASP A 111 12.70 21.81 -9.45
N TRP A 112 12.05 20.64 -9.40
CA TRP A 112 10.94 20.29 -10.31
C TRP A 112 10.44 18.86 -10.07
N ASP A 113 11.35 17.91 -10.10
CA ASP A 113 10.96 16.50 -9.99
C ASP A 113 11.06 16.02 -8.54
N ILE A 114 10.00 15.38 -8.03
CA ILE A 114 9.92 15.03 -6.61
C ILE A 114 9.85 13.52 -6.43
N ASP A 115 10.19 13.05 -5.24
CA ASP A 115 10.12 11.63 -4.93
C ASP A 115 8.89 11.35 -4.07
N TYR A 116 8.39 10.13 -4.15
CA TYR A 116 7.22 9.71 -3.38
C TYR A 116 7.44 8.29 -2.87
N GLU A 117 6.62 7.85 -1.92
CA GLU A 117 6.67 6.49 -1.42
C GLU A 117 5.34 6.11 -0.82
N LEU A 118 4.86 4.94 -1.20
CA LEU A 118 3.67 4.37 -0.60
C LEU A 118 4.07 3.27 0.35
N GLN A 119 3.66 3.40 1.59
CA GLN A 119 3.93 2.41 2.60
C GLN A 119 2.64 1.66 2.92
N ILE A 120 2.48 0.49 2.35
CA ILE A 120 1.23 -0.23 2.50
C ILE A 120 1.42 -1.42 3.44
N GLY A 121 0.68 -1.42 4.54
CA GLY A 121 0.69 -2.54 5.45
C GLY A 121 -0.34 -3.57 5.04
N LEU A 122 0.12 -4.80 4.91
CA LEU A 122 -0.71 -5.88 4.41
C LEU A 122 -1.27 -6.71 5.56
N THR A 123 -2.54 -6.51 5.84
CA THR A 123 -3.23 -7.35 6.79
C THR A 123 -4.23 -8.23 6.07
N ILE A 124 -3.85 -9.43 5.74
CA ILE A 124 -4.76 -10.32 5.03
C ILE A 124 -5.15 -11.48 5.92
N ASP A 125 -6.44 -11.72 6.04
CA ASP A 125 -6.92 -12.75 6.95
C ASP A 125 -6.81 -14.09 6.26
N LEU A 126 -5.83 -14.85 6.70
CA LEU A 126 -5.48 -16.13 6.11
C LEU A 126 -5.98 -17.26 7.01
N PRO A 127 -5.82 -18.52 6.60
CA PRO A 127 -6.13 -19.66 7.47
C PRO A 127 -5.05 -19.90 8.53
N VAL A 128 -3.77 -19.79 8.14
CA VAL A 128 -2.65 -20.25 8.97
C VAL A 128 -2.57 -19.54 10.32
N VAL A 129 -2.46 -18.22 10.30
CA VAL A 129 -2.39 -17.43 11.53
C VAL A 129 -3.68 -16.64 11.67
N GLY A 130 -4.41 -16.71 10.59
CA GLY A 130 -5.50 -15.81 10.37
C GLY A 130 -4.96 -14.61 9.67
N GLU A 131 -5.48 -13.46 10.00
CA GLU A 131 -4.95 -12.23 9.46
C GLU A 131 -3.48 -12.06 9.87
N PHE A 132 -2.63 -11.80 8.91
CA PHE A 132 -1.24 -11.52 9.19
C PHE A 132 -0.88 -10.17 8.60
N THR A 133 0.00 -9.44 9.27
CA THR A 133 0.30 -8.07 8.86
C THR A 133 1.79 -7.88 8.58
N ILE A 134 2.12 -7.72 7.30
CA ILE A 134 3.47 -7.35 6.89
C ILE A 134 3.40 -6.13 5.99
N PRO A 135 4.37 -5.21 6.06
CA PRO A 135 4.37 -4.03 5.22
C PRO A 135 5.17 -4.21 3.93
N ILE A 136 4.92 -3.32 2.98
CA ILE A 136 5.65 -3.28 1.73
C ILE A 136 5.52 -1.87 1.16
N SER A 137 6.31 -1.54 0.16
CA SER A 137 6.42 -0.17 -0.30
C SER A 137 6.32 -0.07 -1.81
N SER A 138 5.77 1.02 -2.30
CA SER A 138 5.77 1.30 -3.71
C SER A 138 6.08 2.77 -3.90
N LYS A 139 7.30 3.06 -4.29
CA LYS A 139 7.78 4.42 -4.32
C LYS A 139 8.36 4.76 -5.69
N GLY A 140 8.38 6.04 -6.01
CA GLY A 140 8.99 6.49 -7.23
C GLY A 140 9.16 7.99 -7.26
N GLU A 141 10.18 8.42 -7.97
CA GLU A 141 10.41 9.86 -8.16
C GLU A 141 9.87 10.26 -9.52
N ILE A 142 8.99 11.25 -9.54
CA ILE A 142 8.29 11.64 -10.75
C ILE A 142 8.19 13.15 -10.77
N LYS A 143 7.85 13.73 -11.90
CA LYS A 143 7.91 15.18 -12.05
C LYS A 143 6.87 15.90 -11.20
N LEU A 144 6.90 17.22 -11.27
CA LEU A 144 6.02 18.09 -10.51
C LEU A 144 4.55 17.71 -10.74
N PRO A 145 3.78 17.57 -9.65
CA PRO A 145 2.35 17.25 -9.71
C PRO A 145 1.55 18.36 -10.38
N THR A 146 0.25 18.12 -10.61
CA THR A 146 -0.63 19.09 -11.23
C THR A 146 -0.52 20.46 -10.54
N PHE A 147 0.27 21.35 -11.13
CA PHE A 147 0.52 22.66 -10.55
C PHE A 147 0.16 23.75 -11.54
N LYS A 148 -0.26 24.89 -11.01
CA LYS A 148 -0.56 26.05 -11.82
C LYS A 148 -0.85 27.24 -10.91
N ASP A 149 0.21 27.82 -10.35
CA ASP A 149 0.13 28.98 -9.47
C ASP A 149 -0.53 28.63 -8.13
N PHE A 150 -0.81 27.34 -7.94
CA PHE A 150 -1.41 26.87 -6.69
C PHE A 150 -0.30 26.58 -5.69
N PHE A 151 0.78 26.04 -6.22
CA PHE A 151 2.00 25.80 -5.46
C PHE A 151 3.18 25.75 -6.42
N MET A 1 10.45 -13.77 14.77
CA MET A 1 9.40 -14.01 13.76
C MET A 1 8.78 -15.38 13.95
N ALA A 2 7.62 -15.42 14.60
CA ALA A 2 6.96 -16.67 14.94
C ALA A 2 6.25 -17.30 13.74
N SER A 3 6.34 -16.63 12.60
CA SER A 3 5.75 -17.11 11.35
C SER A 3 6.33 -18.47 10.96
N LEU A 4 7.65 -18.52 10.88
CA LEU A 4 8.35 -19.74 10.50
C LEU A 4 9.74 -19.78 11.13
N LEU A 5 10.32 -18.59 11.36
CA LEU A 5 11.68 -18.49 11.87
C LEU A 5 11.71 -18.59 13.40
N ASP A 6 10.65 -19.13 13.99
CA ASP A 6 10.58 -19.29 15.44
C ASP A 6 11.14 -20.65 15.85
N LYS A 7 10.86 -21.65 15.05
CA LYS A 7 11.30 -23.01 15.33
C LYS A 7 11.40 -23.81 14.04
N ALA A 8 11.87 -25.05 14.14
CA ALA A 8 12.08 -25.94 12.99
C ALA A 8 13.23 -25.44 12.12
N LYS A 9 13.08 -24.26 11.54
CA LYS A 9 14.09 -23.66 10.67
C LYS A 9 14.26 -24.46 9.39
N ASP A 10 13.30 -25.34 9.13
CA ASP A 10 13.31 -26.18 7.95
C ASP A 10 12.35 -25.62 6.92
N PHE A 11 12.79 -25.56 5.67
CA PHE A 11 11.96 -25.03 4.60
C PHE A 11 10.95 -26.07 4.14
N VAL A 12 9.89 -26.23 4.92
CA VAL A 12 8.85 -27.19 4.63
C VAL A 12 8.11 -26.82 3.34
N ALA A 13 7.37 -25.71 3.41
CA ALA A 13 6.59 -25.23 2.26
C ALA A 13 6.16 -23.79 2.49
N ASP A 14 7.00 -23.04 3.21
CA ASP A 14 6.71 -21.64 3.55
C ASP A 14 5.45 -21.53 4.40
N LYS A 15 5.10 -22.64 5.04
CA LYS A 15 3.93 -22.68 5.90
C LYS A 15 4.19 -23.62 7.07
N LEU A 16 3.71 -23.25 8.24
CA LEU A 16 3.82 -24.07 9.44
C LEU A 16 3.04 -23.41 10.57
N THR A 17 3.40 -22.17 10.87
CA THR A 17 2.70 -21.41 11.88
C THR A 17 1.96 -20.24 11.24
N ALA A 18 2.67 -19.49 10.40
CA ALA A 18 2.07 -18.35 9.71
C ALA A 18 2.57 -18.27 8.27
N ILE A 19 2.34 -17.11 7.64
CA ILE A 19 2.66 -16.92 6.24
C ILE A 19 4.05 -16.31 6.07
N PRO A 20 4.58 -16.29 4.82
CA PRO A 20 5.94 -15.82 4.55
C PRO A 20 6.14 -14.32 4.79
N LYS A 21 5.90 -13.49 3.76
CA LYS A 21 6.24 -12.07 3.82
C LYS A 21 6.01 -11.35 2.47
N PRO A 22 6.58 -11.86 1.35
CA PRO A 22 6.49 -11.19 0.06
C PRO A 22 5.15 -11.38 -0.64
N GLU A 23 4.09 -10.85 -0.02
CA GLU A 23 2.76 -10.94 -0.54
C GLU A 23 2.29 -9.49 -0.61
N GLY A 24 1.71 -9.09 -1.72
CA GLY A 24 1.67 -7.65 -2.00
C GLY A 24 0.30 -7.02 -1.96
N SER A 25 0.27 -5.75 -2.37
CA SER A 25 -0.95 -4.96 -2.54
C SER A 25 -0.57 -3.68 -3.26
N VAL A 26 0.35 -3.81 -4.18
CA VAL A 26 0.98 -2.68 -4.81
C VAL A 26 1.04 -2.88 -6.32
N THR A 27 1.02 -1.79 -7.07
CA THR A 27 1.32 -1.81 -8.50
C THR A 27 1.54 -0.39 -9.07
N ASP A 28 0.69 0.57 -8.70
CA ASP A 28 0.83 1.94 -9.24
C ASP A 28 0.09 2.95 -8.36
N VAL A 29 0.40 4.22 -8.55
CA VAL A 29 -0.30 5.30 -7.89
C VAL A 29 -0.43 6.50 -8.84
N ASP A 30 -1.61 7.10 -8.89
CA ASP A 30 -1.92 8.08 -9.92
C ASP A 30 -2.48 9.37 -9.30
N LEU A 31 -2.01 10.51 -9.77
CA LEU A 31 -2.35 11.80 -9.17
C LEU A 31 -3.42 12.53 -9.99
N LYS A 32 -4.37 13.17 -9.29
CA LYS A 32 -5.42 13.93 -9.98
C LYS A 32 -5.85 15.21 -9.25
N ASP A 33 -6.86 15.09 -8.41
CA ASP A 33 -7.70 16.25 -8.05
C ASP A 33 -7.16 16.98 -6.85
N VAL A 34 -7.82 18.06 -6.43
CA VAL A 34 -7.40 18.84 -5.28
C VAL A 34 -8.46 19.83 -4.83
N ASN A 35 -9.08 20.49 -5.80
CA ASN A 35 -9.97 21.61 -5.56
C ASN A 35 -9.17 22.79 -5.01
N ARG A 36 -8.92 22.74 -3.70
CA ARG A 36 -8.13 23.76 -3.03
C ARG A 36 -7.83 23.33 -1.59
N ASP A 37 -8.07 22.07 -1.33
CA ASP A 37 -7.99 21.54 0.02
C ASP A 37 -7.21 20.25 0.02
N SER A 38 -7.48 19.43 -0.96
CA SER A 38 -6.97 18.09 -0.95
C SER A 38 -6.84 17.51 -2.35
N VAL A 39 -5.60 17.20 -2.69
CA VAL A 39 -5.26 16.56 -3.92
C VAL A 39 -5.68 15.09 -3.84
N GLU A 40 -5.92 14.45 -4.97
CA GLU A 40 -6.40 13.08 -4.91
C GLU A 40 -5.43 12.10 -5.54
N TYR A 41 -5.20 11.01 -4.83
CA TYR A 41 -4.22 10.00 -5.25
C TYR A 41 -4.88 8.66 -5.45
N LEU A 42 -5.07 8.26 -6.70
CA LEU A 42 -5.68 6.98 -6.99
C LEU A 42 -4.60 5.91 -6.89
N ALA A 43 -4.70 5.05 -5.89
CA ALA A 43 -3.69 4.04 -5.67
C ALA A 43 -4.12 2.71 -6.26
N LYS A 44 -3.35 2.25 -7.23
CA LYS A 44 -3.59 0.97 -7.83
C LYS A 44 -2.93 -0.10 -7.00
N VAL A 45 -3.74 -1.03 -6.52
CA VAL A 45 -3.27 -2.08 -5.64
C VAL A 45 -3.31 -3.42 -6.33
N SER A 46 -2.27 -4.21 -6.14
CA SER A 46 -2.30 -5.59 -6.55
C SER A 46 -1.83 -6.49 -5.41
N VAL A 47 -2.81 -7.10 -4.72
CA VAL A 47 -2.53 -7.93 -3.56
C VAL A 47 -2.16 -9.34 -3.97
N THR A 48 -1.06 -9.84 -3.44
CA THR A 48 -0.66 -11.21 -3.72
C THR A 48 -0.95 -12.10 -2.53
N ASN A 49 -1.75 -13.14 -2.77
CA ASN A 49 -2.08 -14.20 -1.79
C ASN A 49 -1.02 -15.30 -1.87
N PRO A 50 -0.52 -15.75 -0.71
CA PRO A 50 0.57 -16.73 -0.64
C PRO A 50 0.13 -18.21 -0.62
N TYR A 51 -1.14 -18.50 -0.32
CA TYR A 51 -1.47 -19.87 0.01
C TYR A 51 -2.07 -20.62 -1.19
N SER A 52 -3.40 -20.76 -1.26
CA SER A 52 -4.04 -21.28 -2.46
C SER A 52 -5.55 -21.19 -2.31
N HIS A 53 -6.01 -20.20 -1.56
CA HIS A 53 -7.44 -20.00 -1.34
C HIS A 53 -7.76 -18.52 -1.18
N SER A 54 -8.80 -18.09 -1.89
CA SER A 54 -9.34 -16.74 -1.77
C SER A 54 -9.39 -16.25 -0.34
N ILE A 55 -8.45 -15.41 0.07
CA ILE A 55 -8.40 -14.97 1.46
C ILE A 55 -9.43 -13.92 1.70
N PRO A 56 -10.34 -14.17 2.63
CA PRO A 56 -11.64 -13.51 2.64
C PRO A 56 -11.54 -12.00 2.79
N ILE A 57 -10.89 -11.52 3.83
CA ILE A 57 -10.88 -10.09 4.10
C ILE A 57 -9.50 -9.61 4.45
N CYS A 58 -9.24 -8.32 4.24
CA CYS A 58 -7.95 -7.76 4.49
C CYS A 58 -8.04 -6.33 5.02
N GLU A 59 -6.87 -5.81 5.29
CA GLU A 59 -6.70 -4.45 5.73
C GLU A 59 -5.62 -3.79 4.90
N ILE A 60 -6.02 -2.82 4.12
CA ILE A 60 -5.06 -1.97 3.45
C ILE A 60 -4.89 -0.67 4.21
N SER A 61 -3.71 -0.56 4.79
CA SER A 61 -3.34 0.59 5.59
C SER A 61 -2.26 1.35 4.85
N PHE A 62 -2.61 2.48 4.29
CA PHE A 62 -1.72 3.13 3.35
C PHE A 62 -1.23 4.44 3.92
N THR A 63 0.05 4.62 3.82
CA THR A 63 0.69 5.85 4.22
C THR A 63 1.61 6.30 3.11
N PHE A 64 1.23 7.38 2.46
CA PHE A 64 1.98 7.86 1.32
C PHE A 64 2.92 8.97 1.75
N HIS A 65 4.09 9.00 1.16
CA HIS A 65 5.09 10.00 1.46
C HIS A 65 5.58 10.61 0.18
N SER A 66 5.85 11.89 0.22
CA SER A 66 6.35 12.58 -0.92
C SER A 66 7.84 12.82 -0.81
N ALA A 67 8.24 14.09 -0.72
CA ALA A 67 9.64 14.45 -0.72
C ALA A 67 10.33 13.74 0.43
N GLY A 68 9.76 13.89 1.62
CA GLY A 68 10.11 13.03 2.71
C GLY A 68 9.07 13.14 3.81
N ARG A 69 7.89 13.61 3.42
CA ARG A 69 6.83 13.88 4.36
C ARG A 69 5.64 13.00 4.03
N GLU A 70 4.50 13.26 4.64
CA GLU A 70 3.42 12.30 4.62
C GLU A 70 2.31 12.79 3.70
N ILE A 71 2.34 12.27 2.50
CA ILE A 71 1.41 12.67 1.44
C ILE A 71 -0.03 12.39 1.81
N GLY A 72 -0.29 11.24 2.40
CA GLY A 72 -1.66 10.84 2.69
C GLY A 72 -1.72 9.48 3.32
N LYS A 73 -2.78 9.20 4.08
CA LYS A 73 -2.83 7.95 4.81
C LYS A 73 -4.25 7.56 5.20
N GLY A 74 -4.44 6.28 5.50
CA GLY A 74 -5.70 5.79 6.01
C GLY A 74 -5.71 4.28 6.14
N LYS A 75 -6.71 3.74 6.82
CA LYS A 75 -6.86 2.30 6.96
C LYS A 75 -8.26 1.89 6.55
N ILE A 76 -8.35 0.85 5.74
CA ILE A 76 -9.64 0.35 5.28
C ILE A 76 -9.67 -1.18 5.28
N PRO A 77 -10.47 -1.79 6.16
CA PRO A 77 -10.73 -3.23 6.12
C PRO A 77 -11.61 -3.59 4.92
N ASP A 78 -11.06 -4.32 3.97
CA ASP A 78 -11.75 -4.58 2.71
C ASP A 78 -11.67 -6.04 2.34
N PRO A 79 -12.72 -6.61 1.72
CA PRO A 79 -12.70 -7.98 1.22
C PRO A 79 -11.53 -8.26 0.28
N GLY A 80 -10.45 -8.76 0.83
CA GLY A 80 -9.29 -9.16 0.03
C GLY A 80 -9.43 -10.55 -0.53
N SER A 81 -10.67 -11.02 -0.62
CA SER A 81 -10.95 -12.37 -1.09
C SER A 81 -10.67 -12.45 -2.59
N LEU A 82 -9.74 -13.32 -2.97
CA LEU A 82 -9.16 -13.23 -4.32
C LEU A 82 -8.89 -14.60 -4.93
N LYS A 83 -8.09 -14.62 -5.99
CA LYS A 83 -7.75 -15.84 -6.73
C LYS A 83 -7.38 -17.01 -5.80
N ALA A 84 -6.10 -17.11 -5.48
CA ALA A 84 -5.51 -18.27 -4.83
C ALA A 84 -4.04 -18.29 -5.15
N LYS A 85 -3.20 -18.05 -4.15
CA LYS A 85 -1.75 -18.01 -4.32
C LYS A 85 -1.34 -17.20 -5.56
N ASP A 86 -1.95 -16.03 -5.71
CA ASP A 86 -1.77 -15.22 -6.90
C ASP A 86 -2.04 -13.76 -6.57
N MET A 87 -2.08 -12.91 -7.58
CA MET A 87 -2.16 -11.48 -7.38
C MET A 87 -3.48 -10.94 -7.90
N THR A 88 -4.17 -10.21 -7.05
CA THR A 88 -5.47 -9.65 -7.37
C THR A 88 -5.36 -8.13 -7.52
N ALA A 89 -6.10 -7.57 -8.47
CA ALA A 89 -6.08 -6.14 -8.67
C ALA A 89 -7.15 -5.45 -7.81
N LEU A 90 -6.68 -4.76 -6.79
CA LEU A 90 -7.55 -4.04 -5.86
C LEU A 90 -7.55 -2.55 -6.23
N ASP A 91 -8.36 -1.76 -5.55
CA ASP A 91 -8.52 -0.36 -5.92
C ASP A 91 -8.65 0.52 -4.69
N ILE A 92 -7.74 1.48 -4.56
CA ILE A 92 -7.74 2.39 -3.42
C ILE A 92 -8.19 3.78 -3.86
N PRO A 93 -8.97 4.47 -3.00
CA PRO A 93 -9.43 5.86 -3.23
C PRO A 93 -8.28 6.84 -3.50
N VAL A 94 -8.48 8.11 -3.18
CA VAL A 94 -7.62 9.17 -3.66
C VAL A 94 -7.28 10.18 -2.56
N VAL A 95 -6.15 10.00 -1.89
CA VAL A 95 -5.87 10.76 -0.68
C VAL A 95 -4.54 11.53 -0.71
N VAL A 96 -4.63 12.84 -0.86
CA VAL A 96 -3.48 13.73 -0.66
C VAL A 96 -3.93 15.07 -0.10
N PRO A 97 -3.76 15.34 1.19
CA PRO A 97 -3.98 16.69 1.68
C PRO A 97 -3.09 17.70 0.94
N TYR A 98 -3.72 18.72 0.35
CA TYR A 98 -3.02 19.70 -0.48
C TYR A 98 -1.85 20.33 0.27
N SER A 99 -1.99 20.41 1.59
CA SER A 99 -0.94 20.93 2.46
C SER A 99 0.40 20.22 2.24
N ILE A 100 0.34 18.94 1.89
CA ILE A 100 1.55 18.16 1.74
C ILE A 100 2.24 18.45 0.41
N LEU A 101 1.48 18.31 -0.70
CA LEU A 101 1.96 18.71 -2.04
C LEU A 101 2.50 20.13 -2.02
N PHE A 102 1.97 20.89 -1.09
CA PHE A 102 2.39 22.27 -0.92
C PHE A 102 3.85 22.31 -0.51
N ASN A 103 4.20 21.47 0.44
CA ASN A 103 5.56 21.44 0.97
C ASN A 103 6.55 20.81 -0.01
N LEU A 104 6.29 19.58 -0.45
CA LEU A 104 7.19 18.90 -1.39
C LEU A 104 7.42 19.71 -2.67
N ALA A 105 6.35 20.05 -3.40
CA ALA A 105 6.47 20.76 -4.68
C ALA A 105 7.12 22.12 -4.47
N ARG A 106 7.00 22.61 -3.27
CA ARG A 106 7.65 23.84 -2.90
C ARG A 106 9.17 23.67 -3.01
N ASP A 107 9.70 22.61 -2.43
CA ASP A 107 11.16 22.41 -2.33
C ASP A 107 11.71 21.76 -3.60
N VAL A 108 11.11 20.64 -3.96
CA VAL A 108 11.59 19.86 -5.07
C VAL A 108 11.03 20.38 -6.38
N GLY A 109 9.84 20.92 -6.30
CA GLY A 109 9.22 21.58 -7.43
C GLY A 109 9.83 22.94 -7.68
N VAL A 110 10.47 23.46 -6.64
CA VAL A 110 11.42 24.55 -6.82
C VAL A 110 12.33 24.14 -7.99
N ASP A 111 12.79 22.89 -7.95
CA ASP A 111 13.33 22.25 -9.15
C ASP A 111 12.20 21.91 -10.13
N TRP A 112 11.63 20.70 -9.98
CA TRP A 112 10.49 20.26 -10.79
C TRP A 112 10.02 18.84 -10.41
N ASP A 113 10.96 17.93 -10.24
CA ASP A 113 10.62 16.52 -10.02
C ASP A 113 10.60 16.20 -8.54
N ILE A 114 9.58 15.42 -8.13
CA ILE A 114 9.42 15.03 -6.74
C ILE A 114 9.52 13.52 -6.63
N ASP A 115 10.03 13.04 -5.52
CA ASP A 115 10.07 11.63 -5.24
C ASP A 115 8.96 11.30 -4.26
N TYR A 116 8.45 10.09 -4.29
CA TYR A 116 7.37 9.69 -3.38
C TYR A 116 7.66 8.29 -2.84
N GLU A 117 6.86 7.85 -1.87
CA GLU A 117 7.03 6.54 -1.26
C GLU A 117 5.73 6.12 -0.57
N LEU A 118 5.18 5.00 -0.98
CA LEU A 118 3.95 4.49 -0.39
C LEU A 118 4.29 3.43 0.65
N GLN A 119 3.59 3.47 1.77
CA GLN A 119 3.76 2.50 2.83
C GLN A 119 2.43 1.81 3.09
N ILE A 120 2.27 0.60 2.61
CA ILE A 120 1.02 -0.12 2.77
C ILE A 120 1.21 -1.33 3.68
N GLY A 121 0.45 -1.37 4.77
CA GLY A 121 0.47 -2.50 5.66
C GLY A 121 -0.60 -3.50 5.29
N LEU A 122 -0.19 -4.75 5.10
CA LEU A 122 -1.07 -5.78 4.58
C LEU A 122 -1.54 -6.72 5.67
N THR A 123 -2.75 -6.49 6.13
CA THR A 123 -3.36 -7.36 7.09
C THR A 123 -4.41 -8.21 6.39
N ILE A 124 -4.04 -9.41 6.00
CA ILE A 124 -4.97 -10.26 5.28
C ILE A 124 -5.46 -11.40 6.17
N ASP A 125 -6.68 -11.87 5.94
CA ASP A 125 -7.22 -12.95 6.72
C ASP A 125 -6.89 -14.25 6.03
N LEU A 126 -5.91 -14.97 6.61
CA LEU A 126 -5.46 -16.23 6.05
C LEU A 126 -6.00 -17.38 6.89
N PRO A 127 -6.27 -18.53 6.29
CA PRO A 127 -6.77 -19.70 7.03
C PRO A 127 -5.79 -20.17 8.12
N VAL A 128 -4.49 -20.00 7.88
CA VAL A 128 -3.47 -20.52 8.79
C VAL A 128 -3.36 -19.70 10.08
N VAL A 129 -3.08 -18.41 9.94
CA VAL A 129 -2.86 -17.54 11.10
C VAL A 129 -4.15 -16.85 11.49
N GLY A 130 -5.14 -17.04 10.65
CA GLY A 130 -6.39 -16.32 10.74
C GLY A 130 -6.26 -14.90 10.24
N GLU A 131 -5.06 -14.34 10.41
CA GLU A 131 -4.75 -12.98 10.01
C GLU A 131 -3.25 -12.76 10.17
N PHE A 132 -2.63 -12.11 9.21
CA PHE A 132 -1.24 -11.73 9.33
C PHE A 132 -1.02 -10.38 8.70
N THR A 133 -0.21 -9.54 9.35
CA THR A 133 0.00 -8.19 8.87
C THR A 133 1.49 -7.94 8.58
N ILE A 134 1.79 -7.75 7.30
CA ILE A 134 3.13 -7.40 6.86
C ILE A 134 3.08 -6.15 6.01
N PRO A 135 4.01 -5.21 6.19
CA PRO A 135 4.04 -3.99 5.42
C PRO A 135 4.91 -4.11 4.16
N ILE A 136 4.73 -3.17 3.25
CA ILE A 136 5.50 -3.12 2.03
C ILE A 136 5.43 -1.69 1.48
N SER A 137 6.28 -1.37 0.52
CA SER A 137 6.48 0.00 0.11
C SER A 137 6.53 0.11 -1.40
N SER A 138 6.05 1.23 -1.93
CA SER A 138 6.13 1.47 -3.35
C SER A 138 6.46 2.93 -3.58
N LYS A 139 7.71 3.19 -3.92
CA LYS A 139 8.19 4.55 -4.04
C LYS A 139 8.67 4.84 -5.45
N GLY A 140 8.59 6.09 -5.87
CA GLY A 140 9.05 6.46 -7.18
C GLY A 140 9.09 7.97 -7.39
N GLU A 141 9.88 8.39 -8.35
CA GLU A 141 10.00 9.81 -8.69
C GLU A 141 9.21 10.08 -9.95
N ILE A 142 8.40 11.14 -9.95
CA ILE A 142 7.60 11.49 -11.11
C ILE A 142 7.64 13.01 -11.32
N LYS A 143 7.10 13.48 -12.42
CA LYS A 143 7.19 14.90 -12.78
C LYS A 143 6.26 15.75 -11.92
N LEU A 144 6.48 17.07 -11.98
CA LEU A 144 5.73 18.03 -11.16
C LEU A 144 4.22 17.90 -11.41
N PRO A 145 3.42 17.86 -10.33
CA PRO A 145 1.97 17.80 -10.43
C PRO A 145 1.36 19.10 -10.92
N THR A 146 0.06 19.08 -11.19
CA THR A 146 -0.64 20.25 -11.68
C THR A 146 -0.74 21.32 -10.58
N PHE A 147 0.03 22.39 -10.72
CA PHE A 147 0.07 23.43 -9.70
C PHE A 147 -0.40 24.77 -10.26
N LYS A 148 -0.94 25.58 -9.38
CA LYS A 148 -1.40 26.93 -9.72
C LYS A 148 -1.80 27.66 -8.44
N ASP A 149 -0.93 28.54 -7.98
CA ASP A 149 -1.13 29.26 -6.71
C ASP A 149 -1.12 28.29 -5.54
N PHE A 150 -0.85 27.02 -5.84
CA PHE A 150 -0.73 25.99 -4.82
C PHE A 150 0.69 25.96 -4.32
N PHE A 151 1.61 26.22 -5.23
CA PHE A 151 3.02 26.41 -4.87
C PHE A 151 3.57 27.59 -5.67
N MET A 1 -0.44 -25.65 2.73
CA MET A 1 -0.33 -25.34 4.18
C MET A 1 1.13 -25.08 4.55
N ALA A 2 1.85 -26.15 4.90
CA ALA A 2 3.30 -26.10 5.17
C ALA A 2 3.68 -25.29 6.42
N SER A 3 2.74 -24.54 6.97
CA SER A 3 3.00 -23.68 8.12
C SER A 3 3.34 -24.51 9.36
N LEU A 4 2.36 -25.25 9.85
CA LEU A 4 2.53 -26.08 11.04
C LEU A 4 2.87 -27.51 10.66
N LEU A 5 2.93 -27.77 9.37
CA LEU A 5 3.15 -29.13 8.87
C LEU A 5 4.57 -29.28 8.37
N ASP A 6 5.48 -28.51 8.96
CA ASP A 6 6.88 -28.57 8.59
C ASP A 6 7.58 -29.67 9.39
N LYS A 7 7.29 -29.69 10.69
CA LYS A 7 7.80 -30.70 11.61
C LYS A 7 9.32 -30.75 11.59
N ALA A 8 9.93 -29.68 12.09
CA ALA A 8 11.38 -29.57 12.15
C ALA A 8 11.86 -29.86 13.57
N LYS A 9 13.01 -30.52 13.68
CA LYS A 9 13.56 -30.87 14.97
C LYS A 9 15.05 -30.52 15.06
N ASP A 10 15.73 -30.59 13.93
CA ASP A 10 17.16 -30.30 13.88
C ASP A 10 17.42 -28.82 13.61
N PHE A 11 18.30 -28.22 14.41
CA PHE A 11 18.68 -26.81 14.28
C PHE A 11 17.53 -25.88 14.68
N VAL A 12 16.46 -25.89 13.90
CA VAL A 12 15.31 -25.06 14.18
C VAL A 12 14.05 -25.92 14.30
N ALA A 13 13.23 -25.60 15.28
CA ALA A 13 11.96 -26.29 15.47
C ALA A 13 10.81 -25.30 15.35
N ASP A 14 11.16 -24.01 15.36
CA ASP A 14 10.17 -22.95 15.26
C ASP A 14 10.10 -22.46 13.82
N LYS A 15 11.05 -21.60 13.45
CA LYS A 15 11.19 -21.08 12.09
C LYS A 15 10.04 -20.13 11.73
N LEU A 16 8.88 -20.69 11.43
CA LEU A 16 7.71 -19.90 11.08
C LEU A 16 6.45 -20.74 11.19
N THR A 17 5.29 -20.10 11.24
CA THR A 17 4.03 -20.81 11.33
C THR A 17 2.90 -19.98 10.72
N ALA A 18 3.25 -19.02 9.86
CA ALA A 18 2.27 -18.15 9.26
C ALA A 18 2.31 -18.20 7.73
N ILE A 19 2.90 -17.18 7.10
CA ILE A 19 2.90 -17.07 5.64
C ILE A 19 4.20 -16.41 5.15
N PRO A 20 4.43 -16.42 3.83
CA PRO A 20 5.51 -15.63 3.21
C PRO A 20 5.32 -14.14 3.42
N LYS A 21 6.27 -13.34 2.94
CA LYS A 21 6.29 -11.91 3.26
C LYS A 21 6.12 -11.00 2.02
N PRO A 22 6.97 -11.14 0.99
CA PRO A 22 6.90 -10.27 -0.19
C PRO A 22 5.77 -10.65 -1.16
N GLU A 23 4.54 -10.34 -0.76
CA GLU A 23 3.33 -10.56 -1.54
C GLU A 23 2.35 -9.51 -1.04
N GLY A 24 1.72 -8.78 -1.95
CA GLY A 24 1.46 -7.38 -1.67
C GLY A 24 0.05 -6.87 -1.81
N SER A 25 0.00 -5.63 -2.27
CA SER A 25 -1.19 -4.78 -2.33
C SER A 25 -0.77 -3.46 -2.95
N VAL A 26 0.17 -3.54 -3.87
CA VAL A 26 0.74 -2.37 -4.52
C VAL A 26 0.83 -2.61 -6.02
N THR A 27 0.74 -1.58 -6.82
CA THR A 27 1.08 -1.69 -8.22
C THR A 27 1.35 -0.32 -8.81
N ASP A 28 0.44 0.61 -8.60
CA ASP A 28 0.62 1.96 -9.11
C ASP A 28 -0.23 2.97 -8.36
N VAL A 29 0.27 4.19 -8.30
CA VAL A 29 -0.44 5.29 -7.70
C VAL A 29 -0.40 6.50 -8.64
N ASP A 30 -1.56 7.05 -8.93
CA ASP A 30 -1.69 8.06 -9.99
C ASP A 30 -2.19 9.38 -9.44
N LEU A 31 -1.57 10.47 -9.86
CA LEU A 31 -1.81 11.78 -9.28
C LEU A 31 -2.82 12.58 -10.10
N LYS A 32 -3.86 13.07 -9.43
CA LYS A 32 -4.73 14.09 -10.01
C LYS A 32 -4.90 15.24 -9.01
N ASP A 33 -6.11 15.44 -8.48
CA ASP A 33 -6.39 16.61 -7.65
C ASP A 33 -7.86 16.74 -7.32
N VAL A 34 -8.20 17.73 -6.50
CA VAL A 34 -9.59 18.01 -6.19
C VAL A 34 -9.77 19.43 -5.62
N ASN A 35 -10.29 20.31 -6.46
CA ASN A 35 -10.68 21.64 -6.06
C ASN A 35 -9.49 22.41 -5.52
N ARG A 36 -9.38 22.43 -4.20
CA ARG A 36 -8.25 23.02 -3.52
C ARG A 36 -8.37 22.73 -2.04
N ASP A 37 -9.09 21.67 -1.79
CA ASP A 37 -9.42 21.27 -0.43
C ASP A 37 -8.50 20.15 -0.05
N SER A 38 -8.22 19.36 -1.06
CA SER A 38 -7.25 18.29 -1.01
C SER A 38 -6.83 18.01 -2.44
N VAL A 39 -5.95 17.08 -2.64
CA VAL A 39 -5.71 16.57 -3.97
C VAL A 39 -5.91 15.05 -3.94
N GLU A 40 -6.11 14.45 -5.09
CA GLU A 40 -6.51 13.06 -5.10
C GLU A 40 -5.45 12.17 -5.71
N TYR A 41 -5.17 11.10 -5.00
CA TYR A 41 -4.18 10.13 -5.44
C TYR A 41 -4.85 8.79 -5.67
N LEU A 42 -5.07 8.44 -6.93
CA LEU A 42 -5.64 7.14 -7.23
C LEU A 42 -4.57 6.09 -6.98
N ALA A 43 -4.74 5.30 -5.94
CA ALA A 43 -3.77 4.28 -5.63
C ALA A 43 -4.33 2.92 -5.96
N LYS A 44 -3.87 2.37 -7.07
CA LYS A 44 -4.30 1.06 -7.46
C LYS A 44 -3.44 0.04 -6.75
N VAL A 45 -4.09 -0.96 -6.21
CA VAL A 45 -3.48 -1.95 -5.36
C VAL A 45 -3.42 -3.28 -6.07
N SER A 46 -2.34 -4.01 -5.89
CA SER A 46 -2.33 -5.37 -6.33
C SER A 46 -2.08 -6.28 -5.14
N VAL A 47 -3.14 -6.87 -4.63
CA VAL A 47 -3.02 -7.72 -3.47
C VAL A 47 -2.53 -9.08 -3.91
N THR A 48 -1.32 -9.41 -3.52
CA THR A 48 -0.75 -10.67 -3.86
C THR A 48 -0.83 -11.56 -2.64
N ASN A 49 -1.70 -12.57 -2.73
CA ASN A 49 -1.96 -13.48 -1.63
C ASN A 49 -0.98 -14.64 -1.67
N PRO A 50 -0.23 -14.83 -0.58
CA PRO A 50 0.88 -15.78 -0.50
C PRO A 50 0.47 -17.20 -0.16
N TYR A 51 -0.82 -17.49 -0.13
CA TYR A 51 -1.27 -18.83 0.22
C TYR A 51 -1.53 -19.64 -1.05
N SER A 52 -2.79 -20.02 -1.30
CA SER A 52 -3.14 -20.71 -2.53
C SER A 52 -4.66 -20.78 -2.71
N HIS A 53 -5.40 -19.94 -2.01
CA HIS A 53 -6.85 -19.94 -2.10
C HIS A 53 -7.37 -18.53 -1.90
N SER A 54 -8.41 -18.20 -2.63
CA SER A 54 -9.18 -16.98 -2.46
C SER A 54 -9.42 -16.64 -0.99
N ILE A 55 -8.63 -15.75 -0.41
CA ILE A 55 -8.82 -15.46 1.01
C ILE A 55 -10.05 -14.60 1.13
N PRO A 56 -10.56 -14.33 2.32
CA PRO A 56 -11.76 -13.54 2.47
C PRO A 56 -11.51 -12.05 2.64
N ILE A 57 -10.87 -11.65 3.72
CA ILE A 57 -10.86 -10.24 4.10
C ILE A 57 -9.43 -9.72 4.31
N CYS A 58 -9.28 -8.40 4.27
CA CYS A 58 -7.99 -7.79 4.52
C CYS A 58 -8.11 -6.39 5.10
N GLU A 59 -6.95 -5.86 5.41
CA GLU A 59 -6.81 -4.51 5.89
C GLU A 59 -5.62 -3.87 5.19
N ILE A 60 -5.92 -2.86 4.39
CA ILE A 60 -4.89 -2.06 3.76
C ILE A 60 -4.66 -0.76 4.51
N SER A 61 -3.44 -0.64 5.00
CA SER A 61 -2.99 0.53 5.73
C SER A 61 -1.90 1.22 4.95
N PHE A 62 -2.21 2.38 4.41
CA PHE A 62 -1.34 3.01 3.45
C PHE A 62 -0.78 4.30 4.01
N THR A 63 0.53 4.42 3.98
CA THR A 63 1.20 5.64 4.38
C THR A 63 1.99 6.18 3.20
N PHE A 64 1.46 7.23 2.60
CA PHE A 64 2.10 7.85 1.46
C PHE A 64 2.91 9.07 1.92
N HIS A 65 4.11 9.20 1.39
CA HIS A 65 4.97 10.36 1.68
C HIS A 65 5.80 10.69 0.45
N SER A 66 5.98 11.97 0.18
CA SER A 66 6.63 12.40 -1.04
C SER A 66 8.07 12.83 -0.78
N ALA A 67 8.29 14.14 -0.61
CA ALA A 67 9.64 14.64 -0.41
C ALA A 67 10.20 14.05 0.85
N GLY A 68 9.53 14.30 1.96
CA GLY A 68 9.72 13.53 3.16
C GLY A 68 8.52 13.74 4.03
N ARG A 69 7.49 14.25 3.36
CA ARG A 69 6.27 14.71 3.96
C ARG A 69 5.18 13.71 3.70
N GLU A 70 4.10 13.79 4.44
CA GLU A 70 3.21 12.68 4.54
C GLU A 70 2.05 12.89 3.59
N ILE A 71 2.26 12.43 2.37
CA ILE A 71 1.28 12.47 1.32
C ILE A 71 -0.09 12.02 1.83
N GLY A 72 -0.12 10.96 2.61
CA GLY A 72 -1.37 10.52 3.19
C GLY A 72 -1.20 9.28 4.01
N LYS A 73 -2.20 8.91 4.80
CA LYS A 73 -2.16 7.64 5.51
C LYS A 73 -3.52 7.27 6.06
N GLY A 74 -3.67 6.00 6.39
CA GLY A 74 -4.90 5.49 6.94
C GLY A 74 -5.03 4.00 6.70
N LYS A 75 -6.13 3.41 7.13
CA LYS A 75 -6.35 1.99 6.93
C LYS A 75 -7.83 1.69 6.74
N ILE A 76 -8.11 0.75 5.85
CA ILE A 76 -9.48 0.38 5.54
C ILE A 76 -9.60 -1.15 5.52
N PRO A 77 -10.53 -1.70 6.31
CA PRO A 77 -10.88 -3.13 6.25
C PRO A 77 -11.67 -3.42 4.99
N ASP A 78 -11.07 -4.16 4.07
CA ASP A 78 -11.70 -4.40 2.77
C ASP A 78 -11.72 -5.89 2.47
N PRO A 79 -12.77 -6.40 1.81
CA PRO A 79 -12.83 -7.79 1.40
C PRO A 79 -11.72 -8.15 0.40
N GLY A 80 -10.59 -8.60 0.94
CA GLY A 80 -9.46 -8.97 0.10
C GLY A 80 -9.58 -10.39 -0.41
N SER A 81 -10.81 -10.79 -0.71
CA SER A 81 -11.08 -12.09 -1.25
C SER A 81 -10.64 -12.14 -2.71
N LEU A 82 -9.76 -13.09 -3.07
CA LEU A 82 -9.05 -12.95 -4.36
C LEU A 82 -8.70 -14.28 -5.02
N LYS A 83 -7.72 -14.27 -5.93
CA LYS A 83 -7.37 -15.44 -6.71
C LYS A 83 -6.91 -16.61 -5.84
N ALA A 84 -5.59 -16.72 -5.64
CA ALA A 84 -4.97 -17.86 -5.00
C ALA A 84 -3.49 -17.84 -5.32
N LYS A 85 -2.67 -17.55 -4.31
CA LYS A 85 -1.21 -17.39 -4.48
C LYS A 85 -0.89 -16.61 -5.74
N ASP A 86 -1.56 -15.48 -5.86
CA ASP A 86 -1.50 -14.68 -7.08
C ASP A 86 -1.77 -13.21 -6.76
N MET A 87 -1.78 -12.40 -7.79
CA MET A 87 -1.87 -10.96 -7.66
C MET A 87 -3.23 -10.48 -8.15
N THR A 88 -3.92 -9.73 -7.31
CA THR A 88 -5.27 -9.28 -7.59
C THR A 88 -5.35 -7.75 -7.58
N ALA A 89 -6.15 -7.19 -8.49
CA ALA A 89 -6.29 -5.74 -8.59
C ALA A 89 -7.33 -5.21 -7.58
N LEU A 90 -6.84 -4.42 -6.64
CA LEU A 90 -7.67 -3.78 -5.63
C LEU A 90 -7.54 -2.26 -5.78
N ASP A 91 -8.34 -1.47 -5.07
CA ASP A 91 -8.36 -0.03 -5.29
C ASP A 91 -8.35 0.75 -3.99
N ILE A 92 -7.49 1.76 -3.95
CA ILE A 92 -7.51 2.77 -2.89
C ILE A 92 -7.90 4.11 -3.49
N PRO A 93 -9.09 4.63 -3.11
CA PRO A 93 -9.75 5.80 -3.72
C PRO A 93 -8.80 6.85 -4.30
N VAL A 94 -8.58 7.95 -3.59
CA VAL A 94 -7.74 9.04 -4.10
C VAL A 94 -7.30 9.95 -2.95
N VAL A 95 -6.13 9.70 -2.38
CA VAL A 95 -5.78 10.39 -1.14
C VAL A 95 -4.42 11.09 -1.16
N VAL A 96 -4.42 12.41 -1.32
CA VAL A 96 -3.28 13.22 -0.93
C VAL A 96 -3.69 14.65 -0.60
N PRO A 97 -3.76 15.00 0.69
CA PRO A 97 -4.07 16.36 1.13
C PRO A 97 -3.34 17.43 0.34
N TYR A 98 -4.08 18.47 -0.01
CA TYR A 98 -3.59 19.58 -0.84
C TYR A 98 -2.30 20.16 -0.26
N SER A 99 -2.23 20.22 1.06
CA SER A 99 -1.11 20.83 1.76
C SER A 99 0.20 20.09 1.51
N ILE A 100 0.12 18.81 1.20
CA ILE A 100 1.31 17.99 1.05
C ILE A 100 2.06 18.37 -0.21
N LEU A 101 1.32 18.31 -1.30
CA LEU A 101 1.81 18.72 -2.61
C LEU A 101 2.34 20.13 -2.52
N PHE A 102 1.68 20.89 -1.67
CA PHE A 102 2.02 22.28 -1.45
C PHE A 102 3.46 22.36 -0.93
N ASN A 103 3.82 21.43 -0.05
CA ASN A 103 5.18 21.38 0.49
C ASN A 103 6.16 20.82 -0.54
N LEU A 104 5.90 19.61 -1.02
CA LEU A 104 6.81 18.94 -1.98
C LEU A 104 7.05 19.74 -3.27
N ALA A 105 5.98 20.19 -3.92
CA ALA A 105 6.12 20.94 -5.16
C ALA A 105 6.77 22.29 -4.90
N ARG A 106 6.60 22.78 -3.70
CA ARG A 106 7.26 24.01 -3.31
C ARG A 106 8.76 23.79 -3.13
N ASP A 107 9.14 22.80 -2.36
CA ASP A 107 10.54 22.57 -2.03
C ASP A 107 11.27 21.83 -3.15
N VAL A 108 10.73 20.71 -3.56
CA VAL A 108 11.38 19.91 -4.57
C VAL A 108 10.92 20.32 -5.96
N GLY A 109 9.74 20.94 -6.04
CA GLY A 109 9.34 21.59 -7.28
C GLY A 109 10.12 22.86 -7.51
N VAL A 110 10.67 23.36 -6.42
CA VAL A 110 11.71 24.38 -6.49
C VAL A 110 12.77 23.85 -7.44
N ASP A 111 13.17 22.60 -7.22
CA ASP A 111 13.89 21.83 -8.23
C ASP A 111 12.96 21.47 -9.39
N TRP A 112 12.40 20.25 -9.36
CA TRP A 112 11.41 19.82 -10.35
C TRP A 112 10.88 18.39 -10.08
N ASP A 113 11.80 17.45 -9.94
CA ASP A 113 11.44 16.03 -9.79
C ASP A 113 11.40 15.62 -8.32
N ILE A 114 10.25 15.08 -7.88
CA ILE A 114 10.07 14.70 -6.47
C ILE A 114 9.85 13.19 -6.35
N ASP A 115 10.17 12.64 -5.18
CA ASP A 115 9.99 11.22 -4.92
C ASP A 115 8.64 11.02 -4.21
N TYR A 116 8.07 9.84 -4.34
CA TYR A 116 6.83 9.50 -3.65
C TYR A 116 6.93 8.07 -3.17
N GLU A 117 6.27 7.74 -2.07
CA GLU A 117 6.36 6.39 -1.55
C GLU A 117 5.06 5.97 -0.89
N LEU A 118 4.68 4.73 -1.13
CA LEU A 118 3.58 4.12 -0.43
C LEU A 118 4.10 3.12 0.59
N GLN A 119 3.65 3.27 1.82
CA GLN A 119 3.97 2.33 2.88
C GLN A 119 2.69 1.62 3.27
N ILE A 120 2.52 0.42 2.78
CA ILE A 120 1.26 -0.28 2.95
C ILE A 120 1.41 -1.51 3.85
N GLY A 121 0.65 -1.54 4.93
CA GLY A 121 0.62 -2.70 5.78
C GLY A 121 -0.48 -3.65 5.38
N LEU A 122 -0.14 -4.90 5.20
CA LEU A 122 -1.07 -5.89 4.68
C LEU A 122 -1.56 -6.81 5.78
N THR A 123 -2.73 -6.51 6.30
CA THR A 123 -3.38 -7.40 7.22
C THR A 123 -4.41 -8.21 6.46
N ILE A 124 -4.05 -9.39 6.05
CA ILE A 124 -4.96 -10.21 5.28
C ILE A 124 -5.38 -11.42 6.09
N ASP A 125 -6.61 -11.87 5.86
CA ASP A 125 -7.13 -13.02 6.58
C ASP A 125 -6.78 -14.27 5.83
N LEU A 126 -5.81 -15.02 6.36
CA LEU A 126 -5.33 -16.24 5.73
C LEU A 126 -5.90 -17.45 6.47
N PRO A 127 -5.89 -18.64 5.86
CA PRO A 127 -6.34 -19.86 6.54
C PRO A 127 -5.38 -20.34 7.61
N VAL A 128 -4.12 -20.05 7.40
CA VAL A 128 -3.09 -20.52 8.30
C VAL A 128 -3.03 -19.73 9.62
N VAL A 129 -2.85 -18.41 9.52
CA VAL A 129 -2.70 -17.57 10.72
C VAL A 129 -4.04 -16.97 11.09
N GLY A 130 -5.02 -17.27 10.26
CA GLY A 130 -6.32 -16.63 10.34
C GLY A 130 -6.28 -15.22 9.78
N GLU A 131 -5.17 -14.54 10.02
CA GLU A 131 -4.89 -13.22 9.50
C GLU A 131 -3.46 -12.86 9.88
N PHE A 132 -2.75 -12.22 8.98
CA PHE A 132 -1.38 -11.82 9.26
C PHE A 132 -1.10 -10.45 8.68
N THR A 133 -0.26 -9.67 9.36
CA THR A 133 0.08 -8.33 8.91
C THR A 133 1.55 -8.22 8.53
N ILE A 134 1.79 -8.01 7.24
CA ILE A 134 3.13 -7.75 6.73
C ILE A 134 3.13 -6.47 5.90
N PRO A 135 4.14 -5.62 6.04
CA PRO A 135 4.20 -4.37 5.29
C PRO A 135 4.99 -4.48 3.98
N ILE A 136 4.80 -3.50 3.12
CA ILE A 136 5.51 -3.43 1.86
C ILE A 136 5.39 -2.01 1.30
N SER A 137 6.16 -1.68 0.28
CA SER A 137 6.29 -0.30 -0.16
C SER A 137 6.30 -0.19 -1.68
N SER A 138 5.92 0.99 -2.18
CA SER A 138 6.04 1.28 -3.60
C SER A 138 6.36 2.77 -3.77
N LYS A 139 7.60 3.07 -4.12
CA LYS A 139 8.06 4.46 -4.22
C LYS A 139 8.54 4.77 -5.64
N GLY A 140 8.40 6.03 -6.05
CA GLY A 140 8.74 6.40 -7.42
C GLY A 140 8.86 7.90 -7.59
N GLU A 141 9.76 8.28 -8.47
CA GLU A 141 10.05 9.69 -8.74
C GLU A 141 9.51 10.10 -10.11
N ILE A 142 8.79 11.23 -10.18
CA ILE A 142 8.27 11.75 -11.43
C ILE A 142 8.27 13.27 -11.35
N LYS A 143 7.98 13.95 -12.46
CA LYS A 143 7.95 15.41 -12.45
C LYS A 143 6.86 15.94 -11.53
N LEU A 144 7.07 17.15 -11.01
CA LEU A 144 6.15 17.77 -10.06
C LEU A 144 4.73 17.90 -10.63
N PRO A 145 3.73 17.85 -9.74
CA PRO A 145 2.31 17.96 -10.11
C PRO A 145 1.94 19.31 -10.68
N THR A 146 0.70 19.43 -11.15
CA THR A 146 0.21 20.66 -11.73
C THR A 146 0.12 21.77 -10.68
N PHE A 147 1.09 22.67 -10.72
CA PHE A 147 1.20 23.75 -9.76
C PHE A 147 0.23 24.90 -10.08
N LYS A 148 -0.85 24.58 -10.77
CA LYS A 148 -1.88 25.55 -11.08
C LYS A 148 -2.77 25.79 -9.86
N ASP A 149 -2.27 26.63 -8.94
CA ASP A 149 -2.95 26.93 -7.67
C ASP A 149 -2.74 25.80 -6.68
N PHE A 150 -2.86 24.56 -7.15
CA PHE A 150 -2.70 23.39 -6.28
C PHE A 150 -1.27 23.31 -5.75
N PHE A 151 -0.33 23.42 -6.68
CA PHE A 151 1.09 23.20 -6.44
C PHE A 151 1.36 21.72 -6.23
N MET A 1 0.31 -30.02 6.87
CA MET A 1 0.29 -30.04 5.39
C MET A 1 0.13 -28.63 4.83
N ALA A 2 -1.06 -28.06 5.01
CA ALA A 2 -1.36 -26.76 4.44
C ALA A 2 -0.81 -25.63 5.30
N SER A 3 0.47 -25.36 5.16
CA SER A 3 1.09 -24.21 5.80
C SER A 3 1.64 -23.29 4.71
N LEU A 4 2.48 -23.85 3.84
CA LEU A 4 3.00 -23.12 2.69
C LEU A 4 2.30 -23.59 1.43
N LEU A 5 1.21 -24.36 1.64
CA LEU A 5 0.45 -24.98 0.56
C LEU A 5 1.25 -26.11 -0.08
N ASP A 6 2.32 -25.76 -0.76
CA ASP A 6 3.20 -26.71 -1.40
C ASP A 6 4.63 -26.39 -1.02
N LYS A 7 5.60 -26.90 -1.78
CA LYS A 7 7.00 -26.67 -1.45
C LYS A 7 7.88 -26.78 -2.68
N ALA A 8 8.27 -25.64 -3.23
CA ALA A 8 9.22 -25.61 -4.33
C ALA A 8 10.58 -25.13 -3.84
N LYS A 9 10.92 -23.87 -4.12
CA LYS A 9 12.15 -23.28 -3.62
C LYS A 9 12.15 -21.77 -3.87
N ASP A 10 12.48 -21.01 -2.84
CA ASP A 10 12.62 -19.56 -2.95
C ASP A 10 13.02 -18.98 -1.60
N PHE A 11 13.67 -19.82 -0.79
CA PHE A 11 14.03 -19.49 0.58
C PHE A 11 12.82 -19.20 1.45
N VAL A 12 12.42 -20.19 2.24
CA VAL A 12 11.38 -20.01 3.23
C VAL A 12 12.02 -19.44 4.48
N ALA A 13 13.26 -19.86 4.70
CA ALA A 13 14.12 -19.36 5.78
C ALA A 13 13.56 -19.69 7.16
N ASP A 14 12.63 -18.89 7.63
CA ASP A 14 12.05 -19.04 8.95
C ASP A 14 10.53 -19.03 8.90
N LYS A 15 9.99 -18.99 7.69
CA LYS A 15 8.56 -18.84 7.51
C LYS A 15 7.87 -20.19 7.34
N LEU A 16 8.33 -21.17 8.10
CA LEU A 16 7.74 -22.51 8.05
C LEU A 16 6.32 -22.47 8.63
N THR A 17 6.08 -21.50 9.49
CA THR A 17 4.78 -21.34 10.10
C THR A 17 4.30 -19.90 9.93
N ALA A 18 2.99 -19.71 9.84
CA ALA A 18 2.37 -18.40 9.64
C ALA A 18 2.71 -17.84 8.26
N ILE A 19 2.80 -18.74 7.29
CA ILE A 19 2.97 -18.42 5.84
C ILE A 19 4.33 -17.76 5.55
N PRO A 20 4.80 -17.85 4.29
CA PRO A 20 6.09 -17.29 3.87
C PRO A 20 6.07 -15.78 3.70
N LYS A 21 5.51 -15.32 2.59
CA LYS A 21 5.42 -13.90 2.31
C LYS A 21 4.10 -13.56 1.63
N PRO A 22 3.27 -12.76 2.31
CA PRO A 22 1.96 -12.36 1.83
C PRO A 22 1.96 -10.96 1.25
N GLU A 23 2.91 -10.68 0.38
CA GLU A 23 3.16 -9.33 -0.04
C GLU A 23 2.49 -9.04 -1.36
N GLY A 24 1.54 -8.14 -1.30
CA GLY A 24 0.88 -7.68 -2.48
C GLY A 24 -0.25 -6.74 -2.16
N SER A 25 -0.04 -5.47 -2.45
CA SER A 25 -1.09 -4.44 -2.40
C SER A 25 -0.55 -3.18 -3.07
N VAL A 26 0.33 -3.39 -4.01
CA VAL A 26 1.04 -2.30 -4.67
C VAL A 26 1.04 -2.51 -6.16
N THR A 27 1.15 -1.42 -6.91
CA THR A 27 1.38 -1.47 -8.35
C THR A 27 1.49 -0.08 -8.98
N ASP A 28 0.57 0.83 -8.64
CA ASP A 28 0.55 2.15 -9.29
C ASP A 28 -0.12 3.19 -8.42
N VAL A 29 0.28 4.44 -8.59
CA VAL A 29 -0.36 5.56 -7.92
C VAL A 29 -0.37 6.78 -8.85
N ASP A 30 -1.56 7.28 -9.15
CA ASP A 30 -1.72 8.34 -10.16
C ASP A 30 -2.20 9.64 -9.52
N LEU A 31 -1.33 10.65 -9.50
CA LEU A 31 -1.68 11.93 -8.87
C LEU A 31 -2.54 12.77 -9.82
N LYS A 32 -3.66 13.30 -9.32
CA LYS A 32 -4.53 14.12 -10.14
C LYS A 32 -5.08 15.36 -9.44
N ASP A 33 -6.19 15.21 -8.76
CA ASP A 33 -7.11 16.33 -8.54
C ASP A 33 -6.82 17.05 -7.26
N VAL A 34 -7.63 18.04 -6.94
CA VAL A 34 -7.44 18.83 -5.74
C VAL A 34 -8.70 19.62 -5.41
N ASN A 35 -9.38 20.04 -6.46
CA ASN A 35 -10.55 20.87 -6.38
C ASN A 35 -10.17 22.25 -5.83
N ARG A 36 -9.81 22.28 -4.56
CA ARG A 36 -9.41 23.50 -3.89
C ARG A 36 -8.92 23.24 -2.47
N ASP A 37 -9.06 22.02 -1.99
CA ASP A 37 -8.94 21.75 -0.57
C ASP A 37 -7.96 20.64 -0.33
N SER A 38 -7.89 19.74 -1.30
CA SER A 38 -7.07 18.55 -1.14
C SER A 38 -6.85 17.85 -2.47
N VAL A 39 -5.60 17.51 -2.73
CA VAL A 39 -5.22 16.86 -3.98
C VAL A 39 -5.61 15.39 -3.96
N GLU A 40 -5.80 14.76 -5.12
CA GLU A 40 -6.28 13.40 -5.13
C GLU A 40 -5.39 12.55 -6.01
N TYR A 41 -5.10 11.32 -5.57
CA TYR A 41 -4.35 10.41 -6.43
C TYR A 41 -4.87 8.99 -6.36
N LEU A 42 -5.01 8.38 -7.53
CA LEU A 42 -5.61 7.06 -7.60
C LEU A 42 -4.57 6.03 -7.23
N ALA A 43 -4.77 5.39 -6.09
CA ALA A 43 -3.85 4.38 -5.64
C ALA A 43 -4.29 3.01 -6.15
N LYS A 44 -3.63 2.57 -7.21
CA LYS A 44 -3.93 1.28 -7.78
C LYS A 44 -3.16 0.22 -7.01
N VAL A 45 -3.88 -0.75 -6.51
CA VAL A 45 -3.34 -1.77 -5.64
C VAL A 45 -3.41 -3.13 -6.30
N SER A 46 -2.38 -3.92 -6.16
CA SER A 46 -2.43 -5.27 -6.60
C SER A 46 -2.09 -6.20 -5.45
N VAL A 47 -3.12 -6.83 -4.90
CA VAL A 47 -2.97 -7.69 -3.75
C VAL A 47 -2.52 -9.07 -4.16
N THR A 48 -1.49 -9.56 -3.51
CA THR A 48 -0.99 -10.89 -3.76
C THR A 48 -1.00 -11.68 -2.47
N ASN A 49 -1.85 -12.71 -2.43
CA ASN A 49 -1.90 -13.59 -1.28
C ASN A 49 -1.03 -14.80 -1.55
N PRO A 50 -0.39 -15.35 -0.50
CA PRO A 50 0.49 -16.51 -0.62
C PRO A 50 -0.23 -17.85 -0.37
N TYR A 51 -1.54 -17.79 -0.25
CA TYR A 51 -2.31 -18.96 0.13
C TYR A 51 -3.26 -19.32 -1.01
N SER A 52 -3.29 -20.59 -1.38
CA SER A 52 -3.97 -21.04 -2.59
C SER A 52 -5.44 -21.35 -2.29
N HIS A 53 -6.09 -20.46 -1.55
CA HIS A 53 -7.50 -20.66 -1.19
C HIS A 53 -8.32 -19.37 -1.16
N SER A 54 -7.80 -18.29 -1.75
CA SER A 54 -8.54 -17.01 -1.81
C SER A 54 -8.82 -16.46 -0.42
N ILE A 55 -8.02 -15.51 0.05
CA ILE A 55 -8.10 -15.07 1.44
C ILE A 55 -9.25 -14.13 1.64
N PRO A 56 -10.09 -14.39 2.62
CA PRO A 56 -11.40 -13.77 2.69
C PRO A 56 -11.34 -12.27 2.93
N ILE A 57 -10.73 -11.88 4.03
CA ILE A 57 -10.77 -10.48 4.42
C ILE A 57 -9.36 -9.92 4.54
N CYS A 58 -9.20 -8.62 4.32
CA CYS A 58 -7.88 -8.01 4.39
C CYS A 58 -7.96 -6.56 4.88
N GLU A 59 -6.79 -5.98 4.98
CA GLU A 59 -6.63 -4.60 5.38
C GLU A 59 -5.59 -3.91 4.52
N ILE A 60 -6.03 -2.91 3.79
CA ILE A 60 -5.10 -2.04 3.10
C ILE A 60 -4.87 -0.78 3.92
N SER A 61 -3.66 -0.70 4.46
CA SER A 61 -3.27 0.42 5.27
C SER A 61 -2.13 1.15 4.62
N PHE A 62 -2.42 2.28 4.00
CA PHE A 62 -1.45 2.93 3.14
C PHE A 62 -0.97 4.22 3.77
N THR A 63 0.33 4.35 3.88
CA THR A 63 0.95 5.55 4.41
C THR A 63 1.87 6.14 3.35
N PHE A 64 1.43 7.22 2.74
CA PHE A 64 2.16 7.82 1.65
C PHE A 64 3.00 9.01 2.13
N HIS A 65 4.20 9.13 1.58
CA HIS A 65 5.11 10.24 1.84
C HIS A 65 5.68 10.71 0.52
N SER A 66 5.88 12.01 0.35
CA SER A 66 6.47 12.49 -0.88
C SER A 66 7.91 12.94 -0.67
N ALA A 67 8.12 14.26 -0.56
CA ALA A 67 9.47 14.80 -0.46
C ALA A 67 10.16 14.19 0.74
N GLY A 68 9.60 14.41 1.92
CA GLY A 68 10.00 13.66 3.09
C GLY A 68 8.96 13.83 4.16
N ARG A 69 7.77 14.21 3.74
CA ARG A 69 6.67 14.44 4.65
C ARG A 69 5.57 13.45 4.36
N GLU A 70 4.46 13.55 5.04
CA GLU A 70 3.49 12.50 5.03
C GLU A 70 2.35 12.91 4.13
N ILE A 71 2.44 12.43 2.91
CA ILE A 71 1.45 12.65 1.88
C ILE A 71 0.05 12.32 2.40
N GLY A 72 -0.05 11.22 3.11
CA GLY A 72 -1.33 10.80 3.64
C GLY A 72 -1.27 9.39 4.17
N LYS A 73 -2.31 8.97 4.87
CA LYS A 73 -2.38 7.59 5.32
C LYS A 73 -3.80 7.23 5.69
N GLY A 74 -4.06 5.94 5.80
CA GLY A 74 -5.38 5.45 6.13
C GLY A 74 -5.41 3.95 6.17
N LYS A 75 -6.40 3.40 6.84
CA LYS A 75 -6.53 1.96 6.97
C LYS A 75 -7.96 1.54 6.68
N ILE A 76 -8.12 0.57 5.79
CA ILE A 76 -9.44 0.11 5.40
C ILE A 76 -9.48 -1.42 5.38
N PRO A 77 -10.23 -2.03 6.31
CA PRO A 77 -10.48 -3.46 6.30
C PRO A 77 -11.47 -3.82 5.20
N ASP A 78 -10.99 -4.52 4.17
CA ASP A 78 -11.82 -4.79 3.00
C ASP A 78 -11.74 -6.27 2.65
N PRO A 79 -12.85 -6.88 2.20
CA PRO A 79 -12.87 -8.29 1.80
C PRO A 79 -11.97 -8.57 0.60
N GLY A 80 -10.69 -8.78 0.87
CA GLY A 80 -9.72 -9.01 -0.19
C GLY A 80 -9.63 -10.48 -0.56
N SER A 81 -10.77 -11.12 -0.63
CA SER A 81 -10.88 -12.50 -1.03
C SER A 81 -10.57 -12.62 -2.51
N LEU A 82 -9.44 -13.28 -2.84
CA LEU A 82 -8.88 -13.15 -4.19
C LEU A 82 -8.29 -14.46 -4.69
N LYS A 83 -8.13 -14.53 -6.02
CA LYS A 83 -7.73 -15.71 -6.78
C LYS A 83 -7.35 -16.91 -5.90
N ALA A 84 -6.04 -17.05 -5.66
CA ALA A 84 -5.49 -18.13 -4.87
C ALA A 84 -3.99 -18.09 -5.01
N LYS A 85 -3.31 -17.69 -3.95
CA LYS A 85 -1.87 -17.43 -3.95
C LYS A 85 -1.46 -16.70 -5.23
N ASP A 86 -2.11 -15.57 -5.46
CA ASP A 86 -1.95 -14.85 -6.72
C ASP A 86 -2.23 -13.37 -6.53
N MET A 87 -2.37 -12.66 -7.64
CA MET A 87 -2.44 -11.21 -7.60
C MET A 87 -3.77 -10.71 -8.14
N THR A 88 -4.46 -9.92 -7.34
CA THR A 88 -5.74 -9.37 -7.69
C THR A 88 -5.62 -7.84 -7.83
N ALA A 89 -6.33 -7.25 -8.77
CA ALA A 89 -6.31 -5.80 -8.93
C ALA A 89 -7.33 -5.13 -7.99
N LEU A 90 -6.80 -4.51 -6.95
CA LEU A 90 -7.61 -3.80 -5.96
C LEU A 90 -7.51 -2.31 -6.23
N ASP A 91 -8.44 -1.51 -5.73
CA ASP A 91 -8.46 -0.11 -6.12
C ASP A 91 -8.71 0.78 -4.91
N ILE A 92 -7.75 1.65 -4.63
CA ILE A 92 -7.84 2.61 -3.54
C ILE A 92 -8.16 3.99 -4.11
N PRO A 93 -8.97 4.79 -3.39
CA PRO A 93 -9.31 6.15 -3.78
C PRO A 93 -8.09 7.08 -3.91
N VAL A 94 -8.33 8.37 -3.76
CA VAL A 94 -7.41 9.39 -4.21
C VAL A 94 -7.07 10.37 -3.07
N VAL A 95 -6.00 10.11 -2.32
CA VAL A 95 -5.87 10.77 -1.02
C VAL A 95 -4.55 11.52 -0.78
N VAL A 96 -4.56 12.84 -0.91
CA VAL A 96 -3.49 13.64 -0.35
C VAL A 96 -3.95 15.06 -0.01
N PRO A 97 -3.79 15.48 1.24
CA PRO A 97 -4.06 16.87 1.60
C PRO A 97 -3.31 17.87 0.72
N TYR A 98 -4.04 18.89 0.29
CA TYR A 98 -3.51 19.94 -0.58
C TYR A 98 -2.20 20.50 -0.02
N SER A 99 -2.11 20.59 1.30
CA SER A 99 -0.97 21.18 1.97
C SER A 99 0.32 20.37 1.78
N ILE A 100 0.20 19.07 1.52
CA ILE A 100 1.39 18.24 1.38
C ILE A 100 2.10 18.55 0.08
N LEU A 101 1.34 18.44 -1.01
CA LEU A 101 1.83 18.82 -2.33
C LEU A 101 2.23 20.27 -2.37
N PHE A 102 1.64 21.04 -1.49
CA PHE A 102 2.02 22.43 -1.34
C PHE A 102 3.49 22.46 -0.97
N ASN A 103 3.83 21.64 0.01
CA ASN A 103 5.18 21.55 0.52
C ASN A 103 6.12 20.79 -0.42
N LEU A 104 5.80 19.53 -0.77
CA LEU A 104 6.64 18.75 -1.67
C LEU A 104 6.94 19.45 -3.00
N ALA A 105 5.92 19.96 -3.67
CA ALA A 105 6.09 20.62 -4.97
C ALA A 105 6.83 21.93 -4.80
N ARG A 106 6.74 22.45 -3.62
CA ARG A 106 7.47 23.65 -3.26
C ARG A 106 8.97 23.35 -3.18
N ASP A 107 9.32 22.30 -2.45
CA ASP A 107 10.73 22.00 -2.18
C ASP A 107 11.38 21.25 -3.35
N VAL A 108 10.78 20.14 -3.76
CA VAL A 108 11.39 19.37 -4.82
C VAL A 108 10.90 19.86 -6.18
N GLY A 109 9.74 20.52 -6.19
CA GLY A 109 9.32 21.25 -7.37
C GLY A 109 10.13 22.50 -7.57
N VAL A 110 10.77 22.93 -6.49
CA VAL A 110 11.84 23.90 -6.57
C VAL A 110 12.83 23.39 -7.61
N ASP A 111 13.18 22.10 -7.49
CA ASP A 111 13.75 21.39 -8.63
C ASP A 111 12.69 21.21 -9.72
N TRP A 112 12.05 20.04 -9.72
CA TRP A 112 10.96 19.73 -10.66
C TRP A 112 10.40 18.32 -10.43
N ASP A 113 11.27 17.33 -10.42
CA ASP A 113 10.83 15.95 -10.22
C ASP A 113 10.93 15.55 -8.75
N ILE A 114 9.80 15.10 -8.19
CA ILE A 114 9.71 14.80 -6.76
C ILE A 114 9.56 13.30 -6.58
N ASP A 115 9.90 12.82 -5.40
CA ASP A 115 9.82 11.42 -5.09
C ASP A 115 8.65 11.17 -4.15
N TYR A 116 8.10 9.97 -4.20
CA TYR A 116 7.00 9.59 -3.35
C TYR A 116 7.26 8.20 -2.82
N GLU A 117 6.65 7.84 -1.71
CA GLU A 117 6.79 6.50 -1.17
C GLU A 117 5.48 6.07 -0.51
N LEU A 118 5.12 4.84 -0.74
CA LEU A 118 3.94 4.26 -0.14
C LEU A 118 4.33 3.22 0.88
N GLN A 119 3.74 3.30 2.05
CA GLN A 119 3.93 2.30 3.09
C GLN A 119 2.60 1.64 3.38
N ILE A 120 2.39 0.48 2.83
CA ILE A 120 1.09 -0.15 2.96
C ILE A 120 1.19 -1.44 3.76
N GLY A 121 0.45 -1.50 4.86
CA GLY A 121 0.44 -2.67 5.71
C GLY A 121 -0.56 -3.69 5.23
N LEU A 122 -0.10 -4.91 5.05
CA LEU A 122 -0.93 -5.99 4.54
C LEU A 122 -1.44 -6.86 5.67
N THR A 123 -2.64 -6.57 6.12
CA THR A 123 -3.31 -7.41 7.10
C THR A 123 -4.32 -8.28 6.39
N ILE A 124 -3.93 -9.49 6.06
CA ILE A 124 -4.83 -10.35 5.31
C ILE A 124 -5.19 -11.59 6.12
N ASP A 125 -6.46 -11.98 6.07
CA ASP A 125 -6.92 -13.08 6.86
C ASP A 125 -6.58 -14.37 6.17
N LEU A 126 -5.57 -15.06 6.72
CA LEU A 126 -5.04 -16.30 6.17
C LEU A 126 -5.46 -17.45 7.04
N PRO A 127 -5.80 -18.60 6.45
CA PRO A 127 -6.21 -19.79 7.23
C PRO A 127 -5.19 -20.22 8.29
N VAL A 128 -3.92 -19.93 8.05
CA VAL A 128 -2.85 -20.36 8.97
C VAL A 128 -2.83 -19.55 10.27
N VAL A 129 -2.66 -18.24 10.16
CA VAL A 129 -2.51 -17.39 11.35
C VAL A 129 -3.85 -16.73 11.67
N GLY A 130 -4.80 -17.02 10.82
CA GLY A 130 -6.10 -16.35 10.85
C GLY A 130 -6.02 -14.99 10.22
N GLU A 131 -4.84 -14.38 10.34
CA GLU A 131 -4.54 -13.11 9.73
C GLU A 131 -3.04 -12.88 9.87
N PHE A 132 -2.43 -12.25 8.89
CA PHE A 132 -1.01 -11.93 8.96
C PHE A 132 -0.80 -10.49 8.52
N THR A 133 0.00 -9.75 9.27
CA THR A 133 0.21 -8.34 8.99
C THR A 133 1.66 -8.03 8.68
N ILE A 134 1.94 -7.80 7.41
CA ILE A 134 3.27 -7.36 6.98
C ILE A 134 3.14 -6.11 6.11
N PRO A 135 3.93 -5.08 6.37
CA PRO A 135 3.92 -3.88 5.54
C PRO A 135 4.82 -4.01 4.31
N ILE A 136 4.56 -3.19 3.31
CA ILE A 136 5.33 -3.19 2.10
C ILE A 136 5.31 -1.78 1.52
N SER A 137 6.19 -1.50 0.58
CA SER A 137 6.42 -0.14 0.16
C SER A 137 6.46 -0.03 -1.35
N SER A 138 6.03 1.11 -1.88
CA SER A 138 6.15 1.38 -3.29
C SER A 138 6.45 2.85 -3.49
N LYS A 139 7.70 3.15 -3.79
CA LYS A 139 8.15 4.52 -3.94
C LYS A 139 8.53 4.82 -5.37
N GLY A 140 8.26 6.04 -5.82
CA GLY A 140 8.56 6.40 -7.19
C GLY A 140 8.74 7.91 -7.35
N GLU A 141 9.70 8.28 -8.15
CA GLU A 141 9.98 9.69 -8.44
C GLU A 141 9.53 10.00 -9.85
N ILE A 142 8.70 11.03 -10.03
CA ILE A 142 8.15 11.35 -11.33
C ILE A 142 8.22 12.86 -11.52
N LYS A 143 7.89 13.34 -12.72
CA LYS A 143 8.02 14.76 -13.03
C LYS A 143 7.01 15.61 -12.24
N LEU A 144 7.12 16.92 -12.40
CA LEU A 144 6.38 17.89 -11.59
C LEU A 144 4.87 17.69 -11.70
N PRO A 145 4.18 17.61 -10.54
CA PRO A 145 2.73 17.44 -10.44
C PRO A 145 1.96 18.65 -10.98
N THR A 146 0.64 18.53 -11.00
CA THR A 146 -0.23 19.59 -11.53
C THR A 146 -0.14 20.87 -10.69
N PHE A 147 -0.08 22.00 -11.39
CA PHE A 147 -0.07 23.32 -10.74
C PHE A 147 -1.18 24.20 -11.28
N LYS A 148 -1.46 25.30 -10.58
CA LYS A 148 -2.46 26.28 -11.01
C LYS A 148 -2.60 27.37 -9.96
N ASP A 149 -1.48 27.99 -9.61
CA ASP A 149 -1.42 29.04 -8.58
C ASP A 149 -1.79 28.46 -7.22
N PHE A 150 -1.52 27.19 -7.05
CA PHE A 150 -1.80 26.52 -5.79
C PHE A 150 -0.53 26.44 -4.98
N PHE A 151 0.52 25.98 -5.62
CA PHE A 151 1.80 25.76 -4.95
C PHE A 151 2.84 26.73 -5.49
N MET A 1 6.04 -26.87 0.83
CA MET A 1 4.65 -26.40 0.75
C MET A 1 4.53 -24.99 1.34
N ALA A 2 3.32 -24.44 1.32
CA ALA A 2 3.09 -23.04 1.71
C ALA A 2 3.13 -22.84 3.23
N SER A 3 3.17 -23.94 3.97
CA SER A 3 3.32 -23.86 5.42
C SER A 3 4.53 -24.66 5.86
N LEU A 4 5.66 -23.97 6.01
CA LEU A 4 6.91 -24.62 6.39
C LEU A 4 7.83 -23.62 7.07
N LEU A 5 8.38 -22.69 6.28
CA LEU A 5 9.35 -21.69 6.76
C LEU A 5 10.59 -22.35 7.35
N ASP A 6 11.65 -22.39 6.55
CA ASP A 6 12.91 -22.98 6.99
C ASP A 6 13.99 -21.92 7.08
N LYS A 7 14.07 -21.08 6.05
CA LYS A 7 15.12 -20.07 5.97
C LYS A 7 14.59 -18.72 6.39
N ALA A 8 15.25 -18.12 7.36
CA ALA A 8 14.89 -16.80 7.85
C ALA A 8 16.12 -16.13 8.44
N LYS A 9 16.44 -14.94 7.96
CA LYS A 9 17.63 -14.24 8.45
C LYS A 9 17.36 -13.69 9.84
N ASP A 10 16.15 -13.20 10.07
CA ASP A 10 15.76 -12.75 11.39
C ASP A 10 15.09 -13.88 12.14
N PHE A 11 15.56 -14.15 13.35
CA PHE A 11 15.12 -15.31 14.11
C PHE A 11 13.76 -15.09 14.76
N VAL A 12 13.27 -16.11 15.45
CA VAL A 12 11.99 -16.05 16.13
C VAL A 12 12.16 -16.28 17.63
N ALA A 13 11.20 -15.82 18.41
CA ALA A 13 11.22 -16.03 19.85
C ALA A 13 11.09 -17.52 20.16
N ASP A 14 9.97 -18.10 19.75
CA ASP A 14 9.76 -19.53 19.91
C ASP A 14 8.93 -20.10 18.78
N LYS A 15 7.87 -19.41 18.42
CA LYS A 15 6.95 -19.89 17.40
C LYS A 15 6.43 -18.75 16.55
N LEU A 16 6.56 -18.88 15.24
CA LEU A 16 6.04 -17.87 14.34
C LEU A 16 5.48 -18.53 13.09
N THR A 17 6.37 -18.93 12.18
CA THR A 17 5.97 -19.52 10.90
C THR A 17 5.16 -18.53 10.06
N ALA A 18 3.85 -18.49 10.32
CA ALA A 18 2.94 -17.57 9.67
C ALA A 18 2.89 -17.74 8.15
N ILE A 19 3.78 -17.05 7.45
CA ILE A 19 3.79 -17.09 5.99
C ILE A 19 5.23 -17.20 5.47
N PRO A 20 5.44 -17.99 4.40
CA PRO A 20 6.76 -18.21 3.82
C PRO A 20 7.13 -17.19 2.76
N LYS A 21 6.14 -16.43 2.31
CA LYS A 21 6.32 -15.47 1.24
C LYS A 21 5.42 -14.27 1.51
N PRO A 22 5.98 -13.05 1.51
CA PRO A 22 5.20 -11.83 1.78
C PRO A 22 4.08 -11.63 0.77
N GLU A 23 3.14 -10.76 1.10
CA GLU A 23 1.97 -10.54 0.32
C GLU A 23 2.05 -9.12 -0.15
N GLY A 24 1.52 -8.84 -1.31
CA GLY A 24 1.52 -7.47 -1.74
C GLY A 24 0.13 -6.85 -1.81
N SER A 25 0.09 -5.59 -2.23
CA SER A 25 -1.14 -4.85 -2.45
C SER A 25 -0.81 -3.59 -3.23
N VAL A 26 0.13 -3.75 -4.13
CA VAL A 26 0.72 -2.62 -4.83
C VAL A 26 0.80 -2.90 -6.31
N THR A 27 0.83 -1.86 -7.11
CA THR A 27 1.15 -1.96 -8.52
C THR A 27 1.39 -0.58 -9.14
N ASP A 28 0.53 0.41 -8.84
CA ASP A 28 0.70 1.75 -9.42
C ASP A 28 -0.09 2.79 -8.65
N VAL A 29 0.23 4.06 -8.85
CA VAL A 29 -0.48 5.16 -8.22
C VAL A 29 -0.53 6.36 -9.17
N ASP A 30 -1.63 7.13 -9.13
CA ASP A 30 -1.84 8.26 -10.05
C ASP A 30 -2.20 9.52 -9.28
N LEU A 31 -1.59 10.63 -9.65
CA LEU A 31 -1.85 11.91 -9.01
C LEU A 31 -2.79 12.76 -9.86
N LYS A 32 -3.79 13.37 -9.23
CA LYS A 32 -4.72 14.19 -9.98
C LYS A 32 -5.18 15.44 -9.22
N ASP A 33 -6.30 15.33 -8.53
CA ASP A 33 -7.13 16.51 -8.23
C ASP A 33 -6.75 17.13 -6.91
N VAL A 34 -7.45 18.18 -6.50
CA VAL A 34 -7.15 18.87 -5.26
C VAL A 34 -8.27 19.80 -4.81
N ASN A 35 -8.91 20.43 -5.79
CA ASN A 35 -9.93 21.45 -5.56
C ASN A 35 -9.33 22.70 -4.90
N ARG A 36 -8.85 22.56 -3.67
CA ARG A 36 -8.17 23.63 -2.93
C ARG A 36 -7.77 23.12 -1.54
N ASP A 37 -8.15 21.88 -1.23
CA ASP A 37 -8.04 21.37 0.13
C ASP A 37 -7.30 20.06 0.13
N SER A 38 -7.60 19.21 -0.84
CA SER A 38 -6.98 17.90 -0.88
C SER A 38 -6.76 17.41 -2.31
N VAL A 39 -5.50 17.13 -2.59
CA VAL A 39 -5.11 16.53 -3.84
C VAL A 39 -5.54 15.06 -3.85
N GLU A 40 -5.78 14.48 -5.01
CA GLU A 40 -6.29 13.13 -5.03
C GLU A 40 -5.31 12.15 -5.64
N TYR A 41 -5.14 11.02 -4.97
CA TYR A 41 -4.17 10.00 -5.38
C TYR A 41 -4.86 8.67 -5.64
N LEU A 42 -5.01 8.31 -6.90
CA LEU A 42 -5.63 7.05 -7.26
C LEU A 42 -4.58 5.96 -7.13
N ALA A 43 -4.74 5.08 -6.16
CA ALA A 43 -3.75 4.05 -5.94
C ALA A 43 -4.27 2.71 -6.42
N LYS A 44 -3.61 2.18 -7.42
CA LYS A 44 -3.93 0.89 -7.96
C LYS A 44 -3.23 -0.18 -7.14
N VAL A 45 -4.00 -1.11 -6.63
CA VAL A 45 -3.50 -2.12 -5.72
C VAL A 45 -3.44 -3.48 -6.39
N SER A 46 -2.43 -4.25 -6.06
CA SER A 46 -2.42 -5.65 -6.43
C SER A 46 -1.98 -6.51 -5.24
N VAL A 47 -2.96 -7.12 -4.60
CA VAL A 47 -2.74 -7.92 -3.41
C VAL A 47 -2.28 -9.32 -3.78
N THR A 48 -1.13 -9.72 -3.24
CA THR A 48 -0.58 -11.03 -3.52
C THR A 48 -0.81 -11.96 -2.34
N ASN A 49 -1.67 -12.94 -2.53
CA ASN A 49 -1.93 -13.96 -1.52
C ASN A 49 -0.98 -15.14 -1.73
N PRO A 50 -0.27 -15.58 -0.67
CA PRO A 50 0.73 -16.64 -0.76
C PRO A 50 0.17 -18.05 -0.53
N TYR A 51 -1.14 -18.17 -0.44
CA TYR A 51 -1.77 -19.44 -0.14
C TYR A 51 -2.81 -19.73 -1.21
N SER A 52 -3.01 -20.99 -1.55
CA SER A 52 -3.79 -21.36 -2.72
C SER A 52 -5.30 -21.27 -2.45
N HIS A 53 -5.70 -20.34 -1.60
CA HIS A 53 -7.11 -20.11 -1.31
C HIS A 53 -7.37 -18.63 -1.11
N SER A 54 -8.37 -18.13 -1.84
CA SER A 54 -8.91 -16.78 -1.69
C SER A 54 -8.99 -16.32 -0.23
N ILE A 55 -8.09 -15.43 0.19
CA ILE A 55 -8.10 -15.01 1.59
C ILE A 55 -9.20 -14.00 1.79
N PRO A 56 -10.09 -14.26 2.74
CA PRO A 56 -11.41 -13.64 2.75
C PRO A 56 -11.37 -12.12 2.90
N ILE A 57 -10.78 -11.64 3.98
CA ILE A 57 -10.83 -10.20 4.26
C ILE A 57 -9.46 -9.67 4.61
N CYS A 58 -9.25 -8.39 4.39
CA CYS A 58 -7.98 -7.78 4.64
C CYS A 58 -8.12 -6.33 5.11
N GLU A 59 -6.96 -5.79 5.38
CA GLU A 59 -6.82 -4.41 5.80
C GLU A 59 -5.74 -3.75 4.98
N ILE A 60 -6.13 -2.78 4.18
CA ILE A 60 -5.17 -1.97 3.49
C ILE A 60 -4.99 -0.65 4.23
N SER A 61 -3.80 -0.53 4.80
CA SER A 61 -3.42 0.63 5.56
C SER A 61 -2.38 1.39 4.76
N PHE A 62 -2.76 2.51 4.17
CA PHE A 62 -1.92 3.13 3.18
C PHE A 62 -1.45 4.47 3.67
N THR A 63 -0.18 4.68 3.55
CA THR A 63 0.43 5.93 3.90
C THR A 63 1.35 6.37 2.78
N PHE A 64 1.02 7.44 2.13
CA PHE A 64 1.80 7.91 1.01
C PHE A 64 2.77 8.97 1.48
N HIS A 65 3.92 9.00 0.83
CA HIS A 65 4.97 9.95 1.13
C HIS A 65 5.47 10.50 -0.19
N SER A 66 5.87 11.76 -0.23
CA SER A 66 6.54 12.23 -1.42
C SER A 66 8.00 12.56 -1.11
N ALA A 67 8.29 13.84 -0.85
CA ALA A 67 9.68 14.27 -0.66
C ALA A 67 10.27 13.53 0.53
N GLY A 68 9.69 13.71 1.69
CA GLY A 68 10.01 12.84 2.81
C GLY A 68 8.97 13.00 3.90
N ARG A 69 7.77 13.40 3.49
CA ARG A 69 6.67 13.63 4.41
C ARG A 69 5.46 12.81 3.97
N GLU A 70 4.33 13.00 4.64
CA GLU A 70 3.23 12.07 4.53
C GLU A 70 2.16 12.61 3.60
N ILE A 71 2.29 12.23 2.35
CA ILE A 71 1.40 12.66 1.29
C ILE A 71 -0.06 12.31 1.58
N GLY A 72 -0.28 11.21 2.29
CA GLY A 72 -1.63 10.81 2.62
C GLY A 72 -1.63 9.53 3.43
N LYS A 73 -2.75 9.19 4.07
CA LYS A 73 -2.85 7.93 4.79
C LYS A 73 -4.29 7.57 5.14
N GLY A 74 -4.51 6.29 5.41
CA GLY A 74 -5.81 5.82 5.85
C GLY A 74 -5.82 4.31 5.98
N LYS A 75 -6.76 3.79 6.76
CA LYS A 75 -6.86 2.35 6.95
C LYS A 75 -8.26 1.88 6.61
N ILE A 76 -8.37 0.88 5.76
CA ILE A 76 -9.67 0.37 5.34
C ILE A 76 -9.69 -1.15 5.33
N PRO A 77 -10.59 -1.77 6.09
CA PRO A 77 -10.82 -3.21 6.03
C PRO A 77 -11.66 -3.58 4.81
N ASP A 78 -11.07 -4.32 3.88
CA ASP A 78 -11.74 -4.62 2.62
C ASP A 78 -11.68 -6.11 2.33
N PRO A 79 -12.71 -6.68 1.71
CA PRO A 79 -12.72 -8.09 1.29
C PRO A 79 -11.54 -8.41 0.37
N GLY A 80 -10.44 -8.85 0.98
CA GLY A 80 -9.24 -9.20 0.24
C GLY A 80 -9.32 -10.58 -0.36
N SER A 81 -10.54 -11.07 -0.50
CA SER A 81 -10.78 -12.41 -1.00
C SER A 81 -10.46 -12.45 -2.49
N LEU A 82 -9.54 -13.33 -2.88
CA LEU A 82 -8.90 -13.18 -4.20
C LEU A 82 -8.57 -14.53 -4.84
N LYS A 83 -7.66 -14.50 -5.83
CA LYS A 83 -7.33 -15.68 -6.63
C LYS A 83 -6.93 -16.88 -5.78
N ALA A 84 -5.62 -17.05 -5.57
CA ALA A 84 -5.07 -18.24 -4.94
C ALA A 84 -3.59 -18.28 -5.21
N LYS A 85 -2.81 -18.03 -4.16
CA LYS A 85 -1.34 -18.01 -4.24
C LYS A 85 -0.87 -17.19 -5.44
N ASP A 86 -1.55 -16.08 -5.67
CA ASP A 86 -1.36 -15.28 -6.87
C ASP A 86 -1.59 -13.80 -6.54
N MET A 87 -1.66 -12.97 -7.57
CA MET A 87 -1.77 -11.53 -7.39
C MET A 87 -3.08 -11.03 -7.95
N THR A 88 -3.83 -10.35 -7.10
CA THR A 88 -5.15 -9.85 -7.46
C THR A 88 -5.15 -8.33 -7.52
N ALA A 89 -5.89 -7.77 -8.46
CA ALA A 89 -5.98 -6.32 -8.58
C ALA A 89 -7.06 -5.77 -7.66
N LEU A 90 -6.75 -4.65 -7.03
CA LEU A 90 -7.64 -3.99 -6.08
C LEU A 90 -7.45 -2.48 -6.24
N ASP A 91 -8.23 -1.65 -5.56
CA ASP A 91 -8.12 -0.21 -5.78
C ASP A 91 -8.28 0.57 -4.49
N ILE A 92 -7.55 1.68 -4.43
CA ILE A 92 -7.71 2.66 -3.37
C ILE A 92 -8.24 3.95 -4.00
N PRO A 93 -9.13 4.69 -3.29
CA PRO A 93 -9.64 5.99 -3.75
C PRO A 93 -8.55 6.99 -4.14
N VAL A 94 -8.53 8.16 -3.51
CA VAL A 94 -7.66 9.24 -3.93
C VAL A 94 -7.31 10.18 -2.78
N VAL A 95 -6.20 9.96 -2.08
CA VAL A 95 -5.96 10.70 -0.84
C VAL A 95 -4.60 11.43 -0.81
N VAL A 96 -4.66 12.76 -0.90
CA VAL A 96 -3.49 13.61 -0.65
C VAL A 96 -3.93 14.92 -0.02
N PRO A 97 -3.76 15.15 1.28
CA PRO A 97 -4.01 16.47 1.83
C PRO A 97 -3.10 17.51 1.19
N TYR A 98 -3.71 18.54 0.61
CA TYR A 98 -3.00 19.53 -0.21
C TYR A 98 -1.78 20.09 0.51
N SER A 99 -1.89 20.31 1.81
CA SER A 99 -0.79 20.91 2.57
C SER A 99 0.50 20.10 2.43
N ILE A 100 0.38 18.81 2.13
CA ILE A 100 1.57 17.97 2.04
C ILE A 100 2.32 18.21 0.74
N LEU A 101 1.62 18.06 -0.39
CA LEU A 101 2.17 18.42 -1.71
C LEU A 101 2.73 19.84 -1.68
N PHE A 102 2.11 20.64 -0.85
CA PHE A 102 2.46 22.04 -0.72
C PHE A 102 3.90 22.13 -0.22
N ASN A 103 4.24 21.26 0.72
CA ASN A 103 5.57 21.26 1.31
C ASN A 103 6.61 20.67 0.37
N LEU A 104 6.39 19.45 -0.10
CA LEU A 104 7.33 18.79 -1.00
C LEU A 104 7.52 19.52 -2.34
N ALA A 105 6.44 19.84 -3.03
CA ALA A 105 6.52 20.56 -4.31
C ALA A 105 7.18 21.92 -4.10
N ARG A 106 7.05 22.41 -2.90
CA ARG A 106 7.74 23.62 -2.50
C ARG A 106 9.26 23.39 -2.54
N ASP A 107 9.73 22.32 -1.90
CA ASP A 107 11.17 22.07 -1.79
C ASP A 107 11.76 21.39 -3.04
N VAL A 108 11.17 20.27 -3.42
CA VAL A 108 11.69 19.51 -4.54
C VAL A 108 11.17 20.07 -5.86
N GLY A 109 9.99 20.69 -5.80
CA GLY A 109 9.49 21.41 -6.95
C GLY A 109 10.19 22.74 -7.12
N VAL A 110 10.79 23.22 -6.03
CA VAL A 110 11.76 24.30 -6.12
C VAL A 110 12.76 23.92 -7.22
N ASP A 111 13.22 22.67 -7.17
CA ASP A 111 13.84 22.06 -8.35
C ASP A 111 12.79 21.86 -9.45
N TRP A 112 12.14 20.69 -9.44
CA TRP A 112 11.02 20.40 -10.34
C TRP A 112 10.41 19.02 -10.11
N ASP A 113 11.21 17.97 -10.32
CA ASP A 113 10.71 16.60 -10.23
C ASP A 113 10.93 16.04 -8.83
N ILE A 114 9.88 15.43 -8.29
CA ILE A 114 9.88 14.98 -6.90
C ILE A 114 9.78 13.47 -6.83
N ASP A 115 10.17 12.91 -5.70
CA ASP A 115 10.08 11.49 -5.46
C ASP A 115 8.82 11.22 -4.63
N TYR A 116 8.26 10.04 -4.76
CA TYR A 116 7.06 9.68 -4.02
C TYR A 116 7.22 8.24 -3.51
N GLU A 117 6.40 7.84 -2.55
CA GLU A 117 6.48 6.52 -1.96
C GLU A 117 5.18 6.16 -1.25
N LEU A 118 4.64 5.00 -1.57
CA LEU A 118 3.46 4.51 -0.88
C LEU A 118 3.88 3.49 0.17
N GLN A 119 3.31 3.62 1.35
CA GLN A 119 3.58 2.71 2.45
C GLN A 119 2.29 1.99 2.83
N ILE A 120 2.15 0.76 2.40
CA ILE A 120 0.92 0.03 2.64
C ILE A 120 1.14 -1.11 3.64
N GLY A 121 0.41 -1.06 4.74
CA GLY A 121 0.42 -2.14 5.70
C GLY A 121 -0.67 -3.15 5.39
N LEU A 122 -0.28 -4.41 5.29
CA LEU A 122 -1.17 -5.46 4.83
C LEU A 122 -1.61 -6.35 5.96
N THR A 123 -2.87 -6.29 6.29
CA THR A 123 -3.45 -7.19 7.26
C THR A 123 -4.46 -8.10 6.59
N ILE A 124 -4.04 -9.29 6.24
CA ILE A 124 -4.93 -10.20 5.52
C ILE A 124 -5.30 -11.38 6.40
N ASP A 125 -6.53 -11.86 6.27
CA ASP A 125 -6.98 -12.99 7.05
C ASP A 125 -6.65 -14.24 6.29
N LEU A 126 -5.65 -14.94 6.81
CA LEU A 126 -5.07 -16.10 6.18
C LEU A 126 -5.48 -17.38 6.92
N PRO A 127 -5.24 -18.56 6.35
CA PRO A 127 -5.49 -19.83 7.03
C PRO A 127 -4.44 -20.13 8.11
N VAL A 128 -3.17 -19.88 7.80
CA VAL A 128 -2.07 -20.27 8.68
C VAL A 128 -1.98 -19.37 9.92
N VAL A 129 -1.84 -18.07 9.71
CA VAL A 129 -1.70 -17.12 10.82
C VAL A 129 -3.07 -16.63 11.26
N GLY A 130 -4.06 -17.01 10.47
CA GLY A 130 -5.41 -16.49 10.64
C GLY A 130 -5.54 -15.05 10.21
N GLU A 131 -4.47 -14.30 10.41
CA GLU A 131 -4.39 -12.90 10.06
C GLU A 131 -2.94 -12.47 10.27
N PHE A 132 -2.43 -11.57 9.45
CA PHE A 132 -1.07 -11.11 9.60
C PHE A 132 -0.92 -9.71 9.04
N THR A 133 -0.07 -8.91 9.66
CA THR A 133 0.16 -7.54 9.23
C THR A 133 1.62 -7.31 8.84
N ILE A 134 1.86 -7.19 7.55
CA ILE A 134 3.18 -6.85 7.04
C ILE A 134 3.08 -5.64 6.11
N PRO A 135 4.01 -4.70 6.22
CA PRO A 135 4.02 -3.53 5.37
C PRO A 135 4.85 -3.72 4.09
N ILE A 136 4.66 -2.83 3.15
CA ILE A 136 5.41 -2.84 1.90
C ILE A 136 5.22 -1.47 1.21
N SER A 137 5.99 -1.21 0.17
CA SER A 137 6.04 0.12 -0.41
C SER A 137 6.01 0.09 -1.92
N SER A 138 5.53 1.18 -2.51
CA SER A 138 5.58 1.37 -3.94
C SER A 138 5.91 2.84 -4.20
N LYS A 139 7.14 3.11 -4.60
CA LYS A 139 7.60 4.48 -4.73
C LYS A 139 7.94 4.80 -6.18
N GLY A 140 7.78 6.06 -6.56
CA GLY A 140 8.09 6.46 -7.91
C GLY A 140 8.25 7.96 -8.00
N GLU A 141 9.28 8.36 -8.71
CA GLU A 141 9.61 9.78 -8.87
C GLU A 141 9.09 10.27 -10.21
N ILE A 142 8.39 11.40 -10.23
CA ILE A 142 7.74 11.89 -11.43
C ILE A 142 7.77 13.41 -11.43
N LYS A 143 7.35 14.02 -12.54
CA LYS A 143 7.37 15.47 -12.70
C LYS A 143 6.52 16.21 -11.66
N LEU A 144 6.72 17.52 -11.59
CA LEU A 144 6.05 18.40 -10.64
C LEU A 144 4.52 18.35 -10.80
N PRO A 145 3.77 18.24 -9.67
CA PRO A 145 2.30 18.26 -9.68
C PRO A 145 1.75 19.59 -10.17
N THR A 146 0.43 19.67 -10.32
CA THR A 146 -0.26 20.88 -10.78
C THR A 146 0.20 22.11 -9.97
N PHE A 147 1.16 22.84 -10.51
CA PHE A 147 1.81 23.92 -9.79
C PHE A 147 1.24 25.27 -10.19
N LYS A 148 0.01 25.26 -10.70
CA LYS A 148 -0.67 26.48 -11.10
C LYS A 148 -0.67 27.50 -9.96
N ASP A 149 -1.34 27.15 -8.89
CA ASP A 149 -1.45 28.01 -7.72
C ASP A 149 -1.35 27.16 -6.46
N PHE A 150 -1.12 25.88 -6.67
CA PHE A 150 -1.23 24.90 -5.61
C PHE A 150 0.14 24.53 -5.05
N PHE A 151 0.91 23.79 -5.86
CA PHE A 151 2.09 23.07 -5.40
C PHE A 151 1.66 21.87 -4.56
N MET A 1 -3.72 -27.87 6.05
CA MET A 1 -3.44 -26.56 6.67
C MET A 1 -2.48 -26.72 7.85
N ALA A 2 -2.45 -25.73 8.73
CA ALA A 2 -1.64 -25.78 9.95
C ALA A 2 -2.34 -24.99 11.04
N SER A 3 -2.34 -23.67 10.87
CA SER A 3 -3.17 -22.73 11.65
C SER A 3 -3.08 -22.91 13.17
N LEU A 4 -3.93 -23.77 13.71
CA LEU A 4 -4.13 -23.85 15.15
C LEU A 4 -3.35 -25.02 15.76
N LEU A 5 -2.91 -24.82 17.00
CA LEU A 5 -2.14 -25.84 17.72
C LEU A 5 -3.05 -26.98 18.19
N ASP A 6 -4.19 -26.63 18.77
CA ASP A 6 -5.15 -27.62 19.23
C ASP A 6 -6.03 -28.07 18.07
N LYS A 7 -5.52 -29.00 17.30
CA LYS A 7 -6.19 -29.48 16.11
C LYS A 7 -5.52 -30.77 15.63
N ALA A 8 -6.32 -31.79 15.40
CA ALA A 8 -5.82 -33.09 14.96
C ALA A 8 -6.60 -33.61 13.75
N LYS A 9 -7.66 -32.90 13.37
CA LYS A 9 -8.45 -33.28 12.21
C LYS A 9 -7.68 -32.97 10.93
N ASP A 10 -6.69 -32.11 11.07
CA ASP A 10 -5.72 -31.85 10.01
C ASP A 10 -4.44 -32.63 10.33
N PHE A 11 -3.75 -33.10 9.30
CA PHE A 11 -2.73 -34.14 9.49
C PHE A 11 -1.36 -33.61 9.91
N VAL A 12 -1.28 -32.34 10.31
CA VAL A 12 -0.05 -31.82 10.89
C VAL A 12 -0.35 -31.11 12.20
N ALA A 13 0.67 -30.75 12.95
CA ALA A 13 0.48 -30.02 14.19
C ALA A 13 0.60 -28.52 13.92
N ASP A 14 1.79 -27.98 14.05
CA ASP A 14 2.01 -26.56 13.84
C ASP A 14 3.39 -26.30 13.23
N LYS A 15 3.57 -26.70 11.98
CA LYS A 15 4.81 -26.46 11.28
C LYS A 15 4.79 -25.08 10.62
N LEU A 16 3.63 -24.43 10.68
CA LEU A 16 3.48 -23.07 10.17
C LEU A 16 2.69 -22.24 11.16
N THR A 17 3.37 -21.34 11.84
CA THR A 17 2.74 -20.48 12.83
C THR A 17 1.91 -19.40 12.15
N ALA A 18 2.42 -18.92 11.00
CA ALA A 18 1.68 -17.95 10.20
C ALA A 18 1.69 -18.35 8.74
N ILE A 19 2.63 -17.83 7.96
CA ILE A 19 2.67 -18.12 6.53
C ILE A 19 4.12 -18.15 6.02
N PRO A 20 4.38 -18.85 4.89
CA PRO A 20 5.73 -19.05 4.38
C PRO A 20 6.17 -18.04 3.31
N LYS A 21 5.22 -17.28 2.76
CA LYS A 21 5.53 -16.34 1.68
C LYS A 21 4.93 -14.97 1.97
N PRO A 22 5.62 -13.89 1.55
CA PRO A 22 5.11 -12.53 1.68
C PRO A 22 3.99 -12.26 0.67
N GLU A 23 3.13 -11.30 1.00
CA GLU A 23 1.96 -11.02 0.25
C GLU A 23 2.10 -9.59 -0.22
N GLY A 24 1.60 -9.29 -1.38
CA GLY A 24 1.67 -7.92 -1.82
C GLY A 24 0.33 -7.23 -1.87
N SER A 25 0.36 -5.95 -2.24
CA SER A 25 -0.82 -5.09 -2.32
C SER A 25 -0.40 -3.78 -2.97
N VAL A 26 0.44 -3.90 -3.97
CA VAL A 26 1.01 -2.76 -4.66
C VAL A 26 0.95 -2.99 -6.16
N THR A 27 0.94 -1.91 -6.94
CA THR A 27 1.15 -2.02 -8.38
C THR A 27 1.21 -0.64 -9.06
N ASP A 28 0.25 0.24 -8.77
CA ASP A 28 0.17 1.54 -9.47
C ASP A 28 -0.61 2.56 -8.65
N VAL A 29 -0.24 3.82 -8.76
CA VAL A 29 -1.10 4.89 -8.26
C VAL A 29 -0.89 6.16 -9.08
N ASP A 30 -1.99 6.84 -9.39
CA ASP A 30 -1.99 7.98 -10.31
C ASP A 30 -2.68 9.19 -9.70
N LEU A 31 -2.06 10.36 -9.86
CA LEU A 31 -2.50 11.60 -9.20
C LEU A 31 -3.52 12.36 -10.07
N LYS A 32 -4.58 12.89 -9.45
CA LYS A 32 -5.58 13.65 -10.20
C LYS A 32 -6.04 14.93 -9.49
N ASP A 33 -7.10 14.83 -8.72
CA ASP A 33 -7.91 16.01 -8.41
C ASP A 33 -7.39 16.72 -7.19
N VAL A 34 -8.01 17.84 -6.84
CA VAL A 34 -7.54 18.62 -5.72
C VAL A 34 -8.59 19.63 -5.27
N ASN A 35 -9.21 20.29 -6.24
CA ASN A 35 -10.19 21.34 -5.99
C ASN A 35 -9.52 22.57 -5.36
N ARG A 36 -8.28 22.38 -4.98
CA ARG A 36 -7.42 23.37 -4.32
C ARG A 36 -7.71 23.39 -2.83
N ASP A 37 -8.13 22.24 -2.34
CA ASP A 37 -8.29 22.00 -0.91
C ASP A 37 -7.55 20.73 -0.53
N SER A 38 -7.53 19.77 -1.44
CA SER A 38 -6.86 18.50 -1.21
C SER A 38 -6.74 17.71 -2.52
N VAL A 39 -5.53 17.36 -2.87
CA VAL A 39 -5.27 16.65 -4.11
C VAL A 39 -5.68 15.18 -3.94
N GLU A 40 -5.92 14.47 -5.04
CA GLU A 40 -6.45 13.12 -4.91
C GLU A 40 -5.75 12.18 -5.88
N TYR A 41 -5.47 10.96 -5.46
CA TYR A 41 -4.84 10.01 -6.38
C TYR A 41 -5.36 8.59 -6.25
N LEU A 42 -5.64 8.00 -7.39
CA LEU A 42 -6.19 6.66 -7.46
C LEU A 42 -5.07 5.66 -7.28
N ALA A 43 -5.08 4.97 -6.15
CA ALA A 43 -4.02 4.03 -5.84
C ALA A 43 -4.47 2.61 -6.13
N LYS A 44 -3.95 2.05 -7.20
CA LYS A 44 -4.26 0.70 -7.57
C LYS A 44 -3.34 -0.27 -6.85
N VAL A 45 -3.95 -1.08 -6.03
CA VAL A 45 -3.28 -2.10 -5.25
C VAL A 45 -3.33 -3.44 -5.98
N SER A 46 -2.34 -4.28 -5.79
CA SER A 46 -2.44 -5.64 -6.23
C SER A 46 -2.00 -6.60 -5.14
N VAL A 47 -2.99 -7.23 -4.51
CA VAL A 47 -2.80 -8.09 -3.36
C VAL A 47 -2.39 -9.49 -3.79
N THR A 48 -1.31 -9.98 -3.21
CA THR A 48 -0.83 -11.32 -3.49
C THR A 48 -1.04 -12.22 -2.28
N ASN A 49 -1.97 -13.16 -2.36
CA ASN A 49 -2.13 -14.14 -1.28
C ASN A 49 -1.28 -15.35 -1.59
N PRO A 50 -0.52 -15.84 -0.61
CA PRO A 50 0.42 -16.93 -0.80
C PRO A 50 -0.04 -18.28 -0.23
N TYR A 51 -1.34 -18.48 -0.05
CA TYR A 51 -1.77 -19.74 0.58
C TYR A 51 -2.61 -20.56 -0.38
N SER A 52 -2.85 -19.99 -1.56
CA SER A 52 -3.27 -20.72 -2.76
C SER A 52 -4.78 -20.84 -2.87
N HIS A 53 -5.50 -20.04 -2.10
CA HIS A 53 -6.93 -19.93 -2.24
C HIS A 53 -7.36 -18.52 -1.90
N SER A 54 -8.41 -18.09 -2.55
CA SER A 54 -9.01 -16.79 -2.33
C SER A 54 -9.36 -16.58 -0.86
N ILE A 55 -8.61 -15.73 -0.17
CA ILE A 55 -8.90 -15.43 1.23
C ILE A 55 -10.11 -14.52 1.26
N PRO A 56 -10.67 -14.20 2.42
CA PRO A 56 -11.86 -13.39 2.46
C PRO A 56 -11.60 -11.88 2.56
N ILE A 57 -10.96 -11.45 3.64
CA ILE A 57 -10.94 -10.02 3.96
C ILE A 57 -9.53 -9.54 4.28
N CYS A 58 -9.31 -8.24 4.21
CA CYS A 58 -8.02 -7.68 4.48
C CYS A 58 -8.09 -6.21 4.93
N GLU A 59 -6.93 -5.67 5.12
CA GLU A 59 -6.75 -4.29 5.50
C GLU A 59 -5.63 -3.67 4.68
N ILE A 60 -6.00 -2.69 3.89
CA ILE A 60 -5.00 -1.89 3.22
C ILE A 60 -4.77 -0.61 4.01
N SER A 61 -3.59 -0.57 4.59
CA SER A 61 -3.19 0.55 5.42
C SER A 61 -2.04 1.26 4.75
N PHE A 62 -2.32 2.39 4.13
CA PHE A 62 -1.38 3.02 3.23
C PHE A 62 -0.91 4.32 3.82
N THR A 63 0.38 4.49 3.80
CA THR A 63 1.00 5.70 4.26
C THR A 63 1.94 6.21 3.18
N PHE A 64 1.55 7.26 2.51
CA PHE A 64 2.32 7.76 1.40
C PHE A 64 3.19 8.91 1.86
N HIS A 65 4.40 8.98 1.31
CA HIS A 65 5.34 10.06 1.58
C HIS A 65 5.82 10.59 0.25
N SER A 66 6.07 11.87 0.12
CA SER A 66 6.62 12.35 -1.12
C SER A 66 8.08 12.75 -0.97
N ALA A 67 8.34 14.04 -0.75
CA ALA A 67 9.71 14.51 -0.62
C ALA A 67 10.40 13.77 0.51
N GLY A 68 9.89 13.99 1.71
CA GLY A 68 10.27 13.16 2.83
C GLY A 68 9.23 13.33 3.91
N ARG A 69 8.08 13.85 3.50
CA ARG A 69 6.99 14.15 4.39
C ARG A 69 5.82 13.24 4.04
N GLU A 70 4.74 13.33 4.79
CA GLU A 70 3.75 12.30 4.77
C GLU A 70 2.58 12.75 3.90
N ILE A 71 2.62 12.27 2.68
CA ILE A 71 1.64 12.61 1.66
C ILE A 71 0.22 12.33 2.13
N GLY A 72 0.05 11.26 2.88
CA GLY A 72 -1.27 10.90 3.35
C GLY A 72 -1.30 9.46 3.82
N LYS A 73 -2.28 9.10 4.62
CA LYS A 73 -2.36 7.74 5.11
C LYS A 73 -3.77 7.40 5.58
N GLY A 74 -4.05 6.11 5.68
CA GLY A 74 -5.33 5.65 6.16
C GLY A 74 -5.40 4.14 6.18
N LYS A 75 -6.36 3.61 6.92
CA LYS A 75 -6.56 2.18 6.99
C LYS A 75 -7.98 1.83 6.58
N ILE A 76 -8.11 0.90 5.66
CA ILE A 76 -9.42 0.50 5.19
C ILE A 76 -9.53 -1.01 5.15
N PRO A 77 -10.43 -1.59 5.95
CA PRO A 77 -10.73 -3.02 5.91
C PRO A 77 -11.52 -3.39 4.66
N ASP A 78 -10.83 -3.95 3.68
CA ASP A 78 -11.41 -4.20 2.37
C ASP A 78 -11.52 -5.70 2.14
N PRO A 79 -12.56 -6.15 1.44
CA PRO A 79 -12.69 -7.57 1.08
C PRO A 79 -11.55 -8.05 0.18
N GLY A 80 -10.45 -8.46 0.81
CA GLY A 80 -9.28 -8.92 0.08
C GLY A 80 -9.40 -10.36 -0.36
N SER A 81 -10.60 -10.75 -0.73
CA SER A 81 -10.87 -12.07 -1.25
C SER A 81 -10.34 -12.17 -2.69
N LEU A 82 -9.40 -13.09 -2.97
CA LEU A 82 -8.62 -12.95 -4.23
C LEU A 82 -8.04 -14.26 -4.76
N LYS A 83 -7.67 -14.23 -6.05
CA LYS A 83 -7.39 -15.42 -6.88
C LYS A 83 -7.01 -16.67 -6.08
N ALA A 84 -5.70 -16.91 -5.96
CA ALA A 84 -5.17 -18.13 -5.38
C ALA A 84 -3.67 -18.15 -5.61
N LYS A 85 -2.90 -17.97 -4.53
CA LYS A 85 -1.43 -17.86 -4.59
C LYS A 85 -1.01 -17.00 -5.77
N ASP A 86 -1.66 -15.85 -5.90
CA ASP A 86 -1.50 -15.03 -7.07
C ASP A 86 -1.72 -13.56 -6.70
N MET A 87 -1.78 -12.72 -7.71
CA MET A 87 -1.84 -11.29 -7.50
C MET A 87 -3.14 -10.73 -8.08
N THR A 88 -3.94 -10.18 -7.20
CA THR A 88 -5.25 -9.66 -7.55
C THR A 88 -5.25 -8.14 -7.57
N ALA A 89 -6.00 -7.57 -8.50
CA ALA A 89 -6.08 -6.12 -8.63
C ALA A 89 -7.12 -5.55 -7.66
N LEU A 90 -6.71 -4.56 -6.91
CA LEU A 90 -7.54 -3.91 -5.92
C LEU A 90 -7.35 -2.39 -6.07
N ASP A 91 -8.24 -1.57 -5.55
CA ASP A 91 -8.09 -0.14 -5.74
C ASP A 91 -8.46 0.66 -4.50
N ILE A 92 -7.65 1.66 -4.24
CA ILE A 92 -7.86 2.63 -3.18
C ILE A 92 -8.42 3.90 -3.82
N PRO A 93 -9.26 4.69 -3.10
CA PRO A 93 -9.77 5.98 -3.60
C PRO A 93 -8.67 6.95 -4.08
N VAL A 94 -8.53 8.10 -3.41
CA VAL A 94 -7.67 9.16 -3.93
C VAL A 94 -7.19 10.11 -2.80
N VAL A 95 -6.05 9.85 -2.18
CA VAL A 95 -5.77 10.52 -0.90
C VAL A 95 -4.44 11.31 -0.81
N VAL A 96 -4.50 12.63 -0.93
CA VAL A 96 -3.38 13.46 -0.51
C VAL A 96 -3.83 14.86 -0.09
N PRO A 97 -3.76 15.18 1.21
CA PRO A 97 -4.04 16.54 1.68
C PRO A 97 -3.19 17.55 0.94
N TYR A 98 -3.84 18.60 0.48
CA TYR A 98 -3.20 19.60 -0.38
C TYR A 98 -1.94 20.16 0.26
N SER A 99 -2.00 20.41 1.56
CA SER A 99 -0.88 21.00 2.28
C SER A 99 0.41 20.19 2.10
N ILE A 100 0.29 18.89 1.86
CA ILE A 100 1.47 18.05 1.77
C ILE A 100 2.18 18.26 0.43
N LEU A 101 1.44 18.07 -0.67
CA LEU A 101 1.96 18.41 -2.01
C LEU A 101 2.40 19.86 -2.06
N PHE A 102 1.77 20.66 -1.23
CA PHE A 102 2.08 22.07 -1.14
C PHE A 102 3.49 22.24 -0.60
N ASN A 103 3.83 21.39 0.36
CA ASN A 103 5.14 21.40 0.99
C ASN A 103 6.23 20.81 0.08
N LEU A 104 6.05 19.57 -0.38
CA LEU A 104 7.02 18.93 -1.26
C LEU A 104 7.23 19.68 -2.58
N ALA A 105 6.14 20.05 -3.25
CA ALA A 105 6.23 20.78 -4.52
C ALA A 105 6.90 22.13 -4.30
N ARG A 106 6.76 22.60 -3.09
CA ARG A 106 7.47 23.79 -2.67
C ARG A 106 8.97 23.58 -2.71
N ASP A 107 9.44 22.54 -2.03
CA ASP A 107 10.86 22.31 -1.87
C ASP A 107 11.47 21.59 -3.09
N VAL A 108 10.88 20.48 -3.47
CA VAL A 108 11.42 19.69 -4.56
C VAL A 108 10.86 20.19 -5.88
N GLY A 109 9.66 20.78 -5.85
CA GLY A 109 9.14 21.45 -7.02
C GLY A 109 9.84 22.77 -7.25
N VAL A 110 10.46 23.26 -6.18
CA VAL A 110 11.44 24.34 -6.31
C VAL A 110 12.41 23.93 -7.42
N ASP A 111 12.85 22.67 -7.36
CA ASP A 111 13.44 22.03 -8.53
C ASP A 111 12.37 21.74 -9.58
N TRP A 112 11.76 20.55 -9.50
CA TRP A 112 10.63 20.18 -10.37
C TRP A 112 10.12 18.75 -10.09
N ASP A 113 11.00 17.78 -10.16
CA ASP A 113 10.60 16.37 -10.01
C ASP A 113 10.77 15.88 -8.58
N ILE A 114 9.72 15.23 -8.06
CA ILE A 114 9.71 14.79 -6.68
C ILE A 114 9.51 13.27 -6.62
N ASP A 115 9.86 12.68 -5.49
CA ASP A 115 9.67 11.26 -5.25
C ASP A 115 8.43 11.04 -4.44
N TYR A 116 7.84 9.87 -4.58
CA TYR A 116 6.63 9.53 -3.87
C TYR A 116 6.73 8.08 -3.43
N GLU A 117 6.42 7.81 -2.18
CA GLU A 117 6.59 6.49 -1.63
C GLU A 117 5.34 6.04 -0.92
N LEU A 118 4.96 4.81 -1.13
CA LEU A 118 3.87 4.22 -0.42
C LEU A 118 4.38 3.29 0.66
N GLN A 119 3.85 3.46 1.86
CA GLN A 119 4.10 2.53 2.93
C GLN A 119 2.80 1.82 3.22
N ILE A 120 2.66 0.62 2.71
CA ILE A 120 1.39 -0.06 2.76
C ILE A 120 1.46 -1.29 3.66
N GLY A 121 0.72 -1.24 4.76
CA GLY A 121 0.62 -2.38 5.64
C GLY A 121 -0.43 -3.35 5.19
N LEU A 122 -0.04 -4.60 5.10
CA LEU A 122 -0.92 -5.63 4.57
C LEU A 122 -1.43 -6.52 5.67
N THR A 123 -2.67 -6.28 6.05
CA THR A 123 -3.34 -7.10 7.03
C THR A 123 -4.39 -7.94 6.35
N ILE A 124 -4.06 -9.17 6.00
CA ILE A 124 -5.01 -10.00 5.30
C ILE A 124 -5.44 -11.17 6.18
N ASP A 125 -6.71 -11.53 6.09
CA ASP A 125 -7.23 -12.59 6.92
C ASP A 125 -6.97 -13.91 6.23
N LEU A 126 -6.00 -14.64 6.78
CA LEU A 126 -5.57 -15.91 6.23
C LEU A 126 -6.11 -17.06 7.05
N PRO A 127 -6.09 -18.30 6.55
CA PRO A 127 -6.61 -19.44 7.30
C PRO A 127 -5.73 -19.80 8.51
N VAL A 128 -4.41 -19.75 8.33
CA VAL A 128 -3.50 -20.20 9.37
C VAL A 128 -3.41 -19.23 10.54
N VAL A 129 -3.03 -18.00 10.24
CA VAL A 129 -2.81 -17.00 11.26
C VAL A 129 -4.11 -16.23 11.54
N GLY A 130 -5.10 -16.52 10.70
CA GLY A 130 -6.39 -15.84 10.77
C GLY A 130 -6.32 -14.42 10.26
N GLU A 131 -5.17 -13.79 10.44
CA GLU A 131 -4.91 -12.44 9.99
C GLU A 131 -3.40 -12.18 10.08
N PHE A 132 -2.81 -11.74 8.99
CA PHE A 132 -1.38 -11.45 9.01
C PHE A 132 -1.16 -10.02 8.57
N THR A 133 -0.31 -9.30 9.28
CA THR A 133 -0.08 -7.89 8.96
C THR A 133 1.41 -7.58 8.79
N ILE A 134 1.82 -7.44 7.54
CA ILE A 134 3.19 -7.06 7.19
C ILE A 134 3.17 -5.87 6.25
N PRO A 135 4.14 -4.94 6.37
CA PRO A 135 4.20 -3.79 5.49
C PRO A 135 5.09 -4.00 4.27
N ILE A 136 4.90 -3.14 3.28
CA ILE A 136 5.66 -3.15 2.06
C ILE A 136 5.57 -1.74 1.45
N SER A 137 6.36 -1.44 0.45
CA SER A 137 6.49 -0.07 0.01
C SER A 137 6.69 0.03 -1.49
N SER A 138 6.27 1.14 -2.07
CA SER A 138 6.40 1.36 -3.50
C SER A 138 6.62 2.84 -3.75
N LYS A 139 7.81 3.20 -4.22
CA LYS A 139 8.14 4.60 -4.41
C LYS A 139 8.56 4.87 -5.85
N GLY A 140 8.36 6.11 -6.29
CA GLY A 140 8.67 6.48 -7.65
C GLY A 140 8.73 7.99 -7.82
N GLU A 141 9.65 8.42 -8.65
CA GLU A 141 9.89 9.84 -8.88
C GLU A 141 9.39 10.24 -10.25
N ILE A 142 8.64 11.34 -10.33
CA ILE A 142 8.09 11.82 -11.60
C ILE A 142 8.04 13.35 -11.53
N LYS A 143 7.70 13.99 -12.63
CA LYS A 143 7.66 15.46 -12.67
C LYS A 143 6.61 16.05 -11.71
N LEU A 144 6.63 17.37 -11.59
CA LEU A 144 5.79 18.10 -10.65
C LEU A 144 4.30 17.84 -10.93
N PRO A 145 3.49 17.69 -9.87
CA PRO A 145 2.03 17.50 -9.99
C PRO A 145 1.33 18.73 -10.55
N THR A 146 0.04 18.61 -10.84
CA THR A 146 -0.74 19.69 -11.43
C THR A 146 -0.76 20.93 -10.52
N PHE A 147 -0.35 22.06 -11.09
CA PHE A 147 -0.24 23.29 -10.34
C PHE A 147 -0.40 24.48 -11.29
N LYS A 148 -0.70 25.64 -10.74
CA LYS A 148 -0.73 26.86 -11.52
C LYS A 148 -0.38 28.05 -10.62
N ASP A 149 0.90 28.17 -10.30
CA ASP A 149 1.40 29.21 -9.39
C ASP A 149 0.87 28.99 -7.98
N PHE A 150 0.28 27.83 -7.75
CA PHE A 150 -0.28 27.48 -6.44
C PHE A 150 0.57 26.43 -5.76
N PHE A 151 0.97 25.43 -6.55
CA PHE A 151 1.55 24.19 -6.06
C PHE A 151 0.46 23.38 -5.36
N MET A 1 7.74 -22.09 -0.97
CA MET A 1 7.19 -21.05 -0.07
C MET A 1 7.76 -21.21 1.33
N ALA A 2 8.54 -20.22 1.75
CA ALA A 2 9.15 -20.24 3.08
C ALA A 2 8.72 -19.02 3.86
N SER A 3 8.57 -19.18 5.17
CA SER A 3 8.12 -18.10 6.04
C SER A 3 9.26 -17.11 6.33
N LEU A 4 10.38 -17.29 5.62
CA LEU A 4 11.56 -16.42 5.74
C LEU A 4 12.31 -16.66 7.06
N LEU A 5 11.59 -16.55 8.17
CA LEU A 5 12.18 -16.78 9.48
C LEU A 5 12.40 -18.27 9.73
N ASP A 6 11.99 -19.07 8.75
CA ASP A 6 12.18 -20.52 8.74
C ASP A 6 13.66 -20.89 8.78
N LYS A 7 14.50 -19.94 8.37
CA LYS A 7 15.95 -20.13 8.28
C LYS A 7 16.54 -20.79 9.54
N ALA A 8 16.44 -20.12 10.68
CA ALA A 8 17.00 -20.61 11.93
C ALA A 8 16.73 -19.66 13.08
N LYS A 9 16.87 -20.16 14.30
CA LYS A 9 16.75 -19.37 15.53
C LYS A 9 15.34 -18.86 15.81
N ASP A 10 14.98 -18.86 17.10
CA ASP A 10 13.72 -18.32 17.59
C ASP A 10 12.52 -19.19 17.24
N PHE A 11 11.74 -19.54 18.27
CA PHE A 11 10.54 -20.36 18.10
C PHE A 11 10.92 -21.71 17.48
N VAL A 12 9.96 -22.36 16.82
CA VAL A 12 10.20 -23.66 16.21
C VAL A 12 10.90 -23.51 14.86
N ALA A 13 10.61 -22.41 14.17
CA ALA A 13 11.24 -22.06 12.89
C ALA A 13 10.84 -22.99 11.74
N ASP A 14 11.12 -24.29 11.88
CA ASP A 14 10.89 -25.24 10.79
C ASP A 14 9.40 -25.54 10.64
N LYS A 15 8.66 -25.50 11.74
CA LYS A 15 7.22 -25.71 11.68
C LYS A 15 6.55 -24.47 11.12
N LEU A 16 5.60 -24.67 10.23
CA LEU A 16 4.94 -23.57 9.56
C LEU A 16 4.08 -22.79 10.54
N THR A 17 4.70 -21.80 11.18
CA THR A 17 4.01 -20.97 12.15
C THR A 17 3.08 -20.01 11.44
N ALA A 18 3.60 -19.35 10.42
CA ALA A 18 2.83 -18.40 9.65
C ALA A 18 3.14 -18.54 8.17
N ILE A 19 2.42 -17.77 7.37
CA ILE A 19 2.54 -17.83 5.93
C ILE A 19 3.72 -16.96 5.46
N PRO A 20 4.38 -17.33 4.34
CA PRO A 20 5.42 -16.49 3.73
C PRO A 20 5.04 -15.02 3.65
N LYS A 21 6.04 -14.16 3.88
CA LYS A 21 5.85 -12.71 3.90
C LYS A 21 5.58 -12.10 2.51
N PRO A 22 6.15 -12.63 1.40
CA PRO A 22 5.87 -12.08 0.06
C PRO A 22 4.42 -12.25 -0.39
N GLU A 23 3.53 -11.43 0.15
CA GLU A 23 2.18 -11.30 -0.30
C GLU A 23 2.06 -9.83 -0.61
N GLY A 24 1.44 -9.46 -1.70
CA GLY A 24 1.50 -8.05 -2.06
C GLY A 24 0.20 -7.31 -1.88
N SER A 25 0.25 -6.02 -2.21
CA SER A 25 -0.92 -5.13 -2.27
C SER A 25 -0.48 -3.83 -2.93
N VAL A 26 0.43 -3.97 -3.86
CA VAL A 26 1.05 -2.84 -4.54
C VAL A 26 1.09 -3.13 -6.03
N THR A 27 1.16 -2.08 -6.84
CA THR A 27 1.44 -2.23 -8.27
C THR A 27 1.63 -0.87 -8.96
N ASP A 28 0.85 0.13 -8.57
CA ASP A 28 0.87 1.41 -9.28
C ASP A 28 0.29 2.52 -8.42
N VAL A 29 0.67 3.75 -8.72
CA VAL A 29 0.05 4.92 -8.10
C VAL A 29 -0.07 6.02 -9.15
N ASP A 30 -1.22 6.66 -9.20
CA ASP A 30 -1.52 7.62 -10.27
C ASP A 30 -1.91 8.97 -9.71
N LEU A 31 -1.32 10.02 -10.24
CA LEU A 31 -1.49 11.36 -9.70
C LEU A 31 -2.49 12.17 -10.52
N LYS A 32 -3.48 12.73 -9.83
CA LYS A 32 -4.35 13.72 -10.42
C LYS A 32 -4.50 14.93 -9.49
N ASP A 33 -5.70 15.16 -8.98
CA ASP A 33 -5.98 16.35 -8.19
C ASP A 33 -7.46 16.46 -7.90
N VAL A 34 -7.84 17.45 -7.10
CA VAL A 34 -9.24 17.75 -6.87
C VAL A 34 -9.44 19.20 -6.49
N ASN A 35 -9.78 20.02 -7.48
CA ASN A 35 -10.12 21.41 -7.26
C ASN A 35 -8.85 22.17 -6.87
N ARG A 36 -8.67 22.34 -5.56
CA ARG A 36 -7.47 22.89 -4.96
C ARG A 36 -7.69 22.93 -3.48
N ASP A 37 -8.46 21.96 -3.05
CA ASP A 37 -8.86 21.81 -1.67
C ASP A 37 -7.98 20.75 -1.10
N SER A 38 -7.88 19.74 -1.93
CA SER A 38 -7.05 18.60 -1.71
C SER A 38 -6.58 18.15 -3.08
N VAL A 39 -5.79 17.12 -3.16
CA VAL A 39 -5.47 16.53 -4.44
C VAL A 39 -5.66 15.02 -4.36
N GLU A 40 -5.82 14.36 -5.49
CA GLU A 40 -6.23 12.98 -5.48
C GLU A 40 -5.15 12.05 -6.00
N TYR A 41 -4.96 10.97 -5.28
CA TYR A 41 -3.96 9.97 -5.63
C TYR A 41 -4.60 8.62 -5.81
N LEU A 42 -4.74 8.18 -7.06
CA LEU A 42 -5.27 6.85 -7.33
C LEU A 42 -4.19 5.83 -6.98
N ALA A 43 -4.40 5.07 -5.93
CA ALA A 43 -3.43 4.07 -5.54
C ALA A 43 -3.86 2.70 -6.06
N LYS A 44 -3.12 2.22 -7.03
CA LYS A 44 -3.43 0.99 -7.69
C LYS A 44 -2.78 -0.16 -6.94
N VAL A 45 -3.62 -1.04 -6.43
CA VAL A 45 -3.19 -2.13 -5.57
C VAL A 45 -3.21 -3.44 -6.30
N SER A 46 -2.25 -4.28 -6.00
CA SER A 46 -2.33 -5.66 -6.39
C SER A 46 -1.94 -6.55 -5.23
N VAL A 47 -2.94 -7.05 -4.51
CA VAL A 47 -2.68 -7.89 -3.36
C VAL A 47 -2.52 -9.34 -3.78
N THR A 48 -1.41 -9.93 -3.36
CA THR A 48 -1.06 -11.28 -3.74
C THR A 48 -1.37 -12.24 -2.61
N ASN A 49 -2.27 -13.17 -2.87
CA ASN A 49 -2.64 -14.22 -1.93
C ASN A 49 -1.72 -15.43 -2.13
N PRO A 50 -1.03 -15.87 -1.06
CA PRO A 50 0.01 -16.90 -1.15
C PRO A 50 -0.49 -18.35 -1.12
N TYR A 51 -1.80 -18.57 -1.07
CA TYR A 51 -2.32 -19.92 -1.12
C TYR A 51 -3.49 -19.99 -2.08
N SER A 52 -3.83 -21.18 -2.49
CA SER A 52 -4.68 -21.39 -3.64
C SER A 52 -6.18 -21.23 -3.32
N HIS A 53 -6.52 -20.53 -2.25
CA HIS A 53 -7.93 -20.26 -1.97
C HIS A 53 -8.17 -18.79 -1.67
N SER A 54 -9.14 -18.23 -2.36
CA SER A 54 -9.69 -16.91 -2.10
C SER A 54 -9.81 -16.60 -0.61
N ILE A 55 -9.01 -15.68 -0.07
CA ILE A 55 -9.16 -15.34 1.34
C ILE A 55 -10.42 -14.52 1.48
N PRO A 56 -10.90 -14.23 2.69
CA PRO A 56 -12.11 -13.47 2.85
C PRO A 56 -11.86 -11.96 2.89
N ILE A 57 -11.03 -11.51 3.81
CA ILE A 57 -10.88 -10.07 4.04
C ILE A 57 -9.44 -9.69 4.36
N CYS A 58 -9.11 -8.44 4.10
CA CYS A 58 -7.78 -7.93 4.34
C CYS A 58 -7.83 -6.51 4.85
N GLU A 59 -6.65 -5.98 5.04
CA GLU A 59 -6.48 -4.61 5.47
C GLU A 59 -5.37 -3.96 4.66
N ILE A 60 -5.76 -2.96 3.89
CA ILE A 60 -4.79 -2.09 3.27
C ILE A 60 -4.63 -0.82 4.11
N SER A 61 -3.47 -0.75 4.73
CA SER A 61 -3.13 0.36 5.59
C SER A 61 -1.99 1.14 4.95
N PHE A 62 -2.32 2.26 4.36
CA PHE A 62 -1.41 2.92 3.45
C PHE A 62 -0.98 4.26 4.00
N THR A 63 0.29 4.50 3.90
CA THR A 63 0.86 5.75 4.31
C THR A 63 1.78 6.27 3.22
N PHE A 64 1.37 7.34 2.58
CA PHE A 64 2.12 7.89 1.47
C PHE A 64 3.00 9.02 1.94
N HIS A 65 4.21 9.07 1.41
CA HIS A 65 5.15 10.15 1.70
C HIS A 65 5.69 10.64 0.38
N SER A 66 5.97 11.92 0.26
CA SER A 66 6.56 12.42 -0.96
C SER A 66 8.02 12.79 -0.75
N ALA A 67 8.30 14.08 -0.57
CA ALA A 67 9.67 14.54 -0.49
C ALA A 67 10.34 13.89 0.71
N GLY A 68 9.74 14.07 1.88
CA GLY A 68 10.08 13.25 3.02
C GLY A 68 9.01 13.43 4.06
N ARG A 69 7.88 13.94 3.59
CA ARG A 69 6.75 14.26 4.44
C ARG A 69 5.59 13.33 4.07
N GLU A 70 4.53 13.34 4.85
CA GLU A 70 3.52 12.32 4.73
C GLU A 70 2.39 12.78 3.86
N ILE A 71 2.52 12.43 2.60
CA ILE A 71 1.56 12.74 1.57
C ILE A 71 0.13 12.39 1.98
N GLY A 72 -0.04 11.22 2.57
CA GLY A 72 -1.36 10.78 2.92
C GLY A 72 -1.34 9.49 3.71
N LYS A 73 -2.46 9.11 4.28
CA LYS A 73 -2.54 7.85 5.00
C LYS A 73 -3.99 7.42 5.20
N GLY A 74 -4.18 6.13 5.37
CA GLY A 74 -5.48 5.60 5.69
C GLY A 74 -5.41 4.12 5.94
N LYS A 75 -6.33 3.59 6.72
CA LYS A 75 -6.35 2.18 7.01
C LYS A 75 -7.75 1.63 6.81
N ILE A 76 -7.89 0.68 5.91
CA ILE A 76 -9.20 0.20 5.51
C ILE A 76 -9.26 -1.33 5.49
N PRO A 77 -10.08 -1.92 6.35
CA PRO A 77 -10.41 -3.34 6.26
C PRO A 77 -11.31 -3.60 5.07
N ASP A 78 -10.79 -4.29 4.07
CA ASP A 78 -11.51 -4.48 2.81
C ASP A 78 -11.81 -5.95 2.61
N PRO A 79 -12.97 -6.28 2.02
CA PRO A 79 -13.30 -7.65 1.62
C PRO A 79 -12.31 -8.20 0.59
N GLY A 80 -11.11 -8.50 1.07
CA GLY A 80 -10.03 -8.96 0.22
C GLY A 80 -10.17 -10.40 -0.23
N SER A 81 -11.39 -10.82 -0.46
CA SER A 81 -11.67 -12.14 -0.94
C SER A 81 -11.29 -12.23 -2.42
N LEU A 82 -10.35 -13.11 -2.79
CA LEU A 82 -9.68 -12.92 -4.09
C LEU A 82 -9.43 -14.22 -4.86
N LYS A 83 -8.55 -14.14 -5.87
CA LYS A 83 -8.31 -15.25 -6.80
C LYS A 83 -7.92 -16.53 -6.08
N ALA A 84 -6.61 -16.76 -5.95
CA ALA A 84 -6.06 -18.01 -5.47
C ALA A 84 -4.60 -18.06 -5.86
N LYS A 85 -3.73 -17.99 -4.86
CA LYS A 85 -2.27 -17.97 -5.08
C LYS A 85 -1.88 -17.08 -6.25
N ASP A 86 -2.45 -15.88 -6.24
CA ASP A 86 -2.31 -14.97 -7.37
C ASP A 86 -2.39 -13.53 -6.88
N MET A 87 -2.47 -12.61 -7.81
CA MET A 87 -2.35 -11.19 -7.51
C MET A 87 -3.60 -10.45 -8.00
N THR A 88 -4.34 -9.88 -7.06
CA THR A 88 -5.61 -9.25 -7.37
C THR A 88 -5.47 -7.73 -7.35
N ALA A 89 -6.16 -7.07 -8.26
CA ALA A 89 -6.08 -5.64 -8.38
C ALA A 89 -7.11 -4.97 -7.50
N LEU A 90 -6.63 -4.40 -6.42
CA LEU A 90 -7.45 -3.66 -5.49
C LEU A 90 -7.17 -2.18 -5.72
N ASP A 91 -7.95 -1.28 -5.16
CA ASP A 91 -7.70 0.13 -5.39
C ASP A 91 -7.95 0.96 -4.14
N ILE A 92 -7.11 1.97 -3.96
CA ILE A 92 -7.32 2.98 -2.94
C ILE A 92 -7.77 4.24 -3.64
N PRO A 93 -8.97 4.76 -3.28
CA PRO A 93 -9.64 5.87 -3.96
C PRO A 93 -8.70 6.90 -4.58
N VAL A 94 -8.45 8.00 -3.89
CA VAL A 94 -7.58 9.05 -4.40
C VAL A 94 -7.16 9.99 -3.27
N VAL A 95 -6.00 9.76 -2.66
CA VAL A 95 -5.68 10.48 -1.43
C VAL A 95 -4.32 11.18 -1.45
N VAL A 96 -4.33 12.50 -1.62
CA VAL A 96 -3.18 13.31 -1.25
C VAL A 96 -3.63 14.72 -0.88
N PRO A 97 -3.78 15.01 0.42
CA PRO A 97 -4.18 16.34 0.88
C PRO A 97 -3.32 17.44 0.27
N TYR A 98 -3.98 18.44 -0.30
CA TYR A 98 -3.32 19.52 -1.02
C TYR A 98 -2.17 20.11 -0.22
N SER A 99 -2.37 20.25 1.09
CA SER A 99 -1.40 20.89 1.96
C SER A 99 -0.05 20.18 1.94
N ILE A 100 -0.04 18.88 1.68
CA ILE A 100 1.21 18.13 1.69
C ILE A 100 2.00 18.43 0.42
N LEU A 101 1.36 18.20 -0.72
CA LEU A 101 1.91 18.57 -2.03
C LEU A 101 2.37 20.03 -2.03
N PHE A 102 1.72 20.81 -1.19
CA PHE A 102 2.03 22.21 -1.09
C PHE A 102 3.45 22.38 -0.55
N ASN A 103 3.78 21.61 0.47
CA ASN A 103 5.10 21.70 1.09
C ASN A 103 6.19 21.07 0.23
N LEU A 104 6.04 19.80 -0.11
CA LEU A 104 7.04 19.10 -0.91
C LEU A 104 7.26 19.74 -2.28
N ALA A 105 6.20 19.92 -3.06
CA ALA A 105 6.31 20.44 -4.43
C ALA A 105 6.88 21.85 -4.42
N ARG A 106 6.68 22.50 -3.31
CA ARG A 106 7.24 23.83 -3.13
C ARG A 106 8.76 23.77 -3.13
N ASP A 107 9.32 22.80 -2.41
CA ASP A 107 10.77 22.74 -2.22
C ASP A 107 11.44 22.01 -3.39
N VAL A 108 10.96 20.82 -3.68
CA VAL A 108 11.53 20.02 -4.75
C VAL A 108 11.09 20.56 -6.11
N GLY A 109 9.89 21.13 -6.11
CA GLY A 109 9.36 21.77 -7.29
C GLY A 109 9.93 23.15 -7.47
N VAL A 110 10.53 23.66 -6.40
CA VAL A 110 11.45 24.77 -6.52
C VAL A 110 12.41 24.42 -7.65
N ASP A 111 12.85 23.15 -7.66
CA ASP A 111 13.36 22.54 -8.89
C ASP A 111 12.20 22.19 -9.83
N TRP A 112 11.60 20.99 -9.63
CA TRP A 112 10.38 20.57 -10.36
C TRP A 112 10.00 19.12 -10.05
N ASP A 113 10.98 18.24 -9.91
CA ASP A 113 10.68 16.82 -9.74
C ASP A 113 10.61 16.42 -8.27
N ILE A 114 9.57 15.66 -7.91
CA ILE A 114 9.42 15.18 -6.54
C ILE A 114 9.50 13.67 -6.51
N ASP A 115 9.94 13.15 -5.38
CA ASP A 115 9.96 11.73 -5.12
C ASP A 115 8.77 11.37 -4.23
N TYR A 116 8.30 10.13 -4.30
CA TYR A 116 7.16 9.70 -3.50
C TYR A 116 7.40 8.27 -3.00
N GLU A 117 6.70 7.86 -1.97
CA GLU A 117 6.84 6.53 -1.40
C GLU A 117 5.54 6.10 -0.74
N LEU A 118 5.10 4.90 -1.05
CA LEU A 118 3.93 4.34 -0.40
C LEU A 118 4.35 3.34 0.67
N GLN A 119 3.77 3.46 1.84
CA GLN A 119 3.99 2.53 2.92
C GLN A 119 2.69 1.85 3.26
N ILE A 120 2.50 0.66 2.77
CA ILE A 120 1.22 -0.01 2.93
C ILE A 120 1.40 -1.31 3.72
N GLY A 121 0.68 -1.40 4.84
CA GLY A 121 0.71 -2.59 5.66
C GLY A 121 -0.35 -3.58 5.25
N LEU A 122 0.06 -4.82 5.06
CA LEU A 122 -0.81 -5.86 4.57
C LEU A 122 -1.28 -6.75 5.69
N THR A 123 -2.55 -6.63 6.01
CA THR A 123 -3.18 -7.48 7.00
C THR A 123 -4.23 -8.35 6.33
N ILE A 124 -3.89 -9.56 6.00
CA ILE A 124 -4.82 -10.42 5.29
C ILE A 124 -5.30 -11.56 6.18
N ASP A 125 -6.62 -11.80 6.15
CA ASP A 125 -7.23 -12.87 6.92
C ASP A 125 -7.02 -14.16 6.17
N LEU A 126 -6.12 -14.97 6.72
CA LEU A 126 -5.64 -16.18 6.05
C LEU A 126 -6.04 -17.43 6.83
N PRO A 127 -5.85 -18.63 6.26
CA PRO A 127 -6.08 -19.87 6.98
C PRO A 127 -4.86 -20.30 7.81
N VAL A 128 -3.69 -19.82 7.40
CA VAL A 128 -2.44 -20.22 8.03
C VAL A 128 -2.25 -19.56 9.40
N VAL A 129 -2.26 -18.23 9.41
CA VAL A 129 -2.05 -17.47 10.65
C VAL A 129 -3.35 -16.86 11.12
N GLY A 130 -4.38 -17.10 10.32
CA GLY A 130 -5.67 -16.44 10.52
C GLY A 130 -5.65 -14.99 10.10
N GLU A 131 -4.46 -14.41 10.20
CA GLU A 131 -4.21 -13.04 9.80
C GLU A 131 -2.70 -12.87 9.74
N PHE A 132 -2.23 -12.20 8.72
CA PHE A 132 -0.81 -11.88 8.65
C PHE A 132 -0.65 -10.42 8.32
N THR A 133 0.15 -9.72 9.10
CA THR A 133 0.31 -8.29 8.91
C THR A 133 1.79 -7.93 8.63
N ILE A 134 2.08 -7.72 7.36
CA ILE A 134 3.41 -7.31 6.93
C ILE A 134 3.30 -6.06 6.07
N PRO A 135 4.12 -5.05 6.32
CA PRO A 135 4.13 -3.85 5.51
C PRO A 135 5.01 -3.98 4.28
N ILE A 136 4.79 -3.10 3.32
CA ILE A 136 5.56 -3.10 2.09
C ILE A 136 5.50 -1.69 1.51
N SER A 137 6.35 -1.41 0.54
CA SER A 137 6.51 -0.04 0.07
C SER A 137 6.54 0.00 -1.44
N SER A 138 6.03 1.10 -2.00
CA SER A 138 6.10 1.31 -3.43
C SER A 138 6.38 2.79 -3.67
N LYS A 139 7.61 3.10 -4.01
CA LYS A 139 8.04 4.48 -4.18
C LYS A 139 8.25 4.81 -5.65
N GLY A 140 7.97 6.04 -6.03
CA GLY A 140 8.13 6.44 -7.42
C GLY A 140 8.27 7.93 -7.55
N GLU A 141 9.21 8.34 -8.37
CA GLU A 141 9.47 9.76 -8.60
C GLU A 141 8.91 10.17 -9.95
N ILE A 142 8.13 11.25 -10.00
CA ILE A 142 7.49 11.68 -11.24
C ILE A 142 7.54 13.20 -11.30
N LYS A 143 7.10 13.77 -12.41
CA LYS A 143 7.18 15.21 -12.63
C LYS A 143 6.25 15.99 -11.69
N LEU A 144 6.41 17.31 -11.72
CA LEU A 144 5.67 18.24 -10.86
C LEU A 144 4.15 18.05 -11.04
N PRO A 145 3.41 17.87 -9.92
CA PRO A 145 1.96 17.62 -9.95
C PRO A 145 1.15 18.79 -10.52
N THR A 146 -0.15 18.57 -10.68
CA THR A 146 -1.08 19.58 -11.17
C THR A 146 -0.89 20.91 -10.45
N PHE A 147 -0.26 21.87 -11.12
CA PHE A 147 0.06 23.15 -10.51
C PHE A 147 -0.38 24.29 -11.41
N LYS A 148 -0.48 25.48 -10.82
CA LYS A 148 -0.79 26.71 -11.54
C LYS A 148 -0.97 27.86 -10.54
N ASP A 149 0.14 28.36 -10.03
CA ASP A 149 0.16 29.44 -9.03
C ASP A 149 -0.49 28.99 -7.71
N PHE A 150 -0.80 27.70 -7.61
CA PHE A 150 -1.36 27.16 -6.39
C PHE A 150 -0.22 26.84 -5.45
N PHE A 151 0.76 26.15 -6.00
CA PHE A 151 2.01 25.88 -5.32
C PHE A 151 3.14 25.98 -6.33
#